data_3INL
#
_entry.id   3INL
#
_cell.length_a   102.121
_cell.length_b   176.900
_cell.length_c   102.323
_cell.angle_alpha   90.000
_cell.angle_beta   94.570
_cell.angle_gamma   90.000
#
_symmetry.space_group_name_H-M   'P 1 21 1'
#
loop_
_entity.id
_entity.type
_entity.pdbx_description
1 polymer 'Aldehyde dehydrogenase, mitochondrial'
2 non-polymer 'SODIUM ION'
3 non-polymer 1,2-ETHANEDIOL
4 non-polymer N-(1,3-benzodioxol-5-ylmethyl)-2,6-dichlorobenzamide
5 water water
#
_entity_poly.entity_id   1
_entity_poly.type   'polypeptide(L)'
_entity_poly.pdbx_seq_one_letter_code
;SAAATQAVPAPNQQPEVFCNQIFINNEWHDAVSRKTFPTVNPSTGEVICQVAEGDKEDVDKAVKAARAAFQLGSPWRRMD
ASHRGRLLNRLADLIERDRTYLAALETLDNGKPYVISYLVDLDMVLKCLRYYAGWADKYHGKTIPIDGDFFSYTRHEPVG
VCGQIIPWNFPLLMQAWKLGPALATGNVVVMKVAEQTPLTALYVANLIKEAGFPPGVVNIVPGFGPTAGAAIASHEDVDK
VAFTGSTEIGRVIQVAAGSSNLKRVTLELGGKSPNIIMSDADMDWAVEQAHFALFFNQGQCSCAGSRTFVQEDIYDEFVE
RSVARAKSRVVGNPFDSKTEQGPQVDETQFKKILGYINTGKQEGAKLLCGGGIAADRGYFIQPTVFGDVQDGMTIAKEEI
FGPVMQILKFKTIEEVVGRANNSTYGLAAAVFTKDLDKANYLSQALQAGTVWVNCYDVFGAQSPFGGYKMSGSGRELGEY
GLQAYTKVKTVTVKVPQKNS
;
_entity_poly.pdbx_strand_id   A,B,C,D,E,F,G,H
#
loop_
_chem_comp.id
_chem_comp.type
_chem_comp.name
_chem_comp.formula
BXB non-polymer N-(1,3-benzodioxol-5-ylmethyl)-2,6-dichlorobenzamide 'C15 H11 Cl2 N O3'
EDO non-polymer 1,2-ETHANEDIOL 'C2 H6 O2'
NA non-polymer 'SODIUM ION' 'Na 1'
#
# COMPACT_ATOMS: atom_id res chain seq x y z
N GLN A 6 15.55 -1.81 71.26
CA GLN A 6 16.88 -1.88 71.85
C GLN A 6 17.00 -1.00 73.09
N ALA A 7 18.04 -1.25 73.88
CA ALA A 7 18.28 -0.50 75.10
C ALA A 7 18.54 0.98 74.82
N VAL A 8 18.15 1.83 75.75
CA VAL A 8 18.44 3.26 75.65
C VAL A 8 19.77 3.59 76.32
N PRO A 9 20.77 3.99 75.52
CA PRO A 9 22.07 4.39 76.05
C PRO A 9 21.96 5.63 76.93
N ALA A 10 22.76 5.68 77.99
CA ALA A 10 22.83 6.85 78.86
C ALA A 10 23.14 8.12 78.06
N PRO A 11 22.36 9.19 78.31
CA PRO A 11 22.53 10.41 77.52
C PRO A 11 23.57 11.32 78.15
N ASN A 12 24.31 12.02 77.32
CA ASN A 12 25.03 13.19 77.77
C ASN A 12 23.97 14.27 78.00
N GLN A 13 23.76 14.65 79.26
CA GLN A 13 22.69 15.58 79.60
C GLN A 13 23.03 17.04 79.27
N GLN A 14 24.26 17.27 78.85
CA GLN A 14 24.67 18.59 78.36
C GLN A 14 25.57 18.42 77.13
N PRO A 15 24.96 18.03 76.00
CA PRO A 15 25.70 17.79 74.77
C PRO A 15 26.26 19.08 74.17
N GLU A 16 27.39 18.97 73.50
CA GLU A 16 28.00 20.12 72.84
C GLU A 16 27.30 20.49 71.55
N VAL A 17 27.50 21.73 71.11
CA VAL A 17 26.95 22.22 69.85
C VAL A 17 28.07 22.49 68.85
N PHE A 18 27.96 21.90 67.66
CA PHE A 18 29.01 22.00 66.65
C PHE A 18 28.58 22.79 65.42
N CYS A 19 27.28 23.02 65.28
CA CYS A 19 26.73 23.73 64.12
C CYS A 19 25.71 24.77 64.55
N ASN A 20 25.92 26.03 64.18
CA ASN A 20 25.02 27.09 64.60
C ASN A 20 24.97 28.22 63.59
N GLN A 21 25.30 27.90 62.34
CA GLN A 21 25.36 28.91 61.29
C GLN A 21 24.41 28.60 60.14
N ILE A 22 24.51 29.39 59.08
CA ILE A 22 23.70 29.18 57.90
C ILE A 22 24.40 28.20 56.97
N PHE A 23 23.64 27.25 56.42
CA PHE A 23 24.20 26.20 55.60
C PHE A 23 23.82 26.40 54.14
N ILE A 24 24.82 26.73 53.32
CA ILE A 24 24.60 26.97 51.91
C ILE A 24 25.77 26.38 51.10
N ASN A 25 25.43 25.63 50.06
CA ASN A 25 26.44 24.96 49.25
C ASN A 25 27.43 24.11 50.07
N ASN A 26 26.91 23.40 51.06
CA ASN A 26 27.73 22.51 51.87
C ASN A 26 28.79 23.24 52.68
N GLU A 27 28.49 24.47 53.04
CA GLU A 27 29.40 25.32 53.82
C GLU A 27 28.63 26.19 54.80
N TRP A 28 29.30 26.54 55.90
CA TRP A 28 28.69 27.31 56.97
C TRP A 28 28.96 28.81 56.84
N HIS A 29 27.89 29.59 56.99
CA HIS A 29 27.96 31.03 56.79
C HIS A 29 27.44 31.78 58.00
N ASP A 30 27.91 33.01 58.17
CA ASP A 30 27.24 33.95 59.05
C ASP A 30 26.13 34.58 58.24
N ALA A 31 25.14 35.15 58.91
CA ALA A 31 24.17 35.98 58.21
C ALA A 31 24.95 37.11 57.56
N VAL A 32 24.37 37.75 56.57
CA VAL A 32 25.03 38.91 55.97
C VAL A 32 25.14 40.00 57.04
N SER A 33 24.06 40.18 57.80
CA SER A 33 24.00 41.19 58.85
C SER A 33 24.93 40.85 60.00
N ARG A 34 25.41 39.60 60.00
CA ARG A 34 26.29 39.08 61.06
C ARG A 34 25.55 38.89 62.39
N LYS A 35 24.26 39.22 62.39
CA LYS A 35 23.41 39.05 63.55
C LYS A 35 23.18 37.58 63.90
N THR A 36 23.15 37.28 65.18
CA THR A 36 22.80 35.94 65.65
C THR A 36 21.69 36.07 66.69
N PHE A 37 21.03 34.96 66.99
CA PHE A 37 19.97 34.95 67.99
C PHE A 37 20.15 33.76 68.92
N PRO A 38 19.68 33.88 70.17
CA PRO A 38 19.84 32.83 71.19
C PRO A 38 18.74 31.78 71.13
N THR A 39 19.11 30.52 71.28
CA THR A 39 18.13 29.45 71.44
C THR A 39 18.21 28.93 72.87
N VAL A 40 17.05 28.75 73.49
CA VAL A 40 16.98 28.48 74.92
C VAL A 40 16.69 27.02 75.25
N ASN A 41 17.13 26.59 76.42
CA ASN A 41 16.77 25.29 76.98
C ASN A 41 15.47 25.45 77.77
N PRO A 42 14.36 24.89 77.27
CA PRO A 42 13.06 25.09 77.92
C PRO A 42 12.99 24.52 79.33
N SER A 43 13.89 23.62 79.68
CA SER A 43 13.88 22.99 80.99
C SER A 43 14.48 23.88 82.09
N THR A 44 15.24 24.89 81.68
CA THR A 44 15.94 25.74 82.63
C THR A 44 15.73 27.21 82.32
N GLY A 45 15.39 27.51 81.07
CA GLY A 45 15.19 28.88 80.65
C GLY A 45 16.49 29.59 80.32
N GLU A 46 17.59 28.82 80.36
CA GLU A 46 18.93 29.34 80.09
C GLU A 46 19.30 29.21 78.62
N VAL A 47 20.07 30.17 78.12
CA VAL A 47 20.53 30.13 76.72
C VAL A 47 21.54 29.01 76.45
N ILE A 48 21.31 28.28 75.37
CA ILE A 48 22.20 27.21 74.96
C ILE A 48 23.37 27.79 74.16
N CYS A 49 23.05 28.62 73.18
CA CYS A 49 24.06 29.19 72.31
C CYS A 49 23.45 30.20 71.35
N GLN A 50 24.29 30.84 70.55
CA GLN A 50 23.85 31.74 69.50
C GLN A 50 23.67 31.01 68.18
N VAL A 51 22.76 31.51 67.36
CA VAL A 51 22.52 30.96 66.04
C VAL A 51 22.43 32.10 65.04
N ALA A 52 23.13 31.97 63.93
CA ALA A 52 23.08 32.97 62.87
C ALA A 52 21.63 33.29 62.52
N GLU A 53 21.31 34.57 62.44
CA GLU A 53 19.94 35.02 62.19
C GLU A 53 19.70 35.38 60.72
N GLY A 54 19.32 34.37 59.93
CA GLY A 54 19.09 34.57 58.51
C GLY A 54 17.94 35.52 58.21
N ASP A 55 18.10 36.32 57.16
CA ASP A 55 17.04 37.20 56.69
C ASP A 55 17.00 37.12 55.17
N LYS A 56 16.03 37.79 54.55
CA LYS A 56 15.84 37.72 53.09
C LYS A 56 17.12 37.58 52.26
N GLU A 57 18.16 38.34 52.61
CA GLU A 57 19.40 38.32 51.84
C GLU A 57 20.11 36.97 51.90
N ASP A 58 19.99 36.27 53.03
CA ASP A 58 20.56 34.95 53.16
C ASP A 58 19.69 33.91 52.45
N VAL A 59 18.40 34.20 52.36
CA VAL A 59 17.46 33.39 51.61
C VAL A 59 17.76 33.49 50.11
N ASP A 60 18.06 34.71 49.66
CA ASP A 60 18.45 34.91 48.26
C ASP A 60 19.70 34.10 47.92
N LYS A 61 20.66 34.07 48.84
CA LYS A 61 21.87 33.26 48.65
C LYS A 61 21.50 31.79 48.56
N ALA A 62 20.55 31.38 49.40
CA ALA A 62 20.10 30.00 49.45
C ALA A 62 19.37 29.60 48.16
N VAL A 63 18.48 30.46 47.69
CA VAL A 63 17.72 30.19 46.47
C VAL A 63 18.61 30.19 45.23
N LYS A 64 19.54 31.13 45.16
CA LYS A 64 20.54 31.14 44.10
C LYS A 64 21.30 29.82 44.10
N ALA A 65 21.74 29.39 45.28
CA ALA A 65 22.48 28.14 45.41
C ALA A 65 21.67 26.96 44.91
N ALA A 66 20.44 26.83 45.41
CA ALA A 66 19.54 25.75 45.01
C ALA A 66 19.26 25.77 43.50
N ARG A 67 18.97 26.95 42.95
CA ARG A 67 18.75 27.10 41.51
C ARG A 67 19.92 26.57 40.68
N ALA A 68 21.14 26.90 41.11
CA ALA A 68 22.35 26.45 40.42
C ALA A 68 22.52 24.92 40.47
N ALA A 69 22.15 24.32 41.59
CA ALA A 69 22.28 22.88 41.74
C ALA A 69 21.23 22.12 40.93
N PHE A 70 20.18 22.84 40.52
CA PHE A 70 19.07 22.23 39.81
C PHE A 70 19.23 22.39 38.30
N GLN A 71 20.28 23.08 37.89
CA GLN A 71 20.52 23.35 36.47
C GLN A 71 20.70 22.07 35.65
N LEU A 72 20.13 22.07 34.44
CA LEU A 72 20.25 20.93 33.54
C LEU A 72 21.72 20.58 33.34
N GLY A 73 22.07 19.34 33.66
CA GLY A 73 23.44 18.88 33.47
C GLY A 73 24.23 18.84 34.77
N SER A 74 23.67 19.42 35.82
CA SER A 74 24.33 19.43 37.12
C SER A 74 24.44 18.01 37.66
N PRO A 75 25.36 17.79 38.61
CA PRO A 75 25.51 16.45 39.20
C PRO A 75 24.21 15.89 39.79
N TRP A 76 23.41 16.76 40.40
CA TRP A 76 22.15 16.32 41.01
C TRP A 76 21.12 15.93 39.96
N ARG A 77 21.02 16.73 38.89
CA ARG A 77 20.06 16.44 37.84
C ARG A 77 20.44 15.20 37.01
N ARG A 78 21.74 14.95 36.87
CA ARG A 78 22.24 13.83 36.08
C ARG A 78 22.28 12.53 36.87
N MET A 79 22.34 12.65 38.20
CA MET A 79 22.48 11.51 39.08
C MET A 79 21.40 10.45 38.84
N ASP A 80 21.79 9.18 38.87
CA ASP A 80 20.81 8.10 38.75
C ASP A 80 19.81 8.20 39.89
N ALA A 81 18.53 7.99 39.60
CA ALA A 81 17.53 8.03 40.65
C ALA A 81 17.90 7.06 41.76
N SER A 82 18.36 5.86 41.37
CA SER A 82 18.75 4.85 42.35
C SER A 82 19.79 5.41 43.31
N HIS A 83 20.66 6.29 42.78
CA HIS A 83 21.76 6.83 43.56
C HIS A 83 21.29 7.84 44.59
N ARG A 84 20.27 8.61 44.24
CA ARG A 84 19.64 9.50 45.20
C ARG A 84 19.12 8.69 46.37
N GLY A 85 18.70 7.46 46.10
CA GLY A 85 18.25 6.53 47.11
C GLY A 85 19.40 6.08 48.00
N ARG A 86 20.54 5.82 47.36
CA ARG A 86 21.75 5.44 48.09
C ARG A 86 22.14 6.55 49.05
N LEU A 87 22.11 7.78 48.54
CA LEU A 87 22.43 8.97 49.34
C LEU A 87 21.53 9.10 50.56
N LEU A 88 20.23 8.85 50.38
CA LEU A 88 19.28 8.93 51.48
C LEU A 88 19.53 7.87 52.56
N ASN A 89 19.90 6.66 52.13
CA ASN A 89 20.23 5.57 53.04
C ASN A 89 21.51 5.83 53.82
N ARG A 90 22.47 6.45 53.13
CA ARG A 90 23.72 6.88 53.74
C ARG A 90 23.43 7.90 54.84
N LEU A 91 22.64 8.91 54.51
CA LEU A 91 22.23 9.91 55.50
C LEU A 91 21.56 9.23 56.70
N ALA A 92 20.66 8.29 56.43
CA ALA A 92 20.03 7.52 57.50
C ALA A 92 21.07 6.80 58.34
N ASP A 93 22.00 6.12 57.67
CA ASP A 93 23.10 5.43 58.36
C ASP A 93 23.93 6.38 59.23
N LEU A 94 24.18 7.58 58.73
CA LEU A 94 24.93 8.59 59.49
C LEU A 94 24.19 9.08 60.72
N ILE A 95 22.88 9.28 60.59
CA ILE A 95 22.04 9.71 61.68
C ILE A 95 21.93 8.63 62.77
N GLU A 96 21.82 7.38 62.34
CA GLU A 96 21.80 6.25 63.27
C GLU A 96 23.11 6.16 64.05
N ARG A 97 24.21 6.49 63.39
CA ARG A 97 25.51 6.53 64.04
C ARG A 97 25.51 7.52 65.19
N ASP A 98 24.94 8.69 64.94
CA ASP A 98 24.92 9.77 65.93
C ASP A 98 23.59 9.86 66.67
N ARG A 99 22.88 8.74 66.77
CA ARG A 99 21.53 8.70 67.32
C ARG A 99 21.49 9.11 68.79
N THR A 100 22.46 8.65 69.58
CA THR A 100 22.49 9.00 71.00
C THR A 100 22.69 10.50 71.16
N TYR A 101 23.62 11.06 70.38
CA TYR A 101 23.91 12.49 70.44
C TYR A 101 22.73 13.36 69.99
N LEU A 102 22.16 13.05 68.84
CA LEU A 102 21.04 13.81 68.30
C LEU A 102 19.80 13.73 69.20
N ALA A 103 19.54 12.56 69.78
CA ALA A 103 18.42 12.39 70.69
C ALA A 103 18.54 13.31 71.91
N ALA A 104 19.75 13.41 72.45
CA ALA A 104 20.01 14.26 73.60
C ALA A 104 19.94 15.75 73.22
N LEU A 105 20.52 16.10 72.08
CA LEU A 105 20.45 17.47 71.58
C LEU A 105 19.01 17.92 71.35
N GLU A 106 18.19 17.01 70.81
CA GLU A 106 16.77 17.28 70.60
C GLU A 106 16.05 17.57 71.92
N THR A 107 16.39 16.80 72.95
CA THR A 107 15.82 17.01 74.26
C THR A 107 16.26 18.34 74.85
N LEU A 108 17.53 18.67 74.65
CA LEU A 108 18.08 19.91 75.19
C LEU A 108 17.39 21.14 74.62
N ASP A 109 17.19 21.13 73.31
CA ASP A 109 16.68 22.29 72.60
C ASP A 109 15.15 22.38 72.63
N ASN A 110 14.50 21.22 72.66
CA ASN A 110 13.03 21.15 72.55
C ASN A 110 12.30 20.90 73.87
N GLY A 111 12.85 20.03 74.71
CA GLY A 111 12.26 19.73 76.00
C GLY A 111 11.70 18.33 76.17
N LYS A 112 11.44 17.65 75.06
CA LYS A 112 10.82 16.32 75.11
C LYS A 112 11.70 15.29 75.81
N PRO A 113 11.09 14.33 76.52
CA PRO A 113 11.88 13.32 77.25
C PRO A 113 12.93 12.66 76.37
N TYR A 114 14.15 12.55 76.85
CA TYR A 114 15.23 11.92 76.08
C TYR A 114 14.89 10.51 75.62
N VAL A 115 14.32 9.70 76.51
CA VAL A 115 13.93 8.34 76.15
C VAL A 115 13.00 8.35 74.93
N ILE A 116 12.15 9.37 74.84
CA ILE A 116 11.23 9.50 73.72
C ILE A 116 11.93 9.98 72.44
N SER A 117 12.79 10.99 72.57
CA SER A 117 13.61 11.44 71.47
C SER A 117 14.33 10.27 70.84
N TYR A 118 14.90 9.42 71.70
CA TYR A 118 15.72 8.31 71.25
C TYR A 118 14.88 7.18 70.65
N LEU A 119 13.86 6.75 71.38
CA LEU A 119 13.07 5.59 70.98
C LEU A 119 11.95 5.90 69.99
N VAL A 120 11.49 7.13 69.98
CA VAL A 120 10.41 7.54 69.07
C VAL A 120 10.93 8.41 67.92
N ASP A 121 11.30 9.65 68.22
CA ASP A 121 11.69 10.59 67.17
C ASP A 121 12.79 10.07 66.25
N LEU A 122 13.88 9.60 66.84
CA LEU A 122 15.01 9.14 66.04
C LEU A 122 14.66 7.91 65.20
N ASP A 123 13.90 6.99 65.78
CA ASP A 123 13.47 5.80 65.04
C ASP A 123 12.60 6.19 63.84
N MET A 124 11.74 7.18 64.02
CA MET A 124 10.84 7.60 62.96
C MET A 124 11.58 8.36 61.87
N VAL A 125 12.58 9.14 62.26
CA VAL A 125 13.43 9.84 61.31
C VAL A 125 14.13 8.80 60.43
N LEU A 126 14.69 7.79 61.07
CA LEU A 126 15.40 6.73 60.36
C LEU A 126 14.47 5.99 59.41
N LYS A 127 13.29 5.60 59.89
CA LYS A 127 12.32 4.88 59.08
C LYS A 127 11.82 5.73 57.91
N CYS A 128 11.68 7.04 58.13
CA CYS A 128 11.19 7.95 57.11
C CYS A 128 12.19 8.13 55.95
N LEU A 129 13.45 8.37 56.29
CA LEU A 129 14.50 8.53 55.28
C LEU A 129 14.69 7.25 54.47
N ARG A 130 14.72 6.11 55.16
CA ARG A 130 14.91 4.83 54.51
C ARG A 130 13.75 4.44 53.61
N TYR A 131 12.53 4.76 54.04
CA TYR A 131 11.34 4.48 53.24
C TYR A 131 11.39 5.25 51.92
N TYR A 132 11.65 6.55 52.00
CA TYR A 132 11.73 7.38 50.79
C TYR A 132 12.95 7.08 49.92
N ALA A 133 14.01 6.59 50.55
CA ALA A 133 15.16 6.08 49.80
C ALA A 133 14.71 5.04 48.78
N GLY A 134 13.70 4.25 49.16
CA GLY A 134 13.19 3.21 48.29
C GLY A 134 12.26 3.74 47.20
N TRP A 135 11.73 4.93 47.38
CA TRP A 135 10.85 5.53 46.37
C TRP A 135 11.63 6.13 45.22
N ALA A 136 12.90 6.45 45.47
CA ALA A 136 13.70 7.25 44.54
C ALA A 136 13.58 6.81 43.08
N ASP A 137 13.70 5.50 42.84
CA ASP A 137 13.71 4.99 41.47
C ASP A 137 12.45 4.20 41.13
N LYS A 138 11.33 4.50 41.80
CA LYS A 138 10.11 3.72 41.60
C LYS A 138 8.85 4.54 41.34
N TYR A 139 9.00 5.84 41.13
CA TYR A 139 7.85 6.72 40.89
C TYR A 139 7.69 7.00 39.40
N HIS A 140 7.05 6.06 38.69
CA HIS A 140 7.02 6.07 37.23
C HIS A 140 6.05 7.08 36.61
N GLY A 141 6.42 7.59 35.44
CA GLY A 141 5.45 8.28 34.60
C GLY A 141 4.61 7.23 33.88
N LYS A 142 3.93 7.63 32.81
CA LYS A 142 3.06 6.70 32.10
C LYS A 142 3.32 6.71 30.60
N THR A 143 2.97 5.61 29.95
CA THR A 143 2.77 5.63 28.50
C THR A 143 1.27 5.52 28.25
N ILE A 144 0.77 6.33 27.31
CA ILE A 144 -0.66 6.62 27.24
C ILE A 144 -1.25 6.38 25.85
N PRO A 145 -2.30 5.52 25.77
CA PRO A 145 -2.93 5.12 24.50
C PRO A 145 -3.80 6.21 23.89
N ILE A 146 -3.21 7.37 23.62
CA ILE A 146 -3.91 8.51 23.04
C ILE A 146 -4.51 8.19 21.64
N ASP A 147 -5.55 8.91 21.25
CA ASP A 147 -6.15 8.74 19.93
C ASP A 147 -5.16 9.13 18.84
N GLY A 148 -5.30 8.49 17.67
CA GLY A 148 -4.55 8.90 16.50
C GLY A 148 -3.15 8.30 16.41
N ASP A 149 -2.42 8.67 15.36
CA ASP A 149 -1.09 8.14 15.13
C ASP A 149 -0.05 8.89 15.93
N PHE A 150 -0.07 8.67 17.25
CA PHE A 150 0.89 9.32 18.15
C PHE A 150 1.37 8.38 19.25
N PHE A 151 2.56 8.68 19.74
CA PHE A 151 3.09 8.08 20.96
C PHE A 151 3.13 9.17 22.04
N SER A 152 2.40 8.96 23.12
CA SER A 152 2.32 9.94 24.20
C SER A 152 2.72 9.33 25.54
N TYR A 153 3.55 10.06 26.28
CA TYR A 153 3.96 9.62 27.61
C TYR A 153 4.12 10.80 28.55
N THR A 154 4.32 10.52 29.83
CA THR A 154 4.57 11.57 30.80
C THR A 154 5.89 11.35 31.52
N ARG A 155 6.59 12.44 31.80
CA ARG A 155 7.75 12.42 32.66
C ARG A 155 7.34 13.05 33.97
N HIS A 156 7.64 12.38 35.08
CA HIS A 156 7.43 12.99 36.38
C HIS A 156 8.74 13.67 36.78
N GLU A 157 8.82 14.97 36.52
CA GLU A 157 10.04 15.71 36.79
C GLU A 157 9.99 16.38 38.16
N PRO A 158 11.16 16.79 38.68
CA PRO A 158 11.16 17.46 39.99
C PRO A 158 10.45 18.79 39.87
N VAL A 159 9.77 19.21 40.93
CA VAL A 159 9.02 20.45 40.89
C VAL A 159 10.00 21.62 40.88
N GLY A 160 11.16 21.44 41.50
CA GLY A 160 12.24 22.39 41.41
C GLY A 160 12.83 22.88 42.72
N VAL A 161 12.86 24.19 42.89
CA VAL A 161 13.37 24.79 44.12
C VAL A 161 12.23 24.87 45.14
N CYS A 162 12.31 24.02 46.16
CA CYS A 162 11.27 23.88 47.17
C CYS A 162 11.69 24.55 48.49
N GLY A 163 10.92 25.55 48.90
CA GLY A 163 11.10 26.18 50.20
C GLY A 163 10.31 25.45 51.26
N GLN A 164 10.98 25.04 52.33
CA GLN A 164 10.32 24.24 53.35
C GLN A 164 10.45 24.87 54.74
N ILE A 165 9.32 25.19 55.35
CA ILE A 165 9.31 25.80 56.68
C ILE A 165 8.75 24.79 57.70
N ILE A 166 9.57 24.41 58.67
CA ILE A 166 9.15 23.38 59.63
C ILE A 166 9.03 23.89 61.05
N PRO A 167 8.16 23.27 61.85
CA PRO A 167 7.84 23.73 63.21
C PRO A 167 8.85 23.24 64.24
N TRP A 168 8.53 23.44 65.52
CA TRP A 168 9.45 23.14 66.60
C TRP A 168 9.05 21.93 67.43
N ASN A 169 7.84 21.42 67.22
CA ASN A 169 7.35 20.32 68.07
C ASN A 169 8.02 18.98 67.77
N PHE A 170 8.36 18.75 66.50
CA PHE A 170 9.15 17.59 66.09
C PHE A 170 10.22 18.04 65.11
N PRO A 171 11.33 18.60 65.63
CA PRO A 171 12.32 19.25 64.76
C PRO A 171 13.03 18.29 63.81
N LEU A 172 13.53 17.17 64.35
CA LEU A 172 14.20 16.18 63.51
C LEU A 172 13.23 15.52 62.56
N LEU A 173 12.09 15.10 63.10
CA LEU A 173 11.12 14.35 62.33
C LEU A 173 10.50 15.18 61.20
N MET A 174 10.15 16.43 61.49
CA MET A 174 9.59 17.29 60.46
C MET A 174 10.59 17.48 59.33
N GLN A 175 11.86 17.58 59.69
CA GLN A 175 12.92 17.74 58.70
C GLN A 175 12.91 16.53 57.77
N ALA A 176 12.85 15.34 58.35
CA ALA A 176 12.83 14.10 57.58
C ALA A 176 11.58 13.99 56.69
N TRP A 177 10.42 14.33 57.24
CA TRP A 177 9.17 14.31 56.46
C TRP A 177 9.24 15.23 55.25
N LYS A 178 10.04 16.28 55.35
CA LYS A 178 10.21 17.21 54.23
C LYS A 178 11.34 16.80 53.27
N LEU A 179 12.49 16.44 53.83
CA LEU A 179 13.64 16.07 53.00
C LEU A 179 13.42 14.77 52.22
N GLY A 180 12.73 13.81 52.85
CA GLY A 180 12.53 12.50 52.26
C GLY A 180 11.93 12.52 50.86
N PRO A 181 10.68 13.02 50.73
CA PRO A 181 10.05 13.00 49.41
C PRO A 181 10.67 13.98 48.41
N ALA A 182 11.10 15.15 48.88
CA ALA A 182 11.67 16.15 47.98
C ALA A 182 13.00 15.67 47.36
N LEU A 183 13.81 14.99 48.16
CA LEU A 183 15.09 14.50 47.68
C LEU A 183 14.93 13.24 46.85
N ALA A 184 13.98 12.39 47.24
CA ALA A 184 13.72 11.16 46.50
C ALA A 184 13.30 11.45 45.06
N THR A 185 12.65 12.60 44.86
CA THR A 185 12.14 12.97 43.54
C THR A 185 12.98 14.01 42.80
N GLY A 186 14.20 14.27 43.30
CA GLY A 186 15.17 15.07 42.57
C GLY A 186 15.07 16.57 42.75
N ASN A 187 14.32 17.01 43.76
CA ASN A 187 14.19 18.44 44.04
C ASN A 187 15.39 18.99 44.81
N VAL A 188 15.53 20.31 44.81
CA VAL A 188 16.47 20.99 45.70
C VAL A 188 15.65 21.77 46.73
N VAL A 189 16.25 22.06 47.88
CA VAL A 189 15.50 22.71 48.96
C VAL A 189 16.18 23.92 49.60
N VAL A 190 15.36 24.89 49.99
CA VAL A 190 15.75 25.94 50.90
C VAL A 190 14.86 25.83 52.13
N MET A 191 15.44 25.40 53.25
CA MET A 191 14.67 25.10 54.45
C MET A 191 14.86 26.16 55.52
N LYS A 192 13.77 26.58 56.14
CA LYS A 192 13.80 27.49 57.27
C LYS A 192 13.36 26.72 58.51
N VAL A 193 14.22 26.62 59.51
CA VAL A 193 13.90 25.85 60.71
C VAL A 193 13.40 26.75 61.84
N ALA A 194 12.75 26.15 62.83
CA ALA A 194 12.14 26.91 63.92
C ALA A 194 13.19 27.60 64.79
N GLU A 195 12.92 28.85 65.15
CA GLU A 195 13.85 29.58 65.99
C GLU A 195 13.99 28.93 67.38
N GLN A 196 12.98 28.17 67.77
CA GLN A 196 13.00 27.51 69.08
C GLN A 196 13.87 26.28 69.05
N THR A 197 14.10 25.72 67.86
CA THR A 197 14.78 24.43 67.75
C THR A 197 15.60 24.25 66.46
N PRO A 198 16.66 25.03 66.28
CA PRO A 198 17.40 24.89 65.02
C PRO A 198 18.55 23.88 65.15
N LEU A 199 18.95 23.57 66.38
CA LEU A 199 20.19 22.86 66.59
C LEU A 199 20.29 21.49 65.90
N THR A 200 19.29 20.65 66.09
CA THR A 200 19.35 19.30 65.53
C THR A 200 19.33 19.29 64.00
N ALA A 201 18.55 20.19 63.40
CA ALA A 201 18.48 20.30 61.94
C ALA A 201 19.82 20.75 61.34
N LEU A 202 20.51 21.63 62.05
CA LEU A 202 21.82 22.12 61.61
C LEU A 202 22.90 21.05 61.69
N TYR A 203 22.87 20.21 62.73
CA TYR A 203 23.81 19.10 62.80
C TYR A 203 23.59 18.13 61.64
N VAL A 204 22.32 17.92 61.29
CA VAL A 204 21.98 17.00 60.20
C VAL A 204 22.45 17.55 58.85
N ALA A 205 22.51 18.87 58.74
CA ALA A 205 23.07 19.52 57.55
C ALA A 205 24.52 19.08 57.37
N ASN A 206 25.22 18.92 58.50
CA ASN A 206 26.58 18.41 58.49
C ASN A 206 26.64 16.97 57.98
N LEU A 207 25.67 16.17 58.40
CA LEU A 207 25.58 14.77 57.97
C LEU A 207 25.21 14.67 56.49
N ILE A 208 24.41 15.62 56.00
CA ILE A 208 24.06 15.71 54.59
C ILE A 208 25.32 15.92 53.75
N LYS A 209 26.21 16.79 54.23
CA LYS A 209 27.49 16.99 53.57
C LYS A 209 28.29 15.69 53.59
N GLU A 210 28.42 15.09 54.77
CA GLU A 210 29.19 13.87 54.93
C GLU A 210 28.63 12.72 54.08
N ALA A 211 27.32 12.72 53.88
CA ALA A 211 26.64 11.66 53.12
C ALA A 211 26.97 11.73 51.64
N GLY A 212 27.31 12.92 51.15
CA GLY A 212 27.77 13.07 49.78
C GLY A 212 26.84 13.82 48.84
N PHE A 213 25.78 14.42 49.37
CA PHE A 213 24.87 15.21 48.53
C PHE A 213 25.65 16.38 47.94
N PRO A 214 25.44 16.66 46.64
CA PRO A 214 26.06 17.82 45.98
C PRO A 214 25.72 19.14 46.65
N PRO A 215 26.66 20.10 46.63
CA PRO A 215 26.43 21.41 47.24
C PRO A 215 25.20 22.07 46.63
N GLY A 216 24.38 22.71 47.45
CA GLY A 216 23.24 23.46 46.97
C GLY A 216 21.94 22.67 46.90
N VAL A 217 22.06 21.35 46.99
CA VAL A 217 20.87 20.49 46.98
C VAL A 217 20.00 20.78 48.21
N VAL A 218 20.64 20.89 49.38
CA VAL A 218 19.93 21.28 50.60
C VAL A 218 20.59 22.50 51.24
N ASN A 219 19.81 23.57 51.39
CA ASN A 219 20.27 24.81 52.04
C ASN A 219 19.37 25.15 53.22
N ILE A 220 19.98 25.36 54.39
CA ILE A 220 19.21 25.66 55.60
C ILE A 220 19.50 27.05 56.14
N VAL A 221 18.44 27.83 56.33
CA VAL A 221 18.54 29.19 56.84
C VAL A 221 17.76 29.32 58.14
N PRO A 222 18.46 29.27 59.29
CA PRO A 222 17.80 29.60 60.56
C PRO A 222 17.45 31.07 60.55
N GLY A 223 16.39 31.45 61.25
CA GLY A 223 16.02 32.85 61.37
C GLY A 223 14.69 33.02 62.07
N PHE A 224 13.99 34.11 61.75
CA PHE A 224 12.64 34.34 62.28
C PHE A 224 11.57 34.16 61.20
N GLY A 225 10.35 33.90 61.63
CA GLY A 225 9.26 33.66 60.71
C GLY A 225 8.99 34.81 59.77
N PRO A 226 8.57 35.97 60.32
CA PRO A 226 8.10 37.09 59.51
C PRO A 226 9.15 37.60 58.51
N THR A 227 10.42 37.23 58.73
CA THR A 227 11.49 37.68 57.85
C THR A 227 11.97 36.56 56.93
N ALA A 228 12.74 35.63 57.48
CA ALA A 228 13.26 34.51 56.69
C ALA A 228 12.13 33.70 56.03
N GLY A 229 11.19 33.24 56.85
CA GLY A 229 10.09 32.43 56.39
C GLY A 229 9.25 33.11 55.33
N ALA A 230 8.95 34.40 55.54
CA ALA A 230 8.13 35.14 54.60
C ALA A 230 8.85 35.37 53.28
N ALA A 231 10.17 35.42 53.34
CA ALA A 231 11.00 35.64 52.15
C ALA A 231 11.00 34.42 51.23
N ILE A 232 10.99 33.24 51.82
CA ILE A 232 10.85 32.01 51.04
C ILE A 232 9.50 32.00 50.33
N ALA A 233 8.44 32.34 51.05
CA ALA A 233 7.08 32.26 50.52
C ALA A 233 6.82 33.27 49.42
N SER A 234 7.60 34.35 49.39
CA SER A 234 7.38 35.42 48.44
C SER A 234 8.43 35.43 47.33
N HIS A 235 9.42 34.56 47.46
CA HIS A 235 10.55 34.58 46.52
C HIS A 235 10.08 34.26 45.10
N GLU A 236 10.66 34.97 44.13
CA GLU A 236 10.26 34.86 42.73
C GLU A 236 10.88 33.66 42.02
N ASP A 237 11.83 32.99 42.66
CA ASP A 237 12.44 31.82 42.07
C ASP A 237 12.26 30.57 42.90
N VAL A 238 11.27 30.59 43.79
CA VAL A 238 10.88 29.40 44.53
C VAL A 238 9.63 28.81 43.88
N ASP A 239 9.71 27.52 43.52
CA ASP A 239 8.67 26.87 42.74
C ASP A 239 7.61 26.21 43.61
N LYS A 240 7.97 25.95 44.87
CA LYS A 240 7.06 25.28 45.79
C LYS A 240 7.39 25.68 47.23
N VAL A 241 6.36 26.01 48.00
CA VAL A 241 6.58 26.27 49.42
C VAL A 241 5.71 25.35 50.28
N ALA A 242 6.35 24.67 51.22
CA ALA A 242 5.64 23.77 52.12
C ALA A 242 5.78 24.28 53.55
N PHE A 243 4.65 24.50 54.21
CA PHE A 243 4.65 25.05 55.56
C PHE A 243 3.86 24.18 56.52
N THR A 244 4.47 23.84 57.64
CA THR A 244 3.78 23.14 58.72
C THR A 244 3.82 24.05 59.94
N GLY A 245 2.64 24.29 60.54
CA GLY A 245 2.55 25.18 61.67
C GLY A 245 1.12 25.60 61.98
N SER A 246 0.97 26.71 62.68
CA SER A 246 -0.35 27.18 63.08
C SER A 246 -1.21 27.47 61.86
N THR A 247 -2.52 27.32 62.02
CA THR A 247 -3.45 27.69 60.97
C THR A 247 -3.33 29.17 60.72
N GLU A 248 -3.10 29.94 61.78
CA GLU A 248 -2.98 31.39 61.68
C GLU A 248 -1.88 31.82 60.69
N ILE A 249 -0.68 31.24 60.83
CA ILE A 249 0.46 31.63 60.01
C ILE A 249 0.43 31.04 58.59
N GLY A 250 -0.13 29.85 58.46
CA GLY A 250 -0.32 29.27 57.14
C GLY A 250 -1.16 30.18 56.25
N ARG A 251 -2.05 30.95 56.88
CA ARG A 251 -2.86 31.92 56.15
C ARG A 251 -1.96 33.01 55.59
N VAL A 252 -1.02 33.46 56.42
CA VAL A 252 -0.07 34.49 56.03
C VAL A 252 0.81 33.99 54.88
N ILE A 253 1.45 32.84 55.10
CA ILE A 253 2.31 32.23 54.09
C ILE A 253 1.63 32.16 52.73
N GLN A 254 0.44 31.57 52.69
CA GLN A 254 -0.30 31.42 51.45
C GLN A 254 -0.58 32.79 50.82
N VAL A 255 -1.06 33.72 51.63
CA VAL A 255 -1.32 35.08 51.18
C VAL A 255 -0.10 35.68 50.48
N ALA A 256 1.09 35.29 50.92
CA ALA A 256 2.31 35.78 50.31
C ALA A 256 2.63 35.08 48.98
N ALA A 257 2.41 33.78 48.94
CA ALA A 257 2.70 33.00 47.74
C ALA A 257 1.80 33.38 46.58
N GLY A 258 0.55 33.72 46.88
CA GLY A 258 -0.40 34.11 45.85
C GLY A 258 -0.04 35.43 45.18
N SER A 259 0.80 36.22 45.83
CA SER A 259 1.13 37.54 45.31
C SER A 259 2.56 37.61 44.78
N SER A 260 3.13 36.44 44.47
CA SER A 260 4.49 36.38 43.96
C SER A 260 4.59 35.75 42.58
N ASN A 261 4.60 34.42 42.52
CA ASN A 261 4.91 33.73 41.27
C ASN A 261 4.06 32.50 40.99
N LEU A 262 2.91 32.39 41.65
CA LEU A 262 2.04 31.24 41.44
C LEU A 262 2.74 29.92 41.80
N LYS A 263 3.58 29.95 42.84
CA LYS A 263 4.25 28.75 43.31
C LYS A 263 3.26 27.77 43.92
N ARG A 264 3.57 26.48 43.84
CA ARG A 264 2.75 25.47 44.49
C ARG A 264 2.88 25.53 46.01
N VAL A 265 1.74 25.42 46.69
CA VAL A 265 1.70 25.57 48.14
C VAL A 265 1.02 24.37 48.79
N THR A 266 1.67 23.79 49.81
CA THR A 266 1.00 22.84 50.69
C THR A 266 1.09 23.33 52.12
N LEU A 267 0.05 23.03 52.90
CA LEU A 267 0.00 23.47 54.30
C LEU A 267 -0.36 22.31 55.23
N GLU A 268 0.29 22.28 56.38
CA GLU A 268 -0.05 21.34 57.44
C GLU A 268 -0.27 22.14 58.71
N LEU A 269 -1.54 22.44 58.97
CA LEU A 269 -1.92 23.42 59.99
C LEU A 269 -2.46 22.77 61.27
N GLY A 270 -3.36 23.48 61.96
CA GLY A 270 -3.79 23.08 63.29
C GLY A 270 -4.87 22.01 63.32
N GLY A 271 -5.39 21.75 64.52
CA GLY A 271 -6.49 20.82 64.68
C GLY A 271 -7.12 20.88 66.06
N LYS A 272 -8.30 20.28 66.18
CA LYS A 272 -8.94 20.03 67.46
C LYS A 272 -9.58 18.67 67.34
N SER A 273 -8.75 17.64 67.20
CA SER A 273 -9.19 16.30 66.83
C SER A 273 -10.04 15.63 67.91
N PRO A 274 -11.11 14.95 67.48
CA PRO A 274 -12.01 14.25 68.41
C PRO A 274 -11.54 12.81 68.66
N ASN A 275 -11.54 12.41 69.93
CA ASN A 275 -11.24 11.04 70.32
C ASN A 275 -12.52 10.45 70.92
N ILE A 276 -13.19 9.59 70.16
CA ILE A 276 -14.54 9.13 70.48
C ILE A 276 -14.55 7.75 71.14
N ILE A 277 -15.00 7.71 72.39
CA ILE A 277 -15.04 6.47 73.17
C ILE A 277 -16.45 5.91 73.29
N MET A 278 -16.75 4.86 72.50
CA MET A 278 -18.06 4.24 72.56
C MET A 278 -18.18 3.41 73.84
N SER A 279 -19.42 3.18 74.29
CA SER A 279 -19.63 2.47 75.55
C SER A 279 -19.15 1.02 75.51
N ASP A 280 -18.93 0.48 74.30
CA ASP A 280 -18.41 -0.88 74.18
C ASP A 280 -16.89 -0.93 73.99
N ALA A 281 -16.23 0.20 74.18
CA ALA A 281 -14.77 0.23 74.04
C ALA A 281 -14.08 -0.53 75.17
N ASP A 282 -12.89 -1.06 74.89
CA ASP A 282 -12.04 -1.62 75.93
C ASP A 282 -11.61 -0.51 76.88
N MET A 283 -12.15 -0.52 78.11
CA MET A 283 -11.93 0.57 79.05
C MET A 283 -10.46 0.90 79.31
N ASP A 284 -9.70 -0.06 79.81
CA ASP A 284 -8.31 0.20 80.16
C ASP A 284 -7.54 0.73 78.95
N TRP A 285 -7.70 0.05 77.83
CA TRP A 285 -7.06 0.46 76.57
C TRP A 285 -7.46 1.88 76.16
N ALA A 286 -8.77 2.14 76.15
CA ALA A 286 -9.27 3.45 75.78
C ALA A 286 -8.73 4.57 76.69
N VAL A 287 -8.61 4.26 77.98
CA VAL A 287 -8.14 5.25 78.94
C VAL A 287 -6.68 5.60 78.71
N GLU A 288 -5.86 4.59 78.44
CA GLU A 288 -4.43 4.81 78.25
C GLU A 288 -4.14 5.48 76.92
N GLN A 289 -4.89 5.10 75.89
CA GLN A 289 -4.75 5.70 74.57
C GLN A 289 -5.24 7.14 74.53
N ALA A 290 -6.30 7.45 75.27
CA ALA A 290 -6.80 8.82 75.30
C ALA A 290 -5.81 9.71 76.02
N HIS A 291 -5.16 9.16 77.05
CA HIS A 291 -4.15 9.90 77.80
C HIS A 291 -3.00 10.25 76.87
N PHE A 292 -2.44 9.22 76.27
CA PHE A 292 -1.43 9.33 75.22
C PHE A 292 -1.84 10.29 74.11
N ALA A 293 -3.08 10.17 73.64
CA ALA A 293 -3.57 10.96 72.51
C ALA A 293 -3.52 12.48 72.76
N LEU A 294 -3.69 12.89 74.00
CA LEU A 294 -3.70 14.32 74.32
C LEU A 294 -2.34 14.77 74.84
N PHE A 295 -1.77 13.99 75.75
CA PHE A 295 -0.59 14.43 76.50
C PHE A 295 0.76 14.22 75.80
N PHE A 296 0.81 13.35 74.80
CA PHE A 296 2.06 13.06 74.11
C PHE A 296 2.77 14.34 73.66
N ASN A 297 4.10 14.35 73.74
CA ASN A 297 4.90 15.51 73.34
C ASN A 297 4.46 16.80 74.05
N GLN A 298 4.18 16.70 75.35
CA GLN A 298 3.71 17.85 76.13
C GLN A 298 2.47 18.47 75.50
N GLY A 299 1.65 17.63 74.85
CA GLY A 299 0.44 18.08 74.17
C GLY A 299 0.71 18.85 72.89
N GLN A 300 1.97 18.97 72.52
CA GLN A 300 2.38 19.76 71.36
C GLN A 300 2.31 19.00 70.03
N CYS A 301 1.09 18.57 69.66
CA CYS A 301 0.82 17.91 68.38
C CYS A 301 -0.42 18.52 67.76
N SER A 302 -0.38 18.87 66.49
CA SER A 302 -1.56 19.42 65.82
C SER A 302 -2.71 18.41 65.80
N CYS A 303 -2.38 17.14 65.82
CA CYS A 303 -3.38 16.07 65.75
C CYS A 303 -3.77 15.54 67.13
N ALA A 304 -3.42 16.28 68.18
CA ALA A 304 -3.74 15.87 69.54
C ALA A 304 -5.23 15.60 69.71
N GLY A 305 -5.56 14.53 70.42
CA GLY A 305 -6.93 14.19 70.71
C GLY A 305 -7.51 15.11 71.78
N SER A 306 -7.81 16.35 71.37
CA SER A 306 -8.12 17.41 72.32
C SER A 306 -9.61 17.59 72.58
N ARG A 307 -10.43 16.79 71.92
CA ARG A 307 -11.84 16.69 72.31
C ARG A 307 -12.14 15.21 72.55
N THR A 308 -12.13 14.83 73.82
CA THR A 308 -12.38 13.45 74.21
C THR A 308 -13.86 13.20 74.44
N PHE A 309 -14.54 12.67 73.43
CA PHE A 309 -15.96 12.35 73.52
C PHE A 309 -16.17 10.99 74.18
N VAL A 310 -16.92 10.97 75.28
CA VAL A 310 -17.15 9.73 76.01
C VAL A 310 -18.63 9.41 76.21
N GLN A 311 -19.04 8.21 75.82
CA GLN A 311 -20.44 7.82 75.93
C GLN A 311 -20.93 7.88 77.37
N GLU A 312 -22.15 8.37 77.56
CA GLU A 312 -22.62 8.72 78.88
C GLU A 312 -22.55 7.59 79.91
N ASP A 313 -22.80 6.36 79.48
CA ASP A 313 -22.82 5.22 80.39
C ASP A 313 -21.47 4.92 81.03
N ILE A 314 -20.39 5.26 80.34
CA ILE A 314 -19.05 5.02 80.86
C ILE A 314 -18.33 6.31 81.23
N TYR A 315 -19.03 7.44 81.16
CA TYR A 315 -18.40 8.75 81.35
C TYR A 315 -17.70 8.90 82.71
N ASP A 316 -18.46 8.70 83.78
CA ASP A 316 -17.92 8.88 85.12
C ASP A 316 -16.68 8.02 85.39
N GLU A 317 -16.78 6.72 85.05
CA GLU A 317 -15.67 5.82 85.27
C GLU A 317 -14.47 6.28 84.47
N PHE A 318 -14.69 6.59 83.20
CA PHE A 318 -13.62 7.05 82.32
C PHE A 318 -12.95 8.32 82.83
N VAL A 319 -13.75 9.30 83.22
CA VAL A 319 -13.20 10.55 83.75
C VAL A 319 -12.39 10.30 85.02
N GLU A 320 -12.88 9.41 85.87
CA GLU A 320 -12.17 9.07 87.10
C GLU A 320 -10.81 8.44 86.78
N ARG A 321 -10.82 7.45 85.88
CA ARG A 321 -9.60 6.79 85.46
C ARG A 321 -8.65 7.75 84.73
N SER A 322 -9.24 8.69 83.98
CA SER A 322 -8.47 9.69 83.26
C SER A 322 -7.75 10.68 84.19
N VAL A 323 -8.44 11.11 85.24
CA VAL A 323 -7.86 12.04 86.19
C VAL A 323 -6.77 11.36 87.02
N ALA A 324 -7.00 10.11 87.39
CA ALA A 324 -5.99 9.32 88.09
C ALA A 324 -4.68 9.24 87.28
N ARG A 325 -4.80 9.01 85.98
CA ARG A 325 -3.65 8.82 85.12
C ARG A 325 -2.90 10.15 84.92
N ALA A 326 -3.64 11.23 84.74
CA ALA A 326 -3.02 12.55 84.57
C ALA A 326 -2.35 13.01 85.85
N LYS A 327 -2.91 12.61 87.00
CA LYS A 327 -2.30 12.93 88.29
C LYS A 327 -0.97 12.20 88.52
N SER A 328 -0.86 10.99 87.98
CA SER A 328 0.34 10.18 88.14
C SER A 328 1.40 10.51 87.10
N ARG A 329 1.01 11.24 86.07
CA ARG A 329 1.95 11.59 85.00
C ARG A 329 3.10 12.44 85.53
N VAL A 330 4.32 11.89 85.47
CA VAL A 330 5.49 12.54 86.05
C VAL A 330 6.04 13.67 85.18
N VAL A 331 6.07 14.87 85.75
CA VAL A 331 6.63 16.03 85.08
C VAL A 331 7.98 16.39 85.69
N GLY A 332 8.96 16.70 84.86
CA GLY A 332 10.27 17.09 85.37
C GLY A 332 11.37 17.14 84.33
N ASN A 333 12.60 16.94 84.79
CA ASN A 333 13.78 16.95 83.93
C ASN A 333 13.68 15.89 82.84
N PRO A 334 13.65 16.33 81.57
CA PRO A 334 13.47 15.41 80.44
C PRO A 334 14.57 14.36 80.32
N PHE A 335 15.68 14.57 81.02
CA PHE A 335 16.78 13.60 80.99
C PHE A 335 16.67 12.52 82.07
N ASP A 336 15.80 12.74 83.05
CA ASP A 336 15.50 11.70 84.04
C ASP A 336 14.51 10.71 83.42
N SER A 337 14.82 9.42 83.54
CA SER A 337 14.05 8.37 82.86
C SER A 337 12.63 8.23 83.37
N LYS A 338 12.37 8.75 84.57
CA LYS A 338 11.05 8.67 85.18
C LYS A 338 10.09 9.70 84.59
N THR A 339 10.65 10.75 84.00
CA THR A 339 9.87 11.85 83.44
C THR A 339 9.06 11.46 82.19
N GLU A 340 7.76 11.69 82.25
CA GLU A 340 6.89 11.46 81.11
C GLU A 340 6.61 12.77 80.39
N GLN A 341 6.66 13.87 81.14
CA GLN A 341 6.38 15.18 80.60
C GLN A 341 7.49 16.20 80.87
N GLY A 342 8.01 16.80 79.81
CA GLY A 342 8.99 17.86 79.93
C GLY A 342 8.33 19.23 79.93
N PRO A 343 9.14 20.29 79.75
CA PRO A 343 8.62 21.66 79.70
C PRO A 343 7.96 21.94 78.35
N GLN A 344 7.17 23.01 78.28
CA GLN A 344 6.66 23.46 76.98
C GLN A 344 7.82 24.12 76.23
N VAL A 345 7.64 24.41 74.94
CA VAL A 345 8.77 24.81 74.11
C VAL A 345 9.37 26.16 74.47
N ASP A 346 8.53 27.12 74.83
CA ASP A 346 9.03 28.44 75.21
C ASP A 346 8.08 29.17 76.15
N GLU A 347 8.44 30.39 76.52
CA GLU A 347 7.65 31.19 77.45
C GLU A 347 6.34 31.66 76.79
N THR A 348 6.41 31.99 75.52
CA THR A 348 5.21 32.39 74.80
C THR A 348 4.13 31.31 74.89
N GLN A 349 4.52 30.07 74.61
CA GLN A 349 3.60 28.93 74.70
C GLN A 349 3.15 28.68 76.14
N PHE A 350 4.12 28.62 77.04
CA PHE A 350 3.88 28.57 78.48
C PHE A 350 2.67 29.41 78.87
N LYS A 351 2.72 30.71 78.55
CA LYS A 351 1.69 31.65 78.96
C LYS A 351 0.37 31.50 78.20
N LYS A 352 0.47 31.15 76.92
CA LYS A 352 -0.72 30.96 76.11
C LYS A 352 -1.55 29.79 76.64
N ILE A 353 -0.88 28.70 76.99
CA ILE A 353 -1.53 27.54 77.60
C ILE A 353 -2.15 27.88 78.96
N LEU A 354 -1.38 28.56 79.80
CA LEU A 354 -1.90 29.03 81.08
C LEU A 354 -3.14 29.89 80.90
N GLY A 355 -3.11 30.75 79.87
CA GLY A 355 -4.24 31.60 79.54
C GLY A 355 -5.48 30.80 79.18
N TYR A 356 -5.30 29.79 78.35
CA TYR A 356 -6.41 28.92 77.95
C TYR A 356 -7.03 28.20 79.14
N ILE A 357 -6.18 27.78 80.09
CA ILE A 357 -6.67 27.11 81.28
C ILE A 357 -7.58 28.04 82.08
N ASN A 358 -7.14 29.28 82.28
CA ASN A 358 -7.93 30.27 83.00
C ASN A 358 -9.26 30.55 82.29
N THR A 359 -9.23 30.52 80.97
CA THR A 359 -10.44 30.68 80.18
C THR A 359 -11.41 29.52 80.44
N GLY A 360 -10.90 28.30 80.36
CA GLY A 360 -11.68 27.11 80.67
C GLY A 360 -12.36 27.17 82.02
N LYS A 361 -11.61 27.55 83.05
CA LYS A 361 -12.18 27.70 84.39
C LYS A 361 -13.28 28.75 84.39
N GLN A 362 -12.96 29.93 83.83
CA GLN A 362 -13.92 31.03 83.81
C GLN A 362 -15.20 30.68 83.03
N GLU A 363 -15.06 29.96 81.92
CA GLU A 363 -16.21 29.60 81.10
C GLU A 363 -17.02 28.41 81.65
N GLY A 364 -16.62 27.91 82.81
CA GLY A 364 -17.45 26.97 83.54
C GLY A 364 -17.13 25.50 83.32
N ALA A 365 -16.03 25.20 82.65
CA ALA A 365 -15.58 23.83 82.55
C ALA A 365 -15.10 23.37 83.93
N LYS A 366 -15.24 22.07 84.20
CA LYS A 366 -14.95 21.54 85.52
C LYS A 366 -13.49 21.14 85.61
N LEU A 367 -12.69 21.93 86.33
CA LEU A 367 -11.27 21.64 86.51
C LEU A 367 -11.10 20.46 87.46
N LEU A 368 -10.58 19.36 86.95
CA LEU A 368 -10.52 18.11 87.72
C LEU A 368 -9.14 17.84 88.33
N CYS A 369 -8.09 18.33 87.68
CA CYS A 369 -6.74 18.25 88.23
C CYS A 369 -5.81 19.21 87.50
N GLY A 370 -4.59 19.37 88.02
CA GLY A 370 -3.65 20.32 87.47
C GLY A 370 -4.21 21.73 87.46
N GLY A 371 -3.87 22.50 86.44
CA GLY A 371 -4.43 23.82 86.29
C GLY A 371 -3.46 24.98 86.29
N GLY A 372 -2.19 24.71 86.61
CA GLY A 372 -1.20 25.78 86.64
C GLY A 372 0.24 25.32 86.47
N ILE A 373 1.17 26.19 86.88
CA ILE A 373 2.59 25.93 86.74
C ILE A 373 3.03 24.71 87.56
N ALA A 374 3.98 23.96 87.05
CA ALA A 374 4.47 22.77 87.74
C ALA A 374 5.83 22.97 88.38
N ALA A 375 6.51 24.04 87.97
CA ALA A 375 7.84 24.34 88.51
C ALA A 375 8.14 25.82 88.39
N ASP A 376 9.04 26.30 89.25
CA ASP A 376 9.43 27.71 89.24
C ASP A 376 10.39 28.04 88.11
N ARG A 377 11.09 27.02 87.62
CA ARG A 377 12.11 27.20 86.61
C ARG A 377 11.84 26.27 85.43
N GLY A 378 12.03 26.77 84.21
CA GLY A 378 11.65 26.03 83.03
C GLY A 378 10.18 26.31 82.72
N TYR A 379 9.69 25.75 81.62
CA TYR A 379 8.31 26.01 81.23
C TYR A 379 7.38 24.84 81.50
N PHE A 380 7.37 24.39 82.76
CA PHE A 380 6.62 23.19 83.16
C PHE A 380 5.19 23.50 83.60
N ILE A 381 4.24 22.76 83.03
CA ILE A 381 2.83 22.94 83.33
C ILE A 381 2.24 21.62 83.81
N GLN A 382 1.40 21.68 84.84
CA GLN A 382 0.75 20.49 85.38
C GLN A 382 -0.20 19.89 84.34
N PRO A 383 -0.18 18.55 84.20
CA PRO A 383 -1.19 17.93 83.34
C PRO A 383 -2.59 18.25 83.86
N THR A 384 -3.42 18.80 82.97
CA THR A 384 -4.68 19.42 83.36
C THR A 384 -5.85 18.72 82.68
N VAL A 385 -6.89 18.42 83.44
CA VAL A 385 -8.06 17.73 82.91
C VAL A 385 -9.33 18.54 83.19
N PHE A 386 -10.09 18.81 82.14
CA PHE A 386 -11.39 19.46 82.26
C PHE A 386 -12.52 18.48 81.97
N GLY A 387 -13.47 18.37 82.90
CA GLY A 387 -14.66 17.57 82.70
C GLY A 387 -15.88 18.44 82.37
N ASP A 388 -16.92 17.81 81.84
CA ASP A 388 -18.17 18.49 81.52
C ASP A 388 -17.97 19.62 80.51
N VAL A 389 -17.02 19.43 79.60
CA VAL A 389 -16.76 20.43 78.58
C VAL A 389 -17.92 20.47 77.58
N GLN A 390 -18.28 21.68 77.13
CA GLN A 390 -19.38 21.85 76.19
C GLN A 390 -18.83 22.40 74.88
N ASP A 391 -19.47 22.05 73.77
CA ASP A 391 -19.00 22.42 72.44
C ASP A 391 -18.72 23.92 72.24
N GLY A 392 -19.48 24.77 72.92
CA GLY A 392 -19.36 26.20 72.75
C GLY A 392 -18.20 26.87 73.49
N MET A 393 -17.57 26.12 74.38
CA MET A 393 -16.49 26.67 75.19
C MET A 393 -15.22 26.87 74.37
N THR A 394 -14.52 27.96 74.65
CA THR A 394 -13.29 28.27 73.95
C THR A 394 -12.30 27.09 73.93
N ILE A 395 -12.13 26.43 75.08
CA ILE A 395 -11.18 25.32 75.16
C ILE A 395 -11.62 24.10 74.39
N ALA A 396 -12.86 24.11 73.90
CA ALA A 396 -13.37 23.00 73.10
C ALA A 396 -13.28 23.34 71.63
N LYS A 397 -12.98 24.61 71.33
CA LYS A 397 -12.96 25.10 69.97
C LYS A 397 -11.55 25.41 69.48
N GLU A 398 -10.74 26.02 70.35
CA GLU A 398 -9.41 26.50 69.96
C GLU A 398 -8.29 25.53 70.33
N GLU A 399 -7.32 25.40 69.44
CA GLU A 399 -6.16 24.54 69.66
C GLU A 399 -5.32 25.10 70.81
N ILE A 400 -5.08 24.29 71.83
CA ILE A 400 -4.31 24.74 72.99
C ILE A 400 -2.82 24.40 72.87
N PHE A 401 -2.52 23.26 72.27
CA PHE A 401 -1.13 22.85 72.05
C PHE A 401 -0.38 22.67 73.37
N GLY A 402 -1.11 22.23 74.39
CA GLY A 402 -0.50 21.97 75.69
C GLY A 402 -1.15 20.80 76.42
N PRO A 403 -0.69 20.53 77.65
CA PRO A 403 -1.17 19.37 78.43
C PRO A 403 -2.51 19.66 79.08
N VAL A 404 -3.52 19.98 78.25
CA VAL A 404 -4.85 20.33 78.72
C VAL A 404 -5.92 19.47 78.05
N MET A 405 -6.58 18.64 78.85
CA MET A 405 -7.50 17.62 78.33
C MET A 405 -8.97 18.04 78.47
N GLN A 406 -9.72 17.97 77.37
CA GLN A 406 -11.16 18.24 77.40
C GLN A 406 -11.94 16.95 77.28
N ILE A 407 -12.82 16.70 78.26
CA ILE A 407 -13.69 15.52 78.21
C ILE A 407 -15.17 15.88 78.07
N LEU A 408 -15.79 15.39 77.00
CA LEU A 408 -17.17 15.73 76.68
C LEU A 408 -18.05 14.49 76.67
N LYS A 409 -19.24 14.62 77.24
CA LYS A 409 -20.17 13.50 77.30
C LYS A 409 -21.08 13.50 76.09
N PHE A 410 -21.39 12.31 75.58
CA PHE A 410 -22.37 12.17 74.51
C PHE A 410 -23.22 10.94 74.73
N LYS A 411 -24.32 10.84 73.99
CA LYS A 411 -25.28 9.76 74.17
C LYS A 411 -25.32 8.79 72.98
N THR A 412 -25.45 9.34 71.76
CA THR A 412 -25.61 8.49 70.57
C THR A 412 -24.49 8.65 69.54
N ILE A 413 -24.45 7.71 68.59
CA ILE A 413 -23.44 7.70 67.53
C ILE A 413 -23.69 8.79 66.48
N GLU A 414 -24.97 9.09 66.21
CA GLU A 414 -25.32 10.16 65.28
C GLU A 414 -24.93 11.50 65.89
N GLU A 415 -25.15 11.64 67.19
CA GLU A 415 -24.80 12.84 67.92
C GLU A 415 -23.29 13.14 67.81
N VAL A 416 -22.47 12.15 68.17
CA VAL A 416 -21.04 12.37 68.25
C VAL A 416 -20.39 12.65 66.88
N VAL A 417 -20.88 11.99 65.83
CA VAL A 417 -20.44 12.29 64.47
C VAL A 417 -20.65 13.76 64.10
N GLY A 418 -21.86 14.26 64.38
CA GLY A 418 -22.19 15.64 64.08
C GLY A 418 -21.38 16.62 64.92
N ARG A 419 -21.21 16.29 66.19
CA ARG A 419 -20.47 17.18 67.09
C ARG A 419 -18.98 17.20 66.75
N ALA A 420 -18.44 16.02 66.43
CA ALA A 420 -17.05 15.90 66.05
C ALA A 420 -16.77 16.65 64.75
N ASN A 421 -17.72 16.58 63.82
CA ASN A 421 -17.58 17.19 62.48
C ASN A 421 -17.89 18.67 62.49
N ASN A 422 -18.51 19.13 63.56
CA ASN A 422 -18.79 20.55 63.72
C ASN A 422 -17.53 21.26 64.23
N SER A 423 -16.59 21.46 63.32
CA SER A 423 -15.31 22.05 63.65
C SER A 423 -14.74 22.65 62.37
N THR A 424 -13.92 23.70 62.50
CA THR A 424 -13.25 24.28 61.34
C THR A 424 -12.01 23.45 61.01
N TYR A 425 -11.65 22.57 61.93
CA TYR A 425 -10.49 21.71 61.78
C TYR A 425 -10.90 20.32 61.29
N GLY A 426 -9.93 19.57 60.76
CA GLY A 426 -10.19 18.21 60.31
C GLY A 426 -8.92 17.43 60.05
N LEU A 427 -7.98 17.51 60.98
CA LEU A 427 -6.70 16.84 60.81
C LEU A 427 -6.81 15.36 61.10
N ALA A 428 -7.31 15.02 62.29
CA ALA A 428 -7.41 13.63 62.71
C ALA A 428 -8.66 13.37 63.53
N ALA A 429 -8.93 12.08 63.74
CA ALA A 429 -10.00 11.65 64.62
C ALA A 429 -9.75 10.19 65.04
N ALA A 430 -10.39 9.75 66.12
CA ALA A 430 -10.28 8.35 66.52
C ALA A 430 -11.61 7.79 67.04
N VAL A 431 -11.74 6.47 66.95
CA VAL A 431 -12.93 5.77 67.40
C VAL A 431 -12.53 4.51 68.15
N PHE A 432 -13.01 4.39 69.39
CA PHE A 432 -12.77 3.19 70.20
C PHE A 432 -14.09 2.43 70.42
N THR A 433 -14.16 1.24 69.84
CA THR A 433 -15.36 0.43 69.85
C THR A 433 -14.98 -1.00 69.45
N LYS A 434 -15.83 -1.96 69.78
CA LYS A 434 -15.59 -3.35 69.40
C LYS A 434 -16.49 -3.78 68.26
N ASP A 435 -17.43 -2.90 67.89
CA ASP A 435 -18.44 -3.23 66.87
C ASP A 435 -18.00 -2.83 65.46
N LEU A 436 -18.00 -3.81 64.56
CA LEU A 436 -17.63 -3.61 63.18
C LEU A 436 -18.42 -2.47 62.53
N ASP A 437 -19.75 -2.55 62.59
CA ASP A 437 -20.60 -1.57 61.91
C ASP A 437 -20.38 -0.15 62.46
N LYS A 438 -20.11 -0.04 63.75
CA LYS A 438 -19.87 1.27 64.37
C LYS A 438 -18.55 1.85 63.87
N ALA A 439 -17.54 1.00 63.77
CA ALA A 439 -16.25 1.43 63.26
C ALA A 439 -16.39 1.90 61.82
N ASN A 440 -17.06 1.10 61.00
CA ASN A 440 -17.22 1.44 59.59
C ASN A 440 -18.10 2.67 59.38
N TYR A 441 -19.23 2.74 60.08
CA TYR A 441 -20.08 3.92 60.01
C TYR A 441 -19.28 5.18 60.34
N LEU A 442 -18.53 5.14 61.43
CA LEU A 442 -17.79 6.31 61.90
C LEU A 442 -16.56 6.67 61.06
N SER A 443 -15.78 5.67 60.66
CA SER A 443 -14.61 5.94 59.82
C SER A 443 -15.01 6.59 58.49
N GLN A 444 -16.18 6.25 57.98
CA GLN A 444 -16.65 6.85 56.74
C GLN A 444 -17.18 8.26 56.98
N ALA A 445 -17.96 8.43 58.05
CA ALA A 445 -18.66 9.68 58.31
C ALA A 445 -17.79 10.81 58.85
N LEU A 446 -16.73 10.48 59.58
CA LEU A 446 -15.87 11.51 60.18
C LEU A 446 -15.12 12.30 59.10
N GLN A 447 -15.17 13.62 59.20
CA GLN A 447 -14.52 14.51 58.23
C GLN A 447 -13.10 14.88 58.68
N ALA A 448 -12.24 13.86 58.73
CA ALA A 448 -10.86 13.99 59.18
C ALA A 448 -9.94 13.32 58.16
N GLY A 449 -8.72 13.85 58.03
CA GLY A 449 -7.74 13.30 57.11
C GLY A 449 -7.19 11.94 57.53
N THR A 450 -7.17 11.69 58.83
CA THR A 450 -6.78 10.40 59.36
C THR A 450 -7.77 10.00 60.45
N VAL A 451 -8.25 8.76 60.36
CA VAL A 451 -9.12 8.19 61.38
C VAL A 451 -8.47 6.95 61.97
N TRP A 452 -8.19 6.99 63.26
CA TRP A 452 -7.65 5.84 63.97
C TRP A 452 -8.78 5.04 64.61
N VAL A 453 -8.71 3.73 64.53
CA VAL A 453 -9.71 2.87 65.15
C VAL A 453 -9.03 1.98 66.20
N ASN A 454 -9.44 2.17 67.46
CA ASN A 454 -8.85 1.46 68.59
C ASN A 454 -7.35 1.68 68.76
N CYS A 455 -6.91 2.86 68.35
CA CYS A 455 -5.54 3.30 68.56
C CYS A 455 -5.49 4.80 68.33
N TYR A 456 -4.32 5.41 68.52
CA TYR A 456 -4.15 6.84 68.28
C TYR A 456 -2.70 7.14 67.91
N ASP A 457 -2.48 8.22 67.16
CA ASP A 457 -1.13 8.67 66.86
C ASP A 457 -0.29 7.58 66.20
N VAL A 458 -0.93 6.72 65.43
CA VAL A 458 -0.23 5.66 64.71
C VAL A 458 0.23 6.18 63.35
N PHE A 459 1.52 6.42 63.24
CA PHE A 459 2.12 6.94 62.02
C PHE A 459 3.01 5.89 61.39
N GLY A 460 3.17 5.99 60.07
CA GLY A 460 4.09 5.15 59.34
C GLY A 460 4.48 5.89 58.09
N ALA A 461 5.75 5.81 57.71
CA ALA A 461 6.19 6.50 56.50
C ALA A 461 5.31 6.11 55.31
N GLN A 462 4.70 4.93 55.40
CA GLN A 462 3.88 4.37 54.33
C GLN A 462 2.52 5.05 54.17
N SER A 463 1.91 5.45 55.28
CA SER A 463 0.51 5.93 55.27
C SER A 463 0.41 7.46 55.27
N PRO A 464 -0.30 8.02 54.28
CA PRO A 464 -0.38 9.48 54.13
C PRO A 464 -1.03 10.17 55.33
N PHE A 465 -0.64 11.42 55.60
CA PHE A 465 -1.13 12.19 56.72
C PHE A 465 -1.38 13.62 56.28
N GLY A 466 -2.57 14.14 56.59
CA GLY A 466 -2.93 15.49 56.21
C GLY A 466 -4.34 15.82 56.64
N GLY A 467 -4.69 17.11 56.56
CA GLY A 467 -5.96 17.56 57.09
C GLY A 467 -7.03 17.97 56.09
N TYR A 468 -8.27 17.86 56.54
CA TYR A 468 -9.42 18.41 55.85
C TYR A 468 -9.63 19.84 56.33
N LYS A 469 -10.47 20.59 55.65
CA LYS A 469 -10.87 21.91 56.13
C LYS A 469 -9.67 22.82 56.41
N MET A 470 -9.70 23.51 57.55
CA MET A 470 -8.66 24.48 57.93
C MET A 470 -7.42 23.86 58.58
N SER A 471 -7.31 22.54 58.54
CA SER A 471 -6.14 21.86 59.07
C SER A 471 -5.10 21.69 57.97
N GLY A 472 -5.33 22.35 56.84
CA GLY A 472 -4.38 22.36 55.75
C GLY A 472 -4.85 21.73 54.46
N SER A 473 -3.91 21.55 53.53
CA SER A 473 -4.21 20.93 52.24
C SER A 473 -3.07 20.00 51.85
N GLY A 474 -3.40 18.95 51.09
CA GLY A 474 -2.40 18.00 50.64
C GLY A 474 -1.87 17.13 51.77
N ARG A 475 -1.13 16.10 51.39
CA ARG A 475 -0.67 15.09 52.35
C ARG A 475 0.85 15.03 52.48
N GLU A 476 1.29 14.27 53.47
CA GLU A 476 2.69 13.94 53.63
C GLU A 476 2.79 12.45 53.92
N LEU A 477 3.96 11.87 53.64
CA LEU A 477 4.19 10.44 53.81
C LEU A 477 3.49 9.63 52.71
N GLY A 478 3.85 8.36 52.61
CA GLY A 478 3.27 7.48 51.62
C GLY A 478 3.68 7.87 50.22
N GLU A 479 3.09 7.19 49.23
CA GLU A 479 3.31 7.49 47.84
C GLU A 479 2.73 8.86 47.46
N TYR A 480 1.72 9.30 48.21
CA TYR A 480 1.08 10.59 47.98
C TYR A 480 1.99 11.79 48.22
N GLY A 481 2.90 11.65 49.17
CA GLY A 481 3.85 12.70 49.49
C GLY A 481 4.70 13.07 48.29
N LEU A 482 4.76 12.16 47.31
CA LEU A 482 5.59 12.38 46.13
C LEU A 482 4.89 13.28 45.10
N GLN A 483 3.57 13.29 45.13
CA GLN A 483 2.80 14.06 44.15
C GLN A 483 3.06 15.56 44.24
N ALA A 484 3.15 16.09 45.45
CA ALA A 484 3.35 17.52 45.66
C ALA A 484 4.74 17.97 45.22
N TYR A 485 5.66 17.02 45.07
CA TYR A 485 7.05 17.32 44.73
C TYR A 485 7.37 16.93 43.30
N THR A 486 6.34 16.54 42.55
CA THR A 486 6.50 16.11 41.17
C THR A 486 5.78 17.04 40.21
N LYS A 487 6.42 17.27 39.06
CA LYS A 487 5.88 18.09 37.99
C LYS A 487 5.66 17.17 36.79
N VAL A 488 4.47 17.25 36.17
CA VAL A 488 4.18 16.34 35.06
C VAL A 488 4.38 16.98 33.68
N LYS A 489 5.24 16.36 32.88
CA LYS A 489 5.44 16.78 31.49
C LYS A 489 4.91 15.72 30.54
N THR A 490 4.04 16.14 29.61
CA THR A 490 3.52 15.26 28.58
C THR A 490 4.33 15.45 27.30
N VAL A 491 4.82 14.35 26.74
CA VAL A 491 5.48 14.42 25.45
C VAL A 491 4.66 13.59 24.46
N THR A 492 4.22 14.24 23.38
CA THR A 492 3.39 13.60 22.37
C THR A 492 4.09 13.66 21.01
N VAL A 493 4.31 12.48 20.44
CA VAL A 493 5.17 12.33 19.27
C VAL A 493 4.42 11.73 18.09
N LYS A 494 4.48 12.39 16.93
CA LYS A 494 3.86 11.84 15.73
C LYS A 494 4.59 10.56 15.35
N VAL A 495 3.84 9.50 15.07
CA VAL A 495 4.42 8.23 14.64
C VAL A 495 3.84 7.80 13.30
N PRO A 496 4.54 6.92 12.55
CA PRO A 496 4.04 6.60 11.21
C PRO A 496 2.70 5.89 11.22
N GLN A 497 2.57 4.83 12.03
CA GLN A 497 1.31 4.11 12.16
C GLN A 497 1.16 3.54 13.56
N LYS A 498 0.19 4.06 14.31
CA LYS A 498 -0.09 3.58 15.66
C LYS A 498 -0.81 2.23 15.63
N ASN A 499 -0.29 1.27 16.40
CA ASN A 499 -0.98 0.00 16.62
C ASN A 499 -1.05 -0.32 18.10
N SER A 500 -2.05 -1.12 18.48
CA SER A 500 -2.16 -1.56 19.86
C SER A 500 -0.90 -2.33 20.25
N ALA B 7 -18.59 13.67 7.32
CA ALA B 7 -19.06 14.87 6.64
C ALA B 7 -19.68 15.84 7.64
N VAL B 8 -19.95 17.06 7.18
CA VAL B 8 -20.52 18.10 8.03
C VAL B 8 -21.89 18.57 7.51
N PRO B 9 -22.93 18.43 8.33
CA PRO B 9 -24.29 18.84 7.97
C PRO B 9 -24.43 20.36 7.83
N ALA B 10 -25.31 20.82 6.95
CA ALA B 10 -25.55 22.25 6.79
C ALA B 10 -25.93 22.83 8.15
N PRO B 11 -25.40 24.01 8.48
CA PRO B 11 -25.75 24.66 9.75
C PRO B 11 -27.00 25.52 9.61
N ASN B 12 -27.80 25.56 10.66
CA ASN B 12 -28.76 26.62 10.82
C ASN B 12 -28.01 27.88 11.25
N GLN B 13 -27.89 28.84 10.35
CA GLN B 13 -27.07 30.03 10.62
C GLN B 13 -27.72 31.04 11.58
N GLN B 14 -28.97 30.76 11.91
CA GLN B 14 -29.74 31.59 12.83
C GLN B 14 -30.39 30.72 13.90
N PRO B 15 -29.57 29.99 14.66
CA PRO B 15 -30.12 29.01 15.61
C PRO B 15 -30.91 29.70 16.72
N GLU B 16 -32.01 29.07 17.14
CA GLU B 16 -32.84 29.59 18.21
C GLU B 16 -32.16 29.41 19.58
N VAL B 17 -32.39 30.36 20.48
CA VAL B 17 -31.87 30.29 21.84
C VAL B 17 -32.99 29.85 22.81
N PHE B 18 -32.70 28.87 23.65
CA PHE B 18 -33.70 28.31 24.56
C PHE B 18 -33.37 28.57 26.03
N CYS B 19 -32.08 28.70 26.33
CA CYS B 19 -31.61 28.79 27.70
C CYS B 19 -30.79 30.05 27.92
N ASN B 20 -31.29 30.95 28.77
CA ASN B 20 -30.63 32.22 29.01
C ASN B 20 -30.80 32.72 30.45
N GLN B 21 -30.97 31.78 31.37
CA GLN B 21 -31.16 32.12 32.78
C GLN B 21 -30.11 31.44 33.66
N ILE B 22 -30.28 31.56 34.96
CA ILE B 22 -29.36 30.93 35.91
C ILE B 22 -29.86 29.53 36.24
N PHE B 23 -28.95 28.56 36.22
CA PHE B 23 -29.28 27.16 36.44
C PHE B 23 -28.93 26.71 37.85
N ILE B 24 -29.94 26.51 38.67
CA ILE B 24 -29.75 26.08 40.06
C ILE B 24 -30.77 25.01 40.42
N ASN B 25 -30.30 23.88 40.94
CA ASN B 25 -31.20 22.78 41.30
C ASN B 25 -32.04 22.30 40.12
N ASN B 26 -31.42 22.20 38.94
CA ASN B 26 -32.10 21.78 37.72
C ASN B 26 -33.25 22.72 37.32
N GLU B 27 -33.13 23.94 37.81
CA GLU B 27 -34.15 24.96 37.68
C GLU B 27 -33.58 26.19 36.96
N TRP B 28 -34.41 26.84 36.16
CA TRP B 28 -33.98 28.10 35.53
C TRP B 28 -34.52 29.29 36.33
N HIS B 29 -33.60 30.15 36.76
CA HIS B 29 -33.93 31.30 37.61
C HIS B 29 -33.48 32.60 36.98
N ASP B 30 -34.24 33.67 37.21
CA ASP B 30 -33.76 35.00 36.88
C ASP B 30 -32.76 35.39 37.94
N ALA B 31 -31.94 36.41 37.66
CA ALA B 31 -31.12 37.00 38.70
C ALA B 31 -32.05 37.48 39.80
N VAL B 32 -31.59 37.46 41.04
CA VAL B 32 -32.35 38.04 42.14
C VAL B 32 -32.70 39.50 41.80
N SER B 33 -31.79 40.15 41.06
CA SER B 33 -31.93 41.54 40.68
C SER B 33 -32.78 41.71 39.43
N ARG B 34 -33.07 40.59 38.77
CA ARG B 34 -33.80 40.58 37.50
C ARG B 34 -33.00 41.18 36.35
N LYS B 35 -31.70 41.43 36.58
CA LYS B 35 -30.86 42.00 35.53
C LYS B 35 -30.49 40.98 34.46
N THR B 36 -30.27 41.47 33.25
CA THR B 36 -29.82 40.65 32.14
C THR B 36 -28.75 41.42 31.37
N PHE B 37 -27.93 40.72 30.60
CA PHE B 37 -26.91 41.38 29.81
C PHE B 37 -26.94 40.85 28.37
N PRO B 38 -26.57 41.69 27.40
CA PRO B 38 -26.62 41.25 26.00
C PRO B 38 -25.35 40.49 25.64
N THR B 39 -25.49 39.39 24.90
CA THR B 39 -24.33 38.73 24.32
C THR B 39 -24.30 39.03 22.83
N VAL B 40 -23.10 39.24 22.29
CA VAL B 40 -22.96 39.71 20.91
C VAL B 40 -22.40 38.65 19.96
N ASN B 41 -22.92 38.65 18.74
CA ASN B 41 -22.38 37.86 17.64
C ASN B 41 -21.15 38.60 17.10
N PRO B 42 -19.96 38.00 17.24
CA PRO B 42 -18.72 38.67 16.83
C PRO B 42 -18.58 38.89 15.31
N SER B 43 -19.33 38.16 14.50
CA SER B 43 -19.22 38.28 13.04
C SER B 43 -19.98 39.47 12.51
N THR B 44 -21.04 39.84 13.23
CA THR B 44 -21.95 40.89 12.80
C THR B 44 -21.94 42.08 13.76
N GLY B 45 -21.46 41.84 14.98
CA GLY B 45 -21.45 42.87 16.00
C GLY B 45 -22.85 43.12 16.54
N GLU B 46 -23.77 42.21 16.25
CA GLU B 46 -25.15 42.39 16.66
C GLU B 46 -25.50 41.56 17.90
N VAL B 47 -26.41 42.08 18.72
CA VAL B 47 -26.85 41.41 19.94
C VAL B 47 -27.64 40.15 19.60
N ILE B 48 -27.27 39.04 20.20
CA ILE B 48 -27.97 37.77 19.98
C ILE B 48 -29.22 37.69 20.85
N CYS B 49 -29.05 37.93 22.14
CA CYS B 49 -30.15 37.93 23.10
C CYS B 49 -29.61 38.41 24.43
N GLN B 50 -30.52 38.53 25.40
CA GLN B 50 -30.15 38.91 26.76
C GLN B 50 -30.02 37.65 27.60
N VAL B 51 -29.13 37.71 28.58
CA VAL B 51 -28.89 36.58 29.48
C VAL B 51 -28.92 37.08 30.92
N ALA B 52 -29.50 36.28 31.82
CA ALA B 52 -29.52 36.62 33.23
C ALA B 52 -28.12 36.97 33.73
N GLU B 53 -28.00 38.06 34.49
CA GLU B 53 -26.71 38.48 35.02
C GLU B 53 -26.57 38.09 36.48
N GLY B 54 -26.02 36.91 36.72
CA GLY B 54 -25.83 36.42 38.08
C GLY B 54 -24.82 37.26 38.85
N ASP B 55 -25.00 37.33 40.16
CA ASP B 55 -24.07 38.07 41.01
C ASP B 55 -23.80 37.28 42.29
N LYS B 56 -23.33 37.96 43.33
CA LYS B 56 -22.97 37.29 44.58
C LYS B 56 -24.14 36.58 45.26
N GLU B 57 -25.33 37.16 45.20
CA GLU B 57 -26.50 36.55 45.80
C GLU B 57 -26.93 35.29 45.05
N ASP B 58 -26.74 35.31 43.74
CA ASP B 58 -27.05 34.16 42.91
C ASP B 58 -26.02 33.05 43.11
N VAL B 59 -24.75 33.43 43.21
CA VAL B 59 -23.69 32.50 43.55
C VAL B 59 -23.97 31.85 44.92
N ASP B 60 -24.40 32.68 45.88
CA ASP B 60 -24.71 32.17 47.21
C ASP B 60 -25.82 31.12 47.19
N LYS B 61 -26.82 31.31 46.34
CA LYS B 61 -27.90 30.33 46.19
C LYS B 61 -27.39 29.05 45.54
N ALA B 62 -26.56 29.20 44.50
CA ALA B 62 -25.97 28.06 43.84
C ALA B 62 -25.12 27.25 44.82
N VAL B 63 -24.29 27.93 45.59
CA VAL B 63 -23.43 27.23 46.54
C VAL B 63 -24.26 26.42 47.55
N LYS B 64 -25.31 27.03 48.09
CA LYS B 64 -26.16 26.34 49.04
C LYS B 64 -26.76 25.07 48.43
N ALA B 65 -27.21 25.17 47.18
CA ALA B 65 -27.80 24.03 46.50
C ALA B 65 -26.79 22.91 46.30
N ALA B 66 -25.54 23.28 46.01
CA ALA B 66 -24.49 22.29 45.81
C ALA B 66 -24.13 21.63 47.13
N ARG B 67 -23.98 22.43 48.16
CA ARG B 67 -23.70 21.91 49.49
C ARG B 67 -24.76 20.89 49.90
N ALA B 68 -26.03 21.20 49.62
CA ALA B 68 -27.13 20.31 49.98
C ALA B 68 -27.10 19.00 49.19
N ALA B 69 -26.75 19.07 47.92
CA ALA B 69 -26.64 17.86 47.10
C ALA B 69 -25.47 16.99 47.54
N PHE B 70 -24.52 17.58 48.27
CA PHE B 70 -23.31 16.90 48.69
C PHE B 70 -23.41 16.35 50.11
N GLN B 71 -24.55 16.59 50.77
CA GLN B 71 -24.77 16.08 52.12
C GLN B 71 -24.77 14.55 52.16
N LEU B 72 -24.07 14.01 53.14
CA LEU B 72 -24.08 12.57 53.41
C LEU B 72 -25.51 12.04 53.36
N GLY B 73 -25.72 10.95 52.62
CA GLY B 73 -27.04 10.34 52.52
C GLY B 73 -27.88 10.85 51.35
N SER B 74 -27.40 11.91 50.69
CA SER B 74 -28.07 12.44 49.51
C SER B 74 -28.01 11.45 48.36
N PRO B 75 -28.87 11.63 47.36
CA PRO B 75 -28.80 10.75 46.18
C PRO B 75 -27.42 10.76 45.53
N TRP B 76 -26.79 11.92 45.42
CA TRP B 76 -25.50 12.03 44.75
C TRP B 76 -24.36 11.39 45.55
N ARG B 77 -24.48 11.37 46.88
CA ARG B 77 -23.46 10.74 47.72
C ARG B 77 -23.60 9.22 47.79
N ARG B 78 -24.83 8.74 47.82
CA ARG B 78 -25.09 7.32 47.93
C ARG B 78 -24.96 6.59 46.61
N MET B 79 -25.10 7.34 45.53
CA MET B 79 -25.08 6.79 44.17
C MET B 79 -23.81 5.98 43.88
N ASP B 80 -23.97 4.81 43.28
CA ASP B 80 -22.82 3.97 42.90
C ASP B 80 -21.90 4.73 41.99
N ALA B 81 -20.59 4.57 42.17
CA ALA B 81 -19.63 5.23 41.30
C ALA B 81 -19.91 4.89 39.83
N SER B 82 -20.21 3.61 39.56
CA SER B 82 -20.49 3.16 38.20
C SER B 82 -21.66 3.92 37.59
N HIS B 83 -22.58 4.36 38.44
CA HIS B 83 -23.78 5.03 37.97
C HIS B 83 -23.48 6.49 37.62
N ARG B 84 -22.56 7.10 38.34
CA ARG B 84 -22.06 8.41 37.95
C ARG B 84 -21.51 8.29 36.52
N GLY B 85 -20.87 7.14 36.24
CA GLY B 85 -20.37 6.83 34.92
C GLY B 85 -21.48 6.78 33.87
N ARG B 86 -22.59 6.15 34.21
CA ARG B 86 -23.73 6.05 33.30
C ARG B 86 -24.26 7.44 32.97
N LEU B 87 -24.28 8.31 33.98
CA LEU B 87 -24.81 9.66 33.82
C LEU B 87 -23.99 10.49 32.84
N LEU B 88 -22.66 10.46 33.00
CA LEU B 88 -21.76 11.17 32.08
C LEU B 88 -21.87 10.67 30.65
N ASN B 89 -22.08 9.36 30.48
CA ASN B 89 -22.26 8.77 29.17
C ASN B 89 -23.58 9.19 28.55
N ARG B 90 -24.62 9.26 29.37
CA ARG B 90 -25.92 9.77 28.91
C ARG B 90 -25.84 11.24 28.49
N LEU B 91 -25.13 12.05 29.27
CA LEU B 91 -24.91 13.45 28.90
C LEU B 91 -24.22 13.56 27.55
N ALA B 92 -23.15 12.79 27.36
CA ALA B 92 -22.45 12.75 26.08
C ALA B 92 -23.39 12.40 24.95
N ASP B 93 -24.25 11.41 25.19
CA ASP B 93 -25.22 10.95 24.19
C ASP B 93 -26.18 12.08 23.80
N LEU B 94 -26.70 12.79 24.79
CA LEU B 94 -27.61 13.89 24.54
C LEU B 94 -26.91 15.01 23.76
N ILE B 95 -25.66 15.26 24.12
CA ILE B 95 -24.84 16.25 23.41
C ILE B 95 -24.63 15.86 21.94
N GLU B 96 -24.28 14.60 21.69
CA GLU B 96 -24.11 14.15 20.31
C GLU B 96 -25.43 14.26 19.55
N ARG B 97 -26.53 13.96 20.22
CA ARG B 97 -27.86 14.12 19.64
C ARG B 97 -28.06 15.54 19.11
N ASP B 98 -27.60 16.52 19.89
CA ASP B 98 -27.79 17.93 19.55
C ASP B 98 -26.50 18.56 18.99
N ARG B 99 -25.64 17.71 18.42
CA ARG B 99 -24.33 18.14 17.94
C ARG B 99 -24.38 19.25 16.89
N THR B 100 -25.27 19.09 15.91
CA THR B 100 -25.37 20.05 14.81
C THR B 100 -25.83 21.41 15.33
N TYR B 101 -26.77 21.39 16.26
CA TYR B 101 -27.28 22.61 16.87
C TYR B 101 -26.26 23.32 17.76
N LEU B 102 -25.61 22.57 18.63
CA LEU B 102 -24.61 23.15 19.55
C LEU B 102 -23.40 23.70 18.79
N ALA B 103 -23.02 23.03 17.71
CA ALA B 103 -21.95 23.49 16.86
C ALA B 103 -22.26 24.87 16.24
N ALA B 104 -23.50 25.04 15.78
CA ALA B 104 -23.93 26.32 15.21
C ALA B 104 -24.02 27.41 16.28
N LEU B 105 -24.57 27.06 17.44
CA LEU B 105 -24.72 28.01 18.54
C LEU B 105 -23.35 28.47 19.06
N GLU B 106 -22.39 27.54 19.08
CA GLU B 106 -21.01 27.85 19.49
C GLU B 106 -20.39 28.89 18.55
N THR B 107 -20.50 28.63 17.25
CA THR B 107 -20.00 29.54 16.22
C THR B 107 -20.68 30.92 16.26
N LEU B 108 -21.98 30.94 16.50
CA LEU B 108 -22.73 32.19 16.53
C LEU B 108 -22.24 33.10 17.65
N ASP B 109 -22.08 32.52 18.83
CA ASP B 109 -21.71 33.26 20.04
C ASP B 109 -20.20 33.54 20.15
N ASN B 110 -19.40 32.62 19.60
CA ASN B 110 -17.94 32.68 19.72
C ASN B 110 -17.22 33.19 18.47
N GLY B 111 -17.67 32.77 17.29
CA GLY B 111 -17.13 33.24 16.03
C GLY B 111 -16.29 32.23 15.24
N LYS B 112 -15.92 31.12 15.89
CA LYS B 112 -15.09 30.12 15.24
C LYS B 112 -15.83 29.48 14.07
N PRO B 113 -15.11 29.04 13.02
CA PRO B 113 -15.77 28.43 11.87
C PRO B 113 -16.66 27.25 12.29
N TYR B 114 -17.86 27.18 11.75
CA TYR B 114 -18.78 26.09 12.06
C TYR B 114 -18.20 24.69 11.82
N VAL B 115 -17.45 24.54 10.73
CA VAL B 115 -16.83 23.25 10.40
C VAL B 115 -15.93 22.78 11.55
N ILE B 116 -15.22 23.73 12.16
CA ILE B 116 -14.34 23.44 13.28
C ILE B 116 -15.11 23.18 14.59
N SER B 117 -16.18 23.93 14.82
CA SER B 117 -17.03 23.68 15.98
C SER B 117 -17.59 22.27 15.94
N TYR B 118 -17.97 21.84 14.76
CA TYR B 118 -18.57 20.53 14.56
C TYR B 118 -17.55 19.39 14.64
N LEU B 119 -16.48 19.50 13.86
CA LEU B 119 -15.53 18.39 13.74
C LEU B 119 -14.49 18.36 14.86
N VAL B 120 -14.12 19.53 15.38
CA VAL B 120 -13.16 19.59 16.49
C VAL B 120 -13.82 19.73 17.85
N ASP B 121 -14.37 20.91 18.13
CA ASP B 121 -14.92 21.21 19.45
C ASP B 121 -15.89 20.14 19.95
N LEU B 122 -16.96 19.90 19.20
CA LEU B 122 -18.00 18.97 19.64
C LEU B 122 -17.49 17.53 19.80
N ASP B 123 -16.59 17.13 18.93
CA ASP B 123 -16.02 15.79 19.02
C ASP B 123 -15.19 15.67 20.30
N MET B 124 -14.37 16.67 20.59
CA MET B 124 -13.52 16.65 21.78
C MET B 124 -14.33 16.68 23.07
N VAL B 125 -15.49 17.35 23.02
CA VAL B 125 -16.43 17.37 24.13
C VAL B 125 -16.93 15.97 24.42
N LEU B 126 -17.34 15.27 23.36
CA LEU B 126 -17.86 13.91 23.47
C LEU B 126 -16.78 12.97 23.98
N LYS B 127 -15.58 13.11 23.43
CA LYS B 127 -14.48 12.23 23.80
C LYS B 127 -14.08 12.48 25.25
N CYS B 128 -14.15 13.73 25.68
CA CYS B 128 -13.83 14.08 27.07
C CYS B 128 -14.79 13.45 28.08
N LEU B 129 -16.08 13.70 27.92
CA LEU B 129 -17.08 13.14 28.83
C LEU B 129 -17.07 11.60 28.82
N ARG B 130 -16.96 10.99 27.65
CA ARG B 130 -16.91 9.55 27.58
C ARG B 130 -15.65 8.97 28.24
N TYR B 131 -14.55 9.71 28.16
CA TYR B 131 -13.33 9.27 28.84
C TYR B 131 -13.55 9.22 30.36
N TYR B 132 -14.02 10.33 30.93
CA TYR B 132 -14.20 10.43 32.37
C TYR B 132 -15.34 9.57 32.94
N ALA B 133 -16.36 9.30 32.13
CA ALA B 133 -17.39 8.36 32.53
C ALA B 133 -16.72 7.05 32.93
N GLY B 134 -15.68 6.69 32.20
CA GLY B 134 -14.95 5.45 32.45
C GLY B 134 -14.19 5.46 33.75
N TRP B 135 -13.77 6.65 34.19
CA TRP B 135 -12.94 6.80 35.38
C TRP B 135 -13.74 6.75 36.69
N ALA B 136 -15.05 6.88 36.59
CA ALA B 136 -15.92 7.01 37.77
C ALA B 136 -15.70 5.93 38.83
N ASP B 137 -15.57 4.67 38.40
CA ASP B 137 -15.44 3.56 39.35
C ASP B 137 -14.10 2.85 39.26
N LYS B 138 -13.06 3.59 38.87
CA LYS B 138 -11.72 2.99 38.71
C LYS B 138 -10.60 3.79 39.39
N TYR B 139 -10.98 4.76 40.22
CA TYR B 139 -9.99 5.57 40.95
C TYR B 139 -9.76 5.06 42.39
N HIS B 140 -9.04 3.96 42.53
CA HIS B 140 -8.91 3.23 43.78
C HIS B 140 -8.05 3.92 44.85
N GLY B 141 -8.39 3.68 46.12
CA GLY B 141 -7.52 4.01 47.22
C GLY B 141 -6.55 2.86 47.39
N LYS B 142 -5.87 2.78 48.53
CA LYS B 142 -4.81 1.79 48.72
C LYS B 142 -4.96 1.03 50.03
N THR B 143 -4.49 -0.21 50.06
CA THR B 143 -4.26 -0.89 51.33
C THR B 143 -2.76 -0.87 51.55
N ILE B 144 -2.35 -0.48 52.76
CA ILE B 144 -0.96 -0.07 53.02
C ILE B 144 -0.29 -0.93 54.10
N PRO B 145 0.91 -1.47 53.77
CA PRO B 145 1.65 -2.39 54.64
C PRO B 145 2.39 -1.66 55.77
N ILE B 146 1.65 -0.90 56.58
CA ILE B 146 2.23 -0.11 57.66
C ILE B 146 2.87 -0.99 58.74
N ASP B 147 3.89 -0.47 59.42
CA ASP B 147 4.50 -1.18 60.52
C ASP B 147 3.48 -1.47 61.61
N GLY B 148 3.71 -2.54 62.37
CA GLY B 148 2.91 -2.84 63.55
C GLY B 148 1.66 -3.66 63.24
N ASP B 149 0.92 -4.01 64.29
CA ASP B 149 -0.32 -4.77 64.14
C ASP B 149 -1.48 -3.85 63.79
N PHE B 150 -1.49 -3.37 62.55
CA PHE B 150 -2.52 -2.45 62.09
C PHE B 150 -2.92 -2.81 60.66
N PHE B 151 -4.18 -2.53 60.34
CA PHE B 151 -4.65 -2.57 58.97
C PHE B 151 -4.87 -1.11 58.57
N SER B 152 -4.11 -0.64 57.59
CA SER B 152 -4.19 0.75 57.16
C SER B 152 -4.62 0.84 55.70
N TYR B 153 -5.50 1.78 55.40
CA TYR B 153 -5.93 2.00 54.02
C TYR B 153 -6.35 3.45 53.76
N THR B 154 -6.53 3.81 52.50
CA THR B 154 -7.00 5.15 52.15
C THR B 154 -8.30 5.13 51.34
N ARG B 155 -9.16 6.12 51.60
CA ARG B 155 -10.35 6.35 50.79
C ARG B 155 -10.13 7.61 49.98
N HIS B 156 -10.45 7.54 48.69
CA HIS B 156 -10.37 8.72 47.83
C HIS B 156 -11.75 9.39 47.72
N GLU B 157 -12.00 10.35 48.59
CA GLU B 157 -13.29 11.02 48.67
C GLU B 157 -13.32 12.30 47.85
N PRO B 158 -14.52 12.76 47.46
CA PRO B 158 -14.58 13.98 46.67
C PRO B 158 -14.18 15.18 47.51
N VAL B 159 -13.68 16.23 46.87
CA VAL B 159 -13.28 17.43 47.58
C VAL B 159 -14.50 18.16 48.13
N GLY B 160 -15.61 18.07 47.39
CA GLY B 160 -16.85 18.71 47.81
C GLY B 160 -17.39 19.70 46.79
N VAL B 161 -17.65 20.92 47.25
CA VAL B 161 -18.19 21.95 46.38
C VAL B 161 -17.08 22.64 45.59
N CYS B 162 -17.11 22.46 44.27
CA CYS B 162 -16.04 22.95 43.40
C CYS B 162 -16.53 24.10 42.52
N GLY B 163 -15.89 25.25 42.68
CA GLY B 163 -16.18 26.39 41.84
C GLY B 163 -15.36 26.32 40.57
N GLN B 164 -16.02 26.46 39.43
CA GLN B 164 -15.34 26.36 38.14
C GLN B 164 -15.63 27.59 37.28
N ILE B 165 -14.56 28.24 36.84
CA ILE B 165 -14.66 29.45 36.04
C ILE B 165 -14.00 29.19 34.68
N ILE B 166 -14.78 29.25 33.62
CA ILE B 166 -14.27 28.86 32.31
C ILE B 166 -14.26 30.03 31.31
N PRO B 167 -13.27 30.03 30.40
CA PRO B 167 -13.05 31.12 29.45
C PRO B 167 -13.93 31.00 28.22
N TRP B 168 -13.75 31.91 27.27
CA TRP B 168 -14.65 32.05 26.13
C TRP B 168 -14.11 31.47 24.82
N ASN B 169 -12.86 31.00 24.84
CA ASN B 169 -12.21 30.57 23.60
C ASN B 169 -12.64 29.19 23.12
N PHE B 170 -12.93 28.29 24.08
CA PHE B 170 -13.51 26.97 23.79
C PHE B 170 -14.66 26.72 24.76
N PRO B 171 -15.80 27.42 24.56
CA PRO B 171 -16.88 27.42 25.55
C PRO B 171 -17.35 26.01 25.96
N LEU B 172 -17.69 25.18 24.98
CA LEU B 172 -18.17 23.83 25.26
C LEU B 172 -17.08 22.88 25.79
N LEU B 173 -15.89 22.95 25.20
CA LEU B 173 -14.83 22.03 25.57
C LEU B 173 -14.29 22.27 26.98
N MET B 174 -14.11 23.54 27.35
CA MET B 174 -13.66 23.89 28.69
C MET B 174 -14.69 23.50 29.75
N GLN B 175 -15.97 23.55 29.38
CA GLN B 175 -17.03 23.10 30.28
C GLN B 175 -16.85 21.60 30.55
N ALA B 176 -16.65 20.84 29.49
CA ALA B 176 -16.44 19.39 29.57
C ALA B 176 -15.16 19.02 30.33
N TRP B 177 -14.06 19.72 30.05
CA TRP B 177 -12.79 19.48 30.75
C TRP B 177 -12.94 19.62 32.26
N LYS B 178 -13.91 20.43 32.66
CA LYS B 178 -14.15 20.73 34.06
C LYS B 178 -15.15 19.75 34.69
N LEU B 179 -16.27 19.53 34.02
CA LEU B 179 -17.33 18.65 34.53
C LEU B 179 -16.94 17.19 34.55
N GLY B 180 -16.22 16.74 33.52
CA GLY B 180 -15.79 15.36 33.44
C GLY B 180 -15.18 14.83 34.72
N PRO B 181 -14.02 15.37 35.11
CA PRO B 181 -13.28 14.91 36.28
C PRO B 181 -13.99 15.20 37.61
N ALA B 182 -14.62 16.37 37.73
CA ALA B 182 -15.32 16.73 38.95
C ALA B 182 -16.44 15.74 39.25
N LEU B 183 -17.23 15.42 38.23
CA LEU B 183 -18.38 14.54 38.40
C LEU B 183 -18.00 13.07 38.49
N ALA B 184 -17.07 12.63 37.65
CA ALA B 184 -16.54 11.29 37.76
C ALA B 184 -16.15 10.95 39.20
N THR B 185 -15.65 11.95 39.93
CA THR B 185 -15.18 11.74 41.30
C THR B 185 -16.20 12.12 42.38
N GLY B 186 -17.43 12.41 41.98
CA GLY B 186 -18.51 12.61 42.94
C GLY B 186 -18.62 14.00 43.56
N ASN B 187 -17.95 14.98 42.96
CA ASN B 187 -18.05 16.35 43.45
C ASN B 187 -19.35 16.99 43.00
N VAL B 188 -19.62 18.19 43.50
CA VAL B 188 -20.73 19.02 43.01
C VAL B 188 -20.11 20.33 42.53
N VAL B 189 -20.80 21.03 41.64
CA VAL B 189 -20.16 22.10 40.90
C VAL B 189 -21.01 23.37 40.87
N VAL B 190 -20.34 24.51 41.03
CA VAL B 190 -20.92 25.81 40.76
C VAL B 190 -20.05 26.45 39.69
N MET B 191 -20.59 26.57 38.49
CA MET B 191 -19.80 26.96 37.32
C MET B 191 -20.14 28.36 36.84
N LYS B 192 -19.11 29.18 36.66
CA LYS B 192 -19.29 30.51 36.08
C LYS B 192 -18.82 30.46 34.63
N VAL B 193 -19.71 30.78 33.70
CA VAL B 193 -19.34 30.80 32.29
C VAL B 193 -19.01 32.21 31.84
N ALA B 194 -18.27 32.33 30.73
CA ALA B 194 -17.84 33.64 30.26
C ALA B 194 -19.01 34.44 29.69
N GLU B 195 -18.98 35.75 29.91
CA GLU B 195 -20.06 36.61 29.47
C GLU B 195 -20.06 36.77 27.96
N GLN B 196 -18.91 36.53 27.34
CA GLN B 196 -18.81 36.56 25.88
C GLN B 196 -19.49 35.36 25.23
N THR B 197 -19.50 34.22 25.92
CA THR B 197 -19.99 32.96 25.36
C THR B 197 -20.71 32.09 26.40
N PRO B 198 -21.88 32.55 26.88
CA PRO B 198 -22.59 31.79 27.91
C PRO B 198 -23.62 30.80 27.37
N LEU B 199 -24.06 31.01 26.13
CA LEU B 199 -25.19 30.28 25.57
C LEU B 199 -25.05 28.75 25.52
N THR B 200 -24.01 28.26 24.84
CA THR B 200 -23.87 26.81 24.69
C THR B 200 -23.79 26.08 26.03
N ALA B 201 -23.10 26.67 27.01
CA ALA B 201 -22.99 26.05 28.32
C ALA B 201 -24.34 25.95 29.02
N LEU B 202 -25.18 26.96 28.82
CA LEU B 202 -26.51 26.95 29.42
C LEU B 202 -27.40 25.90 28.78
N TYR B 203 -27.25 25.70 27.47
CA TYR B 203 -28.00 24.65 26.83
C TYR B 203 -27.60 23.28 27.37
N VAL B 204 -26.30 23.10 27.58
CA VAL B 204 -25.81 21.83 28.14
C VAL B 204 -26.42 21.55 29.51
N ALA B 205 -26.52 22.58 30.34
CA ALA B 205 -27.16 22.43 31.65
C ALA B 205 -28.55 21.80 31.50
N ASN B 206 -29.28 22.22 30.47
CA ASN B 206 -30.57 21.62 30.15
C ASN B 206 -30.45 20.11 29.93
N LEU B 207 -29.37 19.70 29.28
CA LEU B 207 -29.09 18.29 28.98
C LEU B 207 -28.61 17.53 30.21
N ILE B 208 -28.00 18.26 31.15
CA ILE B 208 -27.59 17.68 32.43
C ILE B 208 -28.82 17.30 33.24
N LYS B 209 -29.86 18.11 33.17
CA LYS B 209 -31.13 17.81 33.82
C LYS B 209 -31.83 16.64 33.14
N GLU B 210 -31.84 16.65 31.81
CA GLU B 210 -32.41 15.58 31.00
C GLU B 210 -31.70 14.25 31.21
N ALA B 211 -30.41 14.29 31.47
CA ALA B 211 -29.60 13.08 31.64
C ALA B 211 -29.90 12.35 32.95
N GLY B 212 -30.45 13.10 33.91
CA GLY B 212 -30.80 12.52 35.20
C GLY B 212 -29.93 12.90 36.39
N PHE B 213 -28.98 13.81 36.18
CA PHE B 213 -28.20 14.33 37.31
C PHE B 213 -29.13 14.94 38.37
N PRO B 214 -28.91 14.57 39.64
CA PRO B 214 -29.74 15.08 40.74
C PRO B 214 -29.59 16.60 40.86
N PRO B 215 -30.65 17.29 41.29
CA PRO B 215 -30.61 18.76 41.40
C PRO B 215 -29.50 19.20 42.33
N GLY B 216 -28.73 20.21 41.91
CA GLY B 216 -27.70 20.80 42.73
C GLY B 216 -26.30 20.29 42.43
N VAL B 217 -26.22 19.21 41.67
CA VAL B 217 -24.92 18.59 41.34
C VAL B 217 -24.12 19.44 40.37
N VAL B 218 -24.80 20.09 39.42
CA VAL B 218 -24.18 21.09 38.57
C VAL B 218 -25.02 22.36 38.57
N ASN B 219 -24.42 23.47 38.98
CA ASN B 219 -25.10 24.76 38.95
C ASN B 219 -24.31 25.72 38.08
N ILE B 220 -25.00 26.46 37.22
CA ILE B 220 -24.31 27.35 36.29
C ILE B 220 -24.81 28.78 36.42
N VAL B 221 -23.87 29.69 36.67
CA VAL B 221 -24.21 31.09 36.89
C VAL B 221 -23.51 31.96 35.87
N PRO B 222 -24.26 32.37 34.84
CA PRO B 222 -23.70 33.29 33.85
C PRO B 222 -23.63 34.69 34.46
N GLY B 223 -22.61 35.45 34.10
CA GLY B 223 -22.44 36.79 34.64
C GLY B 223 -21.06 37.31 34.32
N PHE B 224 -20.59 38.26 35.13
CA PHE B 224 -19.27 38.86 34.92
C PHE B 224 -18.24 38.39 35.94
N GLY B 225 -16.98 38.73 35.68
CA GLY B 225 -15.88 38.25 36.49
C GLY B 225 -15.75 38.91 37.84
N PRO B 226 -15.65 40.25 37.87
CA PRO B 226 -15.52 40.98 39.13
C PRO B 226 -16.69 40.73 40.07
N THR B 227 -17.80 40.27 39.51
CA THR B 227 -19.02 40.01 40.27
C THR B 227 -19.13 38.53 40.64
N ALA B 228 -19.62 37.73 39.69
CA ALA B 228 -19.89 36.32 39.93
C ALA B 228 -18.61 35.50 40.15
N GLY B 229 -17.61 35.71 39.31
CA GLY B 229 -16.36 34.98 39.43
C GLY B 229 -15.69 35.16 40.78
N ALA B 230 -15.54 36.41 41.20
CA ALA B 230 -14.91 36.71 42.49
C ALA B 230 -15.73 36.17 43.67
N ALA B 231 -17.05 36.15 43.49
CA ALA B 231 -17.97 35.63 44.50
C ALA B 231 -17.71 34.14 44.74
N ILE B 232 -17.42 33.41 43.66
CA ILE B 232 -17.10 31.99 43.77
C ILE B 232 -15.75 31.78 44.43
N ALA B 233 -14.74 32.48 43.93
CA ALA B 233 -13.37 32.33 44.44
C ALA B 233 -13.27 32.71 45.90
N SER B 234 -14.10 33.66 46.34
CA SER B 234 -14.00 34.16 47.70
C SER B 234 -14.97 33.50 48.67
N HIS B 235 -15.89 32.68 48.14
CA HIS B 235 -16.94 32.09 48.96
C HIS B 235 -16.40 31.16 50.06
N GLU B 236 -16.92 31.33 51.27
CA GLU B 236 -16.43 30.60 52.42
C GLU B 236 -16.76 29.11 52.39
N ASP B 237 -17.77 28.74 51.59
CA ASP B 237 -18.21 27.34 51.56
C ASP B 237 -17.83 26.60 50.28
N VAL B 238 -16.93 27.18 49.49
CA VAL B 238 -16.42 26.54 48.30
C VAL B 238 -15.10 25.87 48.64
N ASP B 239 -15.02 24.56 48.42
CA ASP B 239 -13.86 23.78 48.83
C ASP B 239 -12.70 23.83 47.86
N LYS B 240 -13.00 24.08 46.59
CA LYS B 240 -11.99 24.08 45.54
C LYS B 240 -12.41 25.06 44.47
N VAL B 241 -11.45 25.80 43.92
CA VAL B 241 -11.72 26.63 42.75
C VAL B 241 -10.78 26.28 41.60
N ALA B 242 -11.35 26.13 40.42
CA ALA B 242 -10.59 25.92 39.21
C ALA B 242 -10.85 27.06 38.23
N PHE B 243 -9.77 27.67 37.75
CA PHE B 243 -9.88 28.79 36.83
C PHE B 243 -8.99 28.61 35.60
N THR B 244 -9.55 28.89 34.43
CA THR B 244 -8.79 28.95 33.20
C THR B 244 -9.00 30.32 32.58
N GLY B 245 -7.91 31.00 32.20
CA GLY B 245 -8.00 32.33 31.63
C GLY B 245 -6.67 33.07 31.60
N SER B 246 -6.74 34.39 31.44
CA SER B 246 -5.53 35.22 31.41
C SER B 246 -4.75 35.09 32.72
N THR B 247 -3.43 35.31 32.65
CA THR B 247 -2.58 35.18 33.82
C THR B 247 -2.81 36.30 34.84
N GLU B 248 -3.17 37.48 34.35
CA GLU B 248 -3.44 38.60 35.23
C GLU B 248 -4.63 38.27 36.12
N ILE B 249 -5.73 37.85 35.49
CA ILE B 249 -6.96 37.52 36.21
C ILE B 249 -6.78 36.27 37.07
N GLY B 250 -5.87 35.40 36.66
CA GLY B 250 -5.53 34.22 37.44
C GLY B 250 -4.93 34.59 38.77
N ARG B 251 -4.07 35.60 38.78
CA ARG B 251 -3.42 36.06 40.02
C ARG B 251 -4.45 36.62 41.00
N VAL B 252 -5.53 37.16 40.46
CA VAL B 252 -6.63 37.69 41.26
C VAL B 252 -7.43 36.57 41.95
N ILE B 253 -7.80 35.54 41.16
CA ILE B 253 -8.56 34.40 41.66
C ILE B 253 -7.81 33.66 42.76
N GLN B 254 -6.49 33.53 42.57
CA GLN B 254 -5.63 32.86 43.52
C GLN B 254 -5.51 33.68 44.80
N VAL B 255 -5.65 34.99 44.65
CA VAL B 255 -5.62 35.91 45.78
C VAL B 255 -6.91 35.86 46.59
N ALA B 256 -8.03 35.71 45.89
CA ALA B 256 -9.34 35.64 46.54
C ALA B 256 -9.47 34.39 47.42
N ALA B 257 -8.90 33.28 46.94
CA ALA B 257 -8.98 32.01 47.65
C ALA B 257 -8.09 31.97 48.90
N GLY B 258 -7.02 32.75 48.87
CA GLY B 258 -6.08 32.77 49.98
C GLY B 258 -6.60 33.48 51.23
N SER B 259 -7.39 34.52 51.02
CA SER B 259 -7.91 35.31 52.13
C SER B 259 -9.32 34.88 52.57
N SER B 260 -9.79 33.76 52.04
CA SER B 260 -11.09 33.21 52.45
C SER B 260 -10.95 31.96 53.31
N ASN B 261 -11.04 30.78 52.68
CA ASN B 261 -11.10 29.53 53.44
C ASN B 261 -10.03 28.49 53.09
N LEU B 262 -8.88 28.94 52.62
CA LEU B 262 -7.81 28.01 52.25
C LEU B 262 -8.29 26.93 51.28
N LYS B 263 -9.15 27.33 50.35
CA LYS B 263 -9.64 26.41 49.33
C LYS B 263 -8.53 26.04 48.34
N ARG B 264 -8.58 24.81 47.84
CA ARG B 264 -7.63 24.34 46.85
C ARG B 264 -7.83 25.06 45.51
N VAL B 265 -6.75 25.61 44.96
CA VAL B 265 -6.85 26.36 43.73
C VAL B 265 -5.95 25.79 42.65
N THR B 266 -6.54 25.53 41.49
CA THR B 266 -5.77 25.15 40.32
C THR B 266 -6.02 26.18 39.22
N LEU B 267 -4.99 26.47 38.44
CA LEU B 267 -5.07 27.51 37.42
C LEU B 267 -4.52 27.04 36.09
N GLU B 268 -5.18 27.45 35.02
CA GLU B 268 -4.68 27.24 33.67
C GLU B 268 -4.63 28.62 33.03
N LEU B 269 -3.42 29.11 32.80
CA LEU B 269 -3.24 30.50 32.40
C LEU B 269 -2.63 30.63 31.00
N GLY B 270 -1.92 31.73 30.77
CA GLY B 270 -1.44 32.05 29.43
C GLY B 270 -0.18 31.33 29.01
N GLY B 271 0.32 31.69 27.85
CA GLY B 271 1.56 31.13 27.33
C GLY B 271 2.19 31.95 26.24
N LYS B 272 3.42 31.59 25.89
CA LYS B 272 4.13 32.16 24.75
C LYS B 272 4.97 31.01 24.19
N SER B 273 4.28 29.97 23.75
CA SER B 273 4.89 28.67 23.47
C SER B 273 5.83 28.68 22.28
N PRO B 274 7.05 28.16 22.46
CA PRO B 274 8.02 28.09 21.35
C PRO B 274 7.70 26.95 20.42
N ASN B 275 7.80 27.20 19.14
CA ASN B 275 7.69 26.15 18.13
C ASN B 275 9.03 26.08 17.41
N ILE B 276 9.79 25.01 17.67
CA ILE B 276 11.17 24.91 17.20
C ILE B 276 11.30 24.07 15.93
N ILE B 277 11.77 24.71 14.85
CA ILE B 277 11.94 24.06 13.57
C ILE B 277 13.43 23.84 13.26
N MET B 278 13.88 22.60 13.38
CA MET B 278 15.26 22.25 13.03
C MET B 278 15.43 22.13 11.52
N SER B 279 16.66 22.31 11.04
CA SER B 279 16.91 22.32 9.60
C SER B 279 16.59 20.98 8.91
N ASP B 280 16.60 19.90 9.68
CA ASP B 280 16.36 18.57 9.12
C ASP B 280 14.88 18.21 9.09
N ALA B 281 14.03 19.15 9.46
CA ALA B 281 12.60 18.92 9.50
C ALA B 281 12.01 18.81 8.10
N ASP B 282 10.89 18.10 8.01
CA ASP B 282 10.06 18.06 6.82
C ASP B 282 9.53 19.47 6.60
N MET B 283 9.98 20.14 5.53
CA MET B 283 9.64 21.54 5.30
C MET B 283 8.15 21.78 5.13
N ASP B 284 7.52 21.02 4.23
CA ASP B 284 6.08 21.16 3.96
C ASP B 284 5.22 20.95 5.19
N TRP B 285 5.56 19.92 5.98
CA TRP B 285 4.83 19.60 7.20
C TRP B 285 5.06 20.69 8.24
N ALA B 286 6.34 20.99 8.48
CA ALA B 286 6.72 22.04 9.42
C ALA B 286 5.99 23.36 9.16
N VAL B 287 5.96 23.78 7.90
CA VAL B 287 5.34 25.04 7.52
C VAL B 287 3.82 25.04 7.78
N GLU B 288 3.15 23.98 7.36
CA GLU B 288 1.70 23.89 7.56
C GLU B 288 1.35 23.73 9.05
N GLN B 289 2.23 23.06 9.80
CA GLN B 289 2.02 22.88 11.23
C GLN B 289 2.27 24.15 12.04
N ALA B 290 3.27 24.94 11.65
CA ALA B 290 3.56 26.21 12.28
C ALA B 290 2.44 27.23 12.02
N HIS B 291 1.82 27.12 10.86
CA HIS B 291 0.69 27.98 10.53
C HIS B 291 -0.51 27.63 11.41
N PHE B 292 -0.81 26.34 11.46
CA PHE B 292 -1.85 25.79 12.30
C PHE B 292 -1.62 26.15 13.77
N ALA B 293 -0.37 25.97 14.20
CA ALA B 293 0.00 26.15 15.61
C ALA B 293 -0.22 27.58 16.11
N LEU B 294 -0.12 28.55 15.21
CA LEU B 294 -0.25 29.94 15.61
C LEU B 294 -1.67 30.46 15.34
N PHE B 295 -2.24 30.09 14.19
CA PHE B 295 -3.49 30.69 13.74
C PHE B 295 -4.78 29.98 14.16
N PHE B 296 -4.68 28.75 14.64
CA PHE B 296 -5.89 28.00 15.01
C PHE B 296 -6.75 28.78 16.00
N ASN B 297 -8.07 28.65 15.84
CA ASN B 297 -9.04 29.32 16.69
C ASN B 297 -8.80 30.83 16.78
N GLN B 298 -8.58 31.45 15.62
CA GLN B 298 -8.29 32.89 15.54
C GLN B 298 -7.15 33.29 16.46
N GLY B 299 -6.18 32.39 16.64
CA GLY B 299 -5.04 32.65 17.52
C GLY B 299 -5.40 32.66 18.99
N GLN B 300 -6.61 32.25 19.31
CA GLN B 300 -7.12 32.34 20.67
C GLN B 300 -6.97 31.02 21.44
N CYS B 301 -5.73 30.56 21.58
CA CYS B 301 -5.40 29.41 22.41
C CYS B 301 -4.21 29.80 23.26
N SER B 302 -4.25 29.49 24.55
CA SER B 302 -3.14 29.85 25.42
C SER B 302 -1.87 29.11 25.02
N CYS B 303 -2.03 27.96 24.37
CA CYS B 303 -0.88 27.15 23.97
C CYS B 303 -0.39 27.42 22.54
N ALA B 304 -0.91 28.46 21.90
CA ALA B 304 -0.53 28.80 20.52
C ALA B 304 0.99 28.90 20.35
N GLY B 305 1.50 28.38 19.24
CA GLY B 305 2.92 28.45 18.92
C GLY B 305 3.31 29.84 18.48
N SER B 306 3.45 30.74 19.44
CA SER B 306 3.57 32.18 19.19
C SER B 306 5.01 32.67 19.12
N ARG B 307 5.96 31.74 19.26
CA ARG B 307 7.37 32.03 19.00
C ARG B 307 7.91 30.92 18.13
N THR B 308 7.94 31.14 16.82
CA THR B 308 8.39 30.12 15.89
C THR B 308 9.88 30.29 15.64
N PHE B 309 10.69 29.44 16.27
CA PHE B 309 12.13 29.44 16.08
C PHE B 309 12.50 28.57 14.86
N VAL B 310 13.21 29.16 13.90
CA VAL B 310 13.59 28.43 12.69
C VAL B 310 15.09 28.48 12.46
N GLN B 311 15.72 27.31 12.30
CA GLN B 311 17.16 27.23 12.10
C GLN B 311 17.56 28.09 10.89
N GLU B 312 18.67 28.80 11.01
CA GLU B 312 19.00 29.84 10.03
C GLU B 312 19.17 29.35 8.60
N ASP B 313 19.51 28.07 8.44
CA ASP B 313 19.73 27.49 7.11
C ASP B 313 18.45 27.25 6.31
N ILE B 314 17.30 27.20 6.98
CA ILE B 314 16.03 27.06 6.30
C ILE B 314 15.10 28.26 6.57
N TYR B 315 15.66 29.32 7.14
CA TYR B 315 14.88 30.46 7.59
C TYR B 315 14.24 31.25 6.45
N ASP B 316 15.03 31.61 5.44
CA ASP B 316 14.52 32.33 4.29
C ASP B 316 13.39 31.57 3.59
N GLU B 317 13.57 30.27 3.40
CA GLU B 317 12.56 29.44 2.73
C GLU B 317 11.32 29.25 3.58
N PHE B 318 11.52 28.96 4.87
CA PHE B 318 10.41 28.78 5.80
C PHE B 318 9.54 30.04 5.88
N VAL B 319 10.19 31.20 5.93
CA VAL B 319 9.48 32.47 6.00
C VAL B 319 8.69 32.75 4.71
N GLU B 320 9.32 32.47 3.56
CA GLU B 320 8.62 32.60 2.29
C GLU B 320 7.32 31.80 2.30
N ARG B 321 7.43 30.51 2.54
CA ARG B 321 6.27 29.62 2.57
C ARG B 321 5.25 30.05 3.64
N SER B 322 5.73 30.50 4.79
CA SER B 322 4.83 30.88 5.89
C SER B 322 3.99 32.13 5.59
N VAL B 323 4.59 33.09 4.88
CA VAL B 323 3.90 34.32 4.49
C VAL B 323 2.84 34.03 3.43
N ALA B 324 3.22 33.21 2.45
CA ALA B 324 2.29 32.80 1.38
C ALA B 324 1.07 32.07 1.96
N ARG B 325 1.31 31.19 2.92
CA ARG B 325 0.24 30.47 3.58
C ARG B 325 -0.68 31.44 4.33
N ALA B 326 -0.08 32.44 4.97
CA ALA B 326 -0.85 33.41 5.75
C ALA B 326 -1.74 34.27 4.85
N LYS B 327 -1.20 34.65 3.69
CA LYS B 327 -1.92 35.48 2.72
C LYS B 327 -3.10 34.76 2.08
N SER B 328 -3.03 33.44 1.98
CA SER B 328 -4.07 32.64 1.34
C SER B 328 -5.16 32.27 2.34
N ARG B 329 -4.87 32.47 3.62
CA ARG B 329 -5.82 32.14 4.69
C ARG B 329 -7.12 32.93 4.53
N VAL B 330 -8.24 32.22 4.41
CA VAL B 330 -9.54 32.85 4.15
C VAL B 330 -10.22 33.31 5.44
N VAL B 331 -10.48 34.61 5.52
CA VAL B 331 -11.16 35.19 6.66
C VAL B 331 -12.57 35.57 6.21
N GLY B 332 -13.57 35.31 7.04
CA GLY B 332 -14.93 35.69 6.68
C GLY B 332 -16.01 35.01 7.51
N ASN B 333 -17.21 34.95 6.97
CA ASN B 333 -18.34 34.33 7.65
C ASN B 333 -17.99 32.93 8.14
N PRO B 334 -17.96 32.73 9.47
CA PRO B 334 -17.61 31.43 10.06
C PRO B 334 -18.55 30.32 9.60
N PHE B 335 -19.72 30.68 9.07
CA PHE B 335 -20.67 29.70 8.58
C PHE B 335 -20.41 29.30 7.13
N ASP B 336 -19.57 30.07 6.42
CA ASP B 336 -19.17 29.68 5.08
C ASP B 336 -18.09 28.61 5.17
N SER B 337 -18.31 27.46 4.53
CA SER B 337 -17.41 26.33 4.70
C SER B 337 -15.99 26.61 4.18
N LYS B 338 -15.85 27.63 3.33
CA LYS B 338 -14.54 27.99 2.79
C LYS B 338 -13.73 28.80 3.79
N THR B 339 -14.40 29.34 4.81
CA THR B 339 -13.75 30.20 5.79
C THR B 339 -12.82 29.41 6.72
N GLU B 340 -11.58 29.87 6.83
CA GLU B 340 -10.62 29.26 7.73
C GLU B 340 -10.56 30.01 9.05
N GLN B 341 -10.87 31.31 9.01
CA GLN B 341 -10.71 32.18 10.18
C GLN B 341 -11.90 33.12 10.37
N GLY B 342 -12.55 33.01 11.52
CA GLY B 342 -13.63 33.91 11.88
C GLY B 342 -13.13 35.18 12.54
N PRO B 343 -14.03 35.91 13.22
CA PRO B 343 -13.65 37.14 13.92
C PRO B 343 -13.01 36.83 15.26
N GLN B 344 -12.46 37.85 15.90
CA GLN B 344 -12.03 37.71 17.27
C GLN B 344 -13.30 37.74 18.12
N VAL B 345 -13.20 37.36 19.38
CA VAL B 345 -14.40 37.09 20.17
C VAL B 345 -15.20 38.35 20.53
N ASP B 346 -14.54 39.48 20.70
CA ASP B 346 -15.26 40.69 21.06
C ASP B 346 -14.45 41.94 20.79
N GLU B 347 -15.03 43.12 21.04
CA GLU B 347 -14.34 44.37 20.75
C GLU B 347 -13.08 44.57 21.57
N THR B 348 -13.13 44.17 22.84
CA THR B 348 -11.98 44.30 23.73
C THR B 348 -10.76 43.57 23.17
N GLN B 349 -10.96 42.32 22.78
CA GLN B 349 -9.89 41.52 22.18
C GLN B 349 -9.44 42.12 20.85
N PHE B 350 -10.41 42.42 20.00
CA PHE B 350 -10.17 43.13 18.75
C PHE B 350 -9.20 44.30 18.98
N LYS B 351 -9.53 45.17 19.93
CA LYS B 351 -8.70 46.33 20.23
C LYS B 351 -7.32 45.94 20.78
N LYS B 352 -7.29 44.93 21.64
CA LYS B 352 -6.03 44.48 22.21
C LYS B 352 -5.07 44.00 21.11
N ILE B 353 -5.60 43.24 20.16
CA ILE B 353 -4.79 42.70 19.08
C ILE B 353 -4.25 43.82 18.17
N LEU B 354 -5.12 44.75 17.82
CA LEU B 354 -4.69 45.92 17.07
C LEU B 354 -3.53 46.63 17.76
N GLY B 355 -3.63 46.80 19.08
CA GLY B 355 -2.56 47.42 19.85
C GLY B 355 -1.24 46.66 19.80
N TYR B 356 -1.31 45.34 19.90
CA TYR B 356 -0.12 44.50 19.84
C TYR B 356 0.54 44.57 18.47
N ILE B 357 -0.28 44.60 17.42
CA ILE B 357 0.25 44.73 16.07
C ILE B 357 1.03 46.03 15.92
N ASN B 358 0.44 47.13 16.39
CA ASN B 358 1.13 48.41 16.38
C ASN B 358 2.40 48.38 17.21
N THR B 359 2.36 47.71 18.36
CA THR B 359 3.51 47.58 19.25
C THR B 359 4.69 46.94 18.52
N GLY B 360 4.42 45.83 17.85
CA GLY B 360 5.44 45.18 17.05
C GLY B 360 6.02 46.08 15.98
N LYS B 361 5.15 46.84 15.30
CA LYS B 361 5.57 47.80 14.28
C LYS B 361 6.51 48.87 14.83
N GLN B 362 6.14 49.45 15.96
CA GLN B 362 6.96 50.46 16.60
C GLN B 362 8.26 49.88 17.17
N GLU B 363 8.27 48.57 17.40
CA GLU B 363 9.43 47.88 17.97
C GLU B 363 10.54 47.57 16.95
N GLY B 364 10.23 47.69 15.67
CA GLY B 364 11.19 47.37 14.62
C GLY B 364 11.10 45.93 14.14
N ALA B 365 10.00 45.25 14.44
CA ALA B 365 9.77 43.93 13.87
C ALA B 365 9.32 44.11 12.42
N LYS B 366 9.78 43.24 11.53
CA LYS B 366 9.46 43.38 10.11
C LYS B 366 8.07 42.81 9.82
N LEU B 367 7.16 43.68 9.39
CA LEU B 367 5.82 43.26 9.01
C LEU B 367 5.84 42.64 7.62
N LEU B 368 5.53 41.34 7.56
CA LEU B 368 5.65 40.60 6.31
C LEU B 368 4.32 40.49 5.58
N CYS B 369 3.22 40.67 6.31
CA CYS B 369 1.89 40.67 5.71
C CYS B 369 0.82 40.99 6.74
N GLY B 370 -0.38 41.30 6.27
CA GLY B 370 -1.48 41.67 7.13
C GLY B 370 -1.17 42.91 7.94
N GLY B 371 -1.74 43.00 9.14
CA GLY B 371 -1.45 44.09 10.04
C GLY B 371 -2.60 45.05 10.29
N GLY B 372 -3.73 44.78 9.67
CA GLY B 372 -4.88 45.67 9.79
C GLY B 372 -6.18 44.93 9.99
N ILE B 373 -7.27 45.68 9.93
CA ILE B 373 -8.62 45.13 10.04
C ILE B 373 -9.04 44.54 8.70
N ALA B 374 -9.65 43.36 8.73
CA ALA B 374 -9.95 42.61 7.52
C ALA B 374 -11.34 42.87 6.94
N ALA B 375 -12.22 43.48 7.74
CA ALA B 375 -13.59 43.72 7.30
C ALA B 375 -14.27 44.83 8.10
N ASP B 376 -15.38 45.32 7.56
CA ASP B 376 -16.14 46.40 8.16
C ASP B 376 -16.89 45.96 9.42
N ARG B 377 -17.78 44.97 9.26
CA ARG B 377 -18.60 44.47 10.36
C ARG B 377 -17.85 43.41 11.18
N GLY B 378 -18.28 43.22 12.42
CA GLY B 378 -17.67 42.21 13.29
C GLY B 378 -16.28 42.60 13.74
N TYR B 379 -15.49 41.60 14.12
CA TYR B 379 -14.17 41.86 14.71
C TYR B 379 -13.06 41.07 14.03
N PHE B 380 -12.91 41.29 12.72
CA PHE B 380 -12.01 40.50 11.89
C PHE B 380 -10.67 41.18 11.72
N ILE B 381 -9.60 40.41 11.91
CA ILE B 381 -8.24 40.91 11.79
C ILE B 381 -7.46 40.11 10.75
N GLN B 382 -6.66 40.79 9.93
CA GLN B 382 -5.87 40.11 8.91
C GLN B 382 -4.80 39.22 9.54
N PRO B 383 -4.65 37.99 9.02
CA PRO B 383 -3.51 37.17 9.44
C PRO B 383 -2.24 37.99 9.29
N THR B 384 -1.46 38.07 10.36
CA THR B 384 -0.29 38.95 10.39
C THR B 384 0.96 38.18 10.76
N VAL B 385 2.05 38.44 10.04
CA VAL B 385 3.32 37.79 10.32
C VAL B 385 4.46 38.80 10.52
N PHE B 386 5.17 38.65 11.62
CA PHE B 386 6.39 39.43 11.85
C PHE B 386 7.63 38.53 11.67
N GLY B 387 8.62 39.05 10.94
CA GLY B 387 9.86 38.33 10.74
C GLY B 387 10.99 39.02 11.48
N ASP B 388 12.09 38.30 11.68
CA ASP B 388 13.26 38.85 12.37
C ASP B 388 12.89 39.39 13.75
N VAL B 389 12.04 38.65 14.45
CA VAL B 389 11.64 39.02 15.79
C VAL B 389 12.80 38.74 16.76
N GLN B 390 12.95 39.56 17.79
CA GLN B 390 13.99 39.36 18.78
C GLN B 390 13.40 39.03 20.15
N ASP B 391 14.16 38.33 20.98
CA ASP B 391 13.65 37.86 22.27
C ASP B 391 13.16 38.99 23.18
N GLY B 392 13.81 40.15 23.08
CA GLY B 392 13.46 41.27 23.94
C GLY B 392 12.24 42.06 23.50
N MET B 393 11.68 41.73 22.33
CA MET B 393 10.50 42.44 21.85
C MET B 393 9.28 42.06 22.68
N THR B 394 8.35 43.01 22.84
CA THR B 394 7.14 42.76 23.61
C THR B 394 6.27 41.71 22.94
N ILE B 395 6.26 41.71 21.61
CA ILE B 395 5.49 40.72 20.87
C ILE B 395 6.16 39.35 20.96
N ALA B 396 7.42 39.34 21.37
CA ALA B 396 8.12 38.07 21.58
C ALA B 396 7.95 37.56 23.01
N LYS B 397 7.40 38.41 23.88
CA LYS B 397 7.30 38.08 25.29
C LYS B 397 5.87 37.93 25.81
N GLU B 398 4.98 38.80 25.35
CA GLU B 398 3.60 38.81 25.84
C GLU B 398 2.60 38.07 24.96
N GLU B 399 1.63 37.45 25.63
CA GLU B 399 0.57 36.71 24.94
C GLU B 399 -0.39 37.64 24.19
N ILE B 400 -0.40 37.50 22.87
CA ILE B 400 -1.20 38.37 22.01
C ILE B 400 -2.62 37.81 21.84
N PHE B 401 -2.73 36.49 21.76
CA PHE B 401 -4.04 35.85 21.68
C PHE B 401 -4.81 36.30 20.44
N GLY B 402 -4.08 36.51 19.34
CA GLY B 402 -4.68 36.87 18.07
C GLY B 402 -3.89 36.29 16.91
N PRO B 403 -4.37 36.48 15.67
CA PRO B 403 -3.68 35.93 14.48
C PRO B 403 -2.42 36.71 14.15
N VAL B 404 -1.46 36.70 15.06
CA VAL B 404 -0.22 37.44 14.88
C VAL B 404 0.98 36.52 15.11
N MET B 405 1.72 36.23 14.05
CA MET B 405 2.81 35.25 14.09
C MET B 405 4.17 35.90 14.29
N GLN B 406 4.99 35.30 15.14
CA GLN B 406 6.36 35.76 15.38
C GLN B 406 7.38 34.73 14.94
N ILE B 407 8.17 35.08 13.93
CA ILE B 407 9.22 34.16 13.46
C ILE B 407 10.62 34.65 13.87
N LEU B 408 11.35 33.77 14.55
CA LEU B 408 12.70 34.09 15.00
C LEU B 408 13.73 33.16 14.36
N LYS B 409 14.95 33.67 14.24
CA LYS B 409 16.07 32.90 13.67
C LYS B 409 17.00 32.42 14.76
N PHE B 410 17.43 31.18 14.66
CA PHE B 410 18.44 30.65 15.58
C PHE B 410 19.49 29.82 14.85
N LYS B 411 20.63 29.58 15.50
CA LYS B 411 21.74 28.88 14.86
C LYS B 411 21.93 27.45 15.41
N THR B 412 22.13 27.34 16.71
CA THR B 412 22.41 26.03 17.31
C THR B 412 21.30 25.52 18.23
N ILE B 413 21.33 24.23 18.50
CA ILE B 413 20.32 23.60 19.32
C ILE B 413 20.46 24.01 20.78
N GLU B 414 21.70 24.17 21.24
CA GLU B 414 21.94 24.57 22.62
C GLU B 414 21.46 25.99 22.83
N GLU B 415 21.53 26.77 21.76
CA GLU B 415 21.11 28.17 21.79
C GLU B 415 19.60 28.26 21.91
N VAL B 416 18.89 27.54 21.03
CA VAL B 416 17.44 27.65 20.98
C VAL B 416 16.78 27.12 22.25
N VAL B 417 17.39 26.12 22.88
CA VAL B 417 16.92 25.62 24.16
C VAL B 417 16.86 26.76 25.18
N GLY B 418 17.98 27.45 25.35
CA GLY B 418 18.04 28.56 26.29
C GLY B 418 17.01 29.63 25.98
N ARG B 419 16.93 30.03 24.71
CA ARG B 419 16.01 31.07 24.27
C ARG B 419 14.56 30.65 24.45
N ALA B 420 14.25 29.42 24.07
CA ALA B 420 12.92 28.86 24.28
C ALA B 420 12.52 28.91 25.75
N ASN B 421 13.46 28.55 26.64
CA ASN B 421 13.18 28.49 28.08
C ASN B 421 13.20 29.85 28.78
N ASN B 422 13.81 30.85 28.14
CA ASN B 422 13.84 32.19 28.72
C ASN B 422 12.49 32.86 28.60
N SER B 423 11.54 32.34 29.39
CA SER B 423 10.17 32.82 29.40
C SER B 423 9.57 32.53 30.78
N THR B 424 8.72 33.42 31.26
CA THR B 424 8.01 33.17 32.52
C THR B 424 6.82 32.24 32.29
N TYR B 425 6.54 31.95 31.02
CA TYR B 425 5.49 30.99 30.67
C TYR B 425 6.12 29.61 30.48
N GLY B 426 5.27 28.58 30.47
CA GLY B 426 5.74 27.21 30.24
C GLY B 426 4.59 26.25 29.98
N LEU B 427 3.65 26.66 29.14
CA LEU B 427 2.46 25.83 28.91
C LEU B 427 2.75 24.71 27.91
N ALA B 428 3.35 25.06 26.79
CA ALA B 428 3.64 24.09 25.74
C ALA B 428 4.89 24.45 24.95
N ALA B 429 5.29 23.54 24.08
CA ALA B 429 6.47 23.70 23.25
C ALA B 429 6.37 22.65 22.15
N ALA B 430 7.12 22.83 21.08
CA ALA B 430 7.18 21.83 20.02
C ALA B 430 8.55 21.82 19.36
N VAL B 431 8.91 20.67 18.82
CA VAL B 431 10.14 20.51 18.04
C VAL B 431 9.83 19.79 16.74
N PHE B 432 10.35 20.33 15.64
CA PHE B 432 10.24 19.67 14.36
C PHE B 432 11.62 19.26 13.87
N THR B 433 11.82 17.95 13.77
CA THR B 433 13.10 17.37 13.41
C THR B 433 12.88 15.91 12.99
N LYS B 434 13.84 15.35 12.27
CA LYS B 434 13.74 13.95 11.89
C LYS B 434 14.71 13.12 12.71
N ASP B 435 15.56 13.80 13.48
CA ASP B 435 16.64 13.16 14.23
C ASP B 435 16.17 12.66 15.58
N LEU B 436 16.42 11.39 15.87
CA LEU B 436 16.02 10.78 17.14
C LEU B 436 16.61 11.51 18.34
N ASP B 437 17.92 11.74 18.30
CA ASP B 437 18.62 12.33 19.45
C ASP B 437 18.22 13.78 19.69
N LYS B 438 18.01 14.52 18.60
CA LYS B 438 17.57 15.90 18.73
C LYS B 438 16.22 15.97 19.43
N ALA B 439 15.32 15.07 19.02
CA ALA B 439 13.98 15.03 19.59
C ALA B 439 14.02 14.74 21.09
N ASN B 440 14.80 13.74 21.49
CA ASN B 440 14.90 13.38 22.89
C ASN B 440 15.59 14.44 23.76
N TYR B 441 16.70 14.96 23.26
CA TYR B 441 17.41 16.06 23.92
C TYR B 441 16.45 17.23 24.21
N LEU B 442 15.71 17.64 23.19
CA LEU B 442 14.82 18.80 23.29
C LEU B 442 13.55 18.52 24.10
N SER B 443 12.96 17.35 23.93
CA SER B 443 11.77 17.02 24.72
C SER B 443 12.12 17.00 26.21
N GLN B 444 13.33 16.58 26.55
CA GLN B 444 13.76 16.61 27.94
C GLN B 444 14.10 18.02 28.43
N ALA B 445 14.74 18.82 27.57
CA ALA B 445 15.30 20.11 27.98
C ALA B 445 14.30 21.26 28.04
N LEU B 446 13.27 21.22 27.20
CA LEU B 446 12.27 22.27 27.17
C LEU B 446 11.47 22.29 28.47
N GLN B 447 11.31 23.48 29.03
CA GLN B 447 10.61 23.65 30.30
C GLN B 447 9.16 23.99 30.03
N ALA B 448 8.41 22.97 29.58
CA ALA B 448 7.03 23.13 29.19
C ALA B 448 6.21 21.94 29.68
N GLY B 449 4.93 22.17 29.96
CA GLY B 449 4.05 21.12 30.44
C GLY B 449 3.77 20.07 29.39
N THR B 450 3.70 20.51 28.13
CA THR B 450 3.55 19.61 26.99
C THR B 450 4.58 19.92 25.92
N VAL B 451 5.27 18.88 25.45
CA VAL B 451 6.15 19.03 24.31
C VAL B 451 5.61 18.16 23.16
N TRP B 452 5.30 18.80 22.03
CA TRP B 452 4.87 18.06 20.84
C TRP B 452 6.06 17.86 19.93
N VAL B 453 6.15 16.69 19.32
CA VAL B 453 7.22 16.39 18.38
C VAL B 453 6.68 16.11 16.98
N ASN B 454 7.07 16.95 16.03
CA ASN B 454 6.60 16.84 14.64
C ASN B 454 5.08 16.94 14.53
N CYS B 455 4.48 17.60 15.52
CA CYS B 455 3.06 17.91 15.48
C CYS B 455 2.81 19.09 16.42
N TYR B 456 1.55 19.52 16.51
CA TYR B 456 1.17 20.60 17.42
C TYR B 456 -0.32 20.52 17.73
N ASP B 457 -0.72 21.07 18.88
CA ASP B 457 -2.12 21.07 19.29
C ASP B 457 -2.77 19.69 19.28
N VAL B 458 -1.98 18.65 19.52
CA VAL B 458 -2.50 17.29 19.66
C VAL B 458 -2.96 17.04 21.09
N PHE B 459 -4.28 17.07 21.29
CA PHE B 459 -4.88 16.85 22.60
C PHE B 459 -5.61 15.50 22.61
N GLY B 460 -5.44 14.76 23.68
CA GLY B 460 -6.18 13.53 23.86
C GLY B 460 -6.77 13.50 25.26
N ALA B 461 -8.00 13.01 25.38
CA ALA B 461 -8.65 12.90 26.70
C ALA B 461 -7.77 12.13 27.68
N GLN B 462 -6.92 11.25 27.15
CA GLN B 462 -6.10 10.37 27.98
C GLN B 462 -4.83 11.04 28.48
N SER B 463 -4.37 12.08 27.78
CA SER B 463 -3.10 12.72 28.13
C SER B 463 -3.27 14.07 28.79
N PRO B 464 -2.64 14.26 29.96
CA PRO B 464 -2.77 15.44 30.81
C PRO B 464 -2.23 16.70 30.14
N PHE B 465 -2.77 17.84 30.54
CA PHE B 465 -2.39 19.13 29.98
C PHE B 465 -2.41 20.19 31.07
N GLY B 466 -1.37 21.02 31.12
CA GLY B 466 -1.24 22.07 32.12
C GLY B 466 0.08 22.79 31.99
N GLY B 467 0.29 23.82 32.81
CA GLY B 467 1.43 24.70 32.62
C GLY B 467 2.58 24.62 33.62
N TYR B 468 3.79 24.83 33.12
CA TYR B 468 4.96 25.07 33.97
C TYR B 468 5.00 26.56 34.29
N LYS B 469 5.73 26.93 35.34
CA LYS B 469 5.95 28.35 35.66
C LYS B 469 4.66 29.14 35.87
N MET B 470 4.54 30.28 35.19
CA MET B 470 3.39 31.17 35.34
C MET B 470 2.22 30.80 34.42
N SER B 471 2.31 29.64 33.78
CA SER B 471 1.26 29.19 32.88
C SER B 471 0.16 28.43 33.64
N GLY B 472 0.30 28.33 34.94
CA GLY B 472 -0.71 27.70 35.76
C GLY B 472 -0.14 26.57 36.59
N SER B 473 -1.00 25.96 37.39
CA SER B 473 -0.62 24.82 38.21
C SER B 473 -1.67 23.73 38.07
N GLY B 474 -1.24 22.48 38.23
CA GLY B 474 -2.14 21.35 38.13
C GLY B 474 -2.35 20.93 36.69
N ARG B 475 -3.05 19.82 36.51
CA ARG B 475 -3.24 19.27 35.17
C ARG B 475 -4.71 18.94 34.93
N GLU B 476 -5.11 19.05 33.66
CA GLU B 476 -6.41 18.59 33.23
C GLU B 476 -6.22 17.41 32.30
N LEU B 477 -7.30 16.69 32.00
CA LEU B 477 -7.24 15.49 31.18
C LEU B 477 -6.45 14.36 31.87
N GLY B 478 -6.64 13.14 31.38
CA GLY B 478 -5.94 11.98 31.91
C GLY B 478 -6.36 11.59 33.32
N GLU B 479 -5.70 10.56 33.85
CA GLU B 479 -5.88 10.16 35.24
C GLU B 479 -5.44 11.28 36.18
N TYR B 480 -4.46 12.07 35.74
CA TYR B 480 -3.97 13.22 36.50
C TYR B 480 -5.07 14.24 36.77
N GLY B 481 -6.01 14.35 35.84
CA GLY B 481 -7.12 15.28 35.99
C GLY B 481 -7.99 15.01 37.22
N LEU B 482 -7.90 13.81 37.76
CA LEU B 482 -8.70 13.40 38.90
C LEU B 482 -8.09 13.83 40.23
N GLN B 483 -6.76 13.95 40.26
CA GLN B 483 -6.04 14.23 41.50
C GLN B 483 -6.55 15.48 42.22
N ALA B 484 -6.87 16.52 41.46
CA ALA B 484 -7.29 17.78 42.04
C ALA B 484 -8.70 17.73 42.62
N TYR B 485 -9.45 16.69 42.24
CA TYR B 485 -10.85 16.60 42.65
C TYR B 485 -11.08 15.53 43.69
N THR B 486 -10.00 15.02 44.26
CA THR B 486 -10.07 13.98 45.26
C THR B 486 -9.38 14.37 46.57
N LYS B 487 -10.01 14.00 47.68
CA LYS B 487 -9.43 14.10 49.02
C LYS B 487 -9.02 12.72 49.50
N VAL B 488 -7.86 12.62 50.13
CA VAL B 488 -7.39 11.34 50.67
C VAL B 488 -7.65 11.22 52.16
N LYS B 489 -8.30 10.13 52.56
CA LYS B 489 -8.49 9.85 53.98
C LYS B 489 -7.78 8.55 54.34
N THR B 490 -6.99 8.59 55.40
CA THR B 490 -6.31 7.40 55.89
C THR B 490 -7.07 6.82 57.07
N VAL B 491 -7.40 5.53 56.99
CA VAL B 491 -7.98 4.83 58.14
C VAL B 491 -7.01 3.76 58.61
N THR B 492 -6.65 3.81 59.88
CA THR B 492 -5.69 2.87 60.43
C THR B 492 -6.27 2.16 61.64
N VAL B 493 -6.39 0.85 61.53
CA VAL B 493 -7.16 0.05 62.46
C VAL B 493 -6.26 -0.92 63.24
N LYS B 494 -6.37 -0.90 64.57
CA LYS B 494 -5.69 -1.89 65.39
C LYS B 494 -6.24 -3.28 65.07
N VAL B 495 -5.35 -4.24 64.83
CA VAL B 495 -5.76 -5.62 64.58
C VAL B 495 -5.05 -6.56 65.54
N PRO B 496 -5.65 -7.73 65.81
CA PRO B 496 -5.08 -8.69 66.76
C PRO B 496 -3.65 -9.10 66.41
N GLN B 497 -3.42 -9.54 65.18
CA GLN B 497 -2.08 -9.97 64.78
C GLN B 497 -1.87 -9.84 63.29
N LYS B 498 -1.14 -8.80 62.91
CA LYS B 498 -0.80 -8.51 61.53
C LYS B 498 0.08 -9.63 60.94
N ASN B 499 -0.38 -10.23 59.84
CA ASN B 499 0.44 -11.14 59.04
C ASN B 499 0.45 -10.71 57.59
N SER B 500 1.46 -11.17 56.85
CA SER B 500 1.61 -10.83 55.44
C SER B 500 0.58 -11.53 54.54
N ALA C 7 40.25 0.23 38.33
CA ALA C 7 39.49 0.40 39.56
C ALA C 7 38.91 -0.94 40.05
N VAL C 8 39.67 -2.02 39.82
CA VAL C 8 39.26 -3.35 40.26
C VAL C 8 40.32 -3.93 41.19
N PRO C 9 39.90 -4.36 42.40
CA PRO C 9 40.81 -5.00 43.35
C PRO C 9 41.39 -6.29 42.77
N ALA C 10 42.61 -6.63 43.16
CA ALA C 10 43.26 -7.83 42.66
C ALA C 10 42.56 -9.11 43.10
N PRO C 11 42.35 -10.03 42.15
CA PRO C 11 41.60 -11.26 42.42
C PRO C 11 42.42 -12.29 43.17
N ASN C 12 41.77 -13.01 44.09
CA ASN C 12 42.35 -14.23 44.61
C ASN C 12 42.04 -15.34 43.62
N GLN C 13 43.05 -15.77 42.88
CA GLN C 13 42.82 -16.67 41.77
C GLN C 13 42.54 -18.10 42.23
N GLN C 14 42.62 -18.32 43.54
CA GLN C 14 42.25 -19.62 44.10
C GLN C 14 41.43 -19.46 45.38
N PRO C 15 40.23 -18.90 45.25
CA PRO C 15 39.36 -18.68 46.42
C PRO C 15 39.04 -20.00 47.11
N GLU C 16 39.00 -19.99 48.44
CA GLU C 16 38.69 -21.19 49.20
C GLU C 16 37.17 -21.40 49.23
N VAL C 17 36.75 -22.66 49.15
CA VAL C 17 35.33 -22.98 49.23
C VAL C 17 34.96 -23.36 50.67
N PHE C 18 33.95 -22.67 51.20
CA PHE C 18 33.50 -22.89 52.57
C PHE C 18 32.16 -23.61 52.64
N CYS C 19 31.33 -23.43 51.62
CA CYS C 19 29.98 -24.00 51.61
C CYS C 19 29.74 -24.90 50.42
N ASN C 20 29.48 -26.18 50.69
CA ASN C 20 29.28 -27.15 49.61
C ASN C 20 28.16 -28.15 49.90
N GLN C 21 27.19 -27.75 50.71
CA GLN C 21 26.12 -28.67 51.08
C GLN C 21 24.71 -28.17 50.78
N ILE C 22 23.73 -28.85 51.35
CA ILE C 22 22.32 -28.48 51.22
C ILE C 22 21.95 -27.54 52.38
N PHE C 23 21.26 -26.46 52.04
CA PHE C 23 20.94 -25.41 53.00
C PHE C 23 19.46 -25.48 53.37
N ILE C 24 19.18 -25.99 54.56
CA ILE C 24 17.81 -26.13 55.03
C ILE C 24 17.68 -25.67 56.49
N ASN C 25 16.78 -24.71 56.70
CA ASN C 25 16.57 -24.10 58.02
C ASN C 25 17.81 -23.39 58.57
N ASN C 26 18.52 -22.70 57.70
CA ASN C 26 19.77 -22.02 58.07
C ASN C 26 20.83 -23.00 58.60
N GLU C 27 20.69 -24.27 58.23
CA GLU C 27 21.65 -25.30 58.62
C GLU C 27 22.19 -26.03 57.40
N TRP C 28 23.43 -26.53 57.48
CA TRP C 28 24.06 -27.22 56.36
C TRP C 28 23.87 -28.73 56.43
N HIS C 29 23.33 -29.30 55.37
CA HIS C 29 22.90 -30.70 55.33
C HIS C 29 23.59 -31.50 54.23
N ASP C 30 23.94 -32.74 54.55
CA ASP C 30 24.38 -33.67 53.53
C ASP C 30 23.15 -34.23 52.84
N ALA C 31 23.32 -34.72 51.62
CA ALA C 31 22.21 -35.38 50.94
C ALA C 31 21.82 -36.61 51.75
N VAL C 32 20.54 -36.96 51.73
CA VAL C 32 20.05 -38.13 52.46
C VAL C 32 20.82 -39.39 52.09
N SER C 33 21.14 -39.53 50.80
CA SER C 33 21.90 -40.66 50.30
C SER C 33 23.39 -40.48 50.57
N ARG C 34 23.77 -39.26 50.92
CA ARG C 34 25.16 -38.89 51.22
C ARG C 34 26.03 -38.77 49.97
N LYS C 35 25.39 -38.87 48.81
CA LYS C 35 26.07 -38.74 47.54
C LYS C 35 26.49 -37.30 47.27
N THR C 36 27.53 -37.14 46.47
CA THR C 36 28.02 -35.82 46.08
C THR C 36 28.38 -35.80 44.60
N PHE C 37 28.63 -34.63 44.06
CA PHE C 37 29.05 -34.50 42.67
C PHE C 37 30.16 -33.46 42.55
N PRO C 38 30.99 -33.57 41.51
CA PRO C 38 32.09 -32.61 41.36
C PRO C 38 31.61 -31.37 40.62
N THR C 39 32.12 -30.21 41.03
CA THR C 39 31.95 -29.01 40.23
C THR C 39 33.32 -28.68 39.66
N VAL C 40 33.36 -28.29 38.39
CA VAL C 40 34.61 -28.13 37.66
C VAL C 40 34.99 -26.68 37.40
N ASN C 41 36.30 -26.41 37.36
CA ASN C 41 36.80 -25.14 36.87
C ASN C 41 36.91 -25.25 35.35
N PRO C 42 36.12 -24.46 34.62
CA PRO C 42 36.05 -24.65 33.17
C PRO C 42 37.27 -24.09 32.44
N SER C 43 38.14 -23.40 33.17
CA SER C 43 39.37 -22.87 32.58
C SER C 43 40.48 -23.92 32.59
N THR C 44 40.35 -24.91 33.48
CA THR C 44 41.38 -25.92 33.64
C THR C 44 40.84 -27.34 33.43
N GLY C 45 39.51 -27.48 33.44
CA GLY C 45 38.88 -28.77 33.31
C GLY C 45 39.04 -29.61 34.57
N GLU C 46 39.64 -29.01 35.61
CA GLU C 46 39.91 -29.70 36.86
C GLU C 46 38.80 -29.53 37.91
N VAL C 47 38.59 -30.55 38.73
CA VAL C 47 37.58 -30.49 39.78
C VAL C 47 37.93 -29.50 40.89
N ILE C 48 37.01 -28.57 41.19
CA ILE C 48 37.22 -27.64 42.30
C ILE C 48 36.90 -28.33 43.62
N CYS C 49 35.74 -28.97 43.70
CA CYS C 49 35.32 -29.65 44.92
C CYS C 49 34.05 -30.47 44.69
N GLN C 50 33.71 -31.31 45.67
CA GLN C 50 32.47 -32.08 45.67
C GLN C 50 31.35 -31.26 46.30
N VAL C 51 30.13 -31.45 45.83
CA VAL C 51 28.98 -30.77 46.39
C VAL C 51 27.84 -31.75 46.65
N ALA C 52 27.13 -31.55 47.76
CA ALA C 52 26.01 -32.42 48.14
C ALA C 52 25.01 -32.56 46.99
N GLU C 53 24.74 -33.79 46.60
CA GLU C 53 23.83 -34.09 45.50
C GLU C 53 22.41 -34.28 46.03
N GLY C 54 21.70 -33.18 46.23
CA GLY C 54 20.32 -33.24 46.69
C GLY C 54 19.41 -33.91 45.68
N ASP C 55 18.51 -34.74 46.17
CA ASP C 55 17.54 -35.44 45.33
C ASP C 55 16.14 -35.18 45.89
N LYS C 56 15.17 -35.98 45.48
CA LYS C 56 13.78 -35.79 45.85
C LYS C 56 13.53 -35.72 47.37
N GLU C 57 14.18 -36.60 48.13
CA GLU C 57 14.00 -36.63 49.58
C GLU C 57 14.48 -35.34 50.24
N ASP C 58 15.49 -34.71 49.65
CA ASP C 58 16.07 -33.49 50.18
C ASP C 58 15.19 -32.28 49.88
N VAL C 59 14.74 -32.20 48.64
CA VAL C 59 13.73 -31.22 48.25
C VAL C 59 12.52 -31.30 49.19
N ASP C 60 12.09 -32.53 49.49
CA ASP C 60 11.00 -32.77 50.44
C ASP C 60 11.25 -32.15 51.81
N LYS C 61 12.49 -32.23 52.28
CA LYS C 61 12.87 -31.66 53.57
C LYS C 61 12.82 -30.14 53.52
N ALA C 62 13.37 -29.58 52.45
CA ALA C 62 13.41 -28.13 52.27
C ALA C 62 12.01 -27.51 52.15
N VAL C 63 11.13 -28.15 51.38
CA VAL C 63 9.77 -27.66 51.21
C VAL C 63 9.01 -27.64 52.54
N LYS C 64 9.14 -28.71 53.31
CA LYS C 64 8.54 -28.76 54.64
C LYS C 64 9.08 -27.63 55.51
N ALA C 65 10.37 -27.36 55.37
CA ALA C 65 11.02 -26.28 56.11
C ALA C 65 10.40 -24.94 55.70
N ALA C 66 10.23 -24.76 54.39
CA ALA C 66 9.65 -23.52 53.88
C ALA C 66 8.19 -23.34 54.34
N ARG C 67 7.41 -24.41 54.24
CA ARG C 67 6.02 -24.36 54.67
C ARG C 67 5.90 -23.94 56.13
N ALA C 68 6.79 -24.46 56.97
CA ALA C 68 6.78 -24.15 58.40
C ALA C 68 7.12 -22.69 58.65
N ALA C 69 8.04 -22.14 57.87
CA ALA C 69 8.44 -20.76 58.03
C ALA C 69 7.35 -19.81 57.55
N PHE C 70 6.46 -20.33 56.69
CA PHE C 70 5.38 -19.53 56.12
C PHE C 70 4.09 -19.60 56.95
N GLN C 71 4.08 -20.41 58.00
CA GLN C 71 2.87 -20.57 58.82
C GLN C 71 2.38 -19.26 59.41
N LEU C 72 1.05 -19.11 59.47
CA LEU C 72 0.44 -17.92 60.03
C LEU C 72 0.91 -17.69 61.47
N GLY C 73 1.51 -16.52 61.74
CA GLY C 73 1.99 -16.23 63.07
C GLY C 73 3.49 -16.44 63.26
N SER C 74 4.14 -16.93 62.20
CA SER C 74 5.59 -17.12 62.24
C SER C 74 6.33 -15.78 62.18
N PRO C 75 7.60 -15.76 62.62
CA PRO C 75 8.42 -14.54 62.54
C PRO C 75 8.48 -13.91 61.14
N TRP C 76 8.57 -14.72 60.09
CA TRP C 76 8.60 -14.19 58.73
C TRP C 76 7.24 -13.62 58.31
N ARG C 77 6.16 -14.27 58.74
CA ARG C 77 4.82 -13.82 58.38
C ARG C 77 4.39 -12.58 59.17
N ARG C 78 4.88 -12.46 60.41
CA ARG C 78 4.50 -11.34 61.28
C ARG C 78 5.40 -10.13 61.06
N MET C 79 6.55 -10.36 60.44
CA MET C 79 7.53 -9.31 60.26
C MET C 79 6.98 -8.10 59.50
N ASP C 80 7.28 -6.90 60.01
CA ASP C 80 6.96 -5.68 59.27
C ASP C 80 7.53 -5.76 57.87
N ALA C 81 6.77 -5.29 56.87
CA ALA C 81 7.25 -5.28 55.50
C ALA C 81 8.49 -4.40 55.35
N SER C 82 8.54 -3.31 56.12
CA SER C 82 9.69 -2.43 56.06
C SER C 82 10.93 -3.18 56.53
N HIS C 83 10.73 -4.11 57.44
CA HIS C 83 11.82 -4.89 58.02
C HIS C 83 12.36 -5.93 57.03
N ARG C 84 11.46 -6.55 56.28
CA ARG C 84 11.89 -7.41 55.19
C ARG C 84 12.85 -6.63 54.28
N GLY C 85 12.57 -5.34 54.12
CA GLY C 85 13.40 -4.46 53.32
C GLY C 85 14.75 -4.20 53.96
N ARG C 86 14.74 -3.98 55.27
CA ARG C 86 15.96 -3.82 56.03
C ARG C 86 16.85 -5.06 55.93
N LEU C 87 16.23 -6.23 55.87
CA LEU C 87 16.99 -7.48 55.74
C LEU C 87 17.62 -7.64 54.35
N LEU C 88 16.90 -7.27 53.29
CA LEU C 88 17.45 -7.30 51.94
C LEU C 88 18.63 -6.35 51.80
N ASN C 89 18.52 -5.18 52.42
CA ASN C 89 19.63 -4.22 52.47
C ASN C 89 20.85 -4.75 53.24
N ARG C 90 20.58 -5.41 54.36
CA ARG C 90 21.65 -6.04 55.13
C ARG C 90 22.35 -7.12 54.29
N LEU C 91 21.57 -7.95 53.61
CA LEU C 91 22.15 -8.97 52.75
C LEU C 91 23.03 -8.36 51.66
N ALA C 92 22.57 -7.26 51.08
CA ALA C 92 23.35 -6.55 50.06
C ALA C 92 24.67 -6.01 50.62
N ASP C 93 24.61 -5.45 51.82
CA ASP C 93 25.82 -4.94 52.47
C ASP C 93 26.85 -6.05 52.71
N LEU C 94 26.38 -7.20 53.18
CA LEU C 94 27.24 -8.35 53.40
C LEU C 94 27.87 -8.83 52.11
N ILE C 95 27.09 -8.86 51.03
CA ILE C 95 27.59 -9.25 49.72
C ILE C 95 28.61 -8.23 49.22
N GLU C 96 28.40 -6.96 49.52
CA GLU C 96 29.37 -5.93 49.15
C GLU C 96 30.66 -6.11 49.94
N ARG C 97 30.54 -6.52 51.20
CA ARG C 97 31.71 -6.78 52.03
C ARG C 97 32.56 -7.85 51.40
N ASP C 98 31.92 -8.92 50.92
CA ASP C 98 32.64 -10.06 50.36
C ASP C 98 32.67 -10.04 48.84
N ARG C 99 32.67 -8.83 48.27
CA ARG C 99 32.55 -8.66 46.81
C ARG C 99 33.74 -9.22 46.05
N THR C 100 34.95 -8.91 46.50
CA THR C 100 36.14 -9.41 45.84
C THR C 100 36.13 -10.94 45.81
N TYR C 101 35.89 -11.54 46.96
CA TYR C 101 35.83 -12.99 47.09
C TYR C 101 34.78 -13.63 46.19
N LEU C 102 33.58 -13.05 46.18
CA LEU C 102 32.47 -13.62 45.43
C LEU C 102 32.70 -13.53 43.91
N ALA C 103 33.27 -12.41 43.46
CA ALA C 103 33.58 -12.25 42.04
C ALA C 103 34.64 -13.24 41.61
N ALA C 104 35.57 -13.55 42.52
CA ALA C 104 36.64 -14.50 42.23
C ALA C 104 36.11 -15.93 42.17
N LEU C 105 35.23 -16.27 43.13
CA LEU C 105 34.61 -17.58 43.17
C LEU C 105 33.67 -17.79 41.98
N GLU C 106 32.97 -16.72 41.59
CA GLU C 106 32.11 -16.76 40.41
C GLU C 106 32.94 -17.13 39.18
N THR C 107 34.05 -16.43 39.00
CA THR C 107 34.94 -16.67 37.88
C THR C 107 35.49 -18.08 37.92
N LEU C 108 35.90 -18.52 39.11
CA LEU C 108 36.48 -19.86 39.27
C LEU C 108 35.53 -20.97 38.82
N ASP C 109 34.27 -20.84 39.18
CA ASP C 109 33.27 -21.90 38.96
C ASP C 109 32.61 -21.77 37.59
N ASN C 110 32.44 -20.53 37.13
CA ASN C 110 31.71 -20.22 35.90
C ASN C 110 32.62 -19.94 34.71
N GLY C 111 33.75 -19.29 34.97
CA GLY C 111 34.73 -19.01 33.93
C GLY C 111 34.71 -17.59 33.38
N LYS C 112 33.67 -16.81 33.68
CA LYS C 112 33.59 -15.45 33.15
C LYS C 112 34.78 -14.62 33.65
N PRO C 113 35.24 -13.66 32.83
CA PRO C 113 36.36 -12.81 33.24
C PRO C 113 36.13 -12.21 34.63
N TYR C 114 37.18 -12.17 35.46
CA TYR C 114 37.03 -11.64 36.82
C TYR C 114 36.63 -10.17 36.82
N VAL C 115 37.17 -9.41 35.88
CA VAL C 115 36.86 -7.99 35.80
C VAL C 115 35.36 -7.77 35.57
N ILE C 116 34.76 -8.67 34.79
CA ILE C 116 33.33 -8.61 34.50
C ILE C 116 32.53 -9.06 35.71
N SER C 117 32.96 -10.14 36.35
CA SER C 117 32.31 -10.62 37.57
C SER C 117 32.26 -9.51 38.61
N TYR C 118 33.35 -8.78 38.74
CA TYR C 118 33.44 -7.72 39.75
C TYR C 118 32.59 -6.49 39.40
N LEU C 119 32.84 -5.92 38.23
CA LEU C 119 32.19 -4.66 37.84
C LEU C 119 30.74 -4.84 37.37
N VAL C 120 30.47 -5.94 36.68
CA VAL C 120 29.13 -6.15 36.13
C VAL C 120 28.25 -7.01 37.05
N ASP C 121 28.60 -8.28 37.18
CA ASP C 121 27.77 -9.23 37.94
C ASP C 121 27.48 -8.75 39.36
N LEU C 122 28.51 -8.61 40.17
CA LEU C 122 28.33 -8.25 41.58
C LEU C 122 27.64 -6.88 41.76
N ASP C 123 27.98 -5.92 40.92
CA ASP C 123 27.33 -4.61 40.97
C ASP C 123 25.83 -4.74 40.75
N MET C 124 25.45 -5.51 39.73
CA MET C 124 24.04 -5.68 39.39
C MET C 124 23.30 -6.44 40.47
N VAL C 125 23.99 -7.40 41.09
CA VAL C 125 23.48 -8.12 42.23
C VAL C 125 23.13 -7.15 43.35
N LEU C 126 24.08 -6.30 43.71
CA LEU C 126 23.88 -5.30 44.76
C LEU C 126 22.69 -4.41 44.42
N LYS C 127 22.65 -3.92 43.19
CA LYS C 127 21.59 -3.01 42.75
C LYS C 127 20.22 -3.66 42.71
N CYS C 128 20.17 -4.96 42.42
CA CYS C 128 18.91 -5.71 42.40
C CYS C 128 18.34 -5.89 43.83
N LEU C 129 19.19 -6.36 44.73
CA LEU C 129 18.78 -6.54 46.12
C LEU C 129 18.35 -5.22 46.77
N ARG C 130 19.08 -4.15 46.49
CA ARG C 130 18.73 -2.84 47.03
C ARG C 130 17.46 -2.27 46.42
N TYR C 131 17.27 -2.50 45.13
CA TYR C 131 16.07 -2.05 44.46
C TYR C 131 14.83 -2.69 45.09
N TYR C 132 14.85 -4.01 45.22
CA TYR C 132 13.70 -4.73 45.76
C TYR C 132 13.53 -4.55 47.27
N ALA C 133 14.61 -4.34 48.00
CA ALA C 133 14.50 -4.01 49.41
C ALA C 133 13.54 -2.82 49.55
N GLY C 134 13.66 -1.88 48.61
CA GLY C 134 12.84 -0.67 48.59
C GLY C 134 11.37 -0.91 48.27
N TRP C 135 11.09 -2.03 47.60
CA TRP C 135 9.71 -2.39 47.23
C TRP C 135 8.96 -3.06 48.37
N ALA C 136 9.69 -3.56 49.35
CA ALA C 136 9.12 -4.38 50.42
C ALA C 136 7.83 -3.82 51.05
N ASP C 137 7.80 -2.52 51.32
CA ASP C 137 6.65 -1.91 51.98
C ASP C 137 5.96 -0.87 51.08
N LYS C 138 5.97 -1.11 49.78
CA LYS C 138 5.42 -0.14 48.83
C LYS C 138 4.49 -0.77 47.80
N TYR C 139 4.30 -2.08 47.89
CA TYR C 139 3.39 -2.77 46.96
C TYR C 139 1.94 -2.84 47.52
N HIS C 140 1.16 -1.83 47.22
CA HIS C 140 -0.18 -1.67 47.81
C HIS C 140 -1.27 -2.52 47.16
N GLY C 141 -2.22 -2.95 48.00
CA GLY C 141 -3.51 -3.41 47.51
C GLY C 141 -4.41 -2.21 47.21
N LYS C 142 -5.68 -2.46 46.91
CA LYS C 142 -6.58 -1.39 46.49
C LYS C 142 -7.83 -1.29 47.36
N THR C 143 -8.40 -0.09 47.44
CA THR C 143 -9.77 0.05 47.92
C THR C 143 -10.67 0.34 46.72
N ILE C 144 -11.75 -0.41 46.63
CA ILE C 144 -12.52 -0.52 45.40
C ILE C 144 -13.94 0.00 45.56
N PRO C 145 -14.34 0.94 44.69
CA PRO C 145 -15.67 1.57 44.70
C PRO C 145 -16.74 0.65 44.11
N ILE C 146 -16.93 -0.52 44.71
CA ILE C 146 -17.91 -1.49 44.24
C ILE C 146 -19.36 -0.96 44.37
N ASP C 147 -20.26 -1.46 43.53
CA ASP C 147 -21.69 -1.15 43.66
C ASP C 147 -22.21 -1.60 45.03
N GLY C 148 -23.24 -0.93 45.52
CA GLY C 148 -23.93 -1.36 46.72
C GLY C 148 -23.33 -0.87 48.02
N ASP C 149 -23.97 -1.22 49.13
CA ASP C 149 -23.50 -0.81 50.44
C ASP C 149 -22.42 -1.76 50.94
N PHE C 150 -21.23 -1.64 50.37
CA PHE C 150 -20.12 -2.48 50.77
C PHE C 150 -18.81 -1.72 50.80
N PHE C 151 -17.88 -2.23 51.60
CA PHE C 151 -16.51 -1.77 51.60
C PHE C 151 -15.71 -2.94 51.04
N SER C 152 -15.12 -2.75 49.86
CA SER C 152 -14.35 -3.80 49.22
C SER C 152 -12.90 -3.37 49.04
N TYR C 153 -11.98 -4.27 49.37
CA TYR C 153 -10.55 -4.00 49.24
C TYR C 153 -9.76 -5.28 48.95
N THR C 154 -8.54 -5.11 48.47
CA THR C 154 -7.66 -6.25 48.21
C THR C 154 -6.44 -6.23 49.12
N ARG C 155 -6.02 -7.43 49.52
CA ARG C 155 -4.75 -7.62 50.19
C ARG C 155 -3.85 -8.29 49.18
N HIS C 156 -2.62 -7.79 49.07
CA HIS C 156 -1.64 -8.43 48.21
C HIS C 156 -0.80 -9.35 49.10
N GLU C 157 -1.17 -10.62 49.14
CA GLU C 157 -0.51 -11.61 50.00
C GLU C 157 0.57 -12.38 49.25
N PRO C 158 1.53 -12.96 49.98
CA PRO C 158 2.54 -13.80 49.33
C PRO C 158 1.90 -15.03 48.68
N VAL C 159 2.48 -15.53 47.60
CA VAL C 159 1.98 -16.74 46.95
C VAL C 159 2.26 -18.00 47.80
N GLY C 160 3.31 -17.95 48.62
CA GLY C 160 3.64 -19.04 49.52
C GLY C 160 5.00 -19.66 49.31
N VAL C 161 5.04 -20.98 49.17
CA VAL C 161 6.29 -21.71 48.91
C VAL C 161 6.64 -21.64 47.44
N CYS C 162 7.74 -20.94 47.14
CA CYS C 162 8.15 -20.68 45.76
C CYS C 162 9.36 -21.50 45.38
N GLY C 163 9.20 -22.35 44.36
CA GLY C 163 10.31 -23.10 43.83
C GLY C 163 11.03 -22.26 42.78
N GLN C 164 12.34 -22.16 42.92
CA GLN C 164 13.14 -21.35 42.00
C GLN C 164 14.32 -22.15 41.46
N ILE C 165 14.31 -22.39 40.15
CA ILE C 165 15.39 -23.11 39.49
C ILE C 165 16.18 -22.14 38.61
N ILE C 166 17.46 -21.95 38.94
CA ILE C 166 18.28 -20.95 38.26
C ILE C 166 19.44 -21.57 37.46
N PRO C 167 19.87 -20.90 36.39
CA PRO C 167 20.87 -21.38 35.44
C PRO C 167 22.31 -21.05 35.86
N TRP C 168 23.26 -21.35 34.97
CA TRP C 168 24.68 -21.26 35.28
C TRP C 168 25.39 -20.07 34.63
N ASN C 169 24.70 -19.36 33.75
CA ASN C 169 25.37 -18.28 33.02
C ASN C 169 25.62 -17.03 33.87
N PHE C 170 24.67 -16.73 34.76
CA PHE C 170 24.81 -15.64 35.72
C PHE C 170 24.43 -16.17 37.10
N PRO C 171 25.27 -17.05 37.67
CA PRO C 171 24.87 -17.75 38.89
C PRO C 171 24.38 -16.79 39.98
N LEU C 172 25.17 -15.77 40.29
CA LEU C 172 24.83 -14.86 41.37
C LEU C 172 23.66 -13.94 41.02
N LEU C 173 23.70 -13.35 39.83
CA LEU C 173 22.70 -12.38 39.44
C LEU C 173 21.32 -13.02 39.31
N MET C 174 21.29 -14.22 38.76
CA MET C 174 20.04 -14.98 38.65
C MET C 174 19.43 -15.23 40.02
N GLN C 175 20.27 -15.62 40.98
CA GLN C 175 19.82 -15.87 42.35
C GLN C 175 19.21 -14.62 42.98
N ALA C 176 19.81 -13.46 42.72
CA ALA C 176 19.28 -12.19 43.22
C ALA C 176 18.00 -11.78 42.50
N TRP C 177 17.95 -12.03 41.19
CA TRP C 177 16.77 -11.70 40.39
C TRP C 177 15.54 -12.44 40.90
N LYS C 178 15.76 -13.57 41.57
CA LYS C 178 14.68 -14.41 42.09
C LYS C 178 14.40 -14.09 43.54
N LEU C 179 15.46 -14.02 44.34
CA LEU C 179 15.31 -13.76 45.77
C LEU C 179 14.75 -12.36 46.04
N GLY C 180 15.17 -11.38 45.26
CA GLY C 180 14.75 -10.00 45.45
C GLY C 180 13.24 -9.83 45.57
N PRO C 181 12.51 -10.08 44.47
CA PRO C 181 11.05 -9.92 44.45
C PRO C 181 10.35 -10.90 45.38
N ALA C 182 10.84 -12.13 45.46
CA ALA C 182 10.21 -13.17 46.27
C ALA C 182 10.20 -12.82 47.75
N LEU C 183 11.35 -12.40 48.26
CA LEU C 183 11.47 -12.07 49.67
C LEU C 183 10.87 -10.70 49.98
N ALA C 184 10.97 -9.76 49.05
CA ALA C 184 10.38 -8.45 49.26
C ALA C 184 8.85 -8.55 49.44
N THR C 185 8.25 -9.59 48.87
CA THR C 185 6.80 -9.80 49.01
C THR C 185 6.44 -10.80 50.10
N GLY C 186 7.44 -11.34 50.78
CA GLY C 186 7.20 -12.15 51.98
C GLY C 186 7.01 -13.63 51.72
N ASN C 187 7.46 -14.09 50.55
CA ASN C 187 7.42 -15.50 50.21
C ASN C 187 8.55 -16.27 50.90
N VAL C 188 8.47 -17.60 50.83
CA VAL C 188 9.57 -18.45 51.24
C VAL C 188 10.03 -19.24 50.03
N VAL C 189 11.29 -19.66 50.04
CA VAL C 189 11.93 -20.17 48.83
C VAL C 189 12.62 -21.52 48.99
N VAL C 190 12.40 -22.39 48.00
CA VAL C 190 13.23 -23.56 47.80
C VAL C 190 13.91 -23.43 46.44
N MET C 191 15.22 -23.19 46.47
CA MET C 191 15.94 -22.82 45.27
C MET C 191 16.91 -23.92 44.82
N LYS C 192 16.83 -24.26 43.54
CA LYS C 192 17.68 -25.27 42.93
C LYS C 192 18.74 -24.55 42.09
N VAL C 193 20.00 -24.70 42.48
CA VAL C 193 21.09 -24.05 41.77
C VAL C 193 21.68 -24.97 40.70
N ALA C 194 22.34 -24.38 39.69
CA ALA C 194 22.91 -25.15 38.59
C ALA C 194 24.05 -26.06 39.07
N GLU C 195 24.05 -27.30 38.61
CA GLU C 195 25.08 -28.25 39.01
C GLU C 195 26.46 -27.78 38.56
N GLN C 196 26.49 -26.94 37.52
CA GLN C 196 27.72 -26.40 36.98
C GLN C 196 28.29 -25.24 37.81
N THR C 197 27.43 -24.49 38.49
CA THR C 197 27.87 -23.29 39.21
C THR C 197 27.07 -23.11 40.50
N PRO C 198 27.28 -24.01 41.47
CA PRO C 198 26.48 -24.02 42.71
C PRO C 198 27.15 -23.28 43.85
N LEU C 199 28.43 -22.94 43.69
CA LEU C 199 29.26 -22.53 44.83
C LEU C 199 28.94 -21.14 45.38
N THR C 200 28.88 -20.14 44.53
CA THR C 200 28.63 -18.77 44.97
C THR C 200 27.26 -18.63 45.63
N ALA C 201 26.27 -19.35 45.12
CA ALA C 201 24.91 -19.29 45.66
C ALA C 201 24.85 -19.86 47.07
N LEU C 202 25.62 -20.92 47.31
CA LEU C 202 25.69 -21.53 48.63
C LEU C 202 26.39 -20.61 49.63
N TYR C 203 27.43 -19.91 49.17
CA TYR C 203 28.09 -18.94 50.03
C TYR C 203 27.12 -17.83 50.41
N VAL C 204 26.28 -17.42 49.44
CA VAL C 204 25.28 -16.39 49.66
C VAL C 204 24.25 -16.81 50.71
N ALA C 205 23.95 -18.11 50.77
CA ALA C 205 23.04 -18.66 51.78
C ALA C 205 23.62 -18.52 53.19
N ASN C 206 24.94 -18.61 53.28
CA ASN C 206 25.63 -18.37 54.53
C ASN C 206 25.45 -16.91 54.92
N LEU C 207 25.38 -16.03 53.92
CA LEU C 207 25.18 -14.61 54.18
C LEU C 207 23.73 -14.29 54.53
N ILE C 208 22.82 -15.08 54.00
CA ILE C 208 21.39 -14.95 54.31
C ILE C 208 21.14 -15.27 55.78
N LYS C 209 21.80 -16.32 56.26
CA LYS C 209 21.79 -16.66 57.68
C LYS C 209 22.43 -15.52 58.50
N GLU C 210 23.57 -15.02 58.06
CA GLU C 210 24.24 -13.94 58.75
C GLU C 210 23.37 -12.68 58.82
N ALA C 211 22.65 -12.39 57.73
CA ALA C 211 21.83 -11.20 57.66
C ALA C 211 20.66 -11.22 58.64
N GLY C 212 20.16 -12.42 58.94
CA GLY C 212 19.13 -12.58 59.96
C GLY C 212 17.78 -13.08 59.49
N PHE C 213 17.74 -13.59 58.26
CA PHE C 213 16.50 -14.18 57.75
C PHE C 213 16.14 -15.41 58.56
N PRO C 214 14.89 -15.49 59.03
CA PRO C 214 14.39 -16.63 59.81
C PRO C 214 14.65 -17.95 59.08
N PRO C 215 14.97 -19.03 59.82
CA PRO C 215 15.24 -20.32 59.20
C PRO C 215 14.07 -20.82 58.37
N GLY C 216 14.37 -21.40 57.20
CA GLY C 216 13.35 -21.97 56.35
C GLY C 216 12.78 -20.97 55.37
N VAL C 217 13.16 -19.71 55.51
CA VAL C 217 12.72 -18.67 54.58
C VAL C 217 13.40 -18.86 53.23
N VAL C 218 14.70 -19.17 53.28
CA VAL C 218 15.45 -19.53 52.08
C VAL C 218 16.13 -20.89 52.25
N ASN C 219 15.81 -21.82 51.37
CA ASN C 219 16.42 -23.14 51.37
C ASN C 219 17.06 -23.40 50.02
N ILE C 220 18.30 -23.90 50.03
CA ILE C 220 19.02 -24.14 48.79
C ILE C 220 19.44 -25.61 48.66
N VAL C 221 18.99 -26.25 47.59
CA VAL C 221 19.31 -27.65 47.36
C VAL C 221 20.12 -27.81 46.08
N PRO C 222 21.43 -28.05 46.23
CA PRO C 222 22.27 -28.32 45.06
C PRO C 222 21.98 -29.72 44.51
N GLY C 223 22.10 -29.91 43.20
CA GLY C 223 21.85 -31.23 42.62
C GLY C 223 21.63 -31.21 41.11
N PHE C 224 20.90 -32.18 40.60
CA PHE C 224 20.70 -32.31 39.15
C PHE C 224 19.29 -31.93 38.70
N GLY C 225 19.16 -31.66 37.41
CA GLY C 225 17.89 -31.25 36.84
C GLY C 225 16.82 -32.32 36.88
N PRO C 226 17.12 -33.51 36.34
CA PRO C 226 16.10 -34.56 36.27
C PRO C 226 15.69 -35.06 37.65
N THR C 227 16.49 -34.75 38.67
CA THR C 227 16.20 -35.20 40.03
C THR C 227 15.62 -34.07 40.88
N ALA C 228 16.50 -33.18 41.35
CA ALA C 228 16.09 -32.11 42.25
C ALA C 228 15.13 -31.13 41.59
N GLY C 229 15.48 -30.67 40.39
CA GLY C 229 14.67 -29.70 39.67
C GLY C 229 13.27 -30.22 39.37
N ALA C 230 13.18 -31.50 39.03
CA ALA C 230 11.91 -32.13 38.70
C ALA C 230 11.04 -32.31 39.96
N ALA C 231 11.68 -32.58 41.09
CA ALA C 231 11.01 -32.76 42.36
C ALA C 231 10.32 -31.48 42.83
N ILE C 232 11.00 -30.36 42.61
CA ILE C 232 10.41 -29.06 42.92
C ILE C 232 9.16 -28.83 42.07
N ALA C 233 9.29 -29.01 40.77
CA ALA C 233 8.20 -28.76 39.83
C ALA C 233 6.98 -29.66 40.07
N SER C 234 7.22 -30.87 40.58
CA SER C 234 6.18 -31.87 40.76
C SER C 234 5.62 -31.87 42.17
N HIS C 235 6.19 -31.04 43.04
CA HIS C 235 5.82 -31.07 44.45
C HIS C 235 4.40 -30.60 44.71
N GLU C 236 3.69 -31.32 45.57
CA GLU C 236 2.28 -31.04 45.86
C GLU C 236 2.10 -29.92 46.90
N ASP C 237 3.20 -29.50 47.53
CA ASP C 237 3.12 -28.40 48.48
C ASP C 237 3.96 -27.19 48.05
N VAL C 238 4.31 -27.13 46.76
CA VAL C 238 4.94 -25.95 46.21
C VAL C 238 3.89 -25.13 45.48
N ASP C 239 3.78 -23.85 45.84
CA ASP C 239 2.70 -22.99 45.36
C ASP C 239 3.00 -22.28 44.04
N LYS C 240 4.28 -22.14 43.73
CA LYS C 240 4.70 -21.43 42.54
C LYS C 240 6.06 -21.93 42.11
N VAL C 241 6.29 -22.00 40.81
CA VAL C 241 7.60 -22.41 40.29
C VAL C 241 8.09 -21.45 39.22
N ALA C 242 9.34 -21.02 39.38
CA ALA C 242 9.96 -20.10 38.44
C ALA C 242 11.19 -20.76 37.85
N PHE C 243 11.22 -20.90 36.53
CA PHE C 243 12.31 -21.58 35.87
C PHE C 243 12.97 -20.69 34.83
N THR C 244 14.30 -20.73 34.80
CA THR C 244 15.10 -20.06 33.78
C THR C 244 16.07 -21.07 33.19
N GLY C 245 16.11 -21.17 31.87
CA GLY C 245 16.99 -22.12 31.21
C GLY C 245 16.61 -22.31 29.77
N SER C 246 16.92 -23.49 29.22
CA SER C 246 16.58 -23.79 27.84
C SER C 246 15.06 -23.86 27.65
N THR C 247 14.62 -23.65 26.41
CA THR C 247 13.21 -23.81 26.06
C THR C 247 12.82 -25.28 26.21
N GLU C 248 13.74 -26.17 25.84
CA GLU C 248 13.52 -27.61 25.97
C GLU C 248 13.03 -28.01 27.36
N ILE C 249 13.84 -27.69 28.37
CA ILE C 249 13.54 -28.07 29.73
C ILE C 249 12.36 -27.30 30.30
N GLY C 250 12.17 -26.07 29.84
CA GLY C 250 11.01 -25.28 30.22
C GLY C 250 9.71 -26.03 29.99
N ARG C 251 9.65 -26.81 28.92
CA ARG C 251 8.46 -27.60 28.59
C ARG C 251 8.27 -28.73 29.60
N VAL C 252 9.37 -29.41 29.90
CA VAL C 252 9.39 -30.47 30.90
C VAL C 252 8.83 -29.94 32.21
N ILE C 253 9.27 -28.74 32.57
CA ILE C 253 8.83 -28.07 33.79
C ILE C 253 7.34 -27.78 33.74
N GLN C 254 6.88 -27.19 32.63
CA GLN C 254 5.49 -26.81 32.51
C GLN C 254 4.54 -28.01 32.46
N VAL C 255 5.06 -29.15 32.01
CA VAL C 255 4.29 -30.39 31.98
C VAL C 255 4.21 -31.01 33.37
N ALA C 256 5.37 -31.16 34.00
CA ALA C 256 5.43 -31.65 35.36
C ALA C 256 4.66 -30.75 36.32
N ALA C 257 4.73 -29.45 36.08
CA ALA C 257 4.09 -28.46 36.95
C ALA C 257 2.58 -28.38 36.72
N GLY C 258 2.10 -29.09 35.71
CA GLY C 258 0.67 -29.09 35.39
C GLY C 258 -0.01 -30.37 35.83
N SER C 259 0.78 -31.42 35.99
CA SER C 259 0.26 -32.72 36.39
C SER C 259 0.39 -32.93 37.90
N SER C 260 0.55 -31.84 38.64
CA SER C 260 0.70 -31.91 40.09
C SER C 260 -0.43 -31.18 40.83
N ASN C 261 -0.23 -29.90 41.12
CA ASN C 261 -1.18 -29.16 41.95
C ASN C 261 -1.63 -27.80 41.41
N LEU C 262 -1.54 -27.62 40.09
CA LEU C 262 -1.97 -26.37 39.46
C LEU C 262 -1.20 -25.16 39.99
N LYS C 263 0.00 -25.41 40.49
CA LYS C 263 0.87 -24.33 40.97
C LYS C 263 1.13 -23.31 39.86
N ARG C 264 1.43 -22.08 40.26
CA ARG C 264 1.73 -21.04 39.30
C ARG C 264 3.11 -21.27 38.69
N VAL C 265 3.23 -21.01 37.38
CA VAL C 265 4.50 -21.25 36.67
C VAL C 265 4.91 -20.07 35.81
N THR C 266 6.14 -19.62 36.00
CA THR C 266 6.74 -18.60 35.14
C THR C 266 8.03 -19.15 34.53
N LEU C 267 8.25 -18.87 33.26
CA LEU C 267 9.43 -19.39 32.57
C LEU C 267 10.27 -18.27 31.92
N GLU C 268 11.58 -18.45 31.93
CA GLU C 268 12.47 -17.57 31.22
C GLU C 268 13.35 -18.45 30.34
N LEU C 269 13.07 -18.47 29.05
CA LEU C 269 13.68 -19.45 28.15
C LEU C 269 14.63 -18.83 27.13
N GLY C 270 14.99 -19.61 26.12
CA GLY C 270 15.97 -19.18 25.13
C GLY C 270 15.53 -18.04 24.23
N GLY C 271 16.43 -17.63 23.34
CA GLY C 271 16.11 -16.61 22.35
C GLY C 271 16.93 -16.74 21.09
N LYS C 272 16.57 -15.99 20.05
CA LYS C 272 17.36 -15.86 18.84
C LYS C 272 17.19 -14.43 18.38
N SER C 273 17.62 -13.51 19.24
CA SER C 273 17.25 -12.10 19.15
C SER C 273 17.84 -11.36 17.96
N PRO C 274 16.98 -10.64 17.21
CA PRO C 274 17.39 -9.85 16.05
C PRO C 274 18.00 -8.52 16.45
N ASN C 275 19.21 -8.24 15.98
CA ASN C 275 19.87 -6.95 16.15
C ASN C 275 19.91 -6.25 14.78
N ILE C 276 19.09 -5.21 14.61
CA ILE C 276 18.89 -4.59 13.31
C ILE C 276 19.65 -3.28 13.09
N ILE C 277 20.53 -3.29 12.09
CA ILE C 277 21.35 -2.14 11.77
C ILE C 277 20.89 -1.45 10.49
N MET C 278 20.24 -0.31 10.64
CA MET C 278 19.76 0.45 9.49
C MET C 278 20.93 1.21 8.89
N SER C 279 20.81 1.57 7.61
CA SER C 279 21.92 2.18 6.88
C SER C 279 22.37 3.52 7.45
N ASP C 280 21.50 4.19 8.21
CA ASP C 280 21.85 5.49 8.79
C ASP C 280 22.37 5.41 10.23
N ALA C 281 22.67 4.20 10.68
CA ALA C 281 23.25 3.97 11.99
C ALA C 281 24.65 4.57 12.07
N ASP C 282 25.07 4.86 13.30
CA ASP C 282 26.46 5.20 13.57
C ASP C 282 27.29 3.92 13.44
N MET C 283 28.16 3.87 12.43
CA MET C 283 28.91 2.66 12.13
C MET C 283 29.76 2.16 13.31
N ASP C 284 30.67 3.01 13.78
CA ASP C 284 31.55 2.65 14.90
C ASP C 284 30.78 2.07 16.07
N TRP C 285 29.73 2.78 16.46
CA TRP C 285 28.93 2.41 17.62
C TRP C 285 28.18 1.09 17.39
N ALA C 286 27.55 0.96 16.24
CA ALA C 286 26.77 -0.22 15.90
C ALA C 286 27.64 -1.48 15.83
N VAL C 287 28.86 -1.35 15.29
CA VAL C 287 29.77 -2.48 15.21
C VAL C 287 30.24 -2.96 16.58
N GLU C 288 30.59 -2.01 17.45
CA GLU C 288 31.03 -2.39 18.80
C GLU C 288 29.87 -2.96 19.60
N GLN C 289 28.69 -2.38 19.42
CA GLN C 289 27.51 -2.82 20.15
C GLN C 289 26.98 -4.17 19.67
N ALA C 290 27.09 -4.43 18.37
CA ALA C 290 26.70 -5.74 17.83
C ALA C 290 27.65 -6.83 18.30
N HIS C 291 28.93 -6.47 18.49
CA HIS C 291 29.92 -7.40 19.02
C HIS C 291 29.60 -7.75 20.47
N PHE C 292 29.38 -6.70 21.26
CA PHE C 292 28.96 -6.82 22.66
C PHE C 292 27.67 -7.62 22.77
N ALA C 293 26.69 -7.32 21.92
CA ALA C 293 25.38 -7.95 21.95
C ALA C 293 25.46 -9.46 21.82
N LEU C 294 26.45 -9.91 21.06
CA LEU C 294 26.59 -11.33 20.76
C LEU C 294 27.57 -12.05 21.70
N PHE C 295 28.76 -11.47 21.84
CA PHE C 295 29.85 -12.15 22.55
C PHE C 295 29.82 -11.98 24.06
N PHE C 296 28.98 -11.08 24.57
CA PHE C 296 29.00 -10.87 26.02
C PHE C 296 28.84 -12.19 26.79
N ASN C 297 29.65 -12.38 27.83
CA ASN C 297 29.58 -13.57 28.67
C ASN C 297 29.82 -14.88 27.91
N GLN C 298 30.88 -14.91 27.10
CA GLN C 298 31.19 -16.09 26.28
C GLN C 298 30.02 -16.47 25.37
N GLY C 299 29.16 -15.49 25.08
CA GLY C 299 27.99 -15.71 24.25
C GLY C 299 26.86 -16.39 25.01
N GLN C 300 27.03 -16.54 26.31
CA GLN C 300 26.07 -17.28 27.13
C GLN C 300 24.99 -16.36 27.74
N CYS C 301 24.15 -15.80 26.88
CA CYS C 301 23.02 -14.98 27.30
C CYS C 301 21.82 -15.34 26.42
N SER C 302 20.68 -15.61 27.05
CA SER C 302 19.47 -15.93 26.30
C SER C 302 19.05 -14.80 25.36
N CYS C 303 19.42 -13.56 25.71
CA CYS C 303 19.03 -12.40 24.91
C CYS C 303 20.13 -11.96 23.93
N ALA C 304 21.14 -12.79 23.72
CA ALA C 304 22.23 -12.43 22.82
C ALA C 304 21.72 -12.03 21.43
N GLY C 305 22.32 -11.00 20.84
CA GLY C 305 21.99 -10.58 19.49
C GLY C 305 22.62 -11.52 18.47
N SER C 306 21.99 -12.69 18.31
CA SER C 306 22.55 -13.78 17.53
C SER C 306 22.00 -13.81 16.11
N ARG C 307 21.29 -12.76 15.74
CA ARG C 307 20.86 -12.56 14.36
C ARG C 307 21.05 -11.09 14.01
N THR C 308 22.26 -10.76 13.54
CA THR C 308 22.59 -9.39 13.17
C THR C 308 22.15 -9.11 11.74
N PHE C 309 21.07 -8.33 11.59
CA PHE C 309 20.62 -7.91 10.27
C PHE C 309 21.26 -6.57 9.92
N VAL C 310 21.91 -6.50 8.76
CA VAL C 310 22.55 -5.27 8.32
C VAL C 310 22.03 -4.81 6.96
N GLN C 311 21.74 -3.52 6.84
CA GLN C 311 21.22 -2.99 5.57
C GLN C 311 22.28 -3.15 4.49
N GLU C 312 21.83 -3.56 3.30
CA GLU C 312 22.75 -3.89 2.22
C GLU C 312 23.76 -2.78 1.88
N ASP C 313 23.34 -1.52 2.01
CA ASP C 313 24.21 -0.38 1.71
C ASP C 313 25.46 -0.34 2.58
N ILE C 314 25.36 -0.87 3.80
CA ILE C 314 26.47 -0.83 4.75
C ILE C 314 26.96 -2.22 5.11
N TYR C 315 26.38 -3.23 4.48
CA TYR C 315 26.66 -4.62 4.80
C TYR C 315 28.14 -4.99 4.70
N ASP C 316 28.75 -4.70 3.56
CA ASP C 316 30.15 -5.03 3.34
C ASP C 316 31.04 -4.43 4.42
N GLU C 317 30.88 -3.13 4.65
CA GLU C 317 31.72 -2.42 5.61
C GLU C 317 31.48 -2.90 7.05
N PHE C 318 30.23 -3.20 7.38
CA PHE C 318 29.91 -3.71 8.71
C PHE C 318 30.56 -5.07 8.96
N VAL C 319 30.53 -5.91 7.94
CA VAL C 319 31.07 -7.26 8.05
C VAL C 319 32.58 -7.23 8.21
N GLU C 320 33.23 -6.32 7.48
CA GLU C 320 34.68 -6.16 7.59
C GLU C 320 35.08 -5.70 9.00
N ARG C 321 34.38 -4.69 9.51
CA ARG C 321 34.66 -4.16 10.84
C ARG C 321 34.38 -5.17 11.96
N SER C 322 33.31 -5.96 11.79
CA SER C 322 32.94 -6.97 12.78
C SER C 322 33.99 -8.09 12.89
N VAL C 323 34.47 -8.55 11.75
CA VAL C 323 35.49 -9.61 11.70
C VAL C 323 36.78 -9.14 12.36
N ALA C 324 37.17 -7.91 12.04
CA ALA C 324 38.36 -7.33 12.64
C ALA C 324 38.25 -7.28 14.17
N ARG C 325 37.06 -6.97 14.66
CA ARG C 325 36.80 -6.86 16.09
C ARG C 325 36.77 -8.24 16.77
N ALA C 326 36.20 -9.23 16.08
CA ALA C 326 36.18 -10.60 16.56
C ALA C 326 37.60 -11.18 16.68
N LYS C 327 38.42 -10.94 15.66
CA LYS C 327 39.82 -11.38 15.67
C LYS C 327 40.63 -10.72 16.77
N SER C 328 40.24 -9.51 17.17
CA SER C 328 40.97 -8.75 18.19
C SER C 328 40.57 -9.15 19.60
N ARG C 329 39.45 -9.86 19.73
CA ARG C 329 38.95 -10.24 21.04
C ARG C 329 39.89 -11.23 21.72
N VAL C 330 40.38 -10.86 22.89
CA VAL C 330 41.37 -11.66 23.63
C VAL C 330 40.76 -12.79 24.46
N VAL C 331 41.05 -14.02 24.07
CA VAL C 331 40.60 -15.21 24.79
C VAL C 331 41.73 -15.69 25.70
N GLY C 332 41.41 -16.03 26.95
CA GLY C 332 42.44 -16.49 27.87
C GLY C 332 42.00 -16.71 29.31
N ASN C 333 42.98 -16.75 30.21
CA ASN C 333 42.74 -16.87 31.65
C ASN C 333 41.81 -15.75 32.13
N PRO C 334 40.62 -16.12 32.63
CA PRO C 334 39.64 -15.10 33.06
C PRO C 334 40.18 -14.20 34.18
N PHE C 335 41.17 -14.67 34.93
CA PHE C 335 41.78 -13.85 35.98
C PHE C 335 42.80 -12.83 35.47
N ASP C 336 43.04 -12.82 34.17
CA ASP C 336 43.96 -11.87 33.56
C ASP C 336 43.18 -10.64 33.08
N SER C 337 43.60 -9.46 33.52
CA SER C 337 42.86 -8.24 33.26
C SER C 337 42.70 -7.96 31.77
N LYS C 338 43.51 -8.63 30.95
CA LYS C 338 43.47 -8.42 29.51
C LYS C 338 42.51 -9.38 28.81
N THR C 339 42.08 -10.42 29.53
CA THR C 339 41.16 -11.40 28.95
C THR C 339 39.78 -10.78 28.73
N GLU C 340 39.30 -10.85 27.49
CA GLU C 340 37.96 -10.38 27.16
C GLU C 340 36.95 -11.53 27.20
N GLN C 341 37.44 -12.74 26.94
CA GLN C 341 36.59 -13.91 26.84
C GLN C 341 37.21 -15.09 27.56
N GLY C 342 36.46 -15.70 28.47
CA GLY C 342 36.94 -16.88 29.17
C GLY C 342 36.49 -18.15 28.46
N PRO C 343 36.43 -19.26 29.20
CA PRO C 343 35.99 -20.52 28.61
C PRO C 343 34.47 -20.66 28.67
N GLN C 344 33.93 -21.59 27.86
CA GLN C 344 32.54 -21.98 27.99
C GLN C 344 32.34 -22.68 29.33
N VAL C 345 31.09 -22.86 29.75
CA VAL C 345 30.83 -23.29 31.12
C VAL C 345 31.28 -24.71 31.43
N ASP C 346 31.14 -25.62 30.47
CA ASP C 346 31.50 -27.01 30.73
C ASP C 346 31.68 -27.80 29.43
N GLU C 347 32.04 -29.08 29.57
CA GLU C 347 32.31 -29.90 28.39
C GLU C 347 31.07 -30.02 27.51
N THR C 348 29.92 -30.28 28.11
CA THR C 348 28.68 -30.39 27.35
C THR C 348 28.50 -29.21 26.39
N GLN C 349 28.48 -27.99 26.94
CA GLN C 349 28.32 -26.78 26.12
C GLN C 349 29.46 -26.64 25.10
N PHE C 350 30.69 -26.86 25.57
CA PHE C 350 31.87 -26.92 24.71
C PHE C 350 31.60 -27.69 23.41
N LYS C 351 31.16 -28.95 23.56
CA LYS C 351 30.90 -29.82 22.43
C LYS C 351 29.67 -29.37 21.63
N LYS C 352 28.69 -28.80 22.33
CA LYS C 352 27.47 -28.39 21.65
C LYS C 352 27.71 -27.20 20.73
N ILE C 353 28.57 -26.28 21.15
CA ILE C 353 28.88 -25.10 20.35
C ILE C 353 29.73 -25.44 19.13
N LEU C 354 30.71 -26.32 19.33
CA LEU C 354 31.54 -26.80 18.22
C LEU C 354 30.69 -27.55 17.19
N GLY C 355 29.63 -28.20 17.66
CA GLY C 355 28.70 -28.88 16.81
C GLY C 355 27.89 -27.91 15.97
N TYR C 356 27.46 -26.80 16.60
CA TYR C 356 26.75 -25.75 15.89
C TYR C 356 27.65 -25.08 14.87
N ILE C 357 28.91 -24.86 15.25
CA ILE C 357 29.91 -24.34 14.31
C ILE C 357 29.97 -25.28 13.10
N ASN C 358 30.03 -26.58 13.37
CA ASN C 358 30.07 -27.58 12.30
C ASN C 358 28.84 -27.50 11.40
N THR C 359 27.67 -27.42 12.01
CA THR C 359 26.43 -27.29 11.25
C THR C 359 26.46 -26.03 10.39
N GLY C 360 26.99 -24.95 10.95
CA GLY C 360 27.09 -23.68 10.26
C GLY C 360 27.93 -23.74 8.99
N LYS C 361 29.05 -24.46 9.06
CA LYS C 361 29.89 -24.67 7.88
C LYS C 361 29.22 -25.62 6.88
N GLN C 362 28.58 -26.67 7.38
CA GLN C 362 27.89 -27.63 6.52
C GLN C 362 26.70 -27.05 5.76
N GLU C 363 26.10 -25.99 6.30
CA GLU C 363 24.93 -25.36 5.68
C GLU C 363 25.27 -24.24 4.71
N GLY C 364 26.56 -23.90 4.60
CA GLY C 364 26.99 -22.91 3.63
C GLY C 364 26.98 -21.46 4.09
N ALA C 365 27.03 -21.24 5.39
CA ALA C 365 27.28 -19.90 5.91
C ALA C 365 28.77 -19.59 5.83
N LYS C 366 29.11 -18.37 5.44
CA LYS C 366 30.50 -17.97 5.29
C LYS C 366 31.26 -17.86 6.61
N LEU C 367 32.11 -18.84 6.91
CA LEU C 367 32.98 -18.74 8.07
C LEU C 367 34.03 -17.68 7.79
N LEU C 368 33.99 -16.59 8.57
CA LEU C 368 34.86 -15.44 8.31
C LEU C 368 36.06 -15.37 9.24
N CYS C 369 35.91 -15.94 10.44
CA CYS C 369 37.01 -16.01 11.40
C CYS C 369 36.70 -17.01 12.49
N GLY C 370 37.72 -17.38 13.26
CA GLY C 370 37.58 -18.33 14.35
C GLY C 370 37.04 -19.66 13.87
N GLY C 371 36.17 -20.26 14.67
CA GLY C 371 35.48 -21.47 14.27
C GLY C 371 36.06 -22.73 14.90
N GLY C 372 37.14 -22.57 15.65
CA GLY C 372 37.78 -23.71 16.26
C GLY C 372 38.04 -23.53 17.75
N ILE C 373 38.71 -24.53 18.31
CA ILE C 373 39.16 -24.50 19.70
C ILE C 373 40.19 -23.37 19.88
N ALA C 374 40.16 -22.71 21.03
CA ALA C 374 41.03 -21.56 21.27
C ALA C 374 42.22 -21.85 22.18
N ALA C 375 42.18 -23.00 22.86
CA ALA C 375 43.28 -23.41 23.72
C ALA C 375 43.36 -24.94 23.86
N ASP C 376 44.52 -25.43 24.31
CA ASP C 376 44.74 -26.86 24.49
C ASP C 376 44.21 -27.35 25.84
N ARG C 377 43.89 -26.42 26.73
CA ARG C 377 43.35 -26.74 28.05
C ARG C 377 42.13 -25.89 28.35
N GLY C 378 41.07 -26.50 28.89
CA GLY C 378 39.85 -25.78 29.19
C GLY C 378 38.93 -25.67 27.99
N TYR C 379 37.72 -25.18 28.20
CA TYR C 379 36.71 -25.18 27.15
C TYR C 379 36.63 -23.83 26.41
N PHE C 380 37.79 -23.40 25.92
CA PHE C 380 37.89 -22.15 25.18
C PHE C 380 37.56 -22.35 23.71
N ILE C 381 36.69 -21.49 23.18
CA ILE C 381 36.31 -21.53 21.77
C ILE C 381 36.57 -20.16 21.14
N GLN C 382 37.20 -20.14 19.97
CA GLN C 382 37.54 -18.90 19.29
C GLN C 382 36.29 -18.11 18.94
N PRO C 383 36.35 -16.77 19.07
CA PRO C 383 35.29 -15.89 18.59
C PRO C 383 35.06 -16.16 17.11
N THR C 384 33.83 -16.54 16.77
CA THR C 384 33.51 -17.03 15.44
C THR C 384 32.47 -16.14 14.77
N VAL C 385 32.66 -15.86 13.48
CA VAL C 385 31.72 -15.02 12.73
C VAL C 385 31.29 -15.67 11.41
N PHE C 386 29.99 -15.83 11.25
CA PHE C 386 29.42 -16.29 9.98
C PHE C 386 28.75 -15.15 9.25
N GLY C 387 29.13 -14.97 7.98
CA GLY C 387 28.48 -14.01 7.11
C GLY C 387 27.52 -14.66 6.13
N ASP C 388 26.73 -13.84 5.45
CA ASP C 388 25.81 -14.34 4.44
C ASP C 388 24.87 -15.42 4.98
N VAL C 389 24.52 -15.31 6.26
CA VAL C 389 23.60 -16.26 6.88
C VAL C 389 22.20 -16.07 6.33
N GLN C 390 21.50 -17.18 6.08
CA GLN C 390 20.13 -17.12 5.56
C GLN C 390 19.13 -17.59 6.60
N ASP C 391 17.87 -17.18 6.46
CA ASP C 391 16.86 -17.43 7.49
C ASP C 391 16.63 -18.92 7.78
N GLY C 392 16.73 -19.74 6.75
CA GLY C 392 16.40 -21.15 6.87
C GLY C 392 17.54 -22.01 7.38
N MET C 393 18.67 -21.40 7.72
CA MET C 393 19.79 -22.14 8.25
C MET C 393 19.59 -22.45 9.73
N THR C 394 20.11 -23.59 10.17
CA THR C 394 20.03 -23.96 11.57
C THR C 394 20.64 -22.89 12.48
N ILE C 395 21.78 -22.32 12.08
CA ILE C 395 22.44 -21.33 12.92
C ILE C 395 21.69 -19.99 12.97
N ALA C 396 20.71 -19.82 12.09
CA ALA C 396 19.86 -18.64 12.09
C ALA C 396 18.54 -18.90 12.81
N LYS C 397 18.36 -20.13 13.30
CA LYS C 397 17.11 -20.52 13.95
C LYS C 397 17.29 -20.97 15.40
N GLU C 398 18.38 -21.67 15.68
CA GLU C 398 18.57 -22.27 17.00
C GLU C 398 19.51 -21.45 17.87
N GLU C 399 19.18 -21.37 19.15
CA GLU C 399 20.05 -20.74 20.13
C GLU C 399 21.33 -21.55 20.30
N ILE C 400 22.46 -20.94 19.98
CA ILE C 400 23.75 -21.59 20.05
C ILE C 400 24.38 -21.42 21.45
N PHE C 401 24.13 -20.28 22.08
CA PHE C 401 24.62 -20.02 23.42
C PHE C 401 26.16 -20.01 23.53
N GLY C 402 26.82 -19.53 22.48
CA GLY C 402 28.27 -19.44 22.48
C GLY C 402 28.74 -18.29 21.62
N PRO C 403 30.08 -18.18 21.43
CA PRO C 403 30.74 -17.06 20.75
C PRO C 403 30.63 -17.17 19.24
N VAL C 404 29.40 -17.32 18.74
CA VAL C 404 29.18 -17.53 17.32
C VAL C 404 28.19 -16.52 16.79
N MET C 405 28.69 -15.63 15.94
CA MET C 405 27.92 -14.50 15.41
C MET C 405 27.40 -14.78 14.01
N GLN C 406 26.13 -14.43 13.79
CA GLN C 406 25.49 -14.54 12.48
C GLN C 406 25.16 -13.17 11.93
N ILE C 407 25.61 -12.91 10.70
CA ILE C 407 25.30 -11.64 10.04
C ILE C 407 24.47 -11.87 8.78
N LEU C 408 23.34 -11.17 8.70
CA LEU C 408 22.40 -11.30 7.59
C LEU C 408 22.19 -9.99 6.83
N LYS C 409 21.93 -10.09 5.54
CA LYS C 409 21.72 -8.92 4.71
C LYS C 409 20.23 -8.71 4.45
N PHE C 410 19.77 -7.47 4.53
CA PHE C 410 18.38 -7.16 4.21
C PHE C 410 18.35 -5.84 3.42
N LYS C 411 17.23 -5.53 2.79
CA LYS C 411 17.11 -4.31 2.01
C LYS C 411 16.14 -3.29 2.60
N THR C 412 14.89 -3.69 2.83
CA THR C 412 13.86 -2.74 3.25
C THR C 412 13.42 -2.90 4.71
N ILE C 413 12.91 -1.83 5.30
CA ILE C 413 12.47 -1.87 6.69
C ILE C 413 11.25 -2.79 6.87
N GLU C 414 10.42 -2.86 5.82
CA GLU C 414 9.28 -3.74 5.83
C GLU C 414 9.76 -5.19 5.84
N GLU C 415 10.77 -5.46 5.04
CA GLU C 415 11.33 -6.80 4.92
C GLU C 415 11.93 -7.29 6.23
N VAL C 416 12.78 -6.47 6.83
CA VAL C 416 13.51 -6.89 8.03
C VAL C 416 12.57 -7.12 9.20
N VAL C 417 11.45 -6.39 9.24
CA VAL C 417 10.44 -6.59 10.27
C VAL C 417 9.88 -8.00 10.22
N GLY C 418 9.46 -8.43 9.03
CA GLY C 418 8.90 -9.75 8.84
C GLY C 418 9.88 -10.86 9.17
N ARG C 419 11.14 -10.69 8.78
CA ARG C 419 12.16 -11.72 9.03
C ARG C 419 12.60 -11.75 10.50
N ALA C 420 12.61 -10.61 11.17
CA ALA C 420 12.96 -10.56 12.58
C ALA C 420 11.91 -11.27 13.44
N ASN C 421 10.63 -11.06 13.10
CA ASN C 421 9.54 -11.65 13.86
C ASN C 421 9.29 -13.10 13.49
N ASN C 422 9.83 -13.53 12.36
CA ASN C 422 9.69 -14.91 11.92
C ASN C 422 10.55 -15.82 12.76
N SER C 423 10.19 -15.94 14.03
CA SER C 423 10.92 -16.75 14.99
C SER C 423 9.96 -17.21 16.08
N THR C 424 10.15 -18.42 16.58
CA THR C 424 9.36 -18.90 17.71
C THR C 424 9.86 -18.27 19.00
N TYR C 425 10.97 -17.55 18.90
CA TYR C 425 11.54 -16.83 20.03
C TYR C 425 11.14 -15.35 19.96
N GLY C 426 11.01 -14.72 21.14
CA GLY C 426 10.73 -13.30 21.22
C GLY C 426 11.21 -12.65 22.50
N LEU C 427 12.42 -13.01 22.94
CA LEU C 427 12.94 -12.50 24.21
C LEU C 427 13.38 -11.05 24.08
N ALA C 428 14.10 -10.73 23.01
CA ALA C 428 14.64 -9.40 22.88
C ALA C 428 14.93 -9.04 21.42
N ALA C 429 15.26 -7.78 21.18
CA ALA C 429 15.59 -7.28 19.84
C ALA C 429 16.24 -5.90 19.99
N ALA C 430 16.83 -5.40 18.91
CA ALA C 430 17.47 -4.09 18.96
C ALA C 430 17.45 -3.38 17.60
N VAL C 431 17.48 -2.05 17.64
CA VAL C 431 17.48 -1.24 16.43
C VAL C 431 18.50 -0.13 16.54
N PHE C 432 19.35 -0.02 15.53
CA PHE C 432 20.35 1.03 15.46
C PHE C 432 20.04 1.95 14.27
N THR C 433 19.68 3.18 14.58
CA THR C 433 19.31 4.16 13.57
C THR C 433 19.40 5.55 14.18
N LYS C 434 19.57 6.55 13.34
CA LYS C 434 19.57 7.94 13.78
C LYS C 434 18.20 8.57 13.56
N ASP C 435 17.29 7.81 12.94
CA ASP C 435 16.01 8.35 12.53
C ASP C 435 14.91 8.12 13.55
N LEU C 436 14.23 9.20 13.92
CA LEU C 436 13.11 9.13 14.85
C LEU C 436 12.02 8.15 14.38
N ASP C 437 11.51 8.34 13.17
CA ASP C 437 10.41 7.53 12.66
C ASP C 437 10.76 6.05 12.53
N LYS C 438 11.97 5.76 12.06
CA LYS C 438 12.39 4.37 11.89
C LYS C 438 12.50 3.68 13.24
N ALA C 439 13.01 4.41 14.23
CA ALA C 439 13.14 3.88 15.58
C ALA C 439 11.79 3.49 16.17
N ASN C 440 10.81 4.38 16.05
CA ASN C 440 9.48 4.13 16.58
C ASN C 440 8.72 3.04 15.82
N TYR C 441 8.80 3.05 14.50
CA TYR C 441 8.13 2.04 13.69
C TYR C 441 8.60 0.64 14.10
N LEU C 442 9.91 0.48 14.24
CA LEU C 442 10.50 -0.80 14.60
C LEU C 442 10.25 -1.22 16.05
N SER C 443 10.39 -0.27 16.99
CA SER C 443 10.22 -0.63 18.40
C SER C 443 8.82 -1.18 18.66
N GLN C 444 7.85 -0.70 17.90
CA GLN C 444 6.47 -1.15 18.02
C GLN C 444 6.20 -2.47 17.30
N ALA C 445 6.79 -2.60 16.11
CA ALA C 445 6.52 -3.75 15.23
C ALA C 445 7.24 -5.03 15.65
N LEU C 446 8.43 -4.88 16.22
CA LEU C 446 9.23 -6.01 16.69
C LEU C 446 8.52 -6.77 17.80
N GLN C 447 8.35 -8.08 17.60
CA GLN C 447 7.67 -8.94 18.56
C GLN C 447 8.66 -9.51 19.56
N ALA C 448 9.12 -8.64 20.47
CA ALA C 448 10.07 -9.01 21.50
C ALA C 448 9.69 -8.38 22.84
N GLY C 449 10.15 -8.97 23.94
CA GLY C 449 9.83 -8.51 25.27
C GLY C 449 10.61 -7.25 25.64
N THR C 450 11.81 -7.13 25.09
CA THR C 450 12.63 -5.94 25.29
C THR C 450 13.18 -5.47 23.95
N VAL C 451 12.95 -4.21 23.62
CA VAL C 451 13.56 -3.62 22.44
C VAL C 451 14.57 -2.52 22.84
N TRP C 452 15.83 -2.72 22.46
CA TRP C 452 16.86 -1.74 22.72
C TRP C 452 17.04 -0.85 21.49
N VAL C 453 17.17 0.46 21.71
CA VAL C 453 17.39 1.39 20.61
C VAL C 453 18.75 2.07 20.71
N ASN C 454 19.61 1.79 19.73
CA ASN C 454 20.99 2.29 19.71
C ASN C 454 21.82 1.81 20.92
N CYS C 455 21.43 0.67 21.48
CA CYS C 455 22.17 0.04 22.56
C CYS C 455 21.78 -1.42 22.64
N TYR C 456 22.39 -2.16 23.56
CA TYR C 456 22.08 -3.57 23.73
C TYR C 456 22.43 -4.03 25.14
N ASP C 457 21.68 -4.99 25.66
CA ASP C 457 21.99 -5.57 26.96
C ASP C 457 21.95 -4.53 28.08
N VAL C 458 21.17 -3.48 27.87
CA VAL C 458 20.99 -2.46 28.89
C VAL C 458 19.91 -2.92 29.86
N PHE C 459 20.37 -3.43 31.01
CA PHE C 459 19.44 -3.86 32.05
C PHE C 459 19.46 -2.88 33.21
N GLY C 460 18.27 -2.65 33.77
CA GLY C 460 18.14 -1.88 34.98
C GLY C 460 17.22 -2.65 35.91
N ALA C 461 17.46 -2.55 37.21
CA ALA C 461 16.59 -3.22 38.17
C ALA C 461 15.15 -2.73 37.98
N GLN C 462 15.03 -1.51 37.47
CA GLN C 462 13.74 -0.82 37.33
C GLN C 462 12.93 -1.24 36.11
N SER C 463 13.59 -1.69 35.05
CA SER C 463 12.89 -2.07 33.82
C SER C 463 12.68 -3.59 33.75
N PRO C 464 11.44 -4.02 33.45
CA PRO C 464 11.08 -5.44 33.42
C PRO C 464 11.71 -6.20 32.24
N PHE C 465 11.95 -7.49 32.44
CA PHE C 465 12.56 -8.33 31.42
C PHE C 465 11.86 -9.68 31.31
N GLY C 466 11.65 -10.15 30.08
CA GLY C 466 11.00 -11.42 29.86
C GLY C 466 10.60 -11.54 28.41
N GLY C 467 10.25 -12.74 27.99
CA GLY C 467 9.98 -13.00 26.58
C GLY C 467 8.54 -13.19 26.13
N TYR C 468 8.36 -13.03 24.82
CA TYR C 468 7.12 -13.36 24.13
C TYR C 468 7.24 -14.79 23.63
N LYS C 469 6.15 -15.33 23.08
CA LYS C 469 6.17 -16.64 22.45
C LYS C 469 6.84 -17.72 23.29
N MET C 470 7.77 -18.44 22.66
CA MET C 470 8.45 -19.57 23.30
C MET C 470 9.69 -19.14 24.07
N SER C 471 9.85 -17.84 24.28
CA SER C 471 10.97 -17.31 25.05
C SER C 471 10.62 -17.28 26.54
N GLY C 472 9.40 -17.73 26.85
CA GLY C 472 8.94 -17.77 28.22
C GLY C 472 7.71 -16.92 28.46
N SER C 473 7.27 -16.93 29.71
CA SER C 473 6.08 -16.21 30.14
C SER C 473 6.41 -15.45 31.40
N GLY C 474 5.84 -14.26 31.55
CA GLY C 474 6.06 -13.47 32.74
C GLY C 474 7.28 -12.58 32.61
N ARG C 475 7.49 -11.73 33.62
CA ARG C 475 8.56 -10.73 33.59
C ARG C 475 9.36 -10.75 34.88
N GLU C 476 10.64 -10.42 34.77
CA GLU C 476 11.49 -10.23 35.94
C GLU C 476 12.02 -8.81 36.00
N LEU C 477 12.25 -8.32 37.22
CA LEU C 477 12.73 -6.96 37.46
C LEU C 477 11.58 -5.94 37.41
N GLY C 478 11.85 -4.72 37.87
CA GLY C 478 10.83 -3.69 37.95
C GLY C 478 9.70 -4.01 38.91
N GLU C 479 8.63 -3.22 38.80
CA GLU C 479 7.43 -3.44 39.61
C GLU C 479 6.69 -4.70 39.16
N TYR C 480 6.75 -4.99 37.86
CA TYR C 480 6.09 -6.16 37.30
C TYR C 480 6.65 -7.44 37.91
N GLY C 481 7.94 -7.44 38.24
CA GLY C 481 8.58 -8.59 38.83
C GLY C 481 7.90 -9.04 40.11
N LEU C 482 7.09 -8.15 40.69
CA LEU C 482 6.40 -8.43 41.95
C LEU C 482 5.10 -9.20 41.73
N GLN C 483 4.56 -9.13 40.52
CA GLN C 483 3.24 -9.71 40.24
C GLN C 483 3.20 -11.22 40.32
N ALA C 484 4.26 -11.88 39.87
CA ALA C 484 4.28 -13.34 39.87
C ALA C 484 4.43 -13.88 41.30
N TYR C 485 4.75 -12.98 42.23
CA TYR C 485 5.00 -13.37 43.63
C TYR C 485 3.91 -12.91 44.59
N THR C 486 2.81 -12.42 44.02
CA THR C 486 1.70 -11.90 44.81
C THR C 486 0.42 -12.69 44.56
N LYS C 487 -0.36 -12.88 45.63
CA LYS C 487 -1.68 -13.48 45.56
C LYS C 487 -2.69 -12.41 45.97
N VAL C 488 -3.77 -12.27 45.21
CA VAL C 488 -4.74 -11.22 45.52
C VAL C 488 -5.96 -11.76 46.26
N LYS C 489 -6.15 -11.27 47.49
CA LYS C 489 -7.36 -11.59 48.24
C LYS C 489 -8.31 -10.40 48.22
N THR C 490 -9.53 -10.61 47.76
CA THR C 490 -10.54 -9.56 47.83
C THR C 490 -11.42 -9.77 49.05
N VAL C 491 -11.54 -8.72 49.87
CA VAL C 491 -12.41 -8.74 51.04
C VAL C 491 -13.57 -7.76 50.82
N THR C 492 -14.80 -8.25 50.91
CA THR C 492 -15.97 -7.40 50.68
C THR C 492 -16.89 -7.39 51.89
N VAL C 493 -17.05 -6.22 52.48
CA VAL C 493 -17.67 -6.06 53.80
C VAL C 493 -18.96 -5.26 53.71
N LYS C 494 -20.04 -5.83 54.24
CA LYS C 494 -21.31 -5.14 54.31
C LYS C 494 -21.19 -3.93 55.24
N VAL C 495 -21.60 -2.76 54.77
CA VAL C 495 -21.58 -1.55 55.58
C VAL C 495 -22.98 -0.94 55.67
N PRO C 496 -23.23 -0.15 56.73
CA PRO C 496 -24.55 0.48 56.94
C PRO C 496 -25.12 1.22 55.73
N GLN C 497 -24.39 2.24 55.26
CA GLN C 497 -24.81 2.97 54.06
C GLN C 497 -23.61 3.59 53.36
N LYS C 498 -23.28 3.04 52.19
CA LYS C 498 -22.15 3.52 51.38
C LYS C 498 -22.34 4.97 50.91
N ASN C 499 -21.27 5.76 51.05
CA ASN C 499 -21.24 7.11 50.51
C ASN C 499 -19.94 7.34 49.78
N SER C 500 -19.92 8.28 48.84
CA SER C 500 -18.69 8.56 48.10
C SER C 500 -17.63 9.16 49.02
N ALA D 7 -39.54 -4.60 38.89
CA ALA D 7 -40.40 -4.53 37.70
C ALA D 7 -39.75 -5.23 36.53
N VAL D 8 -40.43 -6.26 36.01
CA VAL D 8 -39.88 -7.09 34.95
C VAL D 8 -40.93 -7.35 33.87
N PRO D 9 -40.55 -7.16 32.60
CA PRO D 9 -41.50 -7.36 31.50
C PRO D 9 -41.87 -8.82 31.35
N ALA D 10 -43.11 -9.09 30.95
CA ALA D 10 -43.58 -10.45 30.77
C ALA D 10 -42.70 -11.20 29.79
N PRO D 11 -42.28 -12.41 30.17
CA PRO D 11 -41.37 -13.21 29.35
C PRO D 11 -42.07 -13.86 28.16
N ASN D 12 -41.38 -13.89 27.02
CA ASN D 12 -41.76 -14.78 25.94
C ASN D 12 -41.27 -16.15 26.34
N GLN D 13 -42.19 -17.03 26.72
CA GLN D 13 -41.83 -18.35 27.25
C GLN D 13 -41.39 -19.33 26.16
N GLN D 14 -41.50 -18.89 24.91
CA GLN D 14 -41.02 -19.67 23.78
C GLN D 14 -40.26 -18.78 22.81
N PRO D 15 -39.05 -18.34 23.20
CA PRO D 15 -38.24 -17.46 22.37
C PRO D 15 -37.75 -18.19 21.13
N GLU D 16 -37.80 -17.54 19.97
CA GLU D 16 -37.31 -18.18 18.76
C GLU D 16 -35.79 -18.14 18.71
N VAL D 17 -35.20 -19.17 18.11
CA VAL D 17 -33.75 -19.25 17.98
C VAL D 17 -33.34 -18.75 16.60
N PHE D 18 -32.39 -17.82 16.57
CA PHE D 18 -31.98 -17.18 15.32
C PHE D 18 -30.59 -17.64 14.89
N CYS D 19 -29.74 -17.93 15.87
CA CYS D 19 -28.35 -18.25 15.59
C CYS D 19 -27.98 -19.62 16.16
N ASN D 20 -27.49 -20.52 15.31
CA ASN D 20 -27.19 -21.89 15.73
C ASN D 20 -26.03 -22.53 14.98
N GLN D 21 -25.16 -21.70 14.41
CA GLN D 21 -24.02 -22.17 13.64
C GLN D 21 -22.72 -21.67 14.24
N ILE D 22 -21.62 -21.86 13.51
CA ILE D 22 -20.32 -21.40 13.99
C ILE D 22 -20.07 -19.98 13.49
N PHE D 23 -19.54 -19.12 14.36
CA PHE D 23 -19.35 -17.72 14.05
C PHE D 23 -17.86 -17.45 13.79
N ILE D 24 -17.53 -17.13 12.53
CA ILE D 24 -16.16 -16.81 12.14
C ILE D 24 -16.14 -15.68 11.12
N ASN D 25 -15.29 -14.69 11.36
CA ASN D 25 -15.22 -13.52 10.49
C ASN D 25 -16.58 -12.86 10.29
N ASN D 26 -17.35 -12.78 11.36
CA ASN D 26 -18.68 -12.16 11.34
C ASN D 26 -19.62 -12.84 10.35
N GLU D 27 -19.46 -14.14 10.18
CA GLU D 27 -20.29 -14.94 9.28
C GLU D 27 -20.66 -16.24 9.98
N TRP D 28 -21.75 -16.85 9.55
CA TRP D 28 -22.24 -18.09 10.15
C TRP D 28 -21.91 -19.32 9.29
N HIS D 29 -21.29 -20.31 9.92
CA HIS D 29 -20.78 -21.47 9.22
C HIS D 29 -21.29 -22.78 9.82
N ASP D 30 -21.59 -23.74 8.95
CA ASP D 30 -21.83 -25.10 9.39
C ASP D 30 -20.49 -25.72 9.76
N ALA D 31 -20.51 -26.73 10.62
CA ALA D 31 -19.30 -27.48 10.89
C ALA D 31 -18.75 -28.02 9.58
N VAL D 32 -17.43 -28.09 9.47
CA VAL D 32 -16.79 -28.65 8.27
C VAL D 32 -17.45 -29.97 7.91
N SER D 33 -17.79 -30.75 8.93
CA SER D 33 -18.38 -32.07 8.78
C SER D 33 -19.89 -31.99 8.57
N ARG D 34 -20.44 -30.81 8.77
CA ARG D 34 -21.89 -30.60 8.68
C ARG D 34 -22.66 -31.37 9.75
N LYS D 35 -21.93 -31.86 10.76
CA LYS D 35 -22.56 -32.47 11.93
C LYS D 35 -23.19 -31.39 12.82
N THR D 36 -24.29 -31.74 13.49
CA THR D 36 -24.94 -30.85 14.44
C THR D 36 -25.32 -31.63 15.69
N PHE D 37 -25.56 -30.92 16.79
CA PHE D 37 -25.94 -31.57 18.04
C PHE D 37 -27.15 -30.88 18.65
N PRO D 38 -28.00 -31.64 19.35
CA PRO D 38 -29.18 -31.05 19.96
C PRO D 38 -28.85 -30.37 21.28
N THR D 39 -29.47 -29.22 21.52
CA THR D 39 -29.46 -28.63 22.85
C THR D 39 -30.87 -28.69 23.41
N VAL D 40 -30.96 -28.84 24.74
CA VAL D 40 -32.20 -29.25 25.39
C VAL D 40 -32.68 -28.27 26.45
N ASN D 41 -33.99 -28.13 26.56
CA ASN D 41 -34.63 -27.35 27.62
C ASN D 41 -34.74 -28.22 28.87
N PRO D 42 -33.94 -27.92 29.91
CA PRO D 42 -33.87 -28.77 31.12
C PRO D 42 -35.15 -28.77 31.98
N SER D 43 -36.12 -27.92 31.63
CA SER D 43 -37.39 -27.87 32.35
C SER D 43 -38.34 -28.95 31.83
N THR D 44 -38.30 -29.18 30.52
CA THR D 44 -39.20 -30.13 29.88
C THR D 44 -38.46 -31.37 29.37
N GLY D 45 -37.18 -31.18 29.04
CA GLY D 45 -36.37 -32.24 28.47
C GLY D 45 -36.46 -32.28 26.95
N GLU D 46 -37.13 -31.28 26.38
CA GLU D 46 -37.34 -31.23 24.94
C GLU D 46 -36.22 -30.50 24.21
N VAL D 47 -35.90 -30.98 23.02
CA VAL D 47 -34.85 -30.36 22.22
C VAL D 47 -35.30 -28.99 21.71
N ILE D 48 -34.51 -27.96 21.99
CA ILE D 48 -34.80 -26.62 21.51
C ILE D 48 -34.50 -26.50 20.01
N CYS D 49 -33.31 -26.94 19.62
CA CYS D 49 -32.92 -26.96 18.22
C CYS D 49 -31.58 -27.68 18.03
N GLN D 50 -31.14 -27.78 16.78
CA GLN D 50 -29.82 -28.34 16.48
C GLN D 50 -28.79 -27.21 16.40
N VAL D 51 -27.55 -27.54 16.79
CA VAL D 51 -26.45 -26.58 16.78
C VAL D 51 -25.23 -27.17 16.07
N ALA D 52 -24.56 -26.34 15.26
CA ALA D 52 -23.33 -26.75 14.58
C ALA D 52 -22.32 -27.36 15.55
N GLU D 53 -21.84 -28.56 15.22
CA GLU D 53 -20.89 -29.26 16.08
C GLU D 53 -19.44 -29.01 15.64
N GLY D 54 -18.79 -28.06 16.30
CA GLY D 54 -17.44 -27.67 15.95
C GLY D 54 -16.38 -28.67 16.37
N ASP D 55 -15.39 -28.86 15.52
CA ASP D 55 -14.31 -29.81 15.78
C ASP D 55 -12.97 -29.12 15.52
N LYS D 56 -11.89 -29.88 15.65
CA LYS D 56 -10.54 -29.37 15.43
C LYS D 56 -10.39 -28.51 14.18
N GLU D 57 -11.01 -28.94 13.07
CA GLU D 57 -10.89 -28.21 11.81
C GLU D 57 -11.65 -26.90 11.81
N ASP D 58 -12.65 -26.80 12.67
CA ASP D 58 -13.42 -25.57 12.80
C ASP D 58 -12.66 -24.58 13.67
N VAL D 59 -12.08 -25.07 14.76
CA VAL D 59 -11.20 -24.27 15.60
C VAL D 59 -10.04 -23.70 14.77
N ASP D 60 -9.45 -24.54 13.92
CA ASP D 60 -8.37 -24.11 13.02
C ASP D 60 -8.80 -22.93 12.16
N LYS D 61 -10.03 -22.97 11.66
CA LYS D 61 -10.54 -21.88 10.82
C LYS D 61 -10.71 -20.62 11.65
N ALA D 62 -11.16 -20.81 12.88
CA ALA D 62 -11.42 -19.69 13.79
C ALA D 62 -10.12 -19.03 14.24
N VAL D 63 -9.11 -19.83 14.53
CA VAL D 63 -7.81 -19.30 14.96
C VAL D 63 -7.13 -18.54 13.82
N LYS D 64 -7.25 -19.08 12.61
CA LYS D 64 -6.68 -18.43 11.44
C LYS D 64 -7.36 -17.08 11.21
N ALA D 65 -8.66 -17.01 11.46
CA ALA D 65 -9.40 -15.75 11.28
C ALA D 65 -9.00 -14.70 12.32
N ALA D 66 -8.78 -15.17 13.54
CA ALA D 66 -8.36 -14.28 14.63
C ALA D 66 -6.96 -13.75 14.37
N ARG D 67 -6.05 -14.65 14.00
CA ARG D 67 -4.66 -14.30 13.73
C ARG D 67 -4.57 -13.21 12.66
N ALA D 68 -5.38 -13.34 11.62
CA ALA D 68 -5.40 -12.34 10.56
C ALA D 68 -5.94 -11.01 11.08
N ALA D 69 -6.98 -11.08 11.91
CA ALA D 69 -7.57 -9.87 12.50
C ALA D 69 -6.54 -9.15 13.35
N PHE D 70 -5.59 -9.91 13.89
CA PHE D 70 -4.61 -9.40 14.84
C PHE D 70 -3.34 -8.87 14.15
N GLN D 71 -3.27 -9.04 12.83
CA GLN D 71 -2.09 -8.63 12.08
C GLN D 71 -1.81 -7.14 12.18
N LEU D 72 -0.55 -6.77 12.37
CA LEU D 72 -0.17 -5.37 12.47
C LEU D 72 -0.76 -4.58 11.29
N GLY D 73 -1.32 -3.41 11.59
CA GLY D 73 -1.89 -2.56 10.56
C GLY D 73 -3.33 -2.88 10.19
N SER D 74 -3.90 -3.91 10.82
CA SER D 74 -5.28 -4.27 10.59
C SER D 74 -6.17 -3.21 11.21
N PRO D 75 -7.48 -3.23 10.88
CA PRO D 75 -8.45 -2.30 11.46
C PRO D 75 -8.48 -2.39 12.98
N TRP D 76 -8.51 -3.61 13.52
CA TRP D 76 -8.54 -3.83 14.97
C TRP D 76 -7.28 -3.33 15.66
N ARG D 77 -6.10 -3.60 15.09
CA ARG D 77 -4.85 -3.18 15.68
C ARG D 77 -4.62 -1.67 15.58
N ARG D 78 -5.09 -1.06 14.50
CA ARG D 78 -4.86 0.37 14.26
C ARG D 78 -5.86 1.25 15.02
N MET D 79 -6.95 0.63 15.45
CA MET D 79 -8.08 1.32 16.04
C MET D 79 -7.73 2.00 17.37
N ASP D 80 -8.19 3.23 17.55
CA ASP D 80 -7.98 3.96 18.80
C ASP D 80 -8.47 3.15 19.99
N ALA D 81 -7.69 3.08 21.05
CA ALA D 81 -8.12 2.38 22.26
C ALA D 81 -9.50 2.86 22.72
N SER D 82 -9.73 4.17 22.66
CA SER D 82 -11.01 4.76 23.04
C SER D 82 -12.14 4.22 22.18
N HIS D 83 -11.83 3.85 20.94
CA HIS D 83 -12.86 3.32 20.05
C HIS D 83 -13.22 1.88 20.40
N ARG D 84 -12.22 1.09 20.81
CA ARG D 84 -12.50 -0.23 21.33
C ARG D 84 -13.51 -0.11 22.47
N GLY D 85 -13.38 0.98 23.23
CA GLY D 85 -14.33 1.28 24.28
C GLY D 85 -15.72 1.59 23.76
N ARG D 86 -15.82 2.46 22.77
CA ARG D 86 -17.10 2.80 22.14
C ARG D 86 -17.81 1.53 21.66
N LEU D 87 -17.04 0.63 21.07
CA LEU D 87 -17.59 -0.61 20.52
C LEU D 87 -18.14 -1.51 21.63
N LEU D 88 -17.42 -1.60 22.74
CA LEU D 88 -17.89 -2.35 23.90
C LEU D 88 -19.16 -1.74 24.49
N ASN D 89 -19.21 -0.41 24.52
CA ASN D 89 -20.41 0.32 24.93
C ASN D 89 -21.61 0.09 24.00
N ARG D 90 -21.33 0.03 22.69
CA ARG D 90 -22.38 -0.26 21.71
C ARG D 90 -22.95 -1.66 21.90
N LEU D 91 -22.06 -2.63 22.13
CA LEU D 91 -22.49 -3.99 22.39
C LEU D 91 -23.41 -4.02 23.61
N ALA D 92 -23.02 -3.29 24.66
CA ALA D 92 -23.83 -3.20 25.87
C ALA D 92 -25.21 -2.68 25.52
N ASP D 93 -25.26 -1.62 24.71
CA ASP D 93 -26.53 -1.06 24.31
C ASP D 93 -27.39 -2.03 23.50
N LEU D 94 -26.78 -2.82 22.62
CA LEU D 94 -27.50 -3.81 21.84
C LEU D 94 -28.03 -4.95 22.72
N ILE D 95 -27.21 -5.39 23.67
CA ILE D 95 -27.64 -6.40 24.64
C ILE D 95 -28.80 -5.89 25.50
N GLU D 96 -28.72 -4.62 25.90
CA GLU D 96 -29.82 -3.98 26.65
C GLU D 96 -31.09 -3.87 25.80
N ARG D 97 -30.94 -3.48 24.53
CA ARG D 97 -32.07 -3.41 23.62
C ARG D 97 -32.82 -4.74 23.61
N ASP D 98 -32.06 -5.83 23.55
CA ASP D 98 -32.63 -7.18 23.45
C ASP D 98 -32.57 -7.93 24.79
N ARG D 99 -32.70 -7.19 25.88
CA ARG D 99 -32.58 -7.74 27.22
C ARG D 99 -33.67 -8.76 27.56
N THR D 100 -34.91 -8.42 27.27
CA THR D 100 -36.03 -9.32 27.55
C THR D 100 -35.88 -10.64 26.79
N TYR D 101 -35.52 -10.53 25.52
CA TYR D 101 -35.33 -11.69 24.68
C TYR D 101 -34.20 -12.59 25.20
N LEU D 102 -33.08 -11.99 25.58
CA LEU D 102 -31.92 -12.76 26.02
C LEU D 102 -32.13 -13.45 27.38
N ALA D 103 -32.82 -12.76 28.29
CA ALA D 103 -33.14 -13.35 29.59
C ALA D 103 -34.02 -14.58 29.39
N ALA D 104 -34.99 -14.47 28.48
CA ALA D 104 -35.87 -15.59 28.17
C ALA D 104 -35.10 -16.75 27.56
N LEU D 105 -34.27 -16.42 26.57
CA LEU D 105 -33.46 -17.43 25.89
C LEU D 105 -32.50 -18.12 26.87
N GLU D 106 -31.91 -17.36 27.77
CA GLU D 106 -31.01 -17.91 28.79
C GLU D 106 -31.77 -18.92 29.65
N THR D 107 -32.94 -18.51 30.11
CA THR D 107 -33.80 -19.34 30.96
C THR D 107 -34.21 -20.63 30.27
N LEU D 108 -34.58 -20.50 29.00
CA LEU D 108 -35.00 -21.65 28.21
C LEU D 108 -33.87 -22.69 28.07
N ASP D 109 -32.65 -22.20 27.83
CA ASP D 109 -31.51 -23.08 27.53
C ASP D 109 -30.81 -23.60 28.78
N ASN D 110 -30.88 -22.83 29.88
CA ASN D 110 -30.15 -23.15 31.13
C ASN D 110 -31.00 -23.67 32.31
N GLY D 111 -32.19 -23.11 32.48
CA GLY D 111 -33.08 -23.55 33.55
C GLY D 111 -33.31 -22.56 34.69
N LYS D 112 -32.47 -21.55 34.79
CA LYS D 112 -32.60 -20.56 35.86
C LYS D 112 -33.86 -19.71 35.66
N PRO D 113 -34.47 -19.27 36.79
CA PRO D 113 -35.68 -18.45 36.73
C PRO D 113 -35.51 -17.18 35.90
N TYR D 114 -36.47 -16.90 35.02
CA TYR D 114 -36.43 -15.75 34.12
C TYR D 114 -36.22 -14.43 34.85
N VAL D 115 -36.81 -14.33 36.05
CA VAL D 115 -36.65 -13.13 36.86
C VAL D 115 -35.18 -12.91 37.22
N ILE D 116 -34.49 -13.99 37.59
CA ILE D 116 -33.05 -13.90 37.90
C ILE D 116 -32.20 -13.65 36.65
N SER D 117 -32.51 -14.32 35.55
CA SER D 117 -31.82 -14.05 34.30
C SER D 117 -31.90 -12.58 33.97
N TYR D 118 -33.10 -12.01 34.13
CA TYR D 118 -33.35 -10.62 33.76
C TYR D 118 -32.73 -9.59 34.70
N LEU D 119 -32.91 -9.80 36.00
CA LEU D 119 -32.51 -8.83 37.02
C LEU D 119 -31.07 -8.99 37.48
N VAL D 120 -30.59 -10.22 37.45
CA VAL D 120 -29.21 -10.49 37.86
C VAL D 120 -28.28 -10.68 36.65
N ASP D 121 -28.39 -11.82 36.00
CA ASP D 121 -27.47 -12.18 34.92
C ASP D 121 -27.34 -11.08 33.88
N LEU D 122 -28.46 -10.60 33.35
CA LEU D 122 -28.44 -9.58 32.32
C LEU D 122 -27.90 -8.22 32.80
N ASP D 123 -28.28 -7.81 34.01
CA ASP D 123 -27.75 -6.60 34.63
C ASP D 123 -26.22 -6.71 34.75
N MET D 124 -25.76 -7.83 35.30
CA MET D 124 -24.32 -8.05 35.48
C MET D 124 -23.54 -8.09 34.17
N VAL D 125 -24.15 -8.63 33.12
CA VAL D 125 -23.54 -8.61 31.79
C VAL D 125 -23.38 -7.18 31.29
N LEU D 126 -24.41 -6.36 31.49
CA LEU D 126 -24.35 -4.96 31.08
C LEU D 126 -23.29 -4.20 31.88
N LYS D 127 -23.26 -4.42 33.19
CA LYS D 127 -22.29 -3.75 34.05
C LYS D 127 -20.85 -4.17 33.74
N CYS D 128 -20.65 -5.44 33.43
CA CYS D 128 -19.31 -5.94 33.12
C CYS D 128 -18.76 -5.34 31.82
N LEU D 129 -19.55 -5.39 30.75
CA LEU D 129 -19.11 -4.84 29.47
C LEU D 129 -18.89 -3.33 29.61
N ARG D 130 -19.78 -2.67 30.33
CA ARG D 130 -19.69 -1.22 30.49
C ARG D 130 -18.51 -0.78 31.36
N TYR D 131 -18.23 -1.55 32.41
CA TYR D 131 -17.04 -1.32 33.22
C TYR D 131 -15.78 -1.43 32.36
N TYR D 132 -15.63 -2.55 31.66
CA TYR D 132 -14.46 -2.79 30.82
C TYR D 132 -14.30 -1.85 29.62
N ALA D 133 -15.42 -1.37 29.08
CA ALA D 133 -15.36 -0.36 28.04
C ALA D 133 -14.52 0.81 28.53
N GLY D 134 -14.68 1.13 29.82
CA GLY D 134 -13.96 2.22 30.46
C GLY D 134 -12.47 1.99 30.59
N TRP D 135 -12.04 0.73 30.61
CA TRP D 135 -10.63 0.39 30.76
C TRP D 135 -9.81 0.44 29.47
N ALA D 136 -10.51 0.51 28.33
CA ALA D 136 -9.85 0.35 27.04
C ALA D 136 -8.71 1.34 26.82
N ASP D 137 -8.88 2.57 27.29
CA ASP D 137 -7.86 3.60 27.09
C ASP D 137 -7.23 4.14 28.38
N LYS D 138 -7.25 3.35 29.45
CA LYS D 138 -6.75 3.82 30.73
C LYS D 138 -5.72 2.89 31.38
N TYR D 139 -5.38 1.80 30.71
CA TYR D 139 -4.42 0.84 31.26
C TYR D 139 -3.00 1.21 30.83
N HIS D 140 -2.37 2.10 31.59
CA HIS D 140 -1.11 2.72 31.18
C HIS D 140 0.12 1.82 31.33
N GLY D 141 1.10 2.03 30.45
CA GLY D 141 2.43 1.48 30.65
C GLY D 141 3.19 2.48 31.51
N LYS D 142 4.51 2.34 31.58
CA LYS D 142 5.31 3.18 32.48
C LYS D 142 6.49 3.84 31.78
N THR D 143 6.88 5.01 32.26
CA THR D 143 8.19 5.58 31.95
C THR D 143 9.08 5.36 33.17
N ILE D 144 10.25 4.77 32.96
CA ILE D 144 11.04 4.19 34.06
C ILE D 144 12.40 4.85 34.28
N PRO D 145 12.67 5.31 35.51
CA PRO D 145 13.88 6.04 35.87
C PRO D 145 15.11 5.14 35.93
N ILE D 146 15.45 4.52 34.81
CA ILE D 146 16.51 3.52 34.77
C ILE D 146 17.91 4.15 34.87
N ASP D 147 18.84 3.42 35.50
CA ASP D 147 20.24 3.86 35.59
C ASP D 147 20.80 4.12 34.20
N GLY D 148 21.70 5.10 34.10
CA GLY D 148 22.40 5.39 32.86
C GLY D 148 21.71 6.38 31.95
N ASP D 149 22.38 6.72 30.85
CA ASP D 149 21.87 7.69 29.90
C ASP D 149 20.88 7.04 28.94
N PHE D 150 19.72 6.67 29.47
CA PHE D 150 18.69 6.00 28.70
C PHE D 150 17.32 6.53 29.05
N PHE D 151 16.41 6.43 28.09
CA PHE D 151 14.99 6.65 28.30
C PHE D 151 14.33 5.27 28.21
N SER D 152 13.76 4.81 29.31
CA SER D 152 13.16 3.48 29.35
C SER D 152 11.66 3.55 29.62
N TYR D 153 10.89 2.74 28.90
CA TYR D 153 9.45 2.71 29.09
C TYR D 153 8.84 1.36 28.71
N THR D 154 7.59 1.15 29.12
CA THR D 154 6.90 -0.06 28.74
C THR D 154 5.61 0.22 27.97
N ARG D 155 5.31 -0.68 27.04
CA ARG D 155 4.03 -0.71 26.35
C ARG D 155 3.26 -1.90 26.92
N HIS D 156 1.97 -1.70 27.18
CA HIS D 156 1.10 -2.81 27.57
C HIS D 156 0.37 -3.31 26.34
N GLU D 157 0.96 -4.29 25.65
CA GLU D 157 0.43 -4.81 24.40
C GLU D 157 -0.52 -6.00 24.61
N PRO D 158 -1.39 -6.28 23.62
CA PRO D 158 -2.29 -7.43 23.71
C PRO D 158 -1.52 -8.76 23.68
N VAL D 159 -2.02 -9.75 24.41
CA VAL D 159 -1.42 -11.09 24.39
C VAL D 159 -1.47 -11.70 22.98
N GLY D 160 -2.59 -11.48 22.29
CA GLY D 160 -2.74 -11.98 20.93
C GLY D 160 -4.02 -12.75 20.78
N VAL D 161 -3.92 -13.96 20.21
CA VAL D 161 -5.08 -14.82 20.03
C VAL D 161 -5.40 -15.53 21.34
N CYS D 162 -6.55 -15.20 21.91
CA CYS D 162 -6.95 -15.77 23.20
C CYS D 162 -8.05 -16.83 23.07
N GLY D 163 -7.73 -18.03 23.55
CA GLY D 163 -8.70 -19.10 23.61
C GLY D 163 -9.46 -19.02 24.91
N GLN D 164 -10.78 -19.06 24.83
CA GLN D 164 -11.64 -18.92 26.01
C GLN D 164 -12.70 -20.00 26.04
N ILE D 165 -12.73 -20.75 27.12
CA ILE D 165 -13.68 -21.85 27.28
C ILE D 165 -14.56 -21.58 28.51
N ILE D 166 -15.85 -21.37 28.28
CA ILE D 166 -16.75 -20.96 29.36
C ILE D 166 -17.83 -22.00 29.63
N PRO D 167 -18.26 -22.11 30.90
CA PRO D 167 -19.17 -23.16 31.37
C PRO D 167 -20.63 -22.84 31.08
N TRP D 168 -21.52 -23.65 31.65
CA TRP D 168 -22.95 -23.55 31.38
C TRP D 168 -23.74 -22.90 32.51
N ASN D 169 -23.12 -22.72 33.68
CA ASN D 169 -23.86 -22.17 34.81
C ASN D 169 -24.23 -20.68 34.71
N PHE D 170 -23.35 -19.91 34.08
CA PHE D 170 -23.66 -18.51 33.74
C PHE D 170 -23.21 -18.25 32.30
N PRO D 171 -23.97 -18.77 31.32
CA PRO D 171 -23.57 -18.66 29.91
C PRO D 171 -23.29 -17.23 29.47
N LEU D 172 -24.25 -16.33 29.66
CA LEU D 172 -24.09 -14.95 29.22
C LEU D 172 -23.07 -14.19 30.05
N LEU D 173 -23.14 -14.34 31.37
CA LEU D 173 -22.24 -13.61 32.27
C LEU D 173 -20.77 -14.01 32.05
N MET D 174 -20.51 -15.31 32.06
CA MET D 174 -19.15 -15.82 31.86
C MET D 174 -18.59 -15.39 30.52
N GLN D 175 -19.44 -15.30 29.50
CA GLN D 175 -19.04 -14.84 28.18
C GLN D 175 -18.56 -13.40 28.30
N ALA D 176 -19.28 -12.62 29.10
CA ALA D 176 -18.97 -11.22 29.32
C ALA D 176 -17.70 -11.00 30.15
N TRP D 177 -17.51 -11.84 31.17
CA TRP D 177 -16.30 -11.79 32.01
C TRP D 177 -15.05 -12.02 31.18
N LYS D 178 -15.19 -12.80 30.12
CA LYS D 178 -14.08 -13.12 29.24
C LYS D 178 -13.87 -12.05 28.17
N LEU D 179 -14.94 -11.68 27.48
CA LEU D 179 -14.87 -10.72 26.37
C LEU D 179 -14.49 -9.30 26.79
N GLY D 180 -14.96 -8.88 27.96
CA GLY D 180 -14.69 -7.53 28.45
C GLY D 180 -13.22 -7.18 28.48
N PRO D 181 -12.46 -7.82 29.40
CA PRO D 181 -11.01 -7.58 29.53
C PRO D 181 -10.25 -7.91 28.25
N ALA D 182 -10.64 -8.98 27.56
CA ALA D 182 -9.98 -9.38 26.34
C ALA D 182 -10.05 -8.29 25.27
N LEU D 183 -11.24 -7.83 24.95
CA LEU D 183 -11.42 -6.84 23.90
C LEU D 183 -10.97 -5.42 24.30
N ALA D 184 -11.22 -5.05 25.55
CA ALA D 184 -10.78 -3.76 26.06
C ALA D 184 -9.29 -3.57 25.84
N THR D 185 -8.54 -4.68 25.95
CA THR D 185 -7.08 -4.64 25.83
C THR D 185 -6.61 -4.95 24.40
N GLY D 186 -7.55 -5.11 23.48
CA GLY D 186 -7.21 -5.22 22.07
C GLY D 186 -6.82 -6.59 21.59
N ASN D 187 -7.22 -7.62 22.34
CA ASN D 187 -6.99 -9.00 21.92
C ASN D 187 -8.00 -9.47 20.89
N VAL D 188 -7.77 -10.64 20.32
CA VAL D 188 -8.76 -11.32 19.48
C VAL D 188 -9.11 -12.64 20.16
N VAL D 189 -10.30 -13.16 19.87
CA VAL D 189 -10.85 -14.26 20.66
C VAL D 189 -11.30 -15.45 19.82
N VAL D 190 -11.06 -16.64 20.37
CA VAL D 190 -11.63 -17.88 19.86
C VAL D 190 -12.31 -18.59 21.03
N MET D 191 -13.63 -18.50 21.07
CA MET D 191 -14.41 -18.92 22.23
C MET D 191 -15.21 -20.20 22.00
N LYS D 192 -15.09 -21.13 22.94
CA LYS D 192 -15.86 -22.37 22.92
C LYS D 192 -16.92 -22.28 24.00
N VAL D 193 -18.18 -22.44 23.62
CA VAL D 193 -19.28 -22.36 24.58
C VAL D 193 -19.77 -23.76 24.97
N ALA D 194 -20.45 -23.85 26.11
CA ALA D 194 -20.92 -25.14 26.62
C ALA D 194 -22.00 -25.75 25.73
N GLU D 195 -21.90 -27.06 25.50
CA GLU D 195 -22.85 -27.78 24.67
C GLU D 195 -24.26 -27.69 25.25
N GLN D 196 -24.34 -27.55 26.57
CA GLN D 196 -25.62 -27.38 27.26
C GLN D 196 -26.28 -26.04 26.94
N THR D 197 -25.48 -24.99 26.78
CA THR D 197 -26.03 -23.63 26.69
C THR D 197 -25.33 -22.78 25.64
N PRO D 198 -25.38 -23.20 24.37
CA PRO D 198 -24.66 -22.47 23.31
C PRO D 198 -25.41 -21.27 22.76
N LEU D 199 -26.74 -21.25 22.94
CA LEU D 199 -27.59 -20.34 22.20
C LEU D 199 -27.39 -18.85 22.49
N THR D 200 -27.44 -18.45 23.75
CA THR D 200 -27.34 -17.04 24.10
C THR D 200 -26.03 -16.43 23.61
N ALA D 201 -24.93 -17.16 23.74
CA ALA D 201 -23.63 -16.65 23.27
C ALA D 201 -23.64 -16.47 21.76
N LEU D 202 -24.29 -17.38 21.05
CA LEU D 202 -24.36 -17.28 19.60
C LEU D 202 -25.15 -16.04 19.19
N TYR D 203 -26.23 -15.74 19.89
CA TYR D 203 -26.98 -14.53 19.60
C TYR D 203 -26.14 -13.26 19.84
N VAL D 204 -25.39 -13.26 20.93
CA VAL D 204 -24.53 -12.13 21.28
C VAL D 204 -23.49 -11.88 20.18
N ALA D 205 -23.05 -12.96 19.56
CA ALA D 205 -22.12 -12.87 18.45
C ALA D 205 -22.73 -12.09 17.28
N ASN D 206 -24.03 -12.30 17.05
CA ASN D 206 -24.74 -11.52 16.03
C ASN D 206 -24.70 -10.03 16.36
N LEU D 207 -24.88 -9.70 17.64
CA LEU D 207 -24.87 -8.32 18.10
C LEU D 207 -23.46 -7.74 18.02
N ILE D 208 -22.46 -8.58 18.27
CA ILE D 208 -21.06 -8.20 18.12
C ILE D 208 -20.82 -7.75 16.69
N LYS D 209 -21.39 -8.50 15.75
CA LYS D 209 -21.35 -8.12 14.34
C LYS D 209 -22.08 -6.79 14.15
N GLU D 210 -23.27 -6.69 14.72
CA GLU D 210 -24.10 -5.49 14.56
C GLU D 210 -23.43 -4.26 15.15
N ALA D 211 -22.68 -4.46 16.23
CA ALA D 211 -22.06 -3.37 16.96
C ALA D 211 -20.89 -2.75 16.19
N GLY D 212 -20.33 -3.52 15.26
CA GLY D 212 -19.27 -3.01 14.40
C GLY D 212 -17.87 -3.58 14.63
N PHE D 213 -17.77 -4.66 15.41
CA PHE D 213 -16.48 -5.31 15.63
C PHE D 213 -15.91 -5.88 14.33
N PRO D 214 -14.66 -5.54 14.01
CA PRO D 214 -14.08 -6.04 12.75
C PRO D 214 -14.13 -7.56 12.69
N PRO D 215 -14.32 -8.12 11.48
CA PRO D 215 -14.41 -9.57 11.33
C PRO D 215 -13.17 -10.28 11.87
N GLY D 216 -13.39 -11.38 12.59
CA GLY D 216 -12.30 -12.17 13.12
C GLY D 216 -11.89 -11.80 14.53
N VAL D 217 -12.39 -10.67 15.02
CA VAL D 217 -12.02 -10.22 16.35
C VAL D 217 -12.63 -11.10 17.44
N VAL D 218 -13.87 -11.53 17.23
CA VAL D 218 -14.50 -12.55 18.07
C VAL D 218 -15.03 -13.72 17.24
N ASN D 219 -14.64 -14.92 17.64
CA ASN D 219 -15.04 -16.15 16.96
C ASN D 219 -15.56 -17.18 17.95
N ILE D 220 -16.75 -17.70 17.69
CA ILE D 220 -17.36 -18.68 18.59
C ILE D 220 -17.57 -20.03 17.91
N VAL D 221 -17.06 -21.08 18.54
CA VAL D 221 -17.17 -22.43 18.01
C VAL D 221 -17.89 -23.33 19.00
N PRO D 222 -19.19 -23.57 18.77
CA PRO D 222 -19.96 -24.52 19.59
C PRO D 222 -19.46 -25.93 19.31
N GLY D 223 -19.54 -26.81 20.30
CA GLY D 223 -19.08 -28.17 20.14
C GLY D 223 -18.75 -28.80 21.48
N PHE D 224 -18.23 -30.03 21.46
CA PHE D 224 -17.91 -30.73 22.69
C PHE D 224 -16.52 -30.38 23.19
N GLY D 225 -16.28 -30.65 24.47
CA GLY D 225 -15.01 -30.33 25.10
C GLY D 225 -13.87 -31.22 24.65
N PRO D 226 -14.05 -32.55 24.77
CA PRO D 226 -12.99 -33.49 24.37
C PRO D 226 -12.46 -33.20 22.97
N THR D 227 -13.25 -32.48 22.17
CA THR D 227 -12.87 -32.18 20.80
C THR D 227 -12.54 -30.70 20.58
N ALA D 228 -13.58 -29.86 20.60
CA ALA D 228 -13.39 -28.43 20.33
C ALA D 228 -12.53 -27.76 21.40
N GLY D 229 -12.80 -28.08 22.65
CA GLY D 229 -12.08 -27.49 23.76
C GLY D 229 -10.60 -27.78 23.76
N ALA D 230 -10.26 -29.06 23.60
CA ALA D 230 -8.86 -29.48 23.60
C ALA D 230 -8.11 -28.97 22.38
N ALA D 231 -8.84 -28.74 21.30
CA ALA D 231 -8.26 -28.17 20.08
C ALA D 231 -7.69 -26.79 20.40
N ILE D 232 -8.51 -25.94 20.99
CA ILE D 232 -8.08 -24.61 21.42
C ILE D 232 -6.86 -24.69 22.33
N ALA D 233 -6.95 -25.52 23.37
CA ALA D 233 -5.90 -25.61 24.38
C ALA D 233 -4.58 -26.12 23.82
N SER D 234 -4.66 -26.88 22.73
CA SER D 234 -3.47 -27.55 22.19
C SER D 234 -2.93 -26.82 20.97
N HIS D 235 -3.70 -25.86 20.46
CA HIS D 235 -3.36 -25.19 19.22
C HIS D 235 -2.01 -24.48 19.29
N GLU D 236 -1.26 -24.57 18.21
CA GLU D 236 0.11 -24.06 18.15
C GLU D 236 0.16 -22.55 17.93
N ASP D 237 -0.99 -21.95 17.63
CA ASP D 237 -1.04 -20.53 17.34
C ASP D 237 -1.96 -19.78 18.29
N VAL D 238 -2.41 -20.45 19.33
CA VAL D 238 -3.15 -19.79 20.40
C VAL D 238 -2.17 -19.31 21.48
N ASP D 239 -2.24 -18.03 21.80
CA ASP D 239 -1.28 -17.40 22.70
C ASP D 239 -1.65 -17.55 24.17
N LYS D 240 -2.96 -17.61 24.43
CA LYS D 240 -3.47 -17.61 25.79
C LYS D 240 -4.74 -18.46 25.86
N VAL D 241 -4.91 -19.20 26.96
CA VAL D 241 -6.13 -19.96 27.16
C VAL D 241 -6.68 -19.68 28.56
N ALA D 242 -7.92 -19.24 28.62
CA ALA D 242 -8.61 -19.05 29.89
C ALA D 242 -9.73 -20.09 29.98
N PHE D 243 -9.81 -20.80 31.10
CA PHE D 243 -10.80 -21.86 31.25
C PHE D 243 -11.55 -21.80 32.57
N THR D 244 -12.88 -21.79 32.51
CA THR D 244 -13.71 -21.90 33.69
C THR D 244 -14.53 -23.19 33.58
N GLY D 245 -14.35 -24.08 34.56
CA GLY D 245 -15.04 -25.36 34.57
C GLY D 245 -14.76 -26.11 35.85
N SER D 246 -14.87 -27.43 35.78
CA SER D 246 -14.59 -28.28 36.93
C SER D 246 -13.08 -28.42 37.12
N THR D 247 -12.69 -28.84 38.32
CA THR D 247 -11.28 -29.10 38.62
C THR D 247 -10.74 -30.23 37.77
N GLU D 248 -11.62 -31.16 37.42
CA GLU D 248 -11.25 -32.33 36.61
C GLU D 248 -10.80 -31.94 35.21
N ILE D 249 -11.66 -31.20 34.51
CA ILE D 249 -11.39 -30.76 33.15
C ILE D 249 -10.20 -29.80 33.09
N GLY D 250 -10.02 -29.02 34.15
CA GLY D 250 -8.95 -28.04 34.22
C GLY D 250 -7.56 -28.65 34.07
N ARG D 251 -7.33 -29.79 34.73
CA ARG D 251 -6.08 -30.51 34.60
C ARG D 251 -5.84 -30.92 33.15
N VAL D 252 -6.91 -31.44 32.52
CA VAL D 252 -6.86 -31.87 31.13
C VAL D 252 -6.44 -30.73 30.19
N ILE D 253 -6.70 -29.50 30.62
CA ILE D 253 -6.39 -28.32 29.81
C ILE D 253 -4.95 -27.83 29.98
N GLN D 254 -4.50 -27.72 31.23
CA GLN D 254 -3.15 -27.22 31.50
C GLN D 254 -2.11 -28.23 31.02
N VAL D 255 -2.49 -29.50 30.97
CA VAL D 255 -1.63 -30.53 30.41
C VAL D 255 -1.47 -30.33 28.91
N ALA D 256 -2.60 -30.27 28.20
CA ALA D 256 -2.59 -30.07 26.75
C ALA D 256 -1.94 -28.74 26.39
N ALA D 257 -2.14 -27.74 27.24
CA ALA D 257 -1.65 -26.39 26.98
C ALA D 257 -0.14 -26.27 27.19
N GLY D 258 0.42 -27.13 28.03
CA GLY D 258 1.84 -27.12 28.30
C GLY D 258 2.61 -28.00 27.32
N SER D 259 1.88 -28.86 26.62
CA SER D 259 2.48 -29.80 25.67
C SER D 259 2.51 -29.22 24.26
N SER D 260 2.15 -27.95 24.12
CA SER D 260 2.12 -27.30 22.81
C SER D 260 3.11 -26.15 22.71
N ASN D 261 2.60 -24.91 22.75
CA ASN D 261 3.44 -23.74 22.50
C ASN D 261 3.67 -22.84 23.72
N LEU D 262 3.66 -23.42 24.92
CA LEU D 262 3.91 -22.65 26.15
C LEU D 262 2.96 -21.45 26.30
N LYS D 263 1.76 -21.57 25.75
CA LYS D 263 0.73 -20.54 25.89
C LYS D 263 0.45 -20.20 27.35
N ARG D 264 0.03 -18.96 27.61
CA ARG D 264 -0.37 -18.54 28.96
C ARG D 264 -1.69 -19.20 29.36
N VAL D 265 -1.80 -19.55 30.64
CA VAL D 265 -2.95 -20.32 31.10
C VAL D 265 -3.55 -19.73 32.38
N THR D 266 -4.86 -19.56 32.39
CA THR D 266 -5.57 -19.18 33.61
C THR D 266 -6.78 -20.08 33.80
N LEU D 267 -7.07 -20.41 35.04
CA LEU D 267 -8.13 -21.36 35.35
C LEU D 267 -9.03 -20.84 36.47
N GLU D 268 -10.33 -20.97 36.25
CA GLU D 268 -11.32 -20.74 37.30
C GLU D 268 -12.02 -22.06 37.57
N LEU D 269 -11.73 -22.66 38.72
CA LEU D 269 -12.17 -24.03 38.98
C LEU D 269 -13.18 -24.14 40.14
N GLY D 270 -13.38 -25.36 40.62
CA GLY D 270 -14.37 -25.62 41.64
C GLY D 270 -13.99 -25.08 43.01
N GLY D 271 -14.82 -25.34 44.00
CA GLY D 271 -14.55 -24.94 45.37
C GLY D 271 -15.44 -25.66 46.36
N LYS D 272 -15.07 -25.60 47.63
CA LYS D 272 -15.91 -26.07 48.72
C LYS D 272 -15.93 -24.97 49.78
N SER D 273 -16.49 -23.82 49.43
CA SER D 273 -16.37 -22.60 50.23
C SER D 273 -17.08 -22.64 51.58
N PRO D 274 -16.37 -22.26 52.66
CA PRO D 274 -16.92 -22.25 54.01
C PRO D 274 -17.69 -20.97 54.24
N ASN D 275 -18.83 -21.07 54.92
CA ASN D 275 -19.58 -19.90 55.35
C ASN D 275 -19.67 -19.97 56.86
N ILE D 276 -18.94 -19.09 57.54
CA ILE D 276 -18.80 -19.18 59.00
C ILE D 276 -19.75 -18.25 59.74
N ILE D 277 -20.58 -18.83 60.61
CA ILE D 277 -21.54 -18.07 61.40
C ILE D 277 -21.11 -18.05 62.87
N MET D 278 -20.52 -16.94 63.29
CA MET D 278 -20.14 -16.75 64.68
C MET D 278 -21.40 -16.55 65.53
N SER D 279 -21.29 -16.74 66.84
CA SER D 279 -22.45 -16.69 67.71
C SER D 279 -23.06 -15.29 67.84
N ASP D 280 -22.29 -14.25 67.53
CA ASP D 280 -22.78 -12.87 67.64
C ASP D 280 -23.30 -12.31 66.31
N ALA D 281 -23.54 -13.18 65.35
CA ALA D 281 -24.08 -12.76 64.06
C ALA D 281 -25.58 -12.45 64.21
N ASP D 282 -26.09 -11.58 63.33
CA ASP D 282 -27.51 -11.32 63.26
C ASP D 282 -28.20 -12.54 62.67
N MET D 283 -28.99 -13.23 63.50
CA MET D 283 -29.60 -14.52 63.14
C MET D 283 -30.43 -14.48 61.86
N ASP D 284 -31.43 -13.62 61.81
CA ASP D 284 -32.32 -13.54 60.65
C ASP D 284 -31.53 -13.31 59.36
N TRP D 285 -30.56 -12.41 59.43
CA TRP D 285 -29.71 -12.10 58.28
C TRP D 285 -28.81 -13.28 57.90
N ALA D 286 -28.11 -13.83 58.89
CA ALA D 286 -27.20 -14.93 58.62
C ALA D 286 -27.91 -16.14 58.02
N VAL D 287 -29.17 -16.35 58.42
CA VAL D 287 -29.93 -17.49 57.91
C VAL D 287 -30.32 -17.29 56.44
N GLU D 288 -30.84 -16.12 56.11
CA GLU D 288 -31.25 -15.83 54.75
C GLU D 288 -30.04 -15.86 53.81
N GLN D 289 -28.91 -15.35 54.29
CA GLN D 289 -27.70 -15.28 53.48
C GLN D 289 -27.05 -16.64 53.27
N ALA D 290 -27.12 -17.49 54.28
CA ALA D 290 -26.58 -18.85 54.17
C ALA D 290 -27.38 -19.66 53.15
N HIS D 291 -28.69 -19.44 53.15
CA HIS D 291 -29.57 -20.05 52.17
C HIS D 291 -29.21 -19.57 50.78
N PHE D 292 -29.12 -18.24 50.62
CA PHE D 292 -28.73 -17.61 49.37
C PHE D 292 -27.37 -18.12 48.92
N ALA D 293 -26.44 -18.21 49.86
CA ALA D 293 -25.05 -18.61 49.60
C ALA D 293 -24.94 -19.96 48.92
N LEU D 294 -25.78 -20.90 49.35
CA LEU D 294 -25.72 -22.26 48.85
C LEU D 294 -26.66 -22.46 47.65
N PHE D 295 -27.91 -22.04 47.80
CA PHE D 295 -28.94 -22.40 46.83
C PHE D 295 -28.97 -21.56 45.54
N PHE D 296 -28.36 -20.38 45.56
CA PHE D 296 -28.40 -19.54 44.36
C PHE D 296 -28.05 -20.34 43.10
N ASN D 297 -28.73 -19.99 42.00
CA ASN D 297 -28.50 -20.63 40.70
C ASN D 297 -28.61 -22.15 40.76
N GLN D 298 -29.64 -22.63 41.45
CA GLN D 298 -29.87 -24.08 41.60
C GLN D 298 -28.67 -24.76 42.25
N GLY D 299 -27.91 -23.98 43.01
CA GLY D 299 -26.73 -24.47 43.69
C GLY D 299 -25.54 -24.57 42.76
N GLN D 300 -25.72 -24.14 41.52
CA GLN D 300 -24.72 -24.35 40.49
C GLN D 300 -23.70 -23.20 40.41
N CYS D 301 -22.97 -23.01 41.51
CA CYS D 301 -21.93 -21.98 41.60
C CYS D 301 -20.66 -22.55 42.25
N SER D 302 -19.51 -22.34 41.60
CA SER D 302 -18.22 -22.77 42.13
C SER D 302 -17.97 -22.23 43.53
N CYS D 303 -18.44 -21.02 43.79
CA CYS D 303 -18.20 -20.35 45.07
C CYS D 303 -19.33 -20.56 46.07
N ALA D 304 -20.23 -21.49 45.76
CA ALA D 304 -21.34 -21.80 46.64
C ALA D 304 -20.85 -21.98 48.07
N GLY D 305 -21.61 -21.47 49.04
CA GLY D 305 -21.27 -21.63 50.44
C GLY D 305 -21.66 -23.01 50.92
N SER D 306 -20.92 -24.01 50.43
CA SER D 306 -21.31 -25.43 50.59
C SER D 306 -20.80 -26.09 51.87
N ARG D 307 -20.14 -25.32 52.73
CA ARG D 307 -19.80 -25.77 54.08
C ARG D 307 -20.24 -24.71 55.08
N THR D 308 -21.39 -24.93 55.72
CA THR D 308 -21.94 -23.93 56.64
C THR D 308 -21.53 -24.23 58.08
N PHE D 309 -20.53 -23.50 58.57
CA PHE D 309 -20.08 -23.66 59.95
C PHE D 309 -20.89 -22.77 60.86
N VAL D 310 -21.48 -23.35 61.89
CA VAL D 310 -22.32 -22.61 62.83
C VAL D 310 -21.83 -22.85 64.25
N GLN D 311 -21.63 -21.78 65.01
CA GLN D 311 -21.14 -21.93 66.36
C GLN D 311 -22.15 -22.68 67.23
N GLU D 312 -21.65 -23.57 68.09
CA GLU D 312 -22.51 -24.47 68.86
C GLU D 312 -23.66 -23.78 69.62
N ASP D 313 -23.40 -22.59 70.15
CA ASP D 313 -24.36 -21.90 70.99
C ASP D 313 -25.61 -21.44 70.22
N ILE D 314 -25.52 -21.41 68.90
CA ILE D 314 -26.63 -20.94 68.06
C ILE D 314 -27.01 -21.99 67.02
N TYR D 315 -26.34 -23.14 67.06
CA TYR D 315 -26.57 -24.21 66.10
C TYR D 315 -28.05 -24.61 65.95
N ASP D 316 -28.67 -24.98 67.06
CA ASP D 316 -30.03 -25.50 67.01
C ASP D 316 -31.00 -24.53 66.36
N GLU D 317 -30.94 -23.27 66.77
CA GLU D 317 -31.83 -22.25 66.22
C GLU D 317 -31.54 -21.99 64.77
N PHE D 318 -30.26 -21.93 64.42
CA PHE D 318 -29.87 -21.68 63.05
C PHE D 318 -30.43 -22.76 62.13
N VAL D 319 -30.28 -24.02 62.55
CA VAL D 319 -30.74 -25.17 61.76
C VAL D 319 -32.26 -25.14 61.58
N GLU D 320 -32.94 -24.98 62.72
CA GLU D 320 -34.38 -24.80 62.82
C GLU D 320 -34.92 -23.80 61.77
N ARG D 321 -34.32 -22.62 61.77
CA ARG D 321 -34.68 -21.53 60.85
C ARG D 321 -34.30 -21.84 59.40
N SER D 322 -33.21 -22.61 59.22
CA SER D 322 -32.72 -22.92 57.89
C SER D 322 -33.62 -23.94 57.17
N VAL D 323 -34.07 -24.94 57.91
CA VAL D 323 -34.95 -25.98 57.38
C VAL D 323 -36.25 -25.39 56.86
N ALA D 324 -36.82 -24.46 57.64
CA ALA D 324 -38.05 -23.77 57.28
C ALA D 324 -37.87 -22.97 55.99
N ARG D 325 -36.70 -22.36 55.84
CA ARG D 325 -36.39 -21.57 54.65
C ARG D 325 -36.19 -22.45 53.40
N ALA D 326 -35.53 -23.59 53.57
CA ALA D 326 -35.32 -24.51 52.46
C ALA D 326 -36.62 -25.19 52.05
N LYS D 327 -37.46 -25.50 53.04
CA LYS D 327 -38.78 -26.08 52.76
C LYS D 327 -39.73 -25.09 52.09
N SER D 328 -39.51 -23.79 52.27
CA SER D 328 -40.37 -22.78 51.66
C SER D 328 -39.86 -22.31 50.30
N ARG D 329 -38.71 -22.83 49.88
CA ARG D 329 -38.12 -22.46 48.59
C ARG D 329 -38.93 -23.05 47.42
N VAL D 330 -39.57 -22.16 46.67
CA VAL D 330 -40.38 -22.54 45.51
C VAL D 330 -39.59 -23.13 44.33
N VAL D 331 -39.83 -24.40 44.03
CA VAL D 331 -39.20 -25.08 42.89
C VAL D 331 -40.21 -25.26 41.76
N GLY D 332 -39.82 -24.97 40.52
CA GLY D 332 -40.73 -25.20 39.40
C GLY D 332 -40.45 -24.55 38.06
N ASN D 333 -41.52 -24.19 37.35
CA ASN D 333 -41.39 -23.57 36.03
C ASN D 333 -40.61 -22.27 36.12
N PRO D 334 -39.43 -22.23 35.49
CA PRO D 334 -38.55 -21.06 35.49
C PRO D 334 -39.24 -19.78 35.04
N PHE D 335 -40.33 -19.90 34.27
CA PHE D 335 -41.02 -18.72 33.77
C PHE D 335 -42.14 -18.22 34.70
N ASP D 336 -42.39 -18.95 35.78
CA ASP D 336 -43.33 -18.48 36.80
C ASP D 336 -42.61 -17.51 37.72
N SER D 337 -43.12 -16.29 37.80
CA SER D 337 -42.53 -15.24 38.63
C SER D 337 -42.28 -15.71 40.06
N LYS D 338 -43.06 -16.67 40.52
CA LYS D 338 -42.97 -17.13 41.91
C LYS D 338 -41.88 -18.19 42.11
N THR D 339 -41.37 -18.74 41.01
CA THR D 339 -40.36 -19.80 41.09
C THR D 339 -38.99 -19.29 41.56
N GLU D 340 -38.46 -19.94 42.60
CA GLU D 340 -37.16 -19.58 43.15
C GLU D 340 -36.07 -20.47 42.60
N GLN D 341 -36.42 -21.72 42.31
CA GLN D 341 -35.45 -22.71 41.88
C GLN D 341 -35.95 -23.46 40.64
N GLY D 342 -35.19 -23.36 39.55
CA GLY D 342 -35.48 -24.10 38.34
C GLY D 342 -34.87 -25.50 38.41
N PRO D 343 -34.76 -26.17 37.25
CA PRO D 343 -34.15 -27.50 37.21
C PRO D 343 -32.62 -27.43 37.13
N GLN D 344 -31.96 -28.57 37.30
CA GLN D 344 -30.52 -28.68 37.06
C GLN D 344 -30.28 -28.72 35.55
N VAL D 345 -29.07 -28.34 35.12
CA VAL D 345 -28.82 -28.07 33.70
C VAL D 345 -29.05 -29.27 32.77
N ASP D 346 -28.72 -30.47 33.22
CA ASP D 346 -28.94 -31.66 32.39
C ASP D 346 -29.04 -32.94 33.22
N GLU D 347 -29.16 -34.07 32.53
CA GLU D 347 -29.38 -35.36 33.19
C GLU D 347 -28.13 -35.82 33.93
N THR D 348 -26.96 -35.60 33.35
CA THR D 348 -25.70 -36.01 33.96
C THR D 348 -25.53 -35.35 35.33
N GLN D 349 -25.85 -34.07 35.40
CA GLN D 349 -25.79 -33.32 36.65
C GLN D 349 -26.85 -33.81 37.63
N PHE D 350 -28.08 -33.92 37.15
CA PHE D 350 -29.22 -34.42 37.91
C PHE D 350 -28.83 -35.68 38.69
N LYS D 351 -28.34 -36.69 37.97
CA LYS D 351 -27.99 -37.97 38.56
C LYS D 351 -26.84 -37.84 39.56
N LYS D 352 -25.85 -37.05 39.21
CA LYS D 352 -24.67 -36.88 40.06
C LYS D 352 -25.04 -36.22 41.39
N ILE D 353 -25.95 -35.25 41.35
CA ILE D 353 -26.43 -34.61 42.56
C ILE D 353 -27.15 -35.61 43.46
N LEU D 354 -28.07 -36.39 42.88
CA LEU D 354 -28.77 -37.45 43.60
C LEU D 354 -27.81 -38.48 44.21
N GLY D 355 -26.68 -38.67 43.53
CA GLY D 355 -25.65 -39.57 44.02
C GLY D 355 -25.07 -39.06 45.32
N TYR D 356 -24.71 -37.78 45.35
CA TYR D 356 -24.12 -37.19 46.54
C TYR D 356 -25.10 -37.18 47.71
N ILE D 357 -26.37 -36.94 47.42
CA ILE D 357 -27.41 -36.99 48.45
C ILE D 357 -27.42 -38.37 49.10
N ASN D 358 -27.47 -39.41 48.27
CA ASN D 358 -27.49 -40.78 48.78
C ASN D 358 -26.21 -41.10 49.56
N THR D 359 -25.08 -40.60 49.07
CA THR D 359 -23.81 -40.74 49.76
C THR D 359 -23.84 -40.09 51.14
N GLY D 360 -24.48 -38.93 51.21
CA GLY D 360 -24.62 -38.22 52.48
C GLY D 360 -25.31 -39.08 53.51
N LYS D 361 -26.42 -39.69 53.12
CA LYS D 361 -27.19 -40.53 54.03
C LYS D 361 -26.39 -41.72 54.54
N GLN D 362 -25.75 -42.44 53.62
CA GLN D 362 -24.92 -43.59 53.99
C GLN D 362 -23.89 -43.23 55.06
N GLU D 363 -23.28 -42.06 54.90
CA GLU D 363 -22.17 -41.65 55.75
C GLU D 363 -22.60 -41.18 57.16
N GLY D 364 -23.91 -41.09 57.37
CA GLY D 364 -24.43 -40.77 58.69
C GLY D 364 -24.77 -39.32 58.91
N ALA D 365 -24.77 -38.53 57.83
CA ALA D 365 -25.24 -37.16 57.90
C ALA D 365 -26.74 -37.20 58.19
N LYS D 366 -27.26 -36.14 58.79
CA LYS D 366 -28.68 -36.10 59.17
C LYS D 366 -29.52 -35.34 58.15
N LEU D 367 -30.39 -36.06 57.45
CA LEU D 367 -31.28 -35.43 56.48
C LEU D 367 -32.35 -34.64 57.21
N LEU D 368 -32.43 -33.34 56.92
CA LEU D 368 -33.36 -32.45 57.61
C LEU D 368 -34.53 -32.02 56.73
N CYS D 369 -34.36 -32.13 55.43
CA CYS D 369 -35.45 -31.86 54.48
C CYS D 369 -35.04 -32.19 53.04
N GLY D 370 -36.04 -32.32 52.17
CA GLY D 370 -35.80 -32.68 50.77
C GLY D 370 -35.22 -34.08 50.63
N GLY D 371 -34.18 -34.20 49.80
CA GLY D 371 -33.46 -35.45 49.68
C GLY D 371 -33.75 -36.24 48.42
N GLY D 372 -34.76 -35.81 47.67
CA GLY D 372 -35.19 -36.55 46.49
C GLY D 372 -35.75 -35.68 45.40
N ILE D 373 -36.26 -36.33 44.35
CA ILE D 373 -36.73 -35.65 43.15
C ILE D 373 -37.95 -34.76 43.41
N ALA D 374 -37.98 -33.62 42.72
CA ALA D 374 -39.00 -32.60 42.97
C ALA D 374 -40.09 -32.56 41.89
N ALA D 375 -39.88 -33.30 40.81
CA ALA D 375 -40.86 -33.35 39.72
C ALA D 375 -40.59 -34.56 38.84
N ASP D 376 -41.64 -35.07 38.20
CA ASP D 376 -41.50 -36.20 37.29
C ASP D 376 -41.19 -35.73 35.87
N ARG D 377 -41.22 -34.41 35.69
CA ARG D 377 -40.89 -33.79 34.42
C ARG D 377 -39.72 -32.82 34.61
N GLY D 378 -38.63 -33.05 33.88
CA GLY D 378 -37.47 -32.20 34.00
C GLY D 378 -36.59 -32.55 35.20
N TYR D 379 -35.44 -31.90 35.28
CA TYR D 379 -34.41 -32.25 36.26
C TYR D 379 -34.51 -31.44 37.55
N PHE D 380 -35.71 -31.39 38.12
CA PHE D 380 -35.94 -30.69 39.37
C PHE D 380 -35.59 -31.55 40.58
N ILE D 381 -34.73 -31.02 41.45
CA ILE D 381 -34.38 -31.69 42.69
C ILE D 381 -34.81 -30.83 43.88
N GLN D 382 -35.22 -31.49 44.96
CA GLN D 382 -35.73 -30.80 46.14
C GLN D 382 -34.59 -30.16 46.93
N PRO D 383 -34.81 -28.92 47.42
CA PRO D 383 -33.82 -28.28 48.29
C PRO D 383 -33.52 -29.16 49.49
N THR D 384 -32.28 -29.62 49.57
CA THR D 384 -31.91 -30.62 50.56
C THR D 384 -30.95 -30.03 51.58
N VAL D 385 -31.15 -30.40 52.84
CA VAL D 385 -30.29 -29.91 53.92
C VAL D 385 -29.78 -31.04 54.81
N PHE D 386 -28.46 -31.05 55.04
CA PHE D 386 -27.81 -32.02 55.89
C PHE D 386 -27.26 -31.35 57.15
N GLY D 387 -27.60 -31.90 58.30
CA GLY D 387 -27.10 -31.39 59.57
C GLY D 387 -26.03 -32.30 60.15
N ASP D 388 -25.37 -31.82 61.20
CA ASP D 388 -24.35 -32.58 61.91
C ASP D 388 -23.36 -33.24 60.95
N VAL D 389 -22.95 -32.49 59.92
CA VAL D 389 -21.95 -32.95 58.98
C VAL D 389 -20.57 -32.90 59.62
N GLN D 390 -19.69 -33.82 59.23
CA GLN D 390 -18.33 -33.84 59.73
C GLN D 390 -17.33 -33.61 58.60
N ASP D 391 -16.13 -33.16 58.95
CA ASP D 391 -15.11 -32.83 57.96
C ASP D 391 -14.76 -33.99 57.01
N GLY D 392 -14.78 -35.21 57.54
CA GLY D 392 -14.35 -36.38 56.79
C GLY D 392 -15.37 -36.94 55.82
N MET D 393 -16.58 -36.40 55.83
CA MET D 393 -17.62 -36.87 54.92
C MET D 393 -17.39 -36.42 53.48
N THR D 394 -17.74 -37.27 52.53
CA THR D 394 -17.63 -36.96 51.12
C THR D 394 -18.40 -35.67 50.77
N ILE D 395 -19.59 -35.52 51.35
CA ILE D 395 -20.40 -34.33 51.10
C ILE D 395 -19.76 -33.07 51.71
N ALA D 396 -18.88 -33.27 52.68
CA ALA D 396 -18.14 -32.17 53.29
C ALA D 396 -16.89 -31.80 52.50
N LYS D 397 -16.52 -32.66 51.55
CA LYS D 397 -15.24 -32.54 50.85
C LYS D 397 -15.40 -32.21 49.37
N GLU D 398 -16.39 -32.84 48.72
CA GLU D 398 -16.53 -32.75 47.27
C GLU D 398 -17.55 -31.70 46.83
N GLU D 399 -17.26 -31.09 45.67
CA GLU D 399 -18.18 -30.12 45.08
C GLU D 399 -19.43 -30.82 44.53
N ILE D 400 -20.59 -30.46 45.08
CA ILE D 400 -21.84 -31.08 44.69
C ILE D 400 -22.50 -30.35 43.53
N PHE D 401 -22.43 -29.02 43.55
CA PHE D 401 -22.97 -28.20 42.47
C PHE D 401 -24.47 -28.39 42.33
N GLY D 402 -25.14 -28.59 43.47
CA GLY D 402 -26.58 -28.77 43.51
C GLY D 402 -27.19 -28.16 44.76
N PRO D 403 -28.53 -28.22 44.87
CA PRO D 403 -29.27 -27.63 46.00
C PRO D 403 -29.16 -28.48 47.27
N VAL D 404 -27.94 -28.76 47.69
CA VAL D 404 -27.69 -29.59 48.85
C VAL D 404 -26.79 -28.86 49.84
N MET D 405 -27.33 -28.56 51.03
CA MET D 405 -26.66 -27.71 52.01
C MET D 405 -26.06 -28.53 53.16
N GLN D 406 -24.81 -28.24 53.50
CA GLN D 406 -24.15 -28.93 54.60
C GLN D 406 -23.93 -28.00 55.80
N ILE D 407 -24.38 -28.43 56.97
CA ILE D 407 -24.26 -27.62 58.18
C ILE D 407 -23.39 -28.33 59.22
N LEU D 408 -22.30 -27.68 59.62
CA LEU D 408 -21.38 -28.23 60.60
C LEU D 408 -21.37 -27.37 61.85
N LYS D 409 -20.97 -27.96 62.97
CA LYS D 409 -20.96 -27.25 64.24
C LYS D 409 -19.52 -27.07 64.69
N PHE D 410 -19.19 -25.90 65.20
CA PHE D 410 -17.85 -25.67 65.75
C PHE D 410 -17.94 -24.97 67.10
N LYS D 411 -16.81 -24.90 67.81
CA LYS D 411 -16.79 -24.25 69.11
C LYS D 411 -16.03 -22.92 69.12
N THR D 412 -14.77 -22.96 68.69
CA THR D 412 -13.89 -21.80 68.81
C THR D 412 -13.50 -21.24 67.45
N ILE D 413 -13.02 -20.00 67.46
CA ILE D 413 -12.64 -19.32 66.23
C ILE D 413 -11.35 -19.90 65.66
N GLU D 414 -10.44 -20.30 66.54
CA GLU D 414 -9.20 -20.94 66.14
C GLU D 414 -9.51 -22.28 65.48
N GLU D 415 -10.46 -23.01 66.06
CA GLU D 415 -10.84 -24.30 65.53
C GLU D 415 -11.35 -24.18 64.10
N VAL D 416 -12.31 -23.28 63.90
CA VAL D 416 -12.99 -23.17 62.61
C VAL D 416 -12.07 -22.65 61.50
N VAL D 417 -11.08 -21.85 61.86
CA VAL D 417 -10.08 -21.39 60.89
C VAL D 417 -9.35 -22.60 60.31
N GLY D 418 -8.92 -23.50 61.18
CA GLY D 418 -8.25 -24.73 60.77
C GLY D 418 -9.10 -25.64 59.91
N ARG D 419 -10.40 -25.70 60.21
CA ARG D 419 -11.30 -26.59 59.50
C ARG D 419 -11.77 -26.00 58.17
N ALA D 420 -11.93 -24.67 58.14
CA ALA D 420 -12.28 -23.98 56.91
C ALA D 420 -11.12 -24.02 55.93
N ASN D 421 -9.90 -23.92 56.47
CA ASN D 421 -8.69 -23.91 55.64
C ASN D 421 -8.21 -25.29 55.22
N ASN D 422 -8.69 -26.32 55.92
CA ASN D 422 -8.31 -27.69 55.57
C ASN D 422 -9.10 -28.17 54.36
N SER D 423 -8.73 -27.65 53.20
CA SER D 423 -9.37 -28.00 51.94
C SER D 423 -8.37 -27.79 50.81
N THR D 424 -8.42 -28.65 49.79
CA THR D 424 -7.61 -28.44 48.60
C THR D 424 -8.17 -27.27 47.78
N TYR D 425 -9.36 -26.82 48.15
CA TYR D 425 -9.99 -25.68 47.50
C TYR D 425 -9.76 -24.39 48.28
N GLY D 426 -10.04 -23.25 47.65
CA GLY D 426 -9.89 -21.96 48.30
C GLY D 426 -10.44 -20.84 47.45
N LEU D 427 -11.62 -21.06 46.86
CA LEU D 427 -12.23 -20.08 45.97
C LEU D 427 -12.83 -18.91 46.73
N ALA D 428 -13.66 -19.20 47.71
CA ALA D 428 -14.27 -18.15 48.51
C ALA D 428 -14.52 -18.59 49.96
N ALA D 429 -14.97 -17.66 50.78
CA ALA D 429 -15.31 -17.91 52.17
C ALA D 429 -16.12 -16.74 52.70
N ALA D 430 -16.86 -16.96 53.78
CA ALA D 430 -17.61 -15.86 54.38
C ALA D 430 -17.53 -15.89 55.91
N VAL D 431 -17.72 -14.72 56.51
CA VAL D 431 -17.72 -14.54 57.95
C VAL D 431 -18.92 -13.71 58.37
N PHE D 432 -19.73 -14.25 59.27
CA PHE D 432 -20.85 -13.48 59.83
C PHE D 432 -20.63 -13.23 61.32
N THR D 433 -20.45 -11.95 61.66
CA THR D 433 -20.18 -11.56 63.04
C THR D 433 -20.38 -10.05 63.19
N LYS D 434 -20.52 -9.60 64.43
CA LYS D 434 -20.67 -8.17 64.70
C LYS D 434 -19.36 -7.61 65.24
N ASP D 435 -18.42 -8.51 65.54
CA ASP D 435 -17.17 -8.11 66.20
C ASP D 435 -16.12 -7.66 65.19
N LEU D 436 -15.60 -6.46 65.39
CA LEU D 436 -14.57 -5.90 64.53
C LEU D 436 -13.31 -6.78 64.49
N ASP D 437 -12.80 -7.14 65.65
CA ASP D 437 -11.59 -7.94 65.74
C ASP D 437 -11.75 -9.34 65.12
N LYS D 438 -12.86 -10.01 65.42
CA LYS D 438 -13.11 -11.32 64.85
C LYS D 438 -13.15 -11.27 63.33
N ALA D 439 -13.75 -10.22 62.79
CA ALA D 439 -13.87 -10.09 61.34
C ALA D 439 -12.50 -9.92 60.68
N ASN D 440 -11.69 -9.02 61.25
CA ASN D 440 -10.34 -8.81 60.73
C ASN D 440 -9.43 -10.03 60.91
N TYR D 441 -9.61 -10.75 62.01
CA TYR D 441 -8.86 -11.98 62.25
C TYR D 441 -9.15 -13.03 61.18
N LEU D 442 -10.44 -13.25 60.92
CA LEU D 442 -10.87 -14.28 59.98
C LEU D 442 -10.58 -13.96 58.52
N SER D 443 -10.81 -12.72 58.10
CA SER D 443 -10.57 -12.40 56.68
C SER D 443 -9.08 -12.52 56.33
N GLN D 444 -8.21 -12.22 57.28
CA GLN D 444 -6.78 -12.40 57.08
C GLN D 444 -6.38 -13.88 57.12
N ALA D 445 -6.96 -14.64 58.04
CA ALA D 445 -6.56 -16.03 58.26
C ALA D 445 -7.17 -17.03 57.26
N LEU D 446 -8.30 -16.68 56.67
CA LEU D 446 -8.96 -17.58 55.72
C LEU D 446 -8.21 -17.63 54.38
N GLN D 447 -7.93 -18.85 53.93
CA GLN D 447 -7.14 -19.07 52.72
C GLN D 447 -8.03 -19.16 51.48
N ALA D 448 -8.64 -18.03 51.15
CA ALA D 448 -9.56 -17.96 50.01
C ALA D 448 -9.34 -16.68 49.21
N GLY D 449 -9.63 -16.74 47.92
CA GLY D 449 -9.45 -15.61 47.03
C GLY D 449 -10.36 -14.44 47.34
N THR D 450 -11.60 -14.73 47.72
CA THR D 450 -12.55 -13.70 48.19
C THR D 450 -13.13 -14.07 49.55
N VAL D 451 -13.16 -13.10 50.45
CA VAL D 451 -13.79 -13.27 51.75
C VAL D 451 -14.89 -12.24 51.96
N TRP D 452 -16.12 -12.72 52.08
CA TRP D 452 -17.27 -11.85 52.32
C TRP D 452 -17.57 -11.78 53.82
N VAL D 453 -17.81 -10.56 54.32
CA VAL D 453 -18.14 -10.36 55.73
C VAL D 453 -19.57 -9.85 55.85
N ASN D 454 -20.42 -10.65 56.49
CA ASN D 454 -21.83 -10.31 56.67
C ASN D 454 -22.57 -10.16 55.34
N CYS D 455 -22.08 -10.86 54.32
CA CYS D 455 -22.77 -10.95 53.04
C CYS D 455 -22.23 -12.16 52.28
N TYR D 456 -22.73 -12.38 51.06
CA TYR D 456 -22.24 -13.48 50.23
C TYR D 456 -22.56 -13.27 48.76
N ASP D 457 -21.74 -13.81 47.89
CA ASP D 457 -21.96 -13.70 46.45
C ASP D 457 -22.07 -12.24 46.01
N VAL D 458 -21.30 -11.39 46.66
CA VAL D 458 -21.24 -9.99 46.29
C VAL D 458 -20.15 -9.80 45.27
N PHE D 459 -20.55 -9.60 44.03
CA PHE D 459 -19.63 -9.45 42.91
C PHE D 459 -19.75 -8.06 42.32
N GLY D 460 -18.62 -7.44 42.06
CA GLY D 460 -18.60 -6.17 41.35
C GLY D 460 -17.68 -6.32 40.16
N ALA D 461 -17.99 -5.60 39.07
CA ALA D 461 -17.08 -5.54 37.93
C ALA D 461 -15.75 -4.92 38.35
N GLN D 462 -15.78 -4.19 39.48
CA GLN D 462 -14.63 -3.46 39.97
C GLN D 462 -13.70 -4.29 40.86
N SER D 463 -14.25 -5.30 41.52
CA SER D 463 -13.50 -6.15 42.46
C SER D 463 -13.15 -7.52 41.87
N PRO D 464 -11.89 -7.95 42.03
CA PRO D 464 -11.40 -9.20 41.45
C PRO D 464 -12.01 -10.44 42.10
N PHE D 465 -12.12 -11.51 41.30
CA PHE D 465 -12.59 -12.81 41.75
C PHE D 465 -11.68 -13.91 41.18
N GLY D 466 -11.28 -14.84 42.03
CA GLY D 466 -10.45 -15.95 41.63
C GLY D 466 -10.14 -16.82 42.82
N GLY D 467 -9.60 -18.00 42.59
CA GLY D 467 -9.39 -18.93 43.69
C GLY D 467 -7.94 -19.09 44.12
N TYR D 468 -7.76 -19.38 45.40
CA TYR D 468 -6.48 -19.86 45.93
C TYR D 468 -6.38 -21.35 45.62
N LYS D 469 -5.24 -21.95 45.97
CA LYS D 469 -5.06 -23.40 45.88
C LYS D 469 -5.62 -24.00 44.58
N MET D 470 -6.34 -25.11 44.71
CA MET D 470 -6.84 -25.85 43.56
C MET D 470 -8.15 -25.28 42.99
N SER D 471 -8.53 -24.09 43.43
CA SER D 471 -9.73 -23.42 42.92
C SER D 471 -9.42 -22.62 41.66
N GLY D 472 -8.16 -22.64 41.25
CA GLY D 472 -7.75 -21.96 40.04
C GLY D 472 -6.57 -21.04 40.27
N SER D 473 -6.15 -20.35 39.21
CA SER D 473 -5.07 -19.37 39.30
C SER D 473 -5.47 -18.09 38.56
N GLY D 474 -4.88 -16.97 38.97
CA GLY D 474 -5.20 -15.70 38.35
C GLY D 474 -6.53 -15.16 38.80
N ARG D 475 -6.87 -13.97 38.32
CA ARG D 475 -8.08 -13.27 38.76
C ARG D 475 -8.91 -12.78 37.58
N GLU D 476 -10.22 -12.70 37.78
CA GLU D 476 -11.10 -12.04 36.83
C GLU D 476 -11.75 -10.80 37.47
N LEU D 477 -12.24 -9.89 36.65
CA LEU D 477 -12.86 -8.65 37.12
C LEU D 477 -11.84 -7.65 37.66
N GLY D 478 -12.24 -6.38 37.76
CA GLY D 478 -11.37 -5.32 38.26
C GLY D 478 -10.18 -5.01 37.36
N GLU D 479 -9.32 -4.09 37.81
CA GLU D 479 -8.13 -3.77 37.05
C GLU D 479 -7.26 -5.02 36.90
N TYR D 480 -7.38 -5.94 37.85
CA TYR D 480 -6.58 -7.16 37.85
C TYR D 480 -6.85 -8.04 36.64
N GLY D 481 -8.09 -8.02 36.16
CA GLY D 481 -8.48 -8.84 35.03
C GLY D 481 -7.79 -8.47 33.74
N LEU D 482 -7.11 -7.32 33.72
CA LEU D 482 -6.42 -6.88 32.51
C LEU D 482 -5.05 -7.54 32.37
N GLN D 483 -4.41 -7.83 33.51
CA GLN D 483 -3.03 -8.30 33.51
C GLN D 483 -2.83 -9.61 32.76
N ALA D 484 -3.84 -10.47 32.77
CA ALA D 484 -3.77 -11.75 32.09
C ALA D 484 -3.88 -11.58 30.57
N TYR D 485 -4.42 -10.44 30.13
CA TYR D 485 -4.62 -10.20 28.72
C TYR D 485 -3.68 -9.14 28.18
N THR D 486 -2.59 -8.92 28.90
CA THR D 486 -1.62 -7.90 28.56
C THR D 486 -0.22 -8.49 28.51
N LYS D 487 0.59 -8.01 27.57
CA LYS D 487 1.98 -8.41 27.42
C LYS D 487 2.85 -7.17 27.59
N VAL D 488 3.91 -7.28 28.38
CA VAL D 488 4.76 -6.12 28.65
C VAL D 488 5.99 -6.11 27.76
N LYS D 489 6.15 -5.04 26.99
CA LYS D 489 7.36 -4.82 26.20
C LYS D 489 8.10 -3.61 26.73
N THR D 490 9.35 -3.81 27.10
CA THR D 490 10.21 -2.73 27.54
C THR D 490 10.97 -2.18 26.36
N VAL D 491 10.92 -0.86 26.16
CA VAL D 491 11.74 -0.21 25.16
C VAL D 491 12.76 0.67 25.87
N THR D 492 14.04 0.49 25.54
CA THR D 492 15.11 1.22 26.19
C THR D 492 16.00 1.93 25.17
N VAL D 493 16.01 3.26 25.26
CA VAL D 493 16.59 4.11 24.24
C VAL D 493 17.79 4.88 24.76
N LYS D 494 18.91 4.77 24.05
CA LYS D 494 20.09 5.54 24.38
C LYS D 494 19.81 7.02 24.15
N VAL D 495 20.09 7.84 25.15
CA VAL D 495 19.91 9.30 25.03
C VAL D 495 21.22 10.06 25.27
N PRO D 496 21.34 11.28 24.68
CA PRO D 496 22.56 12.07 24.83
C PRO D 496 22.97 12.29 26.30
N GLN D 497 22.03 12.75 27.13
CA GLN D 497 22.30 12.95 28.55
C GLN D 497 21.02 12.94 29.40
N LYS D 498 20.84 11.87 30.16
CA LYS D 498 19.68 11.76 31.04
C LYS D 498 19.70 12.78 32.18
N ASN D 499 18.59 13.49 32.34
CA ASN D 499 18.36 14.38 33.49
C ASN D 499 17.02 14.06 34.15
N SER D 500 16.88 14.44 35.41
CA SER D 500 15.65 14.18 36.15
C SER D 500 14.47 15.01 35.64
N ALA E 7 15.53 -41.72 -38.19
CA ALA E 7 15.30 -40.30 -38.01
C ALA E 7 14.42 -40.04 -36.80
N VAL E 8 13.83 -41.10 -36.25
CA VAL E 8 12.88 -41.00 -35.15
C VAL E 8 13.31 -41.87 -33.97
N PRO E 9 13.27 -41.32 -32.74
CA PRO E 9 13.61 -42.11 -31.57
C PRO E 9 12.62 -43.23 -31.33
N ALA E 10 13.11 -44.39 -30.90
CA ALA E 10 12.24 -45.51 -30.56
C ALA E 10 11.22 -45.09 -29.50
N PRO E 11 9.94 -45.40 -29.73
CA PRO E 11 8.92 -44.98 -28.77
C PRO E 11 8.78 -45.95 -27.60
N ASN E 12 8.27 -45.46 -26.49
CA ASN E 12 7.76 -46.34 -25.45
C ASN E 12 6.31 -46.67 -25.79
N GLN E 13 6.03 -47.93 -26.09
CA GLN E 13 4.72 -48.32 -26.59
C GLN E 13 3.67 -48.41 -25.50
N GLN E 14 4.10 -48.26 -24.25
CA GLN E 14 3.18 -48.20 -23.12
C GLN E 14 3.56 -47.06 -22.18
N PRO E 15 3.44 -45.81 -22.66
CA PRO E 15 3.83 -44.66 -21.84
C PRO E 15 2.94 -44.58 -20.61
N GLU E 16 3.54 -44.27 -19.47
CA GLU E 16 2.78 -44.20 -18.23
C GLU E 16 2.02 -42.89 -18.16
N VAL E 17 0.99 -42.85 -17.33
CA VAL E 17 0.17 -41.66 -17.17
C VAL E 17 0.43 -41.04 -15.80
N PHE E 18 0.69 -39.73 -15.77
CA PHE E 18 1.02 -39.05 -14.52
C PHE E 18 -0.06 -38.05 -14.13
N CYS E 19 -0.77 -37.53 -15.13
CA CYS E 19 -1.79 -36.51 -14.90
C CYS E 19 -3.12 -36.96 -15.47
N ASN E 20 -4.14 -36.97 -14.62
CA ASN E 20 -5.46 -37.42 -15.04
C ASN E 20 -6.57 -36.77 -14.22
N GLN E 21 -6.30 -35.58 -13.71
CA GLN E 21 -7.24 -34.84 -12.89
C GLN E 21 -7.53 -33.46 -13.46
N ILE E 22 -8.16 -32.62 -12.65
CA ILE E 22 -8.48 -31.25 -13.03
C ILE E 22 -7.36 -30.32 -12.60
N PHE E 23 -7.00 -29.38 -13.47
CA PHE E 23 -5.86 -28.49 -13.24
C PHE E 23 -6.32 -27.06 -13.02
N ILE E 24 -6.19 -26.59 -11.78
CA ILE E 24 -6.66 -25.27 -11.39
C ILE E 24 -5.67 -24.66 -10.40
N ASN E 25 -5.29 -23.41 -10.64
CA ASN E 25 -4.30 -22.74 -9.80
C ASN E 25 -3.03 -23.54 -9.63
N ASN E 26 -2.58 -24.14 -10.74
CA ASN E 26 -1.36 -24.94 -10.77
C ASN E 26 -1.43 -26.16 -9.85
N GLU E 27 -2.65 -26.58 -9.52
CA GLU E 27 -2.84 -27.74 -8.66
C GLU E 27 -3.86 -28.73 -9.23
N TRP E 28 -3.73 -29.98 -8.82
CA TRP E 28 -4.58 -31.06 -9.33
C TRP E 28 -5.75 -31.36 -8.38
N HIS E 29 -6.95 -31.41 -8.94
CA HIS E 29 -8.17 -31.62 -8.18
C HIS E 29 -8.96 -32.79 -8.72
N ASP E 30 -9.63 -33.53 -7.84
CA ASP E 30 -10.69 -34.42 -8.25
C ASP E 30 -11.85 -33.51 -8.62
N ALA E 31 -12.84 -34.05 -9.31
CA ALA E 31 -14.09 -33.32 -9.50
C ALA E 31 -14.76 -33.17 -8.14
N VAL E 32 -15.58 -32.14 -7.98
CA VAL E 32 -16.35 -31.97 -6.75
C VAL E 32 -17.27 -33.18 -6.53
N SER E 33 -17.69 -33.81 -7.62
CA SER E 33 -18.56 -34.97 -7.56
C SER E 33 -17.75 -36.26 -7.39
N ARG E 34 -16.43 -36.12 -7.46
CA ARG E 34 -15.52 -37.25 -7.35
C ARG E 34 -15.74 -38.29 -8.44
N LYS E 35 -16.53 -37.94 -9.45
CA LYS E 35 -16.77 -38.84 -10.56
C LYS E 35 -15.61 -38.88 -11.56
N THR E 36 -15.45 -40.01 -12.24
CA THR E 36 -14.41 -40.14 -13.25
C THR E 36 -14.96 -40.81 -14.50
N PHE E 37 -14.23 -40.71 -15.59
CA PHE E 37 -14.60 -41.38 -16.83
C PHE E 37 -13.38 -42.01 -17.47
N PRO E 38 -13.59 -43.06 -18.28
CA PRO E 38 -12.43 -43.71 -18.89
C PRO E 38 -12.07 -43.09 -20.24
N THR E 39 -10.77 -43.02 -20.51
CA THR E 39 -10.26 -42.76 -21.85
C THR E 39 -9.65 -44.06 -22.37
N VAL E 40 -9.83 -44.31 -23.67
CA VAL E 40 -9.50 -45.60 -24.27
C VAL E 40 -8.35 -45.54 -25.30
N ASN E 41 -7.58 -46.61 -25.37
CA ASN E 41 -6.65 -46.80 -26.46
C ASN E 41 -7.42 -47.33 -27.69
N PRO E 42 -7.50 -46.53 -28.76
CA PRO E 42 -8.31 -46.90 -29.93
C PRO E 42 -7.72 -48.07 -30.73
N SER E 43 -6.44 -48.39 -30.49
CA SER E 43 -5.80 -49.50 -31.18
C SER E 43 -6.18 -50.84 -30.58
N THR E 44 -6.66 -50.82 -29.35
CA THR E 44 -6.99 -52.05 -28.62
C THR E 44 -8.41 -52.00 -28.06
N GLY E 45 -8.97 -50.80 -27.95
CA GLY E 45 -10.30 -50.62 -27.40
C GLY E 45 -10.32 -50.76 -25.89
N GLU E 46 -9.13 -50.87 -25.30
CA GLU E 46 -9.00 -51.04 -23.86
C GLU E 46 -8.86 -49.69 -23.15
N VAL E 47 -9.24 -49.65 -21.87
CA VAL E 47 -9.18 -48.43 -21.08
C VAL E 47 -7.75 -48.13 -20.63
N ILE E 48 -7.32 -46.89 -20.83
CA ILE E 48 -5.99 -46.47 -20.42
C ILE E 48 -5.95 -46.11 -18.91
N CYS E 49 -6.94 -45.34 -18.48
CA CYS E 49 -7.04 -44.96 -17.09
C CYS E 49 -8.34 -44.18 -16.91
N GLN E 50 -8.66 -43.84 -15.67
CA GLN E 50 -9.83 -43.01 -15.38
C GLN E 50 -9.41 -41.55 -15.31
N VAL E 51 -10.27 -40.67 -15.81
CA VAL E 51 -9.98 -39.24 -15.81
C VAL E 51 -11.07 -38.47 -15.08
N ALA E 52 -10.67 -37.49 -14.27
CA ALA E 52 -11.62 -36.68 -13.51
C ALA E 52 -12.68 -36.08 -14.42
N GLU E 53 -13.95 -36.24 -14.03
CA GLU E 53 -15.07 -35.77 -14.82
C GLU E 53 -15.56 -34.41 -14.34
N GLY E 54 -15.03 -33.34 -14.92
CA GLY E 54 -15.41 -32.00 -14.53
C GLY E 54 -16.84 -31.67 -14.94
N ASP E 55 -17.50 -30.85 -14.12
CA ASP E 55 -18.83 -30.36 -14.44
C ASP E 55 -18.89 -28.87 -14.17
N LYS E 56 -20.10 -28.31 -14.21
CA LYS E 56 -20.30 -26.87 -14.03
C LYS E 56 -19.60 -26.34 -12.79
N GLU E 57 -19.64 -27.11 -11.72
CA GLU E 57 -19.05 -26.68 -10.46
C GLU E 57 -17.54 -26.61 -10.50
N ASP E 58 -16.93 -27.51 -11.27
CA ASP E 58 -15.48 -27.49 -11.46
C ASP E 58 -15.09 -26.33 -12.38
N VAL E 59 -15.93 -26.09 -13.38
CA VAL E 59 -15.73 -24.96 -14.27
C VAL E 59 -15.86 -23.64 -13.50
N ASP E 60 -16.77 -23.59 -12.53
CA ASP E 60 -16.95 -22.38 -11.73
C ASP E 60 -15.70 -22.09 -10.93
N LYS E 61 -15.06 -23.14 -10.44
CA LYS E 61 -13.79 -23.04 -9.73
C LYS E 61 -12.70 -22.49 -10.65
N ALA E 62 -12.59 -23.09 -11.83
CA ALA E 62 -11.57 -22.69 -12.81
C ALA E 62 -11.69 -21.22 -13.22
N VAL E 63 -12.92 -20.77 -13.47
CA VAL E 63 -13.14 -19.37 -13.87
C VAL E 63 -12.76 -18.40 -12.76
N LYS E 64 -13.02 -18.77 -11.51
CA LYS E 64 -12.70 -17.89 -10.38
C LYS E 64 -11.20 -17.81 -10.20
N ALA E 65 -10.53 -18.95 -10.36
CA ALA E 65 -9.07 -18.99 -10.30
C ALA E 65 -8.49 -18.12 -11.42
N ALA E 66 -9.05 -18.27 -12.62
CA ALA E 66 -8.62 -17.48 -13.77
C ALA E 66 -8.82 -15.99 -13.55
N ARG E 67 -10.02 -15.61 -13.13
CA ARG E 67 -10.36 -14.19 -12.90
C ARG E 67 -9.42 -13.54 -11.89
N ALA E 68 -9.06 -14.30 -10.86
CA ALA E 68 -8.17 -13.80 -9.83
C ALA E 68 -6.79 -13.49 -10.40
N ALA E 69 -6.28 -14.39 -11.24
CA ALA E 69 -4.96 -14.21 -11.82
C ALA E 69 -4.94 -13.00 -12.75
N PHE E 70 -6.13 -12.57 -13.18
CA PHE E 70 -6.26 -11.50 -14.16
C PHE E 70 -6.45 -10.13 -13.49
N GLN E 71 -6.51 -10.11 -12.18
CA GLN E 71 -6.79 -8.86 -11.48
C GLN E 71 -5.67 -7.83 -11.66
N LEU E 72 -6.05 -6.57 -11.87
CA LEU E 72 -5.05 -5.52 -11.99
C LEU E 72 -4.09 -5.64 -10.82
N GLY E 73 -2.79 -5.64 -11.11
CA GLY E 73 -1.79 -5.72 -10.06
C GLY E 73 -1.22 -7.11 -9.80
N SER E 74 -1.83 -8.13 -10.41
CA SER E 74 -1.35 -9.50 -10.27
C SER E 74 -0.04 -9.73 -11.01
N PRO E 75 0.65 -10.84 -10.69
CA PRO E 75 1.90 -11.18 -11.38
C PRO E 75 1.72 -11.22 -12.88
N TRP E 76 0.63 -11.85 -13.33
CA TRP E 76 0.39 -12.01 -14.75
C TRP E 76 0.11 -10.68 -15.44
N ARG E 77 -0.57 -9.77 -14.74
CA ARG E 77 -0.88 -8.47 -15.32
C ARG E 77 0.33 -7.55 -15.36
N ARG E 78 1.14 -7.61 -14.31
CA ARG E 78 2.27 -6.69 -14.15
C ARG E 78 3.48 -7.14 -14.94
N MET E 79 3.54 -8.44 -15.19
CA MET E 79 4.64 -9.05 -15.93
C MET E 79 4.90 -8.38 -17.28
N ASP E 80 6.17 -8.11 -17.55
CA ASP E 80 6.60 -7.58 -18.85
C ASP E 80 6.11 -8.45 -20.00
N ALA E 81 5.62 -7.81 -21.05
CA ALA E 81 5.22 -8.53 -22.26
C ALA E 81 6.30 -9.50 -22.76
N SER E 82 7.55 -9.05 -22.75
CA SER E 82 8.67 -9.87 -23.18
C SER E 82 8.86 -11.08 -22.29
N HIS E 83 8.53 -10.92 -21.01
CA HIS E 83 8.61 -12.05 -20.09
C HIS E 83 7.53 -13.12 -20.34
N ARG E 84 6.34 -12.70 -20.78
CA ARG E 84 5.33 -13.67 -21.19
C ARG E 84 5.91 -14.53 -22.32
N GLY E 85 6.71 -13.88 -23.18
CA GLY E 85 7.39 -14.54 -24.27
C GLY E 85 8.46 -15.51 -23.80
N ARG E 86 9.21 -15.13 -22.77
CA ARG E 86 10.18 -16.03 -22.16
C ARG E 86 9.48 -17.28 -21.63
N LEU E 87 8.37 -17.06 -20.93
CA LEU E 87 7.60 -18.17 -20.36
C LEU E 87 7.09 -19.11 -21.46
N LEU E 88 6.57 -18.56 -22.55
CA LEU E 88 6.15 -19.37 -23.69
C LEU E 88 7.32 -20.17 -24.30
N ASN E 89 8.48 -19.53 -24.47
CA ASN E 89 9.67 -20.23 -24.96
C ASN E 89 10.13 -21.32 -23.99
N ARG E 90 9.97 -21.06 -22.70
CA ARG E 90 10.32 -22.03 -21.68
C ARG E 90 9.42 -23.25 -21.79
N LEU E 91 8.13 -23.03 -21.95
CA LEU E 91 7.17 -24.13 -22.13
C LEU E 91 7.53 -24.99 -23.33
N ALA E 92 7.88 -24.35 -24.44
CA ALA E 92 8.29 -25.10 -25.64
C ALA E 92 9.54 -25.92 -25.37
N ASP E 93 10.47 -25.36 -24.60
CA ASP E 93 11.69 -26.08 -24.29
C ASP E 93 11.38 -27.36 -23.51
N LEU E 94 10.48 -27.24 -22.53
CA LEU E 94 10.06 -28.39 -21.74
C LEU E 94 9.37 -29.43 -22.61
N ILE E 95 8.47 -28.99 -23.47
CA ILE E 95 7.78 -29.89 -24.38
C ILE E 95 8.78 -30.63 -25.29
N GLU E 96 9.80 -29.92 -25.76
CA GLU E 96 10.84 -30.57 -26.57
C GLU E 96 11.60 -31.58 -25.72
N ARG E 97 11.96 -31.18 -24.50
CA ARG E 97 12.62 -32.10 -23.57
C ARG E 97 11.86 -33.42 -23.50
N ASP E 98 10.52 -33.33 -23.39
CA ASP E 98 9.68 -34.51 -23.24
C ASP E 98 9.00 -34.91 -24.55
N ARG E 99 9.60 -34.57 -25.68
CA ARG E 99 9.01 -34.81 -27.00
C ARG E 99 8.70 -36.28 -27.30
N THR E 100 9.65 -37.15 -27.03
CA THR E 100 9.48 -38.57 -27.32
C THR E 100 8.32 -39.14 -26.50
N TYR E 101 8.27 -38.80 -25.23
CA TYR E 101 7.19 -39.27 -24.35
C TYR E 101 5.83 -38.75 -24.81
N LEU E 102 5.75 -37.43 -25.01
CA LEU E 102 4.50 -36.81 -25.43
C LEU E 102 3.93 -37.37 -26.74
N ALA E 103 4.81 -37.65 -27.70
CA ALA E 103 4.40 -38.19 -28.99
C ALA E 103 3.81 -39.59 -28.84
N ALA E 104 4.44 -40.41 -28.00
CA ALA E 104 3.96 -41.77 -27.76
C ALA E 104 2.62 -41.74 -27.02
N LEU E 105 2.50 -40.86 -26.03
CA LEU E 105 1.26 -40.70 -25.29
C LEU E 105 0.12 -40.20 -26.19
N GLU E 106 0.46 -39.32 -27.11
CA GLU E 106 -0.48 -38.86 -28.12
C GLU E 106 -1.00 -40.04 -28.94
N THR E 107 -0.07 -40.86 -29.42
CA THR E 107 -0.39 -42.06 -30.19
C THR E 107 -1.23 -43.06 -29.40
N LEU E 108 -0.91 -43.22 -28.12
CA LEU E 108 -1.64 -44.16 -27.27
C LEU E 108 -3.10 -43.77 -27.11
N ASP E 109 -3.34 -42.49 -26.90
CA ASP E 109 -4.67 -41.99 -26.58
C ASP E 109 -5.48 -41.65 -27.83
N ASN E 110 -4.80 -41.24 -28.90
CA ASN E 110 -5.47 -40.78 -30.11
C ASN E 110 -5.53 -41.78 -31.26
N GLY E 111 -4.46 -42.57 -31.43
CA GLY E 111 -4.44 -43.60 -32.45
C GLY E 111 -3.55 -43.28 -33.65
N LYS E 112 -3.19 -42.01 -33.80
CA LYS E 112 -2.36 -41.60 -34.93
C LYS E 112 -0.97 -42.22 -34.87
N PRO E 113 -0.35 -42.48 -36.03
CA PRO E 113 0.97 -43.13 -36.05
C PRO E 113 2.02 -42.34 -35.25
N TYR E 114 2.82 -43.05 -34.45
CA TYR E 114 3.84 -42.42 -33.61
C TYR E 114 4.80 -41.54 -34.42
N VAL E 115 5.22 -42.03 -35.58
CA VAL E 115 6.16 -41.28 -36.41
C VAL E 115 5.57 -39.92 -36.76
N ILE E 116 4.26 -39.88 -37.01
CA ILE E 116 3.57 -38.64 -37.35
C ILE E 116 3.37 -37.75 -36.12
N SER E 117 2.93 -38.33 -35.02
CA SER E 117 2.87 -37.60 -33.75
C SER E 117 4.20 -36.90 -33.49
N TYR E 118 5.30 -37.62 -33.70
CA TYR E 118 6.62 -37.09 -33.38
C TYR E 118 7.08 -36.04 -34.39
N LEU E 119 7.01 -36.37 -35.66
CA LEU E 119 7.57 -35.53 -36.72
C LEU E 119 6.66 -34.37 -37.15
N VAL E 120 5.36 -34.57 -37.05
CA VAL E 120 4.42 -33.53 -37.44
C VAL E 120 3.85 -32.84 -36.21
N ASP E 121 3.01 -33.56 -35.46
CA ASP E 121 2.31 -32.94 -34.33
C ASP E 121 3.22 -32.21 -33.35
N LEU E 122 4.21 -32.91 -32.79
CA LEU E 122 5.08 -32.29 -31.79
C LEU E 122 5.92 -31.15 -32.38
N ASP E 123 6.41 -31.33 -33.60
CA ASP E 123 7.15 -30.27 -34.26
C ASP E 123 6.30 -29.01 -34.39
N MET E 124 5.08 -29.18 -34.88
CA MET E 124 4.14 -28.08 -35.08
C MET E 124 3.74 -27.40 -33.78
N VAL E 125 3.71 -28.18 -32.70
CA VAL E 125 3.42 -27.65 -31.38
C VAL E 125 4.55 -26.72 -30.92
N LEU E 126 5.80 -27.17 -31.11
CA LEU E 126 6.97 -26.36 -30.79
C LEU E 126 7.01 -25.09 -31.66
N LYS E 127 6.81 -25.26 -32.96
CA LYS E 127 6.86 -24.11 -33.85
C LYS E 127 5.78 -23.07 -33.54
N CYS E 128 4.60 -23.54 -33.14
CA CYS E 128 3.50 -22.64 -32.77
C CYS E 128 3.79 -21.84 -31.50
N LEU E 129 4.21 -22.51 -30.43
CA LEU E 129 4.47 -21.83 -29.16
C LEU E 129 5.59 -20.82 -29.31
N ARG E 130 6.61 -21.20 -30.07
CA ARG E 130 7.76 -20.31 -30.28
C ARG E 130 7.44 -19.14 -31.21
N TYR E 131 6.56 -19.37 -32.18
CA TYR E 131 6.09 -18.28 -33.03
C TYR E 131 5.39 -17.23 -32.17
N TYR E 132 4.44 -17.68 -31.35
CA TYR E 132 3.67 -16.76 -30.53
C TYR E 132 4.44 -16.11 -29.39
N ALA E 133 5.45 -16.80 -28.87
CA ALA E 133 6.32 -16.22 -27.86
C ALA E 133 6.90 -14.92 -28.41
N GLY E 134 7.24 -14.93 -29.69
CA GLY E 134 7.82 -13.76 -30.35
C GLY E 134 6.84 -12.62 -30.51
N TRP E 135 5.55 -12.95 -30.57
CA TRP E 135 4.50 -11.93 -30.74
C TRP E 135 4.22 -11.19 -29.45
N ALA E 136 4.65 -11.77 -28.34
CA ALA E 136 4.34 -11.27 -27.00
C ALA E 136 4.53 -9.77 -26.80
N ASP E 137 5.67 -9.24 -27.25
CA ASP E 137 5.99 -7.84 -27.03
C ASP E 137 6.03 -7.03 -28.33
N LYS E 138 5.29 -7.46 -29.35
CA LYS E 138 5.36 -6.79 -30.66
C LYS E 138 4.01 -6.35 -31.22
N TYR E 139 2.94 -6.61 -30.50
CA TYR E 139 1.60 -6.25 -30.94
C TYR E 139 1.30 -4.83 -30.46
N HIS E 140 1.52 -3.84 -31.33
CA HIS E 140 1.39 -2.44 -30.93
C HIS E 140 -0.02 -1.88 -31.10
N GLY E 141 -0.37 -0.92 -30.25
CA GLY E 141 -1.52 -0.07 -30.48
C GLY E 141 -1.07 1.06 -31.40
N LYS E 142 -1.89 2.09 -31.52
CA LYS E 142 -1.59 3.19 -32.44
C LYS E 142 -1.63 4.56 -31.77
N THR E 143 -0.83 5.47 -32.29
CA THR E 143 -1.01 6.89 -32.00
C THR E 143 -1.70 7.50 -33.22
N ILE E 144 -2.78 8.22 -32.97
CA ILE E 144 -3.77 8.52 -34.01
C ILE E 144 -3.96 10.03 -34.22
N PRO E 145 -3.80 10.49 -35.47
CA PRO E 145 -3.82 11.90 -35.86
C PRO E 145 -5.24 12.47 -35.92
N ILE E 146 -5.99 12.32 -34.83
CA ILE E 146 -7.37 12.82 -34.75
C ILE E 146 -7.43 14.35 -34.88
N ASP E 147 -8.57 14.85 -35.35
CA ASP E 147 -8.79 16.29 -35.46
C ASP E 147 -8.70 16.96 -34.10
N GLY E 148 -8.29 18.22 -34.09
CA GLY E 148 -8.33 19.04 -32.89
C GLY E 148 -7.12 18.92 -31.98
N ASP E 149 -7.16 19.70 -30.90
CA ASP E 149 -6.07 19.73 -29.93
C ASP E 149 -6.17 18.57 -28.94
N PHE E 150 -6.03 17.35 -29.48
CA PHE E 150 -6.03 16.14 -28.66
C PHE E 150 -4.87 15.23 -29.04
N PHE E 151 -4.41 14.44 -28.08
CA PHE E 151 -3.50 13.33 -28.31
C PHE E 151 -4.31 12.05 -28.09
N SER E 152 -4.48 11.26 -29.14
CA SER E 152 -5.30 10.07 -29.04
C SER E 152 -4.49 8.82 -29.38
N TYR E 153 -4.65 7.78 -28.56
CA TYR E 153 -3.93 6.54 -28.79
C TYR E 153 -4.77 5.36 -28.36
N THR E 154 -4.36 4.17 -28.80
CA THR E 154 -5.04 2.96 -28.40
C THR E 154 -4.12 2.02 -27.63
N ARG E 155 -4.67 1.37 -26.61
CA ARG E 155 -4.00 0.30 -25.91
C ARG E 155 -4.61 -1.02 -26.35
N HIS E 156 -3.77 -1.99 -26.65
CA HIS E 156 -4.24 -3.34 -26.96
C HIS E 156 -4.18 -4.15 -25.66
N GLU E 157 -5.34 -4.36 -25.04
CA GLU E 157 -5.41 -5.09 -23.78
C GLU E 157 -5.93 -6.50 -24.01
N PRO E 158 -5.66 -7.42 -23.07
CA PRO E 158 -6.21 -8.78 -23.15
C PRO E 158 -7.74 -8.75 -23.00
N VAL E 159 -8.46 -9.66 -23.66
CA VAL E 159 -9.91 -9.70 -23.51
C VAL E 159 -10.32 -10.11 -22.10
N GLY E 160 -9.48 -10.89 -21.43
CA GLY E 160 -9.76 -11.32 -20.07
C GLY E 160 -9.74 -12.83 -19.91
N VAL E 161 -10.81 -13.38 -19.35
CA VAL E 161 -10.94 -14.81 -19.15
C VAL E 161 -11.42 -15.48 -20.43
N CYS E 162 -10.59 -16.34 -21.00
CA CYS E 162 -10.91 -17.02 -22.25
C CYS E 162 -11.24 -18.50 -22.05
N GLY E 163 -12.44 -18.88 -22.45
CA GLY E 163 -12.85 -20.27 -22.43
C GLY E 163 -12.47 -20.92 -23.74
N GLN E 164 -11.80 -22.08 -23.67
CA GLN E 164 -11.29 -22.72 -24.88
C GLN E 164 -11.65 -24.20 -24.94
N ILE E 165 -12.42 -24.57 -25.95
CA ILE E 165 -12.83 -25.96 -26.15
C ILE E 165 -12.13 -26.54 -27.38
N ILE E 166 -11.29 -27.55 -27.15
CA ILE E 166 -10.51 -28.13 -28.25
C ILE E 166 -10.88 -29.59 -28.49
N PRO E 167 -10.74 -30.05 -29.74
CA PRO E 167 -11.18 -31.35 -30.23
C PRO E 167 -10.13 -32.44 -30.02
N TRP E 168 -10.46 -33.65 -30.47
CA TRP E 168 -9.63 -34.83 -30.22
C TRP E 168 -8.73 -35.22 -31.39
N ASN E 169 -8.88 -34.58 -32.54
CA ASN E 169 -8.11 -35.00 -33.73
C ASN E 169 -6.65 -34.55 -33.73
N PHE E 170 -6.38 -33.39 -33.15
CA PHE E 170 -5.02 -32.93 -32.91
C PHE E 170 -4.94 -32.40 -31.49
N PRO E 171 -4.85 -33.32 -30.51
CA PRO E 171 -4.93 -32.94 -29.09
C PRO E 171 -3.91 -31.88 -28.68
N LEU E 172 -2.63 -32.16 -28.88
CA LEU E 172 -1.57 -31.25 -28.48
C LEU E 172 -1.47 -30.03 -29.39
N LEU E 173 -1.64 -30.23 -30.70
CA LEU E 173 -1.60 -29.09 -31.62
C LEU E 173 -2.72 -28.07 -31.34
N MET E 174 -3.96 -28.55 -31.21
CA MET E 174 -5.07 -27.64 -30.92
C MET E 174 -4.86 -26.91 -29.61
N GLN E 175 -4.24 -27.59 -28.64
CA GLN E 175 -3.94 -26.94 -27.38
C GLN E 175 -2.99 -25.78 -27.60
N ALA E 176 -1.94 -26.00 -28.38
CA ALA E 176 -0.95 -24.97 -28.68
C ALA E 176 -1.53 -23.79 -29.48
N TRP E 177 -2.35 -24.11 -30.49
CA TRP E 177 -3.02 -23.09 -31.31
C TRP E 177 -3.84 -22.11 -30.47
N LYS E 178 -4.41 -22.59 -29.37
CA LYS E 178 -5.20 -21.75 -28.46
C LYS E 178 -4.35 -21.04 -27.40
N LEU E 179 -3.47 -21.79 -26.73
CA LEU E 179 -2.62 -21.22 -25.67
C LEU E 179 -1.63 -20.17 -26.18
N GLY E 180 -1.07 -20.41 -27.37
CA GLY E 180 -0.10 -19.51 -27.95
C GLY E 180 -0.56 -18.06 -28.03
N PRO E 181 -1.62 -17.80 -28.81
CA PRO E 181 -2.16 -16.44 -28.96
C PRO E 181 -2.75 -15.90 -27.66
N ALA E 182 -3.42 -16.75 -26.90
CA ALA E 182 -4.03 -16.33 -25.64
C ALA E 182 -2.99 -15.83 -24.66
N LEU E 183 -1.97 -16.64 -24.40
CA LEU E 183 -0.93 -16.28 -23.44
C LEU E 183 -0.02 -15.16 -23.93
N ALA E 184 0.28 -15.15 -25.22
CA ALA E 184 1.14 -14.11 -25.79
C ALA E 184 0.55 -12.74 -25.54
N THR E 185 -0.78 -12.66 -25.52
CA THR E 185 -1.45 -11.37 -25.39
C THR E 185 -1.94 -11.09 -23.97
N GLY E 186 -1.48 -11.89 -23.01
CA GLY E 186 -1.74 -11.64 -21.60
C GLY E 186 -3.08 -12.07 -21.01
N ASN E 187 -3.79 -12.95 -21.71
CA ASN E 187 -5.07 -13.46 -21.19
C ASN E 187 -4.86 -14.59 -20.20
N VAL E 188 -5.96 -15.07 -19.63
CA VAL E 188 -5.96 -16.26 -18.79
C VAL E 188 -6.96 -17.23 -19.38
N VAL E 189 -6.77 -18.53 -19.19
CA VAL E 189 -7.62 -19.50 -19.88
C VAL E 189 -8.29 -20.54 -18.99
N VAL E 190 -9.51 -20.88 -19.38
CA VAL E 190 -10.23 -22.01 -18.80
C VAL E 190 -10.46 -22.96 -19.97
N MET E 191 -9.73 -24.07 -19.99
CA MET E 191 -9.70 -24.93 -21.16
C MET E 191 -10.41 -26.26 -20.94
N LYS E 192 -11.24 -26.64 -21.92
CA LYS E 192 -11.90 -27.93 -21.90
C LYS E 192 -11.32 -28.80 -23.01
N VAL E 193 -10.80 -29.96 -22.62
CA VAL E 193 -10.21 -30.91 -23.56
C VAL E 193 -11.20 -32.02 -23.88
N ALA E 194 -10.97 -32.72 -24.99
CA ALA E 194 -11.88 -33.77 -25.44
C ALA E 194 -11.81 -35.03 -24.57
N GLU E 195 -12.96 -35.68 -24.35
CA GLU E 195 -12.99 -36.88 -23.51
C GLU E 195 -12.20 -38.03 -24.11
N GLN E 196 -12.05 -38.03 -25.43
CA GLN E 196 -11.35 -39.09 -26.13
C GLN E 196 -9.84 -38.95 -26.00
N THR E 197 -9.37 -37.73 -25.73
CA THR E 197 -7.95 -37.43 -25.76
C THR E 197 -7.58 -36.38 -24.73
N PRO E 198 -7.85 -36.65 -23.44
CA PRO E 198 -7.55 -35.64 -22.42
C PRO E 198 -6.12 -35.69 -21.87
N LEU E 199 -5.42 -36.80 -22.05
CA LEU E 199 -4.16 -37.04 -21.35
C LEU E 199 -2.99 -36.10 -21.68
N THR E 200 -2.72 -35.88 -22.97
CA THR E 200 -1.54 -35.11 -23.34
C THR E 200 -1.65 -33.64 -22.94
N ALA E 201 -2.85 -33.09 -23.03
CA ALA E 201 -3.10 -31.71 -22.59
C ALA E 201 -2.88 -31.56 -21.10
N LEU E 202 -3.28 -32.58 -20.34
CA LEU E 202 -3.11 -32.57 -18.90
C LEU E 202 -1.63 -32.65 -18.51
N TYR E 203 -0.86 -33.42 -19.27
CA TYR E 203 0.58 -33.46 -19.03
C TYR E 203 1.24 -32.11 -19.32
N VAL E 204 0.78 -31.44 -20.37
CA VAL E 204 1.31 -30.12 -20.69
C VAL E 204 0.97 -29.13 -19.57
N ALA E 205 -0.16 -29.34 -18.91
CA ALA E 205 -0.51 -28.51 -17.76
C ALA E 205 0.58 -28.60 -16.70
N ASN E 206 1.16 -29.79 -16.54
CA ASN E 206 2.24 -29.96 -15.58
C ASN E 206 3.47 -29.16 -15.99
N LEU E 207 3.74 -29.12 -17.29
CA LEU E 207 4.86 -28.36 -17.83
C LEU E 207 4.60 -26.86 -17.73
N ILE E 208 3.32 -26.47 -17.77
CA ILE E 208 2.95 -25.07 -17.61
C ILE E 208 3.28 -24.59 -16.20
N LYS E 209 3.02 -25.44 -15.22
CA LYS E 209 3.43 -25.19 -13.84
C LYS E 209 4.96 -25.08 -13.79
N GLU E 210 5.63 -26.09 -14.33
CA GLU E 210 7.08 -26.15 -14.31
C GLU E 210 7.72 -24.96 -15.00
N ALA E 211 7.09 -24.48 -16.07
CA ALA E 211 7.61 -23.33 -16.81
C ALA E 211 7.55 -22.04 -15.98
N GLY E 212 6.65 -22.01 -15.00
CA GLY E 212 6.55 -20.89 -14.07
C GLY E 212 5.45 -19.86 -14.32
N PHE E 213 4.43 -20.23 -15.10
CA PHE E 213 3.29 -19.34 -15.27
C PHE E 213 2.61 -19.22 -13.92
N PRO E 214 2.12 -18.00 -13.57
CA PRO E 214 1.43 -17.86 -12.29
C PRO E 214 0.19 -18.75 -12.23
N PRO E 215 -0.19 -19.20 -11.02
CA PRO E 215 -1.39 -20.01 -10.83
C PRO E 215 -2.65 -19.31 -11.32
N GLY E 216 -3.51 -20.04 -12.03
CA GLY E 216 -4.75 -19.49 -12.53
C GLY E 216 -4.68 -19.00 -13.96
N VAL E 217 -3.46 -18.75 -14.45
CA VAL E 217 -3.28 -18.29 -15.83
C VAL E 217 -3.78 -19.34 -16.84
N VAL E 218 -3.51 -20.61 -16.56
CA VAL E 218 -4.09 -21.69 -17.35
C VAL E 218 -4.74 -22.73 -16.45
N ASN E 219 -6.02 -22.97 -16.68
CA ASN E 219 -6.77 -23.97 -15.94
C ASN E 219 -7.39 -24.97 -16.91
N ILE E 220 -7.24 -26.26 -16.61
CA ILE E 220 -7.76 -27.29 -17.51
C ILE E 220 -8.78 -28.19 -16.84
N VAL E 221 -9.98 -28.23 -17.42
CA VAL E 221 -11.06 -29.05 -16.89
C VAL E 221 -11.48 -30.11 -17.91
N PRO E 222 -11.09 -31.38 -17.67
CA PRO E 222 -11.54 -32.50 -18.50
C PRO E 222 -13.03 -32.77 -18.26
N GLY E 223 -13.66 -33.51 -19.17
CA GLY E 223 -15.05 -33.88 -18.98
C GLY E 223 -15.82 -34.06 -20.27
N PHE E 224 -17.15 -33.98 -20.17
CA PHE E 224 -18.01 -34.08 -21.35
C PHE E 224 -18.50 -32.71 -21.80
N GLY E 225 -18.99 -32.63 -23.02
CA GLY E 225 -19.39 -31.36 -23.62
C GLY E 225 -20.65 -30.77 -23.04
N PRO E 226 -21.75 -31.54 -23.07
CA PRO E 226 -23.04 -31.01 -22.59
C PRO E 226 -22.97 -30.50 -21.16
N THR E 227 -21.90 -30.81 -20.44
CA THR E 227 -21.71 -30.33 -19.07
C THR E 227 -20.60 -29.28 -18.95
N ALA E 228 -19.35 -29.72 -19.06
CA ALA E 228 -18.21 -28.81 -18.90
C ALA E 228 -18.08 -27.81 -20.04
N GLY E 229 -18.22 -28.29 -21.28
CA GLY E 229 -18.12 -27.42 -22.44
C GLY E 229 -19.24 -26.39 -22.50
N ALA E 230 -20.45 -26.81 -22.16
CA ALA E 230 -21.60 -25.91 -22.11
C ALA E 230 -21.46 -24.90 -20.98
N ALA E 231 -20.87 -25.34 -19.88
CA ALA E 231 -20.67 -24.50 -18.71
C ALA E 231 -19.71 -23.35 -19.01
N ILE E 232 -18.75 -23.59 -19.90
CA ILE E 232 -17.82 -22.54 -20.29
C ILE E 232 -18.51 -21.49 -21.15
N ALA E 233 -19.18 -21.93 -22.21
CA ALA E 233 -19.87 -21.02 -23.12
C ALA E 233 -20.97 -20.22 -22.43
N SER E 234 -21.54 -20.77 -21.37
CA SER E 234 -22.69 -20.15 -20.72
C SER E 234 -22.31 -19.30 -19.51
N HIS E 235 -21.06 -19.42 -19.06
CA HIS E 235 -20.63 -18.78 -17.83
C HIS E 235 -20.69 -17.26 -17.93
N GLU E 236 -21.19 -16.63 -16.87
CA GLU E 236 -21.41 -15.19 -16.85
C GLU E 236 -20.11 -14.39 -16.76
N ASP E 237 -19.04 -15.03 -16.27
CA ASP E 237 -17.77 -14.33 -16.09
C ASP E 237 -16.68 -14.80 -17.05
N VAL E 238 -17.10 -15.39 -18.17
CA VAL E 238 -16.18 -15.71 -19.26
C VAL E 238 -16.31 -14.64 -20.34
N ASP E 239 -15.19 -14.02 -20.70
CA ASP E 239 -15.19 -12.88 -21.61
C ASP E 239 -15.15 -13.27 -23.09
N LYS E 240 -14.63 -14.47 -23.36
CA LYS E 240 -14.50 -14.94 -24.72
C LYS E 240 -14.56 -16.45 -24.75
N VAL E 241 -15.14 -17.01 -25.81
CA VAL E 241 -15.14 -18.46 -25.98
C VAL E 241 -14.64 -18.84 -27.38
N ALA E 242 -13.71 -19.78 -27.43
CA ALA E 242 -13.18 -20.28 -28.70
C ALA E 242 -13.50 -21.77 -28.82
N PHE E 243 -14.15 -22.15 -29.91
CA PHE E 243 -14.58 -23.54 -30.05
C PHE E 243 -14.19 -24.17 -31.38
N THR E 244 -13.41 -25.24 -31.31
CA THR E 244 -13.11 -26.04 -32.49
C THR E 244 -13.73 -27.43 -32.38
N GLY E 245 -14.50 -27.81 -33.41
CA GLY E 245 -15.13 -29.11 -33.45
C GLY E 245 -16.02 -29.28 -34.67
N SER E 246 -17.09 -30.06 -34.51
CA SER E 246 -18.06 -30.28 -35.58
C SER E 246 -19.06 -29.12 -35.65
N THR E 247 -19.55 -28.84 -36.86
CA THR E 247 -20.52 -27.76 -37.06
C THR E 247 -21.77 -27.97 -36.20
N GLU E 248 -22.07 -29.23 -35.90
CA GLU E 248 -23.22 -29.56 -35.07
C GLU E 248 -23.14 -28.97 -33.66
N ILE E 249 -22.10 -29.35 -32.91
CA ILE E 249 -21.89 -28.85 -31.56
C ILE E 249 -21.57 -27.36 -31.59
N GLY E 250 -20.92 -26.92 -32.66
CA GLY E 250 -20.57 -25.53 -32.82
C GLY E 250 -21.79 -24.64 -32.70
N ARG E 251 -22.85 -25.01 -33.41
CA ARG E 251 -24.10 -24.25 -33.39
C ARG E 251 -24.69 -24.14 -32.00
N VAL E 252 -24.42 -25.14 -31.16
CA VAL E 252 -24.93 -25.18 -29.79
C VAL E 252 -24.18 -24.22 -28.88
N ILE E 253 -22.86 -24.16 -29.06
CA ILE E 253 -22.01 -23.27 -28.27
C ILE E 253 -22.30 -21.80 -28.57
N GLN E 254 -22.65 -21.52 -29.82
CA GLN E 254 -22.92 -20.15 -30.25
C GLN E 254 -24.15 -19.59 -29.53
N VAL E 255 -25.18 -20.42 -29.39
CA VAL E 255 -26.44 -20.01 -28.76
C VAL E 255 -26.26 -19.75 -27.26
N ALA E 256 -25.47 -20.60 -26.61
CA ALA E 256 -25.24 -20.51 -25.17
C ALA E 256 -24.56 -19.18 -24.76
N ALA E 257 -23.70 -18.67 -25.64
CA ALA E 257 -23.00 -17.41 -25.37
C ALA E 257 -23.90 -16.21 -25.68
N GLY E 258 -24.84 -16.40 -26.60
CA GLY E 258 -25.79 -15.35 -26.96
C GLY E 258 -26.88 -15.17 -25.92
N SER E 259 -27.08 -16.20 -25.10
CA SER E 259 -28.10 -16.17 -24.06
C SER E 259 -27.50 -15.89 -22.69
N SER E 260 -26.21 -15.58 -22.65
CA SER E 260 -25.54 -15.30 -21.40
C SER E 260 -25.09 -13.84 -21.30
N ASN E 261 -23.78 -13.61 -21.40
CA ASN E 261 -23.22 -12.30 -21.14
C ASN E 261 -22.64 -11.62 -22.38
N LEU E 262 -23.12 -11.99 -23.56
CA LEU E 262 -22.62 -11.38 -24.79
C LEU E 262 -21.09 -11.41 -24.85
N LYS E 263 -20.53 -12.60 -24.67
CA LYS E 263 -19.10 -12.82 -24.81
C LYS E 263 -18.76 -12.98 -26.29
N ARG E 264 -17.55 -12.58 -26.66
CA ARG E 264 -17.09 -12.79 -28.03
C ARG E 264 -16.97 -14.28 -28.31
N VAL E 265 -17.23 -14.67 -29.55
CA VAL E 265 -17.22 -16.07 -29.92
C VAL E 265 -16.50 -16.26 -31.24
N THR E 266 -15.59 -17.24 -31.25
CA THR E 266 -14.98 -17.68 -32.49
C THR E 266 -15.21 -19.19 -32.63
N LEU E 267 -15.44 -19.64 -33.86
CA LEU E 267 -15.74 -21.05 -34.10
C LEU E 267 -14.88 -21.59 -35.24
N GLU E 268 -14.31 -22.77 -35.02
CA GLU E 268 -13.62 -23.51 -36.07
C GLU E 268 -14.39 -24.82 -36.29
N LEU E 269 -15.15 -24.90 -37.37
CA LEU E 269 -16.06 -26.04 -37.57
C LEU E 269 -15.63 -27.00 -38.69
N GLY E 270 -16.59 -27.68 -39.29
CA GLY E 270 -16.30 -28.72 -40.26
C GLY E 270 -16.13 -28.22 -41.68
N GLY E 271 -15.89 -29.14 -42.60
CA GLY E 271 -15.75 -28.80 -43.99
C GLY E 271 -16.06 -29.95 -44.93
N LYS E 272 -16.07 -29.64 -46.22
CA LYS E 272 -16.17 -30.61 -47.29
C LYS E 272 -15.36 -30.05 -48.46
N SER E 273 -14.08 -29.81 -48.19
CA SER E 273 -13.21 -29.02 -49.06
C SER E 273 -12.97 -29.67 -50.42
N PRO E 274 -13.08 -28.87 -51.49
CA PRO E 274 -12.80 -29.35 -52.84
C PRO E 274 -11.32 -29.31 -53.21
N ASN E 275 -10.84 -30.40 -53.80
CA ASN E 275 -9.47 -30.50 -54.28
C ASN E 275 -9.53 -30.66 -55.80
N ILE E 276 -9.15 -29.62 -56.53
CA ILE E 276 -9.42 -29.54 -57.95
C ILE E 276 -8.18 -29.88 -58.82
N ILE E 277 -8.30 -30.94 -59.62
CA ILE E 277 -7.20 -31.41 -60.46
C ILE E 277 -7.45 -31.06 -61.93
N MET E 278 -6.72 -30.07 -62.45
CA MET E 278 -6.88 -29.65 -63.84
C MET E 278 -6.14 -30.62 -64.75
N SER E 279 -6.50 -30.66 -66.03
CA SER E 279 -5.91 -31.63 -66.95
C SER E 279 -4.40 -31.45 -67.18
N ASP E 280 -3.89 -30.26 -66.87
CA ASP E 280 -2.45 -29.99 -67.05
C ASP E 280 -1.67 -30.17 -65.75
N ALA E 281 -2.24 -30.88 -64.79
CA ALA E 281 -1.57 -31.10 -63.52
C ALA E 281 -0.49 -32.15 -63.66
N ASP E 282 0.55 -32.06 -62.83
CA ASP E 282 1.56 -33.11 -62.72
C ASP E 282 0.88 -34.32 -62.09
N MET E 283 0.73 -35.39 -62.87
CA MET E 283 -0.07 -36.56 -62.46
C MET E 283 0.47 -37.25 -61.19
N ASP E 284 1.75 -37.60 -61.19
CA ASP E 284 2.33 -38.28 -60.04
C ASP E 284 2.12 -37.46 -58.77
N TRP E 285 2.46 -36.18 -58.86
CA TRP E 285 2.33 -35.26 -57.73
C TRP E 285 0.89 -35.08 -57.29
N ALA E 286 -0.01 -34.82 -58.24
CA ALA E 286 -1.42 -34.61 -57.93
C ALA E 286 -2.06 -35.84 -57.29
N VAL E 287 -1.66 -37.04 -57.70
CA VAL E 287 -2.24 -38.25 -57.15
C VAL E 287 -1.79 -38.47 -55.69
N GLU E 288 -0.50 -38.27 -55.45
CA GLU E 288 0.05 -38.43 -54.11
C GLU E 288 -0.51 -37.39 -53.15
N GLN E 289 -0.61 -36.17 -53.63
CA GLN E 289 -1.14 -35.07 -52.83
C GLN E 289 -2.62 -35.26 -52.49
N ALA E 290 -3.41 -35.70 -53.47
CA ALA E 290 -4.83 -35.96 -53.26
C ALA E 290 -5.07 -37.10 -52.26
N HIS E 291 -4.14 -38.04 -52.22
CA HIS E 291 -4.17 -39.13 -51.25
C HIS E 291 -3.89 -38.60 -49.84
N PHE E 292 -2.86 -37.76 -49.74
CA PHE E 292 -2.49 -37.12 -48.50
C PHE E 292 -3.61 -36.22 -48.02
N ALA E 293 -4.21 -35.49 -48.96
CA ALA E 293 -5.23 -34.49 -48.66
C ALA E 293 -6.45 -35.09 -47.99
N LEU E 294 -6.81 -36.29 -48.41
CA LEU E 294 -7.99 -36.98 -47.88
C LEU E 294 -7.65 -37.84 -46.66
N PHE E 295 -6.67 -38.72 -46.82
CA PHE E 295 -6.37 -39.76 -45.83
C PHE E 295 -5.53 -39.34 -44.63
N PHE E 296 -4.95 -38.15 -44.65
CA PHE E 296 -4.11 -37.75 -43.53
C PHE E 296 -4.85 -37.82 -42.18
N ASN E 297 -4.14 -38.30 -41.16
CA ASN E 297 -4.70 -38.41 -39.82
C ASN E 297 -5.97 -39.25 -39.78
N GLN E 298 -5.95 -40.39 -40.49
CA GLN E 298 -7.12 -41.27 -40.57
C GLN E 298 -8.35 -40.54 -41.13
N GLY E 299 -8.12 -39.51 -41.94
CA GLY E 299 -9.19 -38.72 -42.53
C GLY E 299 -9.83 -37.77 -41.54
N GLN E 300 -9.24 -37.65 -40.35
CA GLN E 300 -9.84 -36.87 -39.27
C GLN E 300 -9.33 -35.42 -39.24
N CYS E 301 -9.56 -34.71 -40.33
CA CYS E 301 -9.22 -33.31 -40.46
C CYS E 301 -10.42 -32.58 -41.02
N SER E 302 -10.83 -31.48 -40.39
CA SER E 302 -11.98 -30.74 -40.88
C SER E 302 -11.71 -30.18 -42.28
N CYS E 303 -10.43 -30.01 -42.61
CA CYS E 303 -10.03 -29.46 -43.91
C CYS E 303 -9.70 -30.54 -44.96
N ALA E 304 -10.06 -31.78 -44.66
CA ALA E 304 -9.79 -32.90 -45.56
C ALA E 304 -10.27 -32.60 -46.97
N GLY E 305 -9.47 -32.97 -47.97
CA GLY E 305 -9.86 -32.82 -49.36
C GLY E 305 -10.83 -33.92 -49.76
N SER E 306 -12.06 -33.80 -49.31
CA SER E 306 -13.06 -34.87 -49.42
C SER E 306 -13.92 -34.75 -50.66
N ARG E 307 -13.68 -33.73 -51.47
CA ARG E 307 -14.28 -33.68 -52.80
C ARG E 307 -13.20 -33.51 -53.84
N THR E 308 -12.78 -34.62 -54.44
CA THR E 308 -11.68 -34.59 -55.40
C THR E 308 -12.23 -34.44 -56.82
N PHE E 309 -12.20 -33.21 -57.34
CA PHE E 309 -12.67 -32.92 -58.68
C PHE E 309 -11.57 -33.12 -59.70
N VAL E 310 -11.78 -34.04 -60.64
CA VAL E 310 -10.77 -34.41 -61.61
C VAL E 310 -11.25 -34.18 -63.04
N GLN E 311 -10.47 -33.43 -63.83
CA GLN E 311 -10.86 -33.11 -65.20
C GLN E 311 -11.00 -34.41 -66.00
N GLU E 312 -12.08 -34.50 -66.77
CA GLU E 312 -12.45 -35.73 -67.47
C GLU E 312 -11.36 -36.30 -68.38
N ASP E 313 -10.46 -35.45 -68.87
CA ASP E 313 -9.37 -35.88 -69.74
C ASP E 313 -8.39 -36.80 -69.02
N ILE E 314 -8.24 -36.60 -67.71
CA ILE E 314 -7.26 -37.36 -66.94
C ILE E 314 -7.91 -38.24 -65.89
N TYR E 315 -9.24 -38.25 -65.87
CA TYR E 315 -10.02 -38.96 -64.85
C TYR E 315 -9.64 -40.44 -64.74
N ASP E 316 -9.64 -41.14 -65.86
CA ASP E 316 -9.43 -42.58 -65.85
C ASP E 316 -8.08 -42.95 -65.23
N GLU E 317 -7.02 -42.30 -65.68
CA GLU E 317 -5.68 -42.57 -65.17
C GLU E 317 -5.53 -42.14 -63.71
N PHE E 318 -6.09 -40.98 -63.38
CA PHE E 318 -5.97 -40.44 -62.03
C PHE E 318 -6.60 -41.42 -61.07
N VAL E 319 -7.76 -41.94 -61.46
CA VAL E 319 -8.50 -42.88 -60.63
C VAL E 319 -7.77 -44.21 -60.48
N GLU E 320 -7.19 -44.72 -61.55
CA GLU E 320 -6.43 -45.96 -61.48
C GLU E 320 -5.26 -45.81 -60.52
N ARG E 321 -4.51 -44.72 -60.68
CA ARG E 321 -3.36 -44.44 -59.81
C ARG E 321 -3.78 -44.20 -58.36
N SER E 322 -4.93 -43.55 -58.17
CA SER E 322 -5.46 -43.28 -56.83
C SER E 322 -5.86 -44.55 -56.10
N VAL E 323 -6.43 -45.49 -56.86
CA VAL E 323 -6.88 -46.78 -56.35
C VAL E 323 -5.65 -47.61 -55.93
N ALA E 324 -4.65 -47.67 -56.79
CA ALA E 324 -3.40 -48.38 -56.46
C ALA E 324 -2.73 -47.87 -55.18
N ARG E 325 -2.72 -46.56 -54.98
CA ARG E 325 -2.15 -46.00 -53.76
C ARG E 325 -3.00 -46.33 -52.52
N ALA E 326 -4.31 -46.25 -52.65
CA ALA E 326 -5.19 -46.52 -51.52
C ALA E 326 -5.10 -47.98 -51.09
N LYS E 327 -4.98 -48.87 -52.07
CA LYS E 327 -4.88 -50.30 -51.79
C LYS E 327 -3.60 -50.70 -51.07
N SER E 328 -2.61 -49.83 -51.12
CA SER E 328 -1.31 -50.15 -50.57
C SER E 328 -0.97 -49.30 -49.34
N ARG E 329 -1.96 -48.55 -48.85
CA ARG E 329 -1.77 -47.73 -47.64
C ARG E 329 -1.79 -48.62 -46.40
N VAL E 330 -0.68 -48.67 -45.68
CA VAL E 330 -0.56 -49.61 -44.57
C VAL E 330 -1.36 -49.21 -43.35
N VAL E 331 -2.31 -50.07 -42.97
CA VAL E 331 -3.07 -49.90 -41.73
C VAL E 331 -2.58 -50.90 -40.69
N GLY E 332 -2.42 -50.44 -39.46
CA GLY E 332 -1.96 -51.32 -38.38
C GLY E 332 -1.58 -50.58 -37.11
N ASN E 333 -0.82 -51.25 -36.26
CA ASN E 333 -0.36 -50.69 -34.99
C ASN E 333 0.39 -49.38 -35.23
N PRO E 334 -0.14 -48.27 -34.68
CA PRO E 334 0.46 -46.94 -34.90
C PRO E 334 1.90 -46.84 -34.39
N PHE E 335 2.30 -47.75 -33.51
CA PHE E 335 3.68 -47.75 -33.00
C PHE E 335 4.68 -48.43 -33.92
N ASP E 336 4.19 -49.15 -34.93
CA ASP E 336 5.07 -49.76 -35.93
C ASP E 336 5.41 -48.71 -36.99
N SER E 337 6.68 -48.62 -37.33
CA SER E 337 7.16 -47.51 -38.16
C SER E 337 6.59 -47.54 -39.58
N LYS E 338 6.14 -48.72 -40.01
CA LYS E 338 5.62 -48.87 -41.38
C LYS E 338 4.16 -48.49 -41.50
N THR E 339 3.53 -48.23 -40.37
CA THR E 339 2.10 -47.91 -40.34
C THR E 339 1.78 -46.51 -40.87
N GLU E 340 0.96 -46.44 -41.93
CA GLU E 340 0.53 -45.16 -42.47
C GLU E 340 -0.79 -44.68 -41.86
N GLN E 341 -1.64 -45.62 -41.47
CA GLN E 341 -2.95 -45.29 -40.89
C GLN E 341 -3.28 -46.13 -39.66
N GLY E 342 -3.56 -45.47 -38.55
CA GLY E 342 -3.96 -46.13 -37.31
C GLY E 342 -5.46 -46.28 -37.24
N PRO E 343 -6.02 -46.45 -36.03
CA PRO E 343 -7.47 -46.58 -35.83
C PRO E 343 -8.18 -45.23 -35.89
N GLN E 344 -9.50 -45.26 -36.04
CA GLN E 344 -10.30 -44.07 -35.82
C GLN E 344 -10.37 -43.86 -34.30
N VAL E 345 -10.70 -42.65 -33.87
CA VAL E 345 -10.56 -42.28 -32.47
C VAL E 345 -11.37 -43.15 -31.50
N ASP E 346 -12.63 -43.42 -31.82
CA ASP E 346 -13.49 -44.21 -30.94
C ASP E 346 -14.54 -45.03 -31.71
N GLU E 347 -15.39 -45.74 -30.98
CA GLU E 347 -16.37 -46.63 -31.61
C GLU E 347 -17.49 -45.87 -32.30
N THR E 348 -17.86 -44.71 -31.74
CA THR E 348 -18.85 -43.84 -32.35
C THR E 348 -18.43 -43.39 -33.75
N GLN E 349 -17.18 -42.94 -33.89
CA GLN E 349 -16.62 -42.53 -35.17
C GLN E 349 -16.50 -43.72 -36.12
N PHE E 350 -15.95 -44.80 -35.58
CA PHE E 350 -15.85 -46.06 -36.29
C PHE E 350 -17.20 -46.46 -36.91
N LYS E 351 -18.26 -46.37 -36.12
CA LYS E 351 -19.59 -46.75 -36.59
C LYS E 351 -20.18 -45.77 -37.60
N LYS E 352 -20.00 -44.48 -37.36
CA LYS E 352 -20.51 -43.45 -38.25
C LYS E 352 -19.82 -43.47 -39.62
N ILE E 353 -18.52 -43.74 -39.62
CA ILE E 353 -17.79 -43.85 -40.89
C ILE E 353 -18.27 -45.07 -41.66
N LEU E 354 -18.50 -46.17 -40.95
CA LEU E 354 -19.01 -47.39 -41.56
C LEU E 354 -20.39 -47.15 -42.13
N GLY E 355 -21.14 -46.28 -41.47
CA GLY E 355 -22.47 -45.90 -41.95
C GLY E 355 -22.38 -45.12 -43.23
N TYR E 356 -21.40 -44.21 -43.30
CA TYR E 356 -21.22 -43.39 -44.49
C TYR E 356 -20.81 -44.23 -45.69
N ILE E 357 -19.94 -45.20 -45.45
CA ILE E 357 -19.54 -46.15 -46.48
C ILE E 357 -20.75 -46.90 -47.03
N ASN E 358 -21.62 -47.32 -46.12
CA ASN E 358 -22.84 -48.04 -46.50
C ASN E 358 -23.75 -47.14 -47.36
N THR E 359 -23.91 -45.90 -46.93
CA THR E 359 -24.72 -44.94 -47.67
C THR E 359 -24.17 -44.67 -49.08
N GLY E 360 -22.86 -44.50 -49.18
CA GLY E 360 -22.23 -44.26 -50.47
C GLY E 360 -22.60 -45.31 -51.50
N LYS E 361 -22.56 -46.57 -51.09
CA LYS E 361 -22.89 -47.70 -51.95
C LYS E 361 -24.38 -47.71 -52.31
N GLN E 362 -25.22 -47.41 -51.32
CA GLN E 362 -26.67 -47.39 -51.50
C GLN E 362 -27.11 -46.31 -52.49
N GLU E 363 -26.35 -45.23 -52.59
CA GLU E 363 -26.72 -44.12 -53.46
C GLU E 363 -26.04 -44.17 -54.83
N GLY E 364 -25.45 -45.32 -55.14
CA GLY E 364 -24.94 -45.54 -56.48
C GLY E 364 -23.54 -45.02 -56.74
N ALA E 365 -22.80 -44.68 -55.68
CA ALA E 365 -21.39 -44.34 -55.83
C ALA E 365 -20.62 -45.62 -56.08
N LYS E 366 -19.57 -45.54 -56.89
CA LYS E 366 -18.84 -46.73 -57.32
C LYS E 366 -17.67 -47.07 -56.40
N LEU E 367 -17.89 -48.07 -55.53
CA LEU E 367 -16.88 -48.52 -54.61
C LEU E 367 -15.71 -49.13 -55.37
N LEU E 368 -14.55 -48.47 -55.30
CA LEU E 368 -13.37 -48.88 -56.07
C LEU E 368 -12.38 -49.71 -55.26
N CYS E 369 -12.41 -49.55 -53.94
CA CYS E 369 -11.57 -50.34 -53.04
C CYS E 369 -11.97 -50.07 -51.59
N GLY E 370 -11.46 -50.89 -50.67
CA GLY E 370 -11.80 -50.76 -49.27
C GLY E 370 -13.27 -51.00 -48.98
N GLY E 371 -13.82 -50.25 -48.03
CA GLY E 371 -15.23 -50.31 -47.73
C GLY E 371 -15.62 -51.09 -46.48
N GLY E 372 -14.63 -51.67 -45.80
CA GLY E 372 -14.91 -52.48 -44.62
C GLY E 372 -13.91 -52.33 -43.48
N ILE E 373 -14.15 -53.09 -42.42
CA ILE E 373 -13.29 -53.10 -41.24
C ILE E 373 -11.92 -53.67 -41.56
N ALA E 374 -10.87 -53.04 -41.02
CA ALA E 374 -9.51 -53.41 -41.36
C ALA E 374 -8.87 -54.37 -40.35
N ALA E 375 -9.47 -54.50 -39.17
CA ALA E 375 -8.92 -55.38 -38.15
C ALA E 375 -10.01 -55.86 -37.19
N ASP E 376 -9.74 -56.96 -36.50
CA ASP E 376 -10.70 -57.52 -35.56
C ASP E 376 -10.71 -56.79 -34.23
N ARG E 377 -9.59 -56.17 -33.89
CA ARG E 377 -9.49 -55.42 -32.63
C ARG E 377 -9.10 -53.97 -32.87
N GLY E 378 -9.74 -53.06 -32.13
CA GLY E 378 -9.53 -51.65 -32.36
C GLY E 378 -10.47 -51.15 -33.45
N TYR E 379 -10.41 -49.86 -33.74
CA TYR E 379 -11.34 -49.23 -34.68
C TYR E 379 -10.71 -48.95 -36.04
N PHE E 380 -10.23 -50.00 -36.69
CA PHE E 380 -9.55 -49.86 -37.97
C PHE E 380 -10.51 -49.98 -39.14
N ILE E 381 -10.30 -49.14 -40.15
CA ILE E 381 -11.14 -49.11 -41.34
C ILE E 381 -10.24 -49.11 -42.57
N GLN E 382 -10.60 -49.89 -43.59
CA GLN E 382 -9.80 -49.95 -44.81
C GLN E 382 -9.87 -48.62 -45.54
N PRO E 383 -8.75 -48.16 -46.10
CA PRO E 383 -8.79 -47.00 -46.98
C PRO E 383 -9.82 -47.21 -48.09
N THR E 384 -10.82 -46.35 -48.17
CA THR E 384 -11.94 -46.54 -49.09
C THR E 384 -11.99 -45.45 -50.15
N VAL E 385 -12.20 -45.84 -51.41
CA VAL E 385 -12.28 -44.88 -52.50
C VAL E 385 -13.56 -45.07 -53.30
N PHE E 386 -14.35 -44.01 -53.42
CA PHE E 386 -15.57 -44.03 -54.23
C PHE E 386 -15.32 -43.28 -55.55
N GLY E 387 -15.83 -43.84 -56.64
CA GLY E 387 -15.70 -43.20 -57.93
C GLY E 387 -17.05 -42.74 -58.44
N ASP E 388 -17.03 -41.90 -59.48
CA ASP E 388 -18.27 -41.37 -60.06
C ASP E 388 -19.22 -40.84 -58.99
N VAL E 389 -18.68 -40.03 -58.08
CA VAL E 389 -19.49 -39.36 -57.07
C VAL E 389 -20.21 -38.19 -57.73
N GLN E 390 -21.47 -37.98 -57.35
CA GLN E 390 -22.25 -36.87 -57.90
C GLN E 390 -22.57 -35.87 -56.79
N ASP E 391 -22.66 -34.59 -57.15
CA ASP E 391 -22.87 -33.51 -56.17
C ASP E 391 -24.02 -33.78 -55.21
N GLY E 392 -25.05 -34.47 -55.69
CA GLY E 392 -26.26 -34.68 -54.90
C GLY E 392 -26.20 -35.80 -53.87
N MET E 393 -25.12 -36.58 -53.89
CA MET E 393 -24.97 -37.70 -52.98
C MET E 393 -24.63 -37.27 -51.56
N THR E 394 -25.06 -38.05 -50.59
CA THR E 394 -24.75 -37.78 -49.19
C THR E 394 -23.24 -37.73 -48.93
N ILE E 395 -22.48 -38.62 -49.56
CA ILE E 395 -21.05 -38.66 -49.32
C ILE E 395 -20.32 -37.53 -50.06
N ALA E 396 -21.06 -36.74 -50.82
CA ALA E 396 -20.49 -35.58 -51.50
C ALA E 396 -20.84 -34.28 -50.76
N LYS E 397 -21.65 -34.41 -49.72
CA LYS E 397 -22.20 -33.26 -49.02
C LYS E 397 -21.82 -33.22 -47.55
N GLU E 398 -21.81 -34.38 -46.91
CA GLU E 398 -21.57 -34.46 -45.47
C GLU E 398 -20.14 -34.87 -45.12
N GLU E 399 -19.63 -34.28 -44.04
CA GLU E 399 -18.31 -34.59 -43.52
C GLU E 399 -18.25 -35.99 -42.92
N ILE E 400 -17.40 -36.84 -43.49
CA ILE E 400 -17.25 -38.23 -43.05
C ILE E 400 -16.20 -38.37 -41.95
N PHE E 401 -15.15 -37.55 -42.04
CA PHE E 401 -14.09 -37.55 -41.03
C PHE E 401 -13.45 -38.92 -40.94
N GLY E 402 -13.33 -39.59 -42.08
CA GLY E 402 -12.76 -40.92 -42.10
C GLY E 402 -11.99 -41.16 -43.39
N PRO E 403 -11.41 -42.37 -43.53
CA PRO E 403 -10.63 -42.70 -44.71
C PRO E 403 -11.54 -43.09 -45.86
N VAL E 404 -12.37 -42.16 -46.32
CA VAL E 404 -13.27 -42.42 -47.45
C VAL E 404 -13.08 -41.33 -48.48
N MET E 405 -12.51 -41.68 -49.61
CA MET E 405 -12.22 -40.72 -50.68
C MET E 405 -13.36 -40.61 -51.69
N GLN E 406 -13.74 -39.38 -52.05
CA GLN E 406 -14.74 -39.13 -53.07
C GLN E 406 -14.13 -38.50 -54.31
N ILE E 407 -14.29 -39.15 -55.46
CA ILE E 407 -13.74 -38.62 -56.70
C ILE E 407 -14.85 -38.24 -57.68
N LEU E 408 -14.83 -36.98 -58.11
CA LEU E 408 -15.84 -36.45 -59.00
C LEU E 408 -15.22 -36.04 -60.32
N LYS E 409 -16.02 -35.99 -61.37
CA LYS E 409 -15.52 -35.68 -62.71
C LYS E 409 -16.11 -34.37 -63.18
N PHE E 410 -15.30 -33.55 -63.85
CA PHE E 410 -15.80 -32.28 -64.37
C PHE E 410 -15.18 -31.95 -65.73
N LYS E 411 -15.74 -30.97 -66.42
CA LYS E 411 -15.21 -30.61 -67.73
C LYS E 411 -14.52 -29.26 -67.78
N THR E 412 -15.23 -28.20 -67.43
CA THR E 412 -14.69 -26.85 -67.61
C THR E 412 -14.36 -26.19 -66.27
N ILE E 413 -13.51 -25.16 -66.33
CA ILE E 413 -13.09 -24.43 -65.14
C ILE E 413 -14.26 -23.64 -64.54
N GLU E 414 -15.15 -23.14 -65.39
CA GLU E 414 -16.32 -22.43 -64.93
C GLU E 414 -17.26 -23.38 -64.20
N GLU E 415 -17.40 -24.60 -64.74
CA GLU E 415 -18.27 -25.61 -64.15
C GLU E 415 -17.81 -25.99 -62.76
N VAL E 416 -16.51 -26.23 -62.60
CA VAL E 416 -15.99 -26.73 -61.35
C VAL E 416 -16.01 -25.67 -60.24
N VAL E 417 -15.80 -24.41 -60.63
CA VAL E 417 -15.91 -23.30 -59.67
C VAL E 417 -17.29 -23.27 -59.02
N GLY E 418 -18.33 -23.39 -59.83
CA GLY E 418 -19.69 -23.41 -59.32
C GLY E 418 -19.96 -24.60 -58.42
N ARG E 419 -19.51 -25.77 -58.85
CA ARG E 419 -19.74 -26.99 -58.09
C ARG E 419 -18.91 -26.96 -56.81
N ALA E 420 -17.69 -26.45 -56.91
CA ALA E 420 -16.80 -26.34 -55.75
C ALA E 420 -17.38 -25.43 -54.67
N ASN E 421 -17.96 -24.31 -55.11
CA ASN E 421 -18.54 -23.35 -54.18
C ASN E 421 -19.95 -23.69 -53.72
N ASN E 422 -20.65 -24.54 -54.46
CA ASN E 422 -22.00 -24.94 -54.07
C ASN E 422 -21.95 -25.84 -52.83
N SER E 423 -21.75 -25.19 -51.68
CA SER E 423 -21.54 -25.88 -50.42
C SER E 423 -21.80 -24.91 -49.27
N THR E 424 -22.34 -25.43 -48.16
CA THR E 424 -22.53 -24.63 -46.96
C THR E 424 -21.23 -24.52 -46.18
N TYR E 425 -20.26 -25.34 -46.54
CA TYR E 425 -18.93 -25.26 -45.95
C TYR E 425 -18.02 -24.35 -46.77
N GLY E 426 -16.86 -24.02 -46.22
CA GLY E 426 -15.91 -23.16 -46.91
C GLY E 426 -14.61 -23.04 -46.14
N LEU E 427 -14.13 -24.15 -45.61
CA LEU E 427 -12.92 -24.13 -44.79
C LEU E 427 -11.66 -24.06 -45.66
N ALA E 428 -11.55 -24.94 -46.64
CA ALA E 428 -10.36 -24.94 -47.49
C ALA E 428 -10.67 -25.42 -48.91
N ALA E 429 -9.66 -25.35 -49.77
CA ALA E 429 -9.78 -25.84 -51.14
C ALA E 429 -8.38 -25.85 -51.74
N ALA E 430 -8.22 -26.62 -52.81
CA ALA E 430 -6.94 -26.71 -53.48
C ALA E 430 -7.09 -26.78 -54.99
N VAL E 431 -6.03 -26.39 -55.68
CA VAL E 431 -5.98 -26.40 -57.14
C VAL E 431 -4.63 -26.96 -57.61
N PHE E 432 -4.68 -27.98 -58.45
CA PHE E 432 -3.47 -28.52 -59.06
C PHE E 432 -3.45 -28.20 -60.56
N THR E 433 -2.48 -27.39 -60.98
CA THR E 433 -2.38 -26.92 -62.35
C THR E 433 -1.01 -26.32 -62.60
N LYS E 434 -0.56 -26.32 -63.86
CA LYS E 434 0.72 -25.70 -64.20
C LYS E 434 0.54 -24.28 -64.75
N ASP E 435 -0.73 -23.90 -64.96
CA ASP E 435 -1.07 -22.63 -65.61
C ASP E 435 -1.22 -21.48 -64.62
N LEU E 436 -0.43 -20.43 -64.84
CA LEU E 436 -0.47 -19.23 -64.01
C LEU E 436 -1.89 -18.67 -63.89
N ASP E 437 -2.52 -18.39 -65.02
CA ASP E 437 -3.85 -17.77 -65.07
C ASP E 437 -4.94 -18.64 -64.43
N LYS E 438 -4.87 -19.96 -64.65
CA LYS E 438 -5.84 -20.86 -64.05
C LYS E 438 -5.72 -20.84 -62.52
N ALA E 439 -4.50 -20.93 -62.01
CA ALA E 439 -4.27 -20.90 -60.57
C ALA E 439 -4.71 -19.57 -59.93
N ASN E 440 -4.45 -18.46 -60.60
CA ASN E 440 -4.87 -17.15 -60.11
C ASN E 440 -6.37 -16.99 -60.19
N TYR E 441 -6.94 -17.46 -61.29
CA TYR E 441 -8.38 -17.38 -61.49
C TYR E 441 -9.11 -18.17 -60.41
N LEU E 442 -8.66 -19.39 -60.15
CA LEU E 442 -9.30 -20.28 -59.20
C LEU E 442 -9.09 -19.88 -57.74
N SER E 443 -7.89 -19.44 -57.38
CA SER E 443 -7.65 -19.05 -56.00
C SER E 443 -8.48 -17.83 -55.59
N GLN E 444 -8.70 -16.92 -56.53
CA GLN E 444 -9.60 -15.80 -56.30
C GLN E 444 -11.06 -16.24 -56.23
N ALA E 445 -11.47 -17.08 -57.19
CA ALA E 445 -12.86 -17.48 -57.31
C ALA E 445 -13.35 -18.44 -56.22
N LEU E 446 -12.48 -19.29 -55.70
CA LEU E 446 -12.89 -20.27 -54.69
C LEU E 446 -13.25 -19.62 -53.36
N GLN E 447 -14.42 -19.96 -52.84
CA GLN E 447 -14.89 -19.41 -51.56
C GLN E 447 -14.49 -20.31 -50.40
N ALA E 448 -13.25 -20.16 -49.97
CA ALA E 448 -12.69 -20.95 -48.89
C ALA E 448 -11.70 -20.11 -48.10
N GLY E 449 -11.54 -20.43 -46.82
CA GLY E 449 -10.60 -19.72 -45.97
C GLY E 449 -9.16 -19.85 -46.39
N THR E 450 -8.76 -21.07 -46.77
CA THR E 450 -7.42 -21.34 -47.29
C THR E 450 -7.51 -22.00 -48.66
N VAL E 451 -6.71 -21.54 -49.60
CA VAL E 451 -6.60 -22.17 -50.91
C VAL E 451 -5.15 -22.58 -51.21
N TRP E 452 -4.91 -23.89 -51.28
CA TRP E 452 -3.57 -24.41 -51.59
C TRP E 452 -3.42 -24.61 -53.10
N VAL E 453 -2.26 -24.24 -53.64
CA VAL E 453 -1.99 -24.43 -55.07
C VAL E 453 -0.84 -25.41 -55.26
N ASN E 454 -1.13 -26.54 -55.91
CA ASN E 454 -0.16 -27.62 -56.12
C ASN E 454 0.41 -28.22 -54.84
N CYS E 455 -0.35 -28.08 -53.76
CA CYS E 455 -0.01 -28.68 -52.48
C CYS E 455 -1.30 -28.88 -51.66
N TYR E 456 -1.17 -29.38 -50.43
CA TYR E 456 -2.31 -29.52 -49.54
C TYR E 456 -1.89 -29.68 -48.09
N ASP E 457 -2.74 -29.22 -47.18
CA ASP E 457 -2.48 -29.35 -45.74
C ASP E 457 -1.20 -28.66 -45.33
N VAL E 458 -0.84 -27.60 -46.03
CA VAL E 458 0.35 -26.83 -45.68
C VAL E 458 -0.04 -25.72 -44.72
N PHE E 459 0.24 -25.95 -43.44
CA PHE E 459 -0.02 -24.97 -42.41
C PHE E 459 1.30 -24.40 -41.94
N GLY E 460 1.29 -23.11 -41.61
CA GLY E 460 2.42 -22.52 -40.94
C GLY E 460 1.88 -21.69 -39.80
N ALA E 461 2.59 -21.65 -38.69
CA ALA E 461 2.15 -20.81 -37.58
C ALA E 461 2.07 -19.35 -38.02
N GLN E 462 2.76 -19.03 -39.11
CA GLN E 462 2.75 -17.66 -39.66
C GLN E 462 1.50 -17.35 -40.47
N SER E 463 0.92 -18.39 -41.10
CA SER E 463 -0.23 -18.20 -41.99
C SER E 463 -1.59 -18.52 -41.33
N PRO E 464 -2.53 -17.57 -41.42
CA PRO E 464 -3.83 -17.70 -40.75
C PRO E 464 -4.64 -18.87 -41.28
N PHE E 465 -5.50 -19.45 -40.44
CA PHE E 465 -6.38 -20.55 -40.83
C PHE E 465 -7.76 -20.39 -40.21
N GLY E 466 -8.80 -20.51 -41.02
CA GLY E 466 -10.17 -20.36 -40.56
C GLY E 466 -11.16 -20.50 -41.70
N GLY E 467 -12.43 -20.66 -41.37
CA GLY E 467 -13.43 -21.01 -42.39
C GLY E 467 -14.34 -19.90 -42.88
N TYR E 468 -14.84 -20.09 -44.11
CA TYR E 468 -15.89 -19.25 -44.66
C TYR E 468 -17.21 -19.94 -44.38
N LYS E 469 -18.30 -19.23 -44.61
CA LYS E 469 -19.62 -19.83 -44.49
C LYS E 469 -19.80 -20.55 -43.15
N MET E 470 -20.28 -21.79 -43.22
CA MET E 470 -20.62 -22.58 -42.02
C MET E 470 -19.43 -23.32 -41.41
N SER E 471 -18.22 -23.07 -41.91
CA SER E 471 -17.03 -23.72 -41.39
C SER E 471 -16.41 -22.94 -40.24
N GLY E 472 -16.98 -21.76 -39.94
CA GLY E 472 -16.57 -21.00 -38.79
C GLY E 472 -16.38 -19.51 -38.99
N SER E 473 -16.03 -18.83 -37.90
CA SER E 473 -15.74 -17.41 -37.93
C SER E 473 -14.41 -17.16 -37.23
N GLY E 474 -13.71 -16.11 -37.66
CA GLY E 474 -12.44 -15.77 -37.05
C GLY E 474 -11.31 -16.64 -37.57
N ARG E 475 -10.09 -16.29 -37.20
CA ARG E 475 -8.91 -16.97 -37.71
C ARG E 475 -7.99 -17.39 -36.57
N GLU E 476 -7.24 -18.47 -36.78
CA GLU E 476 -6.17 -18.83 -35.88
C GLU E 476 -4.86 -18.76 -36.64
N LEU E 477 -3.75 -18.70 -35.91
CA LEU E 477 -2.41 -18.62 -36.48
C LEU E 477 -2.15 -17.25 -37.10
N GLY E 478 -0.87 -16.95 -37.30
CA GLY E 478 -0.45 -15.68 -37.87
C GLY E 478 -0.70 -14.52 -36.94
N GLU E 479 -0.46 -13.32 -37.43
CA GLU E 479 -0.73 -12.11 -36.67
C GLU E 479 -2.23 -11.99 -36.41
N TYR E 480 -3.02 -12.62 -37.27
CA TYR E 480 -4.47 -12.55 -37.17
C TYR E 480 -5.00 -13.25 -35.93
N GLY E 481 -4.32 -14.31 -35.51
CA GLY E 481 -4.71 -15.05 -34.31
C GLY E 481 -4.83 -14.19 -33.07
N LEU E 482 -4.06 -13.10 -33.02
CA LEU E 482 -4.02 -12.21 -31.86
C LEU E 482 -5.24 -11.30 -31.75
N GLN E 483 -5.89 -11.03 -32.89
CA GLN E 483 -7.01 -10.10 -32.93
C GLN E 483 -8.19 -10.54 -32.07
N ALA E 484 -8.43 -11.84 -32.00
CA ALA E 484 -9.54 -12.38 -31.23
C ALA E 484 -9.26 -12.36 -29.72
N TYR E 485 -7.99 -12.16 -29.36
CA TYR E 485 -7.57 -12.19 -27.96
C TYR E 485 -7.17 -10.81 -27.44
N THR E 486 -7.53 -9.78 -28.20
CA THR E 486 -7.17 -8.41 -27.86
C THR E 486 -8.42 -7.54 -27.77
N LYS E 487 -8.44 -6.67 -26.76
CA LYS E 487 -9.50 -5.70 -26.58
C LYS E 487 -8.91 -4.31 -26.81
N VAL E 488 -9.60 -3.47 -27.56
CA VAL E 488 -9.04 -2.16 -27.89
C VAL E 488 -9.59 -1.06 -26.99
N LYS E 489 -8.69 -0.35 -26.30
CA LYS E 489 -9.06 0.84 -25.54
C LYS E 489 -8.50 2.09 -26.18
N THR E 490 -9.37 3.08 -26.41
CA THR E 490 -8.95 4.36 -26.96
C THR E 490 -8.80 5.36 -25.82
N VAL E 491 -7.63 6.00 -25.73
CA VAL E 491 -7.45 7.10 -24.79
C VAL E 491 -7.26 8.37 -25.57
N THR E 492 -8.06 9.37 -25.26
CA THR E 492 -8.04 10.63 -25.98
C THR E 492 -7.85 11.78 -25.00
N VAL E 493 -6.74 12.48 -25.12
CA VAL E 493 -6.31 13.47 -24.13
C VAL E 493 -6.33 14.89 -24.68
N LYS E 494 -6.90 15.81 -23.92
CA LYS E 494 -6.83 17.23 -24.26
C LYS E 494 -5.39 17.72 -24.13
N VAL E 495 -4.88 18.40 -25.16
CA VAL E 495 -3.54 18.97 -25.11
C VAL E 495 -3.56 20.47 -25.41
N PRO E 496 -2.55 21.22 -24.91
CA PRO E 496 -2.52 22.67 -25.13
C PRO E 496 -2.66 23.05 -26.62
N GLN E 497 -1.91 22.40 -27.50
CA GLN E 497 -1.99 22.72 -28.92
C GLN E 497 -1.34 21.66 -29.79
N LYS E 498 -2.17 21.00 -30.60
CA LYS E 498 -1.72 19.95 -31.48
C LYS E 498 -0.85 20.48 -32.61
N ASN E 499 0.26 19.79 -32.85
CA ASN E 499 1.12 20.06 -34.01
C ASN E 499 1.48 18.75 -34.69
N SER E 500 1.73 18.80 -36.00
CA SER E 500 2.11 17.59 -36.73
C SER E 500 3.42 17.00 -36.18
N ALA F 7 -20.77 30.10 -38.05
CA ALA F 7 -21.96 30.51 -38.80
C ALA F 7 -22.81 29.31 -39.17
N VAL F 8 -24.12 29.44 -38.99
CA VAL F 8 -25.04 28.40 -39.42
C VAL F 8 -26.07 29.04 -40.35
N PRO F 9 -26.19 28.51 -41.58
CA PRO F 9 -27.16 29.07 -42.53
C PRO F 9 -28.57 28.83 -42.01
N ALA F 10 -29.46 29.78 -42.25
CA ALA F 10 -30.85 29.69 -41.82
C ALA F 10 -31.47 28.36 -42.23
N PRO F 11 -32.17 27.71 -41.29
CA PRO F 11 -32.82 26.42 -41.56
C PRO F 11 -34.18 26.60 -42.22
N ASN F 12 -34.56 25.63 -43.04
CA ASN F 12 -35.95 25.51 -43.44
C ASN F 12 -36.65 24.69 -42.36
N GLN F 13 -37.53 25.34 -41.62
CA GLN F 13 -38.19 24.70 -40.48
C GLN F 13 -39.35 23.80 -40.89
N GLN F 14 -39.71 23.83 -42.17
CA GLN F 14 -40.67 22.87 -42.71
C GLN F 14 -40.16 22.27 -44.03
N PRO F 15 -39.11 21.42 -43.94
CA PRO F 15 -38.53 20.74 -45.08
C PRO F 15 -39.53 19.74 -45.65
N GLU F 16 -39.62 19.64 -46.97
CA GLU F 16 -40.46 18.64 -47.60
C GLU F 16 -39.78 17.27 -47.52
N VAL F 17 -40.59 16.20 -47.46
CA VAL F 17 -40.07 14.84 -47.50
C VAL F 17 -40.18 14.27 -48.91
N PHE F 18 -39.09 13.69 -49.39
CA PHE F 18 -39.04 13.22 -50.76
C PHE F 18 -38.99 11.70 -50.85
N CYS F 19 -38.45 11.07 -49.82
CA CYS F 19 -38.33 9.61 -49.82
C CYS F 19 -38.94 9.03 -48.56
N ASN F 20 -39.85 8.08 -48.74
CA ASN F 20 -40.53 7.44 -47.62
C ASN F 20 -40.89 5.99 -47.89
N GLN F 21 -40.04 5.32 -48.68
CA GLN F 21 -40.31 3.95 -49.08
C GLN F 21 -39.14 3.01 -48.80
N ILE F 22 -39.22 1.79 -49.32
CA ILE F 22 -38.15 0.83 -49.22
C ILE F 22 -37.20 1.02 -50.42
N PHE F 23 -35.89 1.02 -50.15
CA PHE F 23 -34.88 1.27 -51.18
C PHE F 23 -34.17 -0.03 -51.56
N ILE F 24 -34.52 -0.56 -52.73
CA ILE F 24 -33.91 -1.79 -53.24
C ILE F 24 -33.49 -1.60 -54.69
N ASN F 25 -32.28 -2.04 -55.02
CA ASN F 25 -31.73 -1.87 -56.37
C ASN F 25 -31.89 -0.45 -56.91
N ASN F 26 -31.61 0.53 -56.05
CA ASN F 26 -31.66 1.94 -56.44
C ASN F 26 -33.06 2.38 -56.86
N GLU F 27 -34.07 1.60 -56.49
CA GLU F 27 -35.46 1.91 -56.79
C GLU F 27 -36.25 2.01 -55.50
N TRP F 28 -37.36 2.75 -55.56
CA TRP F 28 -38.23 2.88 -54.40
C TRP F 28 -39.38 1.89 -54.46
N HIS F 29 -39.60 1.19 -53.36
CA HIS F 29 -40.63 0.15 -53.28
C HIS F 29 -41.58 0.37 -52.11
N ASP F 30 -42.87 0.16 -52.34
CA ASP F 30 -43.83 0.06 -51.26
C ASP F 30 -43.56 -1.26 -50.55
N ALA F 31 -43.98 -1.35 -49.29
CA ALA F 31 -43.93 -2.64 -48.61
C ALA F 31 -44.80 -3.60 -49.39
N VAL F 32 -44.41 -4.88 -49.43
CA VAL F 32 -45.20 -5.87 -50.15
C VAL F 32 -46.62 -5.88 -49.59
N SER F 33 -46.73 -5.76 -48.28
CA SER F 33 -48.02 -5.74 -47.60
C SER F 33 -48.76 -4.43 -47.81
N ARG F 34 -48.06 -3.46 -48.40
CA ARG F 34 -48.63 -2.13 -48.62
C ARG F 34 -48.96 -1.41 -47.30
N LYS F 35 -48.53 -2.00 -46.18
CA LYS F 35 -48.67 -1.35 -44.89
C LYS F 35 -47.67 -0.21 -44.74
N THR F 36 -48.06 0.81 -43.97
CA THR F 36 -47.17 1.92 -43.68
C THR F 36 -47.25 2.26 -42.19
N PHE F 37 -46.33 3.09 -41.75
CA PHE F 37 -46.34 3.59 -40.38
C PHE F 37 -46.01 5.08 -40.39
N PRO F 38 -46.59 5.81 -39.42
CA PRO F 38 -46.31 7.25 -39.29
C PRO F 38 -44.99 7.51 -38.55
N THR F 39 -44.27 8.53 -38.97
CA THR F 39 -43.15 9.05 -38.18
C THR F 39 -43.51 10.44 -37.64
N VAL F 40 -43.14 10.69 -36.39
CA VAL F 40 -43.63 11.86 -35.68
C VAL F 40 -42.55 12.91 -35.40
N ASN F 41 -42.95 14.17 -35.41
CA ASN F 41 -42.10 15.27 -34.95
C ASN F 41 -42.22 15.36 -33.44
N PRO F 42 -41.15 15.03 -32.71
CA PRO F 42 -41.16 14.95 -31.24
C PRO F 42 -41.36 16.31 -30.57
N SER F 43 -41.15 17.39 -31.31
CA SER F 43 -41.30 18.73 -30.76
C SER F 43 -42.77 19.15 -30.69
N THR F 44 -43.60 18.49 -31.49
CA THR F 44 -45.02 18.82 -31.56
C THR F 44 -45.90 17.60 -31.31
N GLY F 45 -45.37 16.41 -31.60
CA GLY F 45 -46.14 15.19 -31.48
C GLY F 45 -47.02 14.93 -32.70
N GLU F 46 -46.90 15.78 -33.71
CA GLU F 46 -47.67 15.61 -34.93
C GLU F 46 -46.98 14.66 -35.91
N VAL F 47 -47.78 13.98 -36.71
CA VAL F 47 -47.27 13.05 -37.72
C VAL F 47 -46.61 13.80 -38.88
N ILE F 48 -45.37 13.45 -39.19
CA ILE F 48 -44.67 14.06 -40.31
C ILE F 48 -45.14 13.46 -41.62
N CYS F 49 -45.14 12.13 -41.69
CA CYS F 49 -45.61 11.43 -42.89
C CYS F 49 -45.68 9.92 -42.66
N GLN F 50 -46.20 9.20 -43.65
CA GLN F 50 -46.22 7.74 -43.63
C GLN F 50 -44.92 7.19 -44.20
N VAL F 51 -44.53 6.01 -43.75
CA VAL F 51 -43.33 5.34 -44.23
C VAL F 51 -43.62 3.89 -44.52
N ALA F 52 -43.15 3.39 -45.67
CA ALA F 52 -43.29 1.98 -46.00
C ALA F 52 -42.84 1.12 -44.80
N GLU F 53 -43.73 0.26 -44.33
CA GLU F 53 -43.39 -0.62 -43.21
C GLU F 53 -42.90 -1.96 -43.71
N GLY F 54 -41.59 -2.10 -43.85
CA GLY F 54 -40.99 -3.31 -44.38
C GLY F 54 -40.97 -4.45 -43.37
N ASP F 55 -41.16 -5.67 -43.85
CA ASP F 55 -41.20 -6.85 -43.01
C ASP F 55 -40.26 -7.89 -43.60
N LYS F 56 -40.45 -9.15 -43.21
CA LYS F 56 -39.59 -10.24 -43.67
C LYS F 56 -39.54 -10.34 -45.19
N GLU F 57 -40.70 -10.30 -45.84
CA GLU F 57 -40.77 -10.35 -47.30
C GLU F 57 -39.90 -9.30 -47.96
N ASP F 58 -39.84 -8.11 -47.36
CA ASP F 58 -39.12 -7.01 -47.96
C ASP F 58 -37.62 -7.13 -47.68
N VAL F 59 -37.28 -7.68 -46.51
CA VAL F 59 -35.89 -7.95 -46.18
C VAL F 59 -35.31 -8.98 -47.15
N ASP F 60 -36.11 -9.99 -47.46
CA ASP F 60 -35.70 -11.03 -48.40
C ASP F 60 -35.42 -10.44 -49.79
N LYS F 61 -36.29 -9.55 -50.25
CA LYS F 61 -36.06 -8.88 -51.54
C LYS F 61 -34.75 -8.09 -51.55
N ALA F 62 -34.45 -7.45 -50.42
CA ALA F 62 -33.25 -6.62 -50.30
C ALA F 62 -31.99 -7.47 -50.21
N VAL F 63 -32.09 -8.61 -49.53
CA VAL F 63 -30.96 -9.55 -49.44
C VAL F 63 -30.64 -10.13 -50.81
N LYS F 64 -31.68 -10.50 -51.56
CA LYS F 64 -31.49 -11.01 -52.92
C LYS F 64 -30.80 -9.98 -53.81
N ALA F 65 -31.22 -8.73 -53.70
CA ALA F 65 -30.61 -7.67 -54.50
C ALA F 65 -29.12 -7.52 -54.13
N ALA F 66 -28.84 -7.52 -52.82
CA ALA F 66 -27.47 -7.39 -52.34
C ALA F 66 -26.59 -8.55 -52.80
N ARG F 67 -27.12 -9.77 -52.67
CA ARG F 67 -26.42 -10.98 -53.09
C ARG F 67 -26.07 -10.89 -54.57
N ALA F 68 -27.03 -10.43 -55.38
CA ALA F 68 -26.80 -10.28 -56.81
C ALA F 68 -25.71 -9.24 -57.09
N ALA F 69 -25.69 -8.17 -56.30
CA ALA F 69 -24.69 -7.12 -56.50
C ALA F 69 -23.29 -7.59 -56.08
N PHE F 70 -23.23 -8.65 -55.29
CA PHE F 70 -21.97 -9.13 -54.73
C PHE F 70 -21.35 -10.24 -55.58
N GLN F 71 -22.10 -10.71 -56.57
CA GLN F 71 -21.65 -11.79 -57.43
C GLN F 71 -20.32 -11.51 -58.09
N LEU F 72 -19.44 -12.52 -58.11
CA LEU F 72 -18.18 -12.40 -58.82
C LEU F 72 -18.45 -11.88 -60.23
N GLY F 73 -17.61 -10.97 -60.71
CA GLY F 73 -17.78 -10.42 -62.04
C GLY F 73 -18.74 -9.25 -62.13
N SER F 74 -19.39 -8.89 -61.03
CA SER F 74 -20.33 -7.76 -61.02
C SER F 74 -19.60 -6.42 -61.05
N PRO F 75 -20.31 -5.34 -61.44
CA PRO F 75 -19.72 -4.00 -61.44
C PRO F 75 -19.05 -3.65 -60.11
N TRP F 76 -19.74 -3.92 -59.01
CA TRP F 76 -19.22 -3.64 -57.67
C TRP F 76 -18.00 -4.50 -57.31
N ARG F 77 -18.03 -5.77 -57.71
CA ARG F 77 -16.90 -6.67 -57.44
C ARG F 77 -15.65 -6.37 -58.26
N ARG F 78 -15.83 -5.97 -59.53
CA ARG F 78 -14.70 -5.71 -60.41
C ARG F 78 -14.16 -4.29 -60.28
N MET F 79 -14.94 -3.44 -59.63
CA MET F 79 -14.57 -2.03 -59.48
C MET F 79 -13.22 -1.86 -58.77
N ASP F 80 -12.37 -0.97 -59.30
CA ASP F 80 -11.13 -0.64 -58.62
C ASP F 80 -11.44 -0.15 -57.22
N ALA F 81 -10.63 -0.58 -56.25
CA ALA F 81 -10.76 -0.11 -54.87
C ALA F 81 -10.70 1.42 -54.80
N SER F 82 -9.80 2.02 -55.56
CA SER F 82 -9.65 3.46 -55.58
C SER F 82 -10.95 4.13 -56.02
N HIS F 83 -11.69 3.44 -56.90
CA HIS F 83 -12.94 4.00 -57.41
C HIS F 83 -14.06 3.92 -56.38
N ARG F 84 -14.03 2.88 -55.55
CA ARG F 84 -14.96 2.82 -54.42
C ARG F 84 -14.78 4.07 -53.56
N GLY F 85 -13.53 4.50 -53.42
CA GLY F 85 -13.20 5.70 -52.69
C GLY F 85 -13.75 6.94 -53.40
N ARG F 86 -13.65 6.94 -54.73
CA ARG F 86 -14.18 8.05 -55.52
C ARG F 86 -15.68 8.22 -55.30
N LEU F 87 -16.40 7.10 -55.28
CA LEU F 87 -17.85 7.10 -55.03
C LEU F 87 -18.19 7.63 -53.64
N LEU F 88 -17.48 7.15 -52.63
CA LEU F 88 -17.68 7.64 -51.26
C LEU F 88 -17.46 9.16 -51.15
N ASN F 89 -16.45 9.66 -51.86
CA ASN F 89 -16.17 11.09 -51.86
C ASN F 89 -17.21 11.90 -52.61
N ARG F 90 -17.73 11.34 -53.69
CA ARG F 90 -18.81 11.96 -54.43
C ARG F 90 -20.06 12.01 -53.56
N LEU F 91 -20.31 10.94 -52.82
CA LEU F 91 -21.45 10.89 -51.89
C LEU F 91 -21.32 11.96 -50.80
N ALA F 92 -20.11 12.12 -50.26
CA ALA F 92 -19.87 13.14 -49.25
C ALA F 92 -20.14 14.52 -49.85
N ASP F 93 -19.67 14.72 -51.08
CA ASP F 93 -19.86 15.99 -51.78
C ASP F 93 -21.36 16.30 -51.97
N LEU F 94 -22.17 15.26 -52.19
CA LEU F 94 -23.61 15.44 -52.39
C LEU F 94 -24.30 15.74 -51.06
N ILE F 95 -23.83 15.11 -50.00
CA ILE F 95 -24.39 15.37 -48.69
C ILE F 95 -24.06 16.80 -48.28
N GLU F 96 -22.86 17.26 -48.61
CA GLU F 96 -22.45 18.63 -48.31
C GLU F 96 -23.36 19.63 -49.02
N ARG F 97 -23.55 19.43 -50.32
CA ARG F 97 -24.49 20.23 -51.09
C ARG F 97 -25.82 20.35 -50.35
N ASP F 98 -26.34 19.23 -49.87
CA ASP F 98 -27.66 19.20 -49.23
C ASP F 98 -27.58 19.28 -47.71
N ARG F 99 -26.54 19.93 -47.20
CA ARG F 99 -26.27 19.91 -45.77
C ARG F 99 -27.36 20.57 -44.92
N THR F 100 -27.85 21.74 -45.33
CA THR F 100 -28.85 22.44 -44.52
C THR F 100 -30.19 21.71 -44.54
N TYR F 101 -30.54 21.16 -45.69
CA TYR F 101 -31.72 20.32 -45.79
C TYR F 101 -31.63 19.15 -44.82
N LEU F 102 -30.58 18.34 -44.95
CA LEU F 102 -30.42 17.15 -44.13
C LEU F 102 -30.39 17.46 -42.63
N ALA F 103 -29.77 18.58 -42.26
CA ALA F 103 -29.68 18.96 -40.84
C ALA F 103 -31.06 19.33 -40.30
N ALA F 104 -31.83 20.06 -41.10
CA ALA F 104 -33.19 20.47 -40.74
C ALA F 104 -34.13 19.27 -40.67
N LEU F 105 -34.03 18.37 -41.65
CA LEU F 105 -34.80 17.13 -41.65
C LEU F 105 -34.43 16.27 -40.44
N GLU F 106 -33.15 16.28 -40.08
CA GLU F 106 -32.68 15.56 -38.89
C GLU F 106 -33.35 16.09 -37.64
N THR F 107 -33.34 17.41 -37.48
CA THR F 107 -33.98 18.06 -36.34
C THR F 107 -35.49 17.79 -36.29
N LEU F 108 -36.13 17.81 -37.46
CA LEU F 108 -37.58 17.62 -37.56
C LEU F 108 -38.00 16.25 -37.07
N ASP F 109 -37.24 15.23 -37.45
CA ASP F 109 -37.61 13.85 -37.20
C ASP F 109 -37.07 13.37 -35.86
N ASN F 110 -35.90 13.88 -35.46
CA ASN F 110 -35.24 13.41 -34.25
C ASN F 110 -35.46 14.31 -33.02
N GLY F 111 -35.46 15.62 -33.23
CA GLY F 111 -35.67 16.56 -32.15
C GLY F 111 -34.45 17.36 -31.72
N LYS F 112 -33.27 16.91 -32.11
CA LYS F 112 -32.04 17.61 -31.71
C LYS F 112 -31.97 19.00 -32.34
N PRO F 113 -31.33 19.96 -31.64
CA PRO F 113 -31.24 21.32 -32.14
C PRO F 113 -30.60 21.39 -33.52
N TYR F 114 -31.17 22.23 -34.39
CA TYR F 114 -30.67 22.41 -35.75
C TYR F 114 -29.21 22.87 -35.81
N VAL F 115 -28.80 23.74 -34.88
CA VAL F 115 -27.41 24.20 -34.84
C VAL F 115 -26.46 23.03 -34.62
N ILE F 116 -26.83 22.11 -33.75
CA ILE F 116 -26.04 20.91 -33.48
C ILE F 116 -26.07 19.94 -34.67
N SER F 117 -27.25 19.73 -35.24
CA SER F 117 -27.39 18.88 -36.42
C SER F 117 -26.43 19.33 -37.51
N TYR F 118 -26.41 20.64 -37.75
CA TYR F 118 -25.58 21.22 -38.79
C TYR F 118 -24.08 21.19 -38.47
N LEU F 119 -23.72 21.67 -37.29
CA LEU F 119 -22.31 21.84 -36.93
C LEU F 119 -21.65 20.56 -36.39
N VAL F 120 -22.45 19.65 -35.83
CA VAL F 120 -21.91 18.41 -35.30
C VAL F 120 -22.24 17.20 -36.18
N ASP F 121 -23.52 16.82 -36.22
CA ASP F 121 -23.93 15.60 -36.94
C ASP F 121 -23.50 15.58 -38.41
N LEU F 122 -23.87 16.61 -39.17
CA LEU F 122 -23.56 16.66 -40.60
C LEU F 122 -22.06 16.79 -40.86
N ASP F 123 -21.36 17.55 -40.03
CA ASP F 123 -19.92 17.69 -40.17
C ASP F 123 -19.20 16.36 -39.93
N MET F 124 -19.63 15.62 -38.92
CA MET F 124 -19.07 14.31 -38.62
C MET F 124 -19.38 13.27 -39.70
N VAL F 125 -20.58 13.36 -40.28
CA VAL F 125 -20.95 12.51 -41.41
C VAL F 125 -19.98 12.75 -42.58
N LEU F 126 -19.78 14.01 -42.94
CA LEU F 126 -18.87 14.36 -44.01
C LEU F 126 -17.47 13.84 -43.71
N LYS F 127 -17.02 14.03 -42.48
CA LYS F 127 -15.68 13.61 -42.09
C LYS F 127 -15.53 12.09 -42.09
N CYS F 128 -16.56 11.40 -41.64
CA CYS F 128 -16.56 9.93 -41.61
C CYS F 128 -16.46 9.32 -43.00
N LEU F 129 -17.32 9.76 -43.92
CA LEU F 129 -17.33 9.23 -45.27
C LEU F 129 -16.02 9.54 -46.00
N ARG F 130 -15.51 10.76 -45.82
CA ARG F 130 -14.26 11.15 -46.48
C ARG F 130 -13.08 10.40 -45.90
N TYR F 131 -13.11 10.15 -44.60
CA TYR F 131 -12.07 9.35 -43.98
C TYR F 131 -12.03 7.96 -44.60
N TYR F 132 -13.18 7.29 -44.66
CA TYR F 132 -13.23 5.92 -45.20
C TYR F 132 -13.01 5.83 -46.71
N ALA F 133 -13.37 6.88 -47.43
CA ALA F 133 -13.04 6.93 -48.84
C ALA F 133 -11.54 6.65 -48.98
N GLY F 134 -10.74 7.32 -48.15
CA GLY F 134 -9.29 7.17 -48.18
C GLY F 134 -8.80 5.76 -47.90
N TRP F 135 -9.59 4.99 -47.15
CA TRP F 135 -9.18 3.64 -46.78
C TRP F 135 -9.45 2.63 -47.88
N ALA F 136 -10.30 2.98 -48.83
CA ALA F 136 -10.77 2.03 -49.84
C ALA F 136 -9.63 1.23 -50.48
N ASP F 137 -8.54 1.91 -50.83
CA ASP F 137 -7.44 1.27 -51.56
C ASP F 137 -6.14 1.19 -50.76
N LYS F 138 -6.26 1.11 -49.45
CA LYS F 138 -5.09 1.11 -48.56
C LYS F 138 -5.11 0.04 -47.48
N TYR F 139 -6.06 -0.89 -47.53
CA TYR F 139 -6.14 -1.95 -46.51
C TYR F 139 -5.53 -3.27 -47.01
N HIS F 140 -4.22 -3.41 -46.90
CA HIS F 140 -3.47 -4.49 -47.55
C HIS F 140 -3.56 -5.86 -46.88
N GLY F 141 -3.48 -6.92 -47.69
CA GLY F 141 -3.22 -8.25 -47.19
C GLY F 141 -1.73 -8.43 -46.94
N LYS F 142 -1.30 -9.64 -46.62
CA LYS F 142 0.10 -9.88 -46.26
C LYS F 142 0.76 -10.89 -47.18
N THR F 143 2.06 -10.74 -47.37
CA THR F 143 2.89 -11.82 -47.90
C THR F 143 3.66 -12.38 -46.71
N ILE F 144 3.63 -13.70 -46.56
CA ILE F 144 4.03 -14.33 -45.30
C ILE F 144 5.18 -15.33 -45.48
N PRO F 145 6.25 -15.19 -44.67
CA PRO F 145 7.45 -16.03 -44.80
C PRO F 145 7.28 -17.39 -44.16
N ILE F 146 6.21 -18.10 -44.53
CA ILE F 146 5.93 -19.44 -44.01
C ILE F 146 7.10 -20.41 -44.21
N ASP F 147 7.26 -21.36 -43.29
CA ASP F 147 8.26 -22.42 -43.44
C ASP F 147 8.07 -23.17 -44.76
N GLY F 148 9.17 -23.60 -45.35
CA GLY F 148 9.11 -24.49 -46.49
C GLY F 148 9.10 -23.79 -47.84
N ASP F 149 9.05 -24.61 -48.89
CA ASP F 149 9.11 -24.08 -50.25
C ASP F 149 7.72 -23.70 -50.74
N PHE F 150 7.19 -22.63 -50.15
CA PHE F 150 5.87 -22.13 -50.49
C PHE F 150 5.88 -20.61 -50.53
N PHE F 151 4.97 -20.06 -51.31
CA PHE F 151 4.71 -18.62 -51.32
C PHE F 151 3.31 -18.43 -50.72
N SER F 152 3.26 -17.84 -49.53
CA SER F 152 1.99 -17.70 -48.84
C SER F 152 1.59 -16.24 -48.70
N TYR F 153 0.35 -15.93 -49.05
CA TYR F 153 -0.16 -14.57 -48.90
C TYR F 153 -1.63 -14.58 -48.54
N THR F 154 -2.13 -13.43 -48.06
CA THR F 154 -3.54 -13.29 -47.74
C THR F 154 -4.24 -12.22 -48.59
N ARG F 155 -5.47 -12.54 -48.99
CA ARG F 155 -6.36 -11.58 -49.64
C ARG F 155 -7.35 -11.09 -48.60
N HIS F 156 -7.53 -9.78 -48.51
CA HIS F 156 -8.53 -9.21 -47.64
C HIS F 156 -9.80 -8.95 -48.45
N GLU F 157 -10.70 -9.92 -48.43
CA GLU F 157 -11.93 -9.86 -49.22
C GLU F 157 -13.09 -9.32 -48.40
N PRO F 158 -14.15 -8.83 -49.08
CA PRO F 158 -15.35 -8.39 -48.35
C PRO F 158 -16.00 -9.54 -47.60
N VAL F 159 -16.69 -9.24 -46.51
CA VAL F 159 -17.41 -10.27 -45.76
C VAL F 159 -18.68 -10.71 -46.51
N GLY F 160 -19.22 -9.81 -47.33
CA GLY F 160 -20.33 -10.15 -48.20
C GLY F 160 -21.54 -9.28 -47.97
N VAL F 161 -22.69 -9.91 -47.76
CA VAL F 161 -23.92 -9.20 -47.46
C VAL F 161 -23.97 -8.83 -45.98
N CYS F 162 -23.93 -7.53 -45.70
CA CYS F 162 -23.90 -7.04 -44.33
C CYS F 162 -25.24 -6.44 -43.92
N GLY F 163 -25.85 -7.02 -42.90
CA GLY F 163 -27.05 -6.45 -42.30
C GLY F 163 -26.68 -5.39 -41.27
N GLN F 164 -27.28 -4.22 -41.42
CA GLN F 164 -26.98 -3.09 -40.56
C GLN F 164 -28.24 -2.50 -39.95
N ILE F 165 -28.32 -2.51 -38.62
CA ILE F 165 -29.46 -1.95 -37.90
C ILE F 165 -28.97 -0.73 -37.16
N ILE F 166 -29.52 0.44 -37.47
CA ILE F 166 -29.05 1.67 -36.85
C ILE F 166 -30.12 2.36 -35.99
N PRO F 167 -29.68 3.03 -34.90
CA PRO F 167 -30.52 3.63 -33.87
C PRO F 167 -31.11 4.97 -34.29
N TRP F 168 -31.85 5.60 -33.37
CA TRP F 168 -32.53 6.86 -33.64
C TRP F 168 -31.84 8.09 -33.02
N ASN F 169 -30.87 7.90 -32.14
CA ASN F 169 -30.24 9.04 -31.46
C ASN F 169 -29.28 9.84 -32.33
N PHE F 170 -28.67 9.15 -33.31
CA PHE F 170 -27.81 9.81 -34.30
C PHE F 170 -28.08 9.20 -35.67
N PRO F 171 -29.27 9.46 -36.23
CA PRO F 171 -29.71 8.79 -37.46
C PRO F 171 -28.64 8.83 -38.58
N LEU F 172 -28.29 10.03 -39.05
CA LEU F 172 -27.33 10.17 -40.13
C LEU F 172 -25.93 9.67 -39.78
N LEU F 173 -25.42 10.11 -38.63
CA LEU F 173 -24.07 9.74 -38.23
C LEU F 173 -23.90 8.24 -38.09
N MET F 174 -24.91 7.57 -37.55
CA MET F 174 -24.82 6.12 -37.36
C MET F 174 -24.82 5.43 -38.71
N GLN F 175 -25.55 5.97 -39.67
CA GLN F 175 -25.61 5.42 -41.00
C GLN F 175 -24.26 5.53 -41.69
N ALA F 176 -23.61 6.68 -41.53
CA ALA F 176 -22.27 6.88 -42.05
C ALA F 176 -21.25 5.96 -41.38
N TRP F 177 -21.36 5.81 -40.06
CA TRP F 177 -20.43 4.95 -39.33
C TRP F 177 -20.46 3.51 -39.82
N LYS F 178 -21.58 3.11 -40.43
CA LYS F 178 -21.73 1.74 -40.93
C LYS F 178 -21.41 1.62 -42.42
N LEU F 179 -21.95 2.53 -43.23
CA LEU F 179 -21.71 2.50 -44.66
C LEU F 179 -20.24 2.74 -45.02
N GLY F 180 -19.60 3.69 -44.32
CA GLY F 180 -18.23 4.05 -44.61
C GLY F 180 -17.26 2.89 -44.72
N PRO F 181 -17.07 2.13 -43.63
CA PRO F 181 -16.14 0.99 -43.65
C PRO F 181 -16.65 -0.15 -44.52
N ALA F 182 -17.94 -0.47 -44.43
CA ALA F 182 -18.52 -1.55 -45.21
C ALA F 182 -18.27 -1.36 -46.71
N LEU F 183 -18.61 -0.18 -47.21
CA LEU F 183 -18.46 0.11 -48.64
C LEU F 183 -17.00 0.27 -49.04
N ALA F 184 -16.20 0.90 -48.17
CA ALA F 184 -14.78 1.08 -48.43
C ALA F 184 -14.12 -0.26 -48.71
N THR F 185 -14.59 -1.31 -48.03
CA THR F 185 -14.01 -2.64 -48.17
C THR F 185 -14.77 -3.54 -49.16
N GLY F 186 -15.69 -2.96 -49.92
CA GLY F 186 -16.34 -3.67 -51.01
C GLY F 186 -17.53 -4.55 -50.64
N ASN F 187 -18.10 -4.35 -49.45
CA ASN F 187 -19.28 -5.11 -49.06
C ASN F 187 -20.58 -4.57 -49.67
N VAL F 188 -21.65 -5.35 -49.56
CA VAL F 188 -22.97 -4.90 -49.96
C VAL F 188 -23.82 -4.84 -48.69
N VAL F 189 -24.86 -4.03 -48.71
CA VAL F 189 -25.54 -3.66 -47.46
C VAL F 189 -27.07 -3.76 -47.49
N VAL F 190 -27.62 -4.34 -46.42
CA VAL F 190 -29.06 -4.28 -46.16
C VAL F 190 -29.27 -3.56 -44.83
N MET F 191 -29.75 -2.33 -44.89
CA MET F 191 -29.85 -1.48 -43.72
C MET F 191 -31.28 -1.31 -43.20
N LYS F 192 -31.44 -1.52 -41.90
CA LYS F 192 -32.70 -1.27 -41.22
C LYS F 192 -32.55 -0.03 -40.34
N VAL F 193 -33.28 1.03 -40.66
CA VAL F 193 -33.22 2.26 -39.89
C VAL F 193 -34.32 2.31 -38.84
N ALA F 194 -34.16 3.17 -37.83
CA ALA F 194 -35.09 3.24 -36.71
C ALA F 194 -36.43 3.85 -37.11
N GLU F 195 -37.52 3.25 -36.64
CA GLU F 195 -38.86 3.74 -36.95
C GLU F 195 -39.05 5.19 -36.50
N GLN F 196 -38.33 5.59 -35.46
CA GLN F 196 -38.44 6.96 -34.94
C GLN F 196 -37.81 7.99 -35.86
N THR F 197 -36.82 7.57 -36.64
CA THR F 197 -36.07 8.50 -37.49
C THR F 197 -35.66 7.91 -38.83
N PRO F 198 -36.64 7.56 -39.67
CA PRO F 198 -36.35 6.89 -40.95
C PRO F 198 -35.96 7.85 -42.08
N LEU F 199 -36.35 9.11 -41.96
CA LEU F 199 -36.36 10.04 -43.11
C LEU F 199 -35.00 10.44 -43.71
N THR F 200 -34.05 10.83 -42.87
CA THR F 200 -32.76 11.29 -43.40
C THR F 200 -31.98 10.15 -44.07
N ALA F 201 -32.08 8.95 -43.52
CA ALA F 201 -31.40 7.79 -44.08
C ALA F 201 -31.91 7.46 -45.47
N LEU F 202 -33.22 7.62 -45.66
CA LEU F 202 -33.83 7.36 -46.96
C LEU F 202 -33.41 8.41 -47.96
N TYR F 203 -33.32 9.67 -47.54
CA TYR F 203 -32.86 10.73 -48.43
C TYR F 203 -31.42 10.48 -48.89
N VAL F 204 -30.58 10.01 -47.98
CA VAL F 204 -29.20 9.66 -48.34
C VAL F 204 -29.16 8.51 -49.35
N ALA F 205 -30.12 7.60 -49.27
CA ALA F 205 -30.22 6.53 -50.26
C ALA F 205 -30.39 7.10 -51.68
N ASN F 206 -31.22 8.13 -51.81
CA ASN F 206 -31.36 8.82 -53.08
C ASN F 206 -30.01 9.40 -53.52
N LEU F 207 -29.24 9.91 -52.56
CA LEU F 207 -27.92 10.46 -52.84
C LEU F 207 -26.92 9.39 -53.27
N ILE F 208 -27.06 8.19 -52.70
CA ILE F 208 -26.22 7.06 -53.07
C ILE F 208 -26.44 6.69 -54.52
N LYS F 209 -27.71 6.61 -54.92
CA LYS F 209 -28.04 6.40 -56.33
C LYS F 209 -27.40 7.49 -57.17
N GLU F 210 -27.64 8.74 -56.79
CA GLU F 210 -27.13 9.90 -57.53
C GLU F 210 -25.61 9.86 -57.66
N ALA F 211 -24.94 9.36 -56.64
CA ALA F 211 -23.48 9.30 -56.60
C ALA F 211 -22.91 8.30 -57.61
N GLY F 212 -23.68 7.25 -57.90
CA GLY F 212 -23.26 6.31 -58.91
C GLY F 212 -23.05 4.89 -58.42
N PHE F 213 -23.36 4.62 -57.16
CA PHE F 213 -23.23 3.27 -56.62
C PHE F 213 -24.12 2.30 -57.39
N PRO F 214 -23.60 1.12 -57.74
CA PRO F 214 -24.41 0.14 -58.48
C PRO F 214 -25.64 -0.31 -57.70
N PRO F 215 -26.73 -0.62 -58.42
CA PRO F 215 -27.97 -1.09 -57.79
C PRO F 215 -27.72 -2.29 -56.90
N GLY F 216 -28.33 -2.30 -55.73
CA GLY F 216 -28.21 -3.43 -54.82
C GLY F 216 -26.99 -3.38 -53.91
N VAL F 217 -26.11 -2.41 -54.10
CA VAL F 217 -24.95 -2.28 -53.21
C VAL F 217 -25.39 -1.77 -51.84
N VAL F 218 -26.29 -0.80 -51.83
CA VAL F 218 -26.95 -0.37 -50.61
C VAL F 218 -28.45 -0.47 -50.75
N ASN F 219 -29.09 -1.12 -49.79
CA ASN F 219 -30.54 -1.26 -49.75
C ASN F 219 -31.04 -0.91 -48.36
N ILE F 220 -32.11 -0.14 -48.27
CA ILE F 220 -32.64 0.27 -46.98
C ILE F 220 -34.10 -0.13 -46.79
N VAL F 221 -34.36 -0.85 -45.70
CA VAL F 221 -35.71 -1.31 -45.37
C VAL F 221 -36.16 -0.71 -44.03
N PRO F 222 -37.00 0.33 -44.09
CA PRO F 222 -37.59 0.94 -42.90
C PRO F 222 -38.66 0.00 -42.35
N GLY F 223 -38.89 0.03 -41.04
CA GLY F 223 -39.88 -0.83 -40.44
C GLY F 223 -39.65 -1.02 -38.96
N PHE F 224 -40.31 -2.02 -38.38
CA PHE F 224 -40.18 -2.28 -36.95
C PHE F 224 -39.08 -3.27 -36.63
N GLY F 225 -38.64 -3.28 -35.36
CA GLY F 225 -37.53 -4.11 -34.94
C GLY F 225 -37.80 -5.60 -34.93
N PRO F 226 -38.82 -6.04 -34.19
CA PRO F 226 -39.13 -7.46 -34.06
C PRO F 226 -39.48 -8.10 -35.41
N THR F 227 -39.77 -7.27 -36.41
CA THR F 227 -40.10 -7.76 -37.74
C THR F 227 -38.91 -7.64 -38.69
N ALA F 228 -38.62 -6.43 -39.15
CA ALA F 228 -37.54 -6.21 -40.11
C ALA F 228 -36.17 -6.49 -39.51
N GLY F 229 -35.89 -5.91 -38.34
CA GLY F 229 -34.61 -6.09 -37.69
C GLY F 229 -34.30 -7.54 -37.38
N ALA F 230 -35.30 -8.27 -36.91
CA ALA F 230 -35.12 -9.68 -36.59
C ALA F 230 -34.96 -10.52 -37.86
N ALA F 231 -35.61 -10.09 -38.93
CA ALA F 231 -35.48 -10.76 -40.21
C ALA F 231 -34.03 -10.72 -40.71
N ILE F 232 -33.42 -9.54 -40.63
CA ILE F 232 -32.02 -9.37 -41.05
C ILE F 232 -31.07 -10.27 -40.25
N ALA F 233 -31.25 -10.33 -38.94
CA ALA F 233 -30.41 -11.13 -38.04
C ALA F 233 -30.57 -12.65 -38.24
N SER F 234 -31.74 -13.05 -38.72
CA SER F 234 -32.06 -14.48 -38.84
C SER F 234 -31.84 -14.99 -40.25
N HIS F 235 -31.67 -14.08 -41.19
CA HIS F 235 -31.62 -14.44 -42.60
C HIS F 235 -30.48 -15.41 -42.89
N GLU F 236 -30.76 -16.41 -43.71
CA GLU F 236 -29.77 -17.45 -44.00
C GLU F 236 -28.74 -17.01 -45.03
N ASP F 237 -28.95 -15.84 -45.63
CA ASP F 237 -28.00 -15.39 -46.65
C ASP F 237 -27.32 -14.08 -46.26
N VAL F 238 -27.43 -13.71 -44.99
CA VAL F 238 -26.71 -12.57 -44.48
C VAL F 238 -25.44 -13.04 -43.78
N ASP F 239 -24.31 -12.44 -44.16
CA ASP F 239 -23.01 -12.93 -43.73
C ASP F 239 -22.56 -12.30 -42.42
N LYS F 240 -23.10 -11.11 -42.15
CA LYS F 240 -22.74 -10.35 -40.97
C LYS F 240 -23.89 -9.43 -40.59
N VAL F 241 -24.07 -9.23 -39.28
CA VAL F 241 -25.04 -8.27 -38.79
C VAL F 241 -24.36 -7.34 -37.77
N ALA F 242 -24.67 -6.05 -37.86
CA ALA F 242 -24.12 -5.07 -36.94
C ALA F 242 -25.28 -4.30 -36.32
N PHE F 243 -25.35 -4.31 -35.00
CA PHE F 243 -26.45 -3.70 -34.27
C PHE F 243 -25.92 -2.65 -33.30
N THR F 244 -26.60 -1.51 -33.26
CA THR F 244 -26.35 -0.50 -32.23
C THR F 244 -27.70 -0.18 -31.60
N GLY F 245 -27.80 -0.38 -30.30
CA GLY F 245 -29.03 -0.15 -29.57
C GLY F 245 -28.92 -0.47 -28.10
N SER F 246 -30.04 -0.88 -27.51
CA SER F 246 -30.08 -1.19 -26.09
C SER F 246 -29.52 -2.59 -25.84
N THR F 247 -28.82 -2.76 -24.71
CA THR F 247 -28.28 -4.07 -24.36
C THR F 247 -29.41 -5.09 -24.33
N GLU F 248 -30.62 -4.63 -24.04
CA GLU F 248 -31.78 -5.49 -24.02
C GLU F 248 -32.05 -6.13 -25.39
N ILE F 249 -32.25 -5.28 -26.41
CA ILE F 249 -32.53 -5.76 -27.75
C ILE F 249 -31.31 -6.45 -28.37
N GLY F 250 -30.13 -5.99 -27.96
CA GLY F 250 -28.88 -6.59 -28.43
C GLY F 250 -28.76 -8.06 -28.04
N ARG F 251 -29.39 -8.43 -26.93
CA ARG F 251 -29.37 -9.82 -26.46
C ARG F 251 -30.24 -10.69 -27.35
N VAL F 252 -31.17 -10.04 -28.04
CA VAL F 252 -32.07 -10.75 -28.95
C VAL F 252 -31.38 -11.00 -30.29
N ILE F 253 -30.61 -10.00 -30.71
CA ILE F 253 -29.87 -10.06 -31.98
C ILE F 253 -28.82 -11.17 -31.97
N GLN F 254 -28.13 -11.32 -30.85
CA GLN F 254 -27.05 -12.31 -30.75
C GLN F 254 -27.60 -13.73 -30.78
N VAL F 255 -28.80 -13.90 -30.23
CA VAL F 255 -29.47 -15.20 -30.17
C VAL F 255 -29.91 -15.65 -31.56
N ALA F 256 -30.54 -14.73 -32.30
CA ALA F 256 -31.04 -15.02 -33.65
C ALA F 256 -29.92 -15.31 -34.64
N ALA F 257 -28.76 -14.71 -34.40
CA ALA F 257 -27.59 -14.95 -35.23
C ALA F 257 -27.00 -16.34 -34.96
N GLY F 258 -27.24 -16.86 -33.76
CA GLY F 258 -26.77 -18.17 -33.37
C GLY F 258 -27.65 -19.29 -33.86
N SER F 259 -28.93 -18.98 -34.09
CA SER F 259 -29.90 -19.97 -34.53
C SER F 259 -30.05 -19.96 -36.05
N SER F 260 -29.23 -19.14 -36.70
CA SER F 260 -29.31 -19.00 -38.15
C SER F 260 -28.11 -19.66 -38.82
N ASN F 261 -27.28 -18.84 -39.46
CA ASN F 261 -26.17 -19.34 -40.27
C ASN F 261 -24.78 -19.00 -39.71
N LEU F 262 -24.71 -18.81 -38.40
CA LEU F 262 -23.44 -18.44 -37.75
C LEU F 262 -22.81 -17.22 -38.39
N LYS F 263 -23.64 -16.22 -38.69
CA LYS F 263 -23.16 -14.96 -39.22
C LYS F 263 -22.35 -14.20 -38.18
N ARG F 264 -21.42 -13.37 -38.64
CA ARG F 264 -20.64 -12.53 -37.74
C ARG F 264 -21.51 -11.45 -37.09
N VAL F 265 -21.23 -11.14 -35.82
CA VAL F 265 -22.06 -10.23 -35.06
C VAL F 265 -21.24 -9.23 -34.25
N THR F 266 -21.43 -7.94 -34.54
CA THR F 266 -20.88 -6.89 -33.69
C THR F 266 -22.02 -6.11 -33.05
N LEU F 267 -21.83 -5.70 -31.80
CA LEU F 267 -22.86 -4.99 -31.06
C LEU F 267 -22.30 -3.74 -30.40
N GLU F 268 -23.09 -2.67 -30.41
CA GLU F 268 -22.75 -1.46 -29.68
C GLU F 268 -23.94 -1.11 -28.80
N LEU F 269 -23.84 -1.41 -27.51
CA LEU F 269 -24.99 -1.36 -26.60
C LEU F 269 -24.93 -0.20 -25.62
N GLY F 270 -25.64 -0.36 -24.50
CA GLY F 270 -25.80 0.73 -23.55
C GLY F 270 -24.57 1.04 -22.69
N GLY F 271 -24.73 2.02 -21.81
CA GLY F 271 -23.67 2.38 -20.88
C GLY F 271 -24.16 2.95 -19.56
N LYS F 272 -23.22 3.12 -18.62
CA LYS F 272 -23.41 3.92 -17.41
C LYS F 272 -22.04 4.54 -17.09
N SER F 273 -21.54 5.32 -18.02
CA SER F 273 -20.16 5.79 -18.00
C SER F 273 -19.79 6.72 -16.84
N PRO F 274 -18.64 6.47 -16.21
CA PRO F 274 -18.15 7.25 -15.09
C PRO F 274 -17.37 8.47 -15.57
N ASN F 275 -17.74 9.65 -15.12
CA ASN F 275 -16.97 10.88 -15.31
C ASN F 275 -16.35 11.24 -13.96
N ILE F 276 -15.03 11.06 -13.85
CA ILE F 276 -14.34 11.22 -12.57
C ILE F 276 -13.62 12.57 -12.46
N ILE F 277 -14.01 13.36 -11.47
CA ILE F 277 -13.39 14.66 -11.23
C ILE F 277 -12.50 14.61 -9.99
N MET F 278 -11.19 14.72 -10.22
CA MET F 278 -10.21 14.76 -9.15
C MET F 278 -10.18 16.16 -8.52
N SER F 279 -9.69 16.24 -7.28
CA SER F 279 -9.72 17.50 -6.56
C SER F 279 -8.87 18.59 -7.22
N ASP F 280 -7.89 18.17 -8.01
CA ASP F 280 -6.97 19.11 -8.65
C ASP F 280 -7.40 19.51 -10.07
N ALA F 281 -8.58 19.07 -10.49
CA ALA F 281 -9.09 19.43 -11.81
C ALA F 281 -9.34 20.94 -11.93
N ASP F 282 -9.38 21.41 -13.17
CA ASP F 282 -9.80 22.78 -13.46
C ASP F 282 -11.30 22.86 -13.22
N MET F 283 -11.72 23.58 -12.17
CA MET F 283 -13.12 23.60 -11.75
C MET F 283 -14.09 24.05 -12.84
N ASP F 284 -13.84 25.21 -13.42
CA ASP F 284 -14.73 25.76 -14.43
C ASP F 284 -14.87 24.84 -15.64
N TRP F 285 -13.74 24.34 -16.12
CA TRP F 285 -13.71 23.41 -17.26
C TRP F 285 -14.42 22.10 -16.93
N ALA F 286 -14.11 21.55 -15.76
CA ALA F 286 -14.70 20.29 -15.30
C ALA F 286 -16.23 20.38 -15.19
N VAL F 287 -16.74 21.52 -14.75
CA VAL F 287 -18.19 21.71 -14.60
C VAL F 287 -18.94 21.80 -15.94
N GLU F 288 -18.39 22.54 -16.89
CA GLU F 288 -19.04 22.64 -18.18
C GLU F 288 -18.91 21.34 -18.96
N GLN F 289 -17.78 20.66 -18.80
CA GLN F 289 -17.58 19.38 -19.49
C GLN F 289 -18.43 18.27 -18.91
N ALA F 290 -18.69 18.30 -17.60
CA ALA F 290 -19.57 17.31 -16.98
C ALA F 290 -21.02 17.53 -17.42
N HIS F 291 -21.38 18.79 -17.59
CA HIS F 291 -22.70 19.15 -18.09
C HIS F 291 -22.87 18.65 -19.53
N PHE F 292 -21.87 18.94 -20.35
CA PHE F 292 -21.82 18.49 -21.74
C PHE F 292 -21.88 16.96 -21.82
N ALA F 293 -21.12 16.30 -20.96
CA ALA F 293 -20.98 14.85 -20.97
C ALA F 293 -22.30 14.13 -20.69
N LEU F 294 -23.14 14.74 -19.87
CA LEU F 294 -24.43 14.13 -19.53
C LEU F 294 -25.56 14.62 -20.44
N PHE F 295 -25.66 15.92 -20.62
CA PHE F 295 -26.84 16.51 -21.26
C PHE F 295 -26.82 16.51 -22.79
N PHE F 296 -25.66 16.31 -23.40
CA PHE F 296 -25.57 16.34 -24.86
C PHE F 296 -26.60 15.43 -25.53
N ASN F 297 -27.19 15.92 -26.61
CA ASN F 297 -28.18 15.17 -27.37
C ASN F 297 -29.36 14.73 -26.49
N GLN F 298 -29.82 15.64 -25.63
CA GLN F 298 -30.93 15.34 -24.74
C GLN F 298 -30.62 14.12 -23.86
N GLY F 299 -29.34 13.95 -23.55
CA GLY F 299 -28.89 12.82 -22.74
C GLY F 299 -28.94 11.51 -23.50
N GLN F 300 -29.29 11.59 -24.78
CA GLN F 300 -29.48 10.41 -25.61
C GLN F 300 -28.19 9.97 -26.29
N CYS F 301 -27.21 9.59 -25.46
CA CYS F 301 -25.94 8.98 -25.91
C CYS F 301 -25.64 7.79 -25.03
N SER F 302 -25.22 6.68 -25.63
CA SER F 302 -24.91 5.50 -24.81
C SER F 302 -23.70 5.76 -23.93
N CYS F 303 -22.84 6.69 -24.35
CA CYS F 303 -21.61 6.99 -23.65
C CYS F 303 -21.74 8.20 -22.71
N ALA F 304 -22.96 8.65 -22.48
CA ALA F 304 -23.21 9.78 -21.60
C ALA F 304 -22.54 9.58 -20.25
N GLY F 305 -21.94 10.66 -19.72
CA GLY F 305 -21.34 10.62 -18.39
C GLY F 305 -22.41 10.61 -17.32
N SER F 306 -23.01 9.45 -17.10
CA SER F 306 -24.18 9.34 -16.24
C SER F 306 -23.86 9.03 -14.79
N ARG F 307 -22.58 8.80 -14.49
CA ARG F 307 -22.12 8.72 -13.10
C ARG F 307 -20.98 9.73 -12.89
N THR F 308 -21.33 10.90 -12.38
CA THR F 308 -20.36 11.97 -12.19
C THR F 308 -19.74 11.86 -10.79
N PHE F 309 -18.60 11.17 -10.69
CA PHE F 309 -17.89 10.99 -9.42
C PHE F 309 -17.06 12.24 -9.13
N VAL F 310 -17.28 12.84 -7.96
CA VAL F 310 -16.53 14.04 -7.60
C VAL F 310 -15.84 13.92 -6.23
N GLN F 311 -14.55 14.25 -6.19
CA GLN F 311 -13.75 14.16 -4.96
C GLN F 311 -14.33 15.06 -3.86
N GLU F 312 -14.39 14.54 -2.65
CA GLU F 312 -15.12 15.16 -1.55
C GLU F 312 -14.72 16.60 -1.20
N ASP F 313 -13.49 16.97 -1.54
CA ASP F 313 -12.99 18.30 -1.19
C ASP F 313 -13.57 19.42 -2.07
N ILE F 314 -13.93 19.07 -3.30
CA ILE F 314 -14.52 20.06 -4.21
C ILE F 314 -15.98 19.76 -4.55
N TYR F 315 -16.52 18.72 -3.90
CA TYR F 315 -17.87 18.23 -4.18
C TYR F 315 -18.98 19.28 -4.03
N ASP F 316 -19.03 19.97 -2.88
CA ASP F 316 -20.09 20.94 -2.65
C ASP F 316 -20.09 22.04 -3.71
N GLU F 317 -18.92 22.58 -4.00
CA GLU F 317 -18.79 23.61 -5.02
C GLU F 317 -19.26 23.05 -6.35
N PHE F 318 -18.76 21.87 -6.70
CA PHE F 318 -19.08 21.27 -7.99
C PHE F 318 -20.59 21.12 -8.17
N VAL F 319 -21.28 20.71 -7.12
CA VAL F 319 -22.73 20.52 -7.17
C VAL F 319 -23.45 21.84 -7.41
N GLU F 320 -23.08 22.88 -6.66
CA GLU F 320 -23.62 24.22 -6.87
C GLU F 320 -23.59 24.62 -8.34
N ARG F 321 -22.37 24.67 -8.88
CA ARG F 321 -22.13 25.13 -10.24
C ARG F 321 -22.90 24.28 -11.24
N SER F 322 -22.88 22.98 -11.03
CA SER F 322 -23.57 22.04 -11.92
C SER F 322 -25.08 22.31 -11.90
N VAL F 323 -25.64 22.50 -10.70
CA VAL F 323 -27.05 22.80 -10.56
C VAL F 323 -27.39 24.14 -11.19
N ALA F 324 -26.52 25.13 -10.98
CA ALA F 324 -26.69 26.43 -11.59
C ALA F 324 -26.76 26.27 -13.11
N ARG F 325 -25.79 25.55 -13.66
CA ARG F 325 -25.68 25.35 -15.10
C ARG F 325 -26.89 24.58 -15.65
N ALA F 326 -27.36 23.59 -14.88
CA ALA F 326 -28.50 22.79 -15.31
C ALA F 326 -29.76 23.65 -15.39
N LYS F 327 -29.93 24.54 -14.40
CA LYS F 327 -31.09 25.41 -14.37
C LYS F 327 -31.09 26.43 -15.50
N SER F 328 -29.91 26.81 -15.97
CA SER F 328 -29.80 27.83 -17.01
C SER F 328 -29.85 27.22 -18.42
N ARG F 329 -29.90 25.90 -18.51
CA ARG F 329 -29.95 25.22 -19.80
C ARG F 329 -31.28 25.48 -20.50
N VAL F 330 -31.20 26.06 -21.71
CA VAL F 330 -32.41 26.45 -22.45
C VAL F 330 -33.06 25.27 -23.16
N VAL F 331 -34.34 25.06 -22.87
CA VAL F 331 -35.11 23.98 -23.46
C VAL F 331 -36.19 24.58 -24.34
N GLY F 332 -36.36 24.07 -25.55
CA GLY F 332 -37.39 24.60 -26.42
C GLY F 332 -37.31 24.17 -27.88
N ASN F 333 -37.95 24.95 -28.75
CA ASN F 333 -37.97 24.69 -30.18
C ASN F 333 -36.57 24.49 -30.73
N PRO F 334 -36.25 23.24 -31.13
CA PRO F 334 -34.92 22.88 -31.63
C PRO F 334 -34.45 23.74 -32.81
N PHE F 335 -35.38 24.36 -33.53
CA PHE F 335 -35.00 25.19 -34.68
C PHE F 335 -34.58 26.59 -34.25
N ASP F 336 -34.78 26.92 -32.97
CA ASP F 336 -34.42 28.21 -32.41
C ASP F 336 -32.96 28.16 -31.97
N SER F 337 -32.19 29.17 -32.39
CA SER F 337 -30.74 29.18 -32.16
C SER F 337 -30.34 29.23 -30.68
N LYS F 338 -31.26 29.67 -29.82
CA LYS F 338 -30.98 29.76 -28.39
C LYS F 338 -31.26 28.45 -27.66
N THR F 339 -31.96 27.54 -28.31
CA THR F 339 -32.30 26.24 -27.72
C THR F 339 -31.05 25.36 -27.58
N GLU F 340 -30.80 24.86 -26.38
CA GLU F 340 -29.67 23.97 -26.13
C GLU F 340 -30.14 22.51 -26.09
N GLN F 341 -31.40 22.33 -25.72
CA GLN F 341 -31.97 21.00 -25.54
C GLN F 341 -33.36 20.87 -26.17
N GLY F 342 -33.50 19.97 -27.12
CA GLY F 342 -34.78 19.73 -27.75
C GLY F 342 -35.62 18.77 -26.94
N PRO F 343 -36.60 18.11 -27.59
CA PRO F 343 -37.45 17.11 -26.92
C PRO F 343 -36.77 15.74 -26.94
N GLN F 344 -37.31 14.81 -26.16
CA GLN F 344 -36.88 13.42 -26.26
C GLN F 344 -37.49 12.81 -27.53
N VAL F 345 -36.98 11.67 -27.96
CA VAL F 345 -37.29 11.19 -29.29
C VAL F 345 -38.75 10.78 -29.46
N ASP F 346 -39.35 10.20 -28.42
CA ASP F 346 -40.73 9.74 -28.55
C ASP F 346 -41.43 9.51 -27.22
N GLU F 347 -42.69 9.11 -27.29
CA GLU F 347 -43.50 8.89 -26.09
C GLU F 347 -42.87 7.86 -25.17
N THR F 348 -42.51 6.70 -25.72
CA THR F 348 -41.92 5.64 -24.91
C THR F 348 -40.77 6.13 -24.05
N GLN F 349 -39.79 6.78 -24.69
CA GLN F 349 -38.62 7.32 -23.98
C GLN F 349 -39.00 8.39 -22.96
N PHE F 350 -39.89 9.29 -23.38
CA PHE F 350 -40.46 10.32 -22.52
C PHE F 350 -40.95 9.69 -21.22
N LYS F 351 -41.85 8.72 -21.35
CA LYS F 351 -42.44 8.02 -20.21
C LYS F 351 -41.37 7.32 -19.39
N LYS F 352 -40.45 6.67 -20.08
CA LYS F 352 -39.41 5.88 -19.42
C LYS F 352 -38.47 6.73 -18.56
N ILE F 353 -38.11 7.90 -19.07
CA ILE F 353 -37.27 8.85 -18.33
C ILE F 353 -38.00 9.38 -17.11
N LEU F 354 -39.25 9.79 -17.29
CA LEU F 354 -40.04 10.28 -16.17
C LEU F 354 -40.08 9.21 -15.07
N GLY F 355 -40.23 7.96 -15.50
CA GLY F 355 -40.20 6.81 -14.60
C GLY F 355 -38.89 6.61 -13.83
N TYR F 356 -37.75 6.89 -14.46
CA TYR F 356 -36.46 6.82 -13.76
C TYR F 356 -36.34 7.98 -12.78
N ILE F 357 -36.87 9.14 -13.15
CA ILE F 357 -36.88 10.29 -12.25
C ILE F 357 -37.71 9.96 -11.00
N ASN F 358 -38.88 9.37 -11.19
CA ASN F 358 -39.70 8.89 -10.08
C ASN F 358 -38.91 7.95 -9.16
N THR F 359 -38.25 6.98 -9.77
CA THR F 359 -37.46 5.99 -9.04
C THR F 359 -36.36 6.64 -8.18
N GLY F 360 -35.63 7.58 -8.76
CA GLY F 360 -34.62 8.32 -8.03
C GLY F 360 -35.18 8.98 -6.80
N LYS F 361 -36.37 9.56 -6.93
CA LYS F 361 -37.05 10.21 -5.81
C LYS F 361 -37.49 9.19 -4.76
N GLN F 362 -38.03 8.08 -5.23
CA GLN F 362 -38.51 7.02 -4.34
C GLN F 362 -37.40 6.46 -3.46
N GLU F 363 -36.22 6.28 -4.05
CA GLU F 363 -35.11 5.62 -3.38
C GLU F 363 -34.23 6.57 -2.56
N GLY F 364 -34.65 7.83 -2.50
CA GLY F 364 -34.06 8.78 -1.58
C GLY F 364 -32.89 9.60 -2.09
N ALA F 365 -32.75 9.69 -3.41
CA ALA F 365 -31.75 10.58 -3.99
C ALA F 365 -32.27 12.01 -3.95
N LYS F 366 -31.38 12.96 -3.70
CA LYS F 366 -31.77 14.37 -3.54
C LYS F 366 -32.00 15.07 -4.89
N LEU F 367 -33.25 15.36 -5.21
CA LEU F 367 -33.58 16.09 -6.44
C LEU F 367 -33.19 17.56 -6.27
N LEU F 368 -32.10 17.95 -6.94
CA LEU F 368 -31.55 19.29 -6.76
C LEU F 368 -32.13 20.30 -7.74
N CYS F 369 -32.60 19.81 -8.89
CA CYS F 369 -33.31 20.65 -9.84
C CYS F 369 -34.07 19.84 -10.90
N GLY F 370 -34.91 20.52 -11.67
CA GLY F 370 -35.72 19.88 -12.69
C GLY F 370 -36.67 18.87 -12.11
N GLY F 371 -36.80 17.73 -12.78
CA GLY F 371 -37.60 16.62 -12.27
C GLY F 371 -38.91 16.35 -12.98
N GLY F 372 -39.31 17.20 -13.91
CA GLY F 372 -40.60 17.04 -14.55
C GLY F 372 -40.68 17.45 -16.00
N ILE F 373 -41.91 17.58 -16.50
CA ILE F 373 -42.15 18.02 -17.87
C ILE F 373 -41.78 19.50 -18.01
N ALA F 374 -41.22 19.86 -19.17
CA ALA F 374 -40.71 21.20 -19.38
C ALA F 374 -41.56 21.99 -20.37
N ALA F 375 -42.55 21.32 -20.95
CA ALA F 375 -43.39 21.95 -21.97
C ALA F 375 -44.74 21.25 -22.06
N ASP F 376 -45.77 21.99 -22.41
CA ASP F 376 -47.12 21.42 -22.49
C ASP F 376 -47.33 20.65 -23.79
N ARG F 377 -46.40 20.77 -24.71
CA ARG F 377 -46.49 20.05 -25.99
C ARG F 377 -45.09 19.63 -26.45
N GLY F 378 -44.98 18.41 -26.98
CA GLY F 378 -43.68 17.83 -27.30
C GLY F 378 -43.08 17.10 -26.12
N TYR F 379 -42.17 16.17 -26.38
CA TYR F 379 -41.63 15.33 -25.32
C TYR F 379 -40.46 15.98 -24.57
N PHE F 380 -40.69 17.22 -24.13
CA PHE F 380 -39.68 17.97 -23.40
C PHE F 380 -39.67 17.63 -21.91
N ILE F 381 -38.48 17.40 -21.37
CA ILE F 381 -38.27 17.09 -19.96
C ILE F 381 -37.22 18.03 -19.38
N GLN F 382 -37.48 18.55 -18.18
CA GLN F 382 -36.53 19.44 -17.52
C GLN F 382 -35.16 18.81 -17.29
N PRO F 383 -34.09 19.56 -17.55
CA PRO F 383 -32.75 19.11 -17.15
C PRO F 383 -32.75 18.81 -15.64
N THR F 384 -32.38 17.58 -15.29
CA THR F 384 -32.56 17.10 -13.92
C THR F 384 -31.24 16.72 -13.27
N VAL F 385 -31.08 17.07 -12.00
CA VAL F 385 -29.87 16.73 -11.26
C VAL F 385 -30.20 16.06 -9.91
N PHE F 386 -29.55 14.92 -9.64
CA PHE F 386 -29.63 14.27 -8.34
C PHE F 386 -28.29 14.31 -7.62
N GLY F 387 -28.31 14.67 -6.33
CA GLY F 387 -27.09 14.73 -5.56
C GLY F 387 -26.98 13.60 -4.56
N ASP F 388 -25.77 13.40 -4.04
CA ASP F 388 -25.49 12.35 -3.04
C ASP F 388 -26.00 10.98 -3.50
N VAL F 389 -25.89 10.72 -4.79
CA VAL F 389 -26.30 9.44 -5.33
C VAL F 389 -25.42 8.32 -4.77
N GLN F 390 -26.03 7.17 -4.50
CA GLN F 390 -25.31 6.02 -3.96
C GLN F 390 -25.22 4.93 -5.02
N ASP F 391 -24.11 4.20 -5.01
CA ASP F 391 -23.86 3.15 -5.99
C ASP F 391 -25.04 2.20 -6.17
N GLY F 392 -25.77 1.92 -5.09
CA GLY F 392 -26.82 0.92 -5.10
C GLY F 392 -28.15 1.37 -5.69
N MET F 393 -28.27 2.67 -5.94
CA MET F 393 -29.53 3.24 -6.43
C MET F 393 -29.76 2.90 -7.89
N THR F 394 -31.02 2.67 -8.25
CA THR F 394 -31.39 2.35 -9.62
C THR F 394 -30.87 3.37 -10.63
N ILE F 395 -30.95 4.66 -10.30
CA ILE F 395 -30.50 5.70 -11.21
C ILE F 395 -28.97 5.74 -11.32
N ALA F 396 -28.29 4.94 -10.49
CA ALA F 396 -26.83 4.85 -10.53
C ALA F 396 -26.39 3.63 -11.32
N LYS F 397 -27.33 2.74 -11.61
CA LYS F 397 -27.02 1.45 -12.22
C LYS F 397 -27.58 1.30 -13.63
N GLU F 398 -28.77 1.82 -13.88
CA GLU F 398 -29.43 1.63 -15.17
C GLU F 398 -29.33 2.85 -16.06
N GLU F 399 -29.17 2.61 -17.35
CA GLU F 399 -29.11 3.67 -18.35
C GLU F 399 -30.45 4.38 -18.47
N ILE F 400 -30.44 5.68 -18.19
CA ILE F 400 -31.65 6.49 -18.26
C ILE F 400 -31.89 7.00 -19.68
N PHE F 401 -30.81 7.42 -20.35
CA PHE F 401 -30.89 7.91 -21.73
C PHE F 401 -31.72 9.20 -21.81
N GLY F 402 -31.62 10.03 -20.77
CA GLY F 402 -32.31 11.30 -20.71
C GLY F 402 -31.50 12.34 -19.95
N PRO F 403 -32.06 13.57 -19.84
CA PRO F 403 -31.38 14.69 -19.19
C PRO F 403 -31.46 14.55 -17.68
N VAL F 404 -30.92 13.45 -17.17
CA VAL F 404 -30.92 13.18 -15.74
C VAL F 404 -29.49 12.92 -15.23
N MET F 405 -29.02 13.81 -14.37
CA MET F 405 -27.63 13.79 -13.93
C MET F 405 -27.48 13.17 -12.54
N GLN F 406 -26.50 12.26 -12.40
CA GLN F 406 -26.17 11.64 -11.13
C GLN F 406 -24.82 12.13 -10.64
N ILE F 407 -24.79 12.71 -9.45
CA ILE F 407 -23.51 13.12 -8.86
C ILE F 407 -23.18 12.34 -7.58
N LEU F 408 -21.97 11.82 -7.52
CA LEU F 408 -21.53 10.95 -6.43
C LEU F 408 -20.25 11.47 -5.77
N LYS F 409 -20.10 11.17 -4.50
CA LYS F 409 -18.97 11.66 -3.72
C LYS F 409 -17.98 10.52 -3.50
N PHE F 410 -16.70 10.81 -3.68
CA PHE F 410 -15.67 9.82 -3.38
C PHE F 410 -14.47 10.46 -2.67
N LYS F 411 -13.61 9.62 -2.11
CA LYS F 411 -12.48 10.12 -1.33
C LYS F 411 -11.13 9.85 -1.99
N THR F 412 -10.84 8.59 -2.27
CA THR F 412 -9.53 8.21 -2.78
C THR F 412 -9.59 7.72 -4.22
N ILE F 413 -8.44 7.71 -4.90
CA ILE F 413 -8.37 7.31 -6.30
C ILE F 413 -8.58 5.80 -6.43
N GLU F 414 -8.16 5.06 -5.42
CA GLU F 414 -8.34 3.61 -5.40
C GLU F 414 -9.81 3.26 -5.21
N GLU F 415 -10.46 3.98 -4.31
CA GLU F 415 -11.88 3.80 -4.07
C GLU F 415 -12.69 4.00 -5.34
N VAL F 416 -12.44 5.11 -6.04
CA VAL F 416 -13.23 5.47 -7.21
C VAL F 416 -12.97 4.55 -8.40
N VAL F 417 -11.73 4.10 -8.55
CA VAL F 417 -11.42 3.10 -9.57
C VAL F 417 -12.33 1.88 -9.36
N GLY F 418 -12.41 1.41 -8.13
CA GLY F 418 -13.25 0.27 -7.81
C GLY F 418 -14.71 0.52 -8.12
N ARG F 419 -15.19 1.71 -7.77
CA ARG F 419 -16.60 2.04 -7.90
C ARG F 419 -17.01 2.25 -9.36
N ALA F 420 -16.17 2.94 -10.11
CA ALA F 420 -16.41 3.19 -11.53
C ALA F 420 -16.46 1.86 -12.30
N ASN F 421 -15.57 0.94 -11.94
CA ASN F 421 -15.47 -0.35 -12.64
C ASN F 421 -16.53 -1.34 -12.18
N ASN F 422 -17.24 -1.00 -11.11
CA ASN F 422 -18.32 -1.86 -10.63
C ASN F 422 -19.57 -1.59 -11.45
N SER F 423 -19.65 -2.23 -12.60
CA SER F 423 -20.73 -2.03 -13.53
C SER F 423 -20.62 -3.10 -14.60
N THR F 424 -21.75 -3.53 -15.14
CA THR F 424 -21.74 -4.49 -16.25
C THR F 424 -21.60 -3.73 -17.57
N TYR F 425 -21.59 -2.41 -17.49
CA TYR F 425 -21.36 -1.57 -18.65
C TYR F 425 -19.88 -1.17 -18.72
N GLY F 426 -19.38 -0.89 -19.92
CA GLY F 426 -18.00 -0.46 -20.10
C GLY F 426 -17.72 0.27 -21.41
N LEU F 427 -18.63 1.17 -21.79
CA LEU F 427 -18.51 1.88 -23.05
C LEU F 427 -17.47 2.99 -23.00
N ALA F 428 -17.62 3.92 -22.06
CA ALA F 428 -16.70 5.03 -21.96
C ALA F 428 -16.46 5.44 -20.51
N ALA F 429 -15.48 6.32 -20.31
CA ALA F 429 -15.18 6.88 -19.01
C ALA F 429 -14.34 8.14 -19.23
N ALA F 430 -14.27 8.99 -18.21
CA ALA F 430 -13.50 10.22 -18.33
C ALA F 430 -12.78 10.52 -17.03
N VAL F 431 -11.63 11.19 -17.14
CA VAL F 431 -10.86 11.61 -15.98
C VAL F 431 -10.54 13.09 -16.08
N PHE F 432 -10.79 13.84 -15.00
CA PHE F 432 -10.43 15.25 -14.96
C PHE F 432 -9.41 15.53 -13.86
N THR F 433 -8.21 15.91 -14.28
CA THR F 433 -7.09 16.10 -13.36
C THR F 433 -5.95 16.81 -14.09
N LYS F 434 -5.13 17.53 -13.32
CA LYS F 434 -3.96 18.22 -13.87
C LYS F 434 -2.71 17.37 -13.69
N ASP F 435 -2.85 16.24 -13.02
CA ASP F 435 -1.70 15.44 -12.60
C ASP F 435 -1.37 14.31 -13.57
N LEU F 436 -0.17 14.36 -14.15
CA LEU F 436 0.29 13.33 -15.08
C LEU F 436 0.10 11.91 -14.55
N ASP F 437 0.59 11.65 -13.35
CA ASP F 437 0.56 10.30 -12.78
C ASP F 437 -0.86 9.80 -12.54
N LYS F 438 -1.74 10.67 -12.07
CA LYS F 438 -3.13 10.29 -11.84
C LYS F 438 -3.81 9.95 -13.16
N ALA F 439 -3.52 10.76 -14.18
CA ALA F 439 -4.12 10.57 -15.49
C ALA F 439 -3.75 9.20 -16.05
N ASN F 440 -2.48 8.85 -15.98
CA ASN F 440 -2.02 7.56 -16.47
C ASN F 440 -2.52 6.37 -15.65
N TYR F 441 -2.53 6.52 -14.32
CA TYR F 441 -3.00 5.47 -13.44
C TYR F 441 -4.47 5.15 -13.73
N LEU F 442 -5.25 6.21 -13.96
CA LEU F 442 -6.67 6.06 -14.23
C LEU F 442 -6.97 5.54 -15.64
N SER F 443 -6.36 6.14 -16.65
CA SER F 443 -6.65 5.75 -18.02
C SER F 443 -6.39 4.25 -18.19
N GLN F 444 -5.38 3.75 -17.49
CA GLN F 444 -5.07 2.32 -17.53
C GLN F 444 -6.06 1.49 -16.72
N ALA F 445 -6.33 1.91 -15.49
CA ALA F 445 -7.18 1.15 -14.57
C ALA F 445 -8.65 1.03 -14.97
N LEU F 446 -9.19 2.11 -15.55
CA LEU F 446 -10.60 2.12 -15.91
C LEU F 446 -10.95 1.11 -17.00
N GLN F 447 -11.96 0.29 -16.71
CA GLN F 447 -12.39 -0.76 -17.62
C GLN F 447 -13.44 -0.24 -18.60
N ALA F 448 -13.00 0.61 -19.52
CA ALA F 448 -13.88 1.15 -20.53
C ALA F 448 -13.19 1.15 -21.90
N GLY F 449 -13.98 1.13 -22.97
CA GLY F 449 -13.46 1.10 -24.31
C GLY F 449 -12.83 2.40 -24.75
N THR F 450 -13.32 3.51 -24.21
CA THR F 450 -12.74 4.83 -24.45
C THR F 450 -12.57 5.57 -23.13
N VAL F 451 -11.37 6.11 -22.92
CA VAL F 451 -11.13 6.94 -21.75
C VAL F 451 -10.71 8.34 -22.18
N TRP F 452 -11.53 9.34 -21.84
CA TRP F 452 -11.21 10.72 -22.14
C TRP F 452 -10.48 11.40 -20.99
N VAL F 453 -9.48 12.20 -21.29
CA VAL F 453 -8.74 12.89 -20.25
C VAL F 453 -8.89 14.40 -20.42
N ASN F 454 -9.53 15.02 -19.43
CA ASN F 454 -9.82 16.46 -19.46
C ASN F 454 -10.69 16.90 -20.64
N CYS F 455 -11.46 15.94 -21.15
CA CYS F 455 -12.48 16.21 -22.16
C CYS F 455 -13.57 15.12 -22.13
N TYR F 456 -14.53 15.22 -23.03
CA TYR F 456 -15.59 14.21 -23.12
C TYR F 456 -16.22 14.23 -24.50
N ASP F 457 -16.75 13.07 -24.92
CA ASP F 457 -17.47 12.97 -26.18
C ASP F 457 -16.64 13.44 -27.38
N VAL F 458 -15.33 13.23 -27.28
CA VAL F 458 -14.43 13.60 -28.36
C VAL F 458 -14.27 12.41 -29.27
N PHE F 459 -14.95 12.47 -30.42
CA PHE F 459 -14.87 11.42 -31.41
C PHE F 459 -14.11 11.94 -32.63
N GLY F 460 -13.46 11.03 -33.34
CA GLY F 460 -12.87 11.33 -34.62
C GLY F 460 -13.11 10.13 -35.50
N ALA F 461 -13.16 10.33 -36.81
CA ALA F 461 -13.26 9.19 -37.71
C ALA F 461 -12.05 8.29 -37.50
N GLN F 462 -10.95 8.88 -37.04
CA GLN F 462 -9.69 8.17 -36.90
C GLN F 462 -9.61 7.30 -35.64
N SER F 463 -10.39 7.65 -34.62
CA SER F 463 -10.30 6.94 -33.34
C SER F 463 -11.40 5.91 -33.15
N PRO F 464 -11.01 4.65 -32.87
CA PRO F 464 -11.98 3.58 -32.68
C PRO F 464 -12.89 3.83 -31.47
N PHE F 465 -14.11 3.31 -31.56
CA PHE F 465 -15.10 3.46 -30.48
C PHE F 465 -15.85 2.16 -30.32
N GLY F 466 -16.00 1.70 -29.08
CA GLY F 466 -16.73 0.47 -28.81
C GLY F 466 -16.75 0.14 -27.33
N GLY F 467 -17.51 -0.88 -26.96
CA GLY F 467 -17.67 -1.21 -25.56
C GLY F 467 -16.88 -2.40 -25.02
N TYR F 468 -16.67 -2.38 -23.71
CA TYR F 468 -16.20 -3.52 -22.95
C TYR F 468 -17.41 -4.21 -22.34
N LYS F 469 -17.20 -5.37 -21.73
CA LYS F 469 -18.28 -6.04 -21.01
C LYS F 469 -19.58 -6.09 -21.82
N MET F 470 -20.67 -5.61 -21.21
CA MET F 470 -22.00 -5.69 -21.82
C MET F 470 -22.36 -4.45 -22.64
N SER F 471 -21.40 -3.55 -22.83
CA SER F 471 -21.63 -2.35 -23.62
C SER F 471 -21.43 -2.61 -25.12
N GLY F 472 -21.03 -3.83 -25.45
CA GLY F 472 -20.87 -4.21 -26.83
C GLY F 472 -19.64 -5.06 -27.10
N SER F 473 -19.46 -5.39 -28.37
CA SER F 473 -18.34 -6.22 -28.83
C SER F 473 -17.99 -5.77 -30.24
N GLY F 474 -16.78 -5.24 -30.40
CA GLY F 474 -16.37 -4.69 -31.68
C GLY F 474 -16.12 -3.20 -31.59
N ARG F 475 -15.37 -2.69 -32.56
CA ARG F 475 -14.99 -1.28 -32.59
C ARG F 475 -15.44 -0.64 -33.90
N GLU F 476 -15.92 0.59 -33.80
CA GLU F 476 -16.22 1.36 -35.00
C GLU F 476 -15.24 2.50 -35.14
N LEU F 477 -15.08 2.99 -36.37
CA LEU F 477 -14.14 4.06 -36.70
C LEU F 477 -12.68 3.60 -36.69
N GLY F 478 -11.83 4.45 -37.27
CA GLY F 478 -10.43 4.13 -37.45
C GLY F 478 -10.19 2.93 -38.35
N GLU F 479 -8.94 2.49 -38.41
CA GLU F 479 -8.56 1.29 -39.15
C GLU F 479 -9.27 0.06 -38.58
N TYR F 480 -9.53 0.07 -37.28
CA TYR F 480 -10.19 -1.05 -36.61
C TYR F 480 -11.57 -1.35 -37.17
N GLY F 481 -12.27 -0.30 -37.61
CA GLY F 481 -13.61 -0.47 -38.15
C GLY F 481 -13.63 -1.27 -39.44
N LEU F 482 -12.44 -1.49 -40.02
CA LEU F 482 -12.32 -2.21 -41.28
C LEU F 482 -12.27 -3.73 -41.06
N GLN F 483 -11.77 -4.14 -39.89
CA GLN F 483 -11.61 -5.55 -39.58
C GLN F 483 -12.93 -6.32 -39.56
N ALA F 484 -13.98 -5.69 -39.02
CA ALA F 484 -15.26 -6.36 -38.89
C ALA F 484 -15.94 -6.58 -40.24
N TYR F 485 -15.37 -5.97 -41.28
CA TYR F 485 -15.98 -6.01 -42.60
C TYR F 485 -15.09 -6.70 -43.64
N THR F 486 -14.00 -7.30 -43.16
CA THR F 486 -13.10 -8.02 -44.03
C THR F 486 -13.09 -9.51 -43.68
N LYS F 487 -12.81 -10.33 -44.69
CA LYS F 487 -12.67 -11.76 -44.54
C LYS F 487 -11.30 -12.12 -45.08
N VAL F 488 -10.52 -12.84 -44.28
CA VAL F 488 -9.16 -13.18 -44.67
C VAL F 488 -9.09 -14.53 -45.38
N LYS F 489 -8.53 -14.54 -46.58
CA LYS F 489 -8.26 -15.78 -47.29
C LYS F 489 -6.76 -16.03 -47.37
N THR F 490 -6.32 -17.23 -47.02
CA THR F 490 -4.92 -17.56 -47.19
C THR F 490 -4.72 -18.34 -48.48
N VAL F 491 -3.81 -17.85 -49.32
CA VAL F 491 -3.39 -18.61 -50.50
C VAL F 491 -1.94 -19.05 -50.35
N THR F 492 -1.72 -20.36 -50.38
CA THR F 492 -0.39 -20.93 -50.20
C THR F 492 0.04 -21.74 -51.41
N VAL F 493 1.09 -21.29 -52.07
CA VAL F 493 1.49 -21.84 -53.35
C VAL F 493 2.82 -22.58 -53.25
N LYS F 494 2.87 -23.81 -53.75
CA LYS F 494 4.14 -24.52 -53.86
C LYS F 494 5.07 -23.78 -54.82
N VAL F 495 6.32 -23.59 -54.42
CA VAL F 495 7.32 -22.98 -55.31
C VAL F 495 8.54 -23.88 -55.48
N PRO F 496 9.24 -23.75 -56.63
CA PRO F 496 10.44 -24.54 -56.90
C PRO F 496 11.41 -24.51 -55.73
N GLN F 497 11.85 -23.31 -55.33
CA GLN F 497 12.77 -23.17 -54.22
C GLN F 497 12.65 -21.83 -53.51
N LYS F 498 12.15 -21.86 -52.28
CA LYS F 498 12.01 -20.66 -51.45
C LYS F 498 13.36 -20.08 -51.07
N ASN F 499 13.53 -18.79 -51.33
CA ASN F 499 14.69 -18.02 -50.90
C ASN F 499 14.22 -16.75 -50.20
N SER F 500 15.05 -16.23 -49.30
CA SER F 500 14.68 -15.03 -48.55
C SER F 500 14.63 -13.81 -49.47
N ALA G 7 23.00 -9.56 -6.55
CA ALA G 7 23.60 -10.89 -6.62
C ALA G 7 24.41 -11.08 -7.91
N VAL G 8 25.62 -10.53 -7.92
CA VAL G 8 26.51 -10.61 -9.07
C VAL G 8 27.68 -11.54 -8.74
N PRO G 9 27.93 -12.55 -9.59
CA PRO G 9 29.04 -13.48 -9.34
C PRO G 9 30.36 -12.72 -9.29
N ALA G 10 31.28 -13.12 -8.41
CA ALA G 10 32.57 -12.45 -8.30
C ALA G 10 33.31 -12.57 -9.63
N PRO G 11 33.95 -11.47 -10.07
CA PRO G 11 34.58 -11.41 -11.38
C PRO G 11 35.98 -12.03 -11.39
N ASN G 12 36.35 -12.66 -12.50
CA ASN G 12 37.76 -12.95 -12.77
C ASN G 12 38.39 -11.64 -13.20
N GLN G 13 39.18 -11.04 -12.31
CA GLN G 13 39.73 -9.71 -12.55
C GLN G 13 40.75 -9.69 -13.69
N GLN G 14 41.16 -10.87 -14.13
CA GLN G 14 42.07 -11.00 -15.27
C GLN G 14 41.65 -12.16 -16.15
N PRO G 15 40.54 -12.00 -16.89
CA PRO G 15 40.04 -13.11 -17.70
C PRO G 15 40.98 -13.46 -18.84
N GLU G 16 40.98 -14.73 -19.23
CA GLU G 16 41.80 -15.21 -20.35
C GLU G 16 41.21 -14.75 -21.68
N VAL G 17 42.07 -14.48 -22.66
CA VAL G 17 41.63 -14.11 -24.00
C VAL G 17 41.69 -15.30 -24.95
N PHE G 18 40.56 -15.65 -25.56
CA PHE G 18 40.46 -16.85 -26.39
C PHE G 18 40.41 -16.55 -27.88
N CYS G 19 39.98 -15.34 -28.22
CA CYS G 19 39.84 -14.92 -29.61
C CYS G 19 40.49 -13.57 -29.86
N ASN G 20 41.44 -13.53 -30.78
CA ASN G 20 42.15 -12.29 -31.09
C ASN G 20 42.56 -12.19 -32.57
N GLN G 21 41.77 -12.83 -33.43
CA GLN G 21 42.06 -12.81 -34.86
C GLN G 21 40.94 -12.22 -35.71
N ILE G 22 40.99 -12.49 -37.01
CA ILE G 22 39.92 -12.07 -37.92
C ILE G 22 38.95 -13.25 -38.16
N PHE G 23 37.66 -12.96 -38.12
CA PHE G 23 36.62 -14.00 -38.19
C PHE G 23 35.94 -13.99 -39.54
N ILE G 24 36.26 -14.98 -40.37
CA ILE G 24 35.68 -15.08 -41.71
C ILE G 24 35.31 -16.53 -42.00
N ASN G 25 34.11 -16.73 -42.55
CA ASN G 25 33.63 -18.08 -42.83
C ASN G 25 33.74 -18.99 -41.60
N ASN G 26 33.37 -18.44 -40.45
CA ASN G 26 33.42 -19.17 -39.17
C ASN G 26 34.80 -19.70 -38.79
N GLU G 27 35.84 -19.07 -39.32
CA GLU G 27 37.23 -19.46 -39.04
C GLU G 27 38.04 -18.27 -38.56
N TRP G 28 39.12 -18.54 -37.84
CA TRP G 28 40.00 -17.49 -37.35
C TRP G 28 41.24 -17.35 -38.22
N HIS G 29 41.48 -16.14 -38.70
CA HIS G 29 42.55 -15.86 -39.64
C HIS G 29 43.45 -14.75 -39.12
N ASP G 30 44.74 -14.85 -39.40
CA ASP G 30 45.62 -13.72 -39.19
C ASP G 30 45.39 -12.76 -40.35
N ALA G 31 45.76 -11.50 -40.17
CA ALA G 31 45.66 -10.53 -41.25
C ALA G 31 46.60 -10.97 -42.36
N VAL G 32 46.24 -10.65 -43.60
CA VAL G 32 47.12 -10.98 -44.71
C VAL G 32 48.55 -10.52 -44.42
N SER G 33 48.67 -9.36 -43.79
CA SER G 33 49.95 -8.75 -43.47
C SER G 33 50.59 -9.37 -42.23
N ARG G 34 49.79 -10.11 -41.48
CA ARG G 34 50.22 -10.71 -40.21
C ARG G 34 50.41 -9.67 -39.12
N LYS G 35 49.99 -8.44 -39.38
CA LYS G 35 50.09 -7.36 -38.39
C LYS G 35 49.12 -7.57 -37.25
N THR G 36 49.53 -7.13 -36.06
CA THR G 36 48.68 -7.10 -34.88
C THR G 36 48.77 -5.73 -34.25
N PHE G 37 47.84 -5.42 -33.35
CA PHE G 37 47.87 -4.15 -32.64
C PHE G 37 47.47 -4.39 -31.18
N PRO G 38 48.09 -3.66 -30.25
CA PRO G 38 47.82 -3.91 -28.84
C PRO G 38 46.48 -3.29 -28.44
N THR G 39 45.70 -4.01 -27.65
CA THR G 39 44.57 -3.39 -26.95
C THR G 39 44.94 -3.18 -25.49
N VAL G 40 44.49 -2.06 -24.94
CA VAL G 40 44.91 -1.61 -23.62
C VAL G 40 43.80 -1.69 -22.55
N ASN G 41 44.20 -1.95 -21.32
CA ASN G 41 43.28 -1.88 -20.18
C ASN G 41 43.31 -0.45 -19.65
N PRO G 42 42.22 0.30 -19.84
CA PRO G 42 42.23 1.73 -19.50
C PRO G 42 42.28 1.98 -17.98
N SER G 43 42.08 0.94 -17.18
CA SER G 43 42.16 1.06 -15.73
C SER G 43 43.61 1.02 -15.23
N THR G 44 44.51 0.45 -16.03
CA THR G 44 45.90 0.30 -15.63
C THR G 44 46.87 0.93 -16.64
N GLY G 45 46.38 1.11 -17.86
CA GLY G 45 47.19 1.65 -18.94
C GLY G 45 48.12 0.59 -19.51
N GLU G 46 47.92 -0.66 -19.13
CA GLU G 46 48.79 -1.74 -19.57
C GLU G 46 48.18 -2.56 -20.71
N VAL G 47 49.04 -3.12 -21.54
CA VAL G 47 48.59 -3.89 -22.70
C VAL G 47 47.96 -5.21 -22.27
N ILE G 48 46.76 -5.48 -22.75
CA ILE G 48 46.06 -6.72 -22.44
C ILE G 48 46.58 -7.85 -23.34
N CYS G 49 46.59 -7.59 -24.64
CA CYS G 49 47.10 -8.55 -25.61
C CYS G 49 47.24 -7.87 -26.96
N GLN G 50 47.54 -8.65 -27.99
CA GLN G 50 47.60 -8.15 -29.35
C GLN G 50 46.44 -8.73 -30.14
N VAL G 51 46.03 -8.04 -31.19
CA VAL G 51 44.88 -8.46 -31.99
C VAL G 51 45.20 -8.29 -33.48
N ALA G 52 44.78 -9.26 -34.30
CA ALA G 52 45.00 -9.17 -35.73
C ALA G 52 44.55 -7.81 -36.25
N GLU G 53 45.43 -7.13 -36.99
CA GLU G 53 45.11 -5.82 -37.55
C GLU G 53 44.61 -5.93 -38.98
N GLY G 54 43.30 -5.99 -39.16
CA GLY G 54 42.72 -6.13 -40.48
C GLY G 54 42.79 -4.86 -41.30
N ASP G 55 42.98 -5.02 -42.61
CA ASP G 55 43.04 -3.88 -43.52
C ASP G 55 42.21 -4.17 -44.77
N LYS G 56 42.44 -3.39 -45.82
CA LYS G 56 41.66 -3.47 -47.05
C LYS G 56 41.48 -4.90 -47.58
N GLU G 57 42.57 -5.65 -47.66
CA GLU G 57 42.54 -7.00 -48.20
C GLU G 57 41.71 -7.95 -47.34
N ASP G 58 41.81 -7.79 -46.03
CA ASP G 58 41.07 -8.64 -45.10
C ASP G 58 39.57 -8.39 -45.21
N VAL G 59 39.20 -7.12 -45.37
CA VAL G 59 37.83 -6.74 -45.64
C VAL G 59 37.34 -7.36 -46.96
N ASP G 60 38.17 -7.31 -47.99
CA ASP G 60 37.83 -7.91 -49.28
C ASP G 60 37.50 -9.38 -49.13
N LYS G 61 38.29 -10.08 -48.33
CA LYS G 61 38.05 -11.49 -48.04
C LYS G 61 36.70 -11.71 -47.36
N ALA G 62 36.40 -10.86 -46.38
CA ALA G 62 35.15 -10.96 -45.64
C ALA G 62 33.93 -10.65 -46.51
N VAL G 63 34.06 -9.64 -47.36
CA VAL G 63 32.96 -9.25 -48.24
C VAL G 63 32.65 -10.36 -49.23
N LYS G 64 33.70 -11.02 -49.73
CA LYS G 64 33.52 -12.14 -50.65
C LYS G 64 32.82 -13.29 -49.94
N ALA G 65 33.23 -13.56 -48.70
CA ALA G 65 32.60 -14.64 -47.94
C ALA G 65 31.12 -14.35 -47.68
N ALA G 66 30.84 -13.11 -47.28
CA ALA G 66 29.47 -12.65 -47.09
C ALA G 66 28.66 -12.81 -48.37
N ARG G 67 29.20 -12.30 -49.47
CA ARG G 67 28.52 -12.43 -50.77
C ARG G 67 28.22 -13.88 -51.13
N ALA G 68 29.16 -14.78 -50.87
CA ALA G 68 28.97 -16.20 -51.15
C ALA G 68 27.85 -16.78 -50.30
N ALA G 69 27.84 -16.44 -49.01
CA ALA G 69 26.78 -16.87 -48.11
C ALA G 69 25.41 -16.32 -48.52
N PHE G 70 25.41 -15.24 -49.28
CA PHE G 70 24.16 -14.58 -49.68
C PHE G 70 23.68 -15.00 -51.07
N GLN G 71 24.40 -15.94 -51.68
CA GLN G 71 24.00 -16.43 -53.00
C GLN G 71 22.68 -17.20 -52.97
N LEU G 72 21.87 -16.99 -54.01
CA LEU G 72 20.61 -17.70 -54.12
C LEU G 72 20.86 -19.19 -54.00
N GLY G 73 20.05 -19.88 -53.20
CA GLY G 73 20.19 -21.31 -53.05
C GLY G 73 21.11 -21.74 -51.91
N SER G 74 21.81 -20.77 -51.31
CA SER G 74 22.69 -21.06 -50.18
C SER G 74 21.87 -21.44 -48.95
N PRO G 75 22.52 -22.08 -47.95
CA PRO G 75 21.84 -22.45 -46.71
C PRO G 75 21.15 -21.27 -46.04
N TRP G 76 21.84 -20.14 -45.91
CA TRP G 76 21.28 -18.95 -45.29
C TRP G 76 20.07 -18.39 -46.04
N ARG G 77 20.13 -18.35 -47.36
CA ARG G 77 19.04 -17.84 -48.17
C ARG G 77 17.81 -18.76 -48.11
N ARG G 78 18.05 -20.06 -48.18
CA ARG G 78 16.98 -21.06 -48.21
C ARG G 78 16.37 -21.31 -46.83
N MET G 79 17.16 -21.08 -45.79
CA MET G 79 16.72 -21.32 -44.43
C MET G 79 15.37 -20.65 -44.12
N ASP G 80 14.50 -21.37 -43.39
CA ASP G 80 13.21 -20.83 -43.00
C ASP G 80 13.43 -19.59 -42.13
N ALA G 81 12.57 -18.59 -42.29
CA ALA G 81 12.66 -17.37 -41.50
C ALA G 81 12.64 -17.71 -40.02
N SER G 82 11.77 -18.68 -39.67
CA SER G 82 11.57 -19.06 -38.28
C SER G 82 12.82 -19.70 -37.67
N HIS G 83 13.63 -20.34 -38.52
CA HIS G 83 14.86 -20.96 -38.07
C HIS G 83 15.94 -19.91 -37.81
N ARG G 84 15.93 -18.83 -38.58
CA ARG G 84 16.77 -17.67 -38.30
C ARG G 84 16.51 -17.22 -36.87
N GLY G 85 15.24 -17.27 -36.47
CA GLY G 85 14.83 -16.93 -35.13
C GLY G 85 15.40 -17.92 -34.11
N ARG G 86 15.31 -19.20 -34.42
CA ARG G 86 15.90 -20.23 -33.56
C ARG G 86 17.37 -19.94 -33.30
N LEU G 87 18.07 -19.53 -34.35
CA LEU G 87 19.52 -19.27 -34.26
C LEU G 87 19.85 -18.07 -33.38
N LEU G 88 19.08 -16.99 -33.54
CA LEU G 88 19.24 -15.80 -32.70
C LEU G 88 18.98 -16.14 -31.25
N ASN G 89 17.96 -16.96 -31.01
CA ASN G 89 17.65 -17.42 -29.66
C ASN G 89 18.75 -18.29 -29.06
N ARG G 90 19.35 -19.15 -29.88
CA ARG G 90 20.45 -19.98 -29.41
C ARG G 90 21.68 -19.14 -29.04
N LEU G 91 21.99 -18.15 -29.86
CA LEU G 91 23.10 -17.25 -29.57
C LEU G 91 22.92 -16.56 -28.24
N ALA G 92 21.69 -16.11 -27.95
CA ALA G 92 21.44 -15.43 -26.70
C ALA G 92 21.68 -16.39 -25.54
N ASP G 93 21.25 -17.64 -25.71
CA ASP G 93 21.45 -18.65 -24.67
C ASP G 93 22.94 -18.87 -24.38
N LEU G 94 23.74 -18.94 -25.43
CA LEU G 94 25.19 -19.12 -25.30
C LEU G 94 25.84 -17.91 -24.65
N ILE G 95 25.39 -16.72 -25.01
CA ILE G 95 25.88 -15.50 -24.37
C ILE G 95 25.50 -15.49 -22.89
N GLU G 96 24.30 -15.95 -22.57
CA GLU G 96 23.87 -16.03 -21.17
C GLU G 96 24.71 -17.05 -20.41
N ARG G 97 24.97 -18.20 -21.05
CA ARG G 97 25.84 -19.22 -20.46
C ARG G 97 27.19 -18.62 -20.06
N ASP G 98 27.73 -17.75 -20.91
CA ASP G 98 29.06 -17.17 -20.70
C ASP G 98 29.01 -15.72 -20.22
N ARG G 99 27.93 -15.37 -19.53
CA ARG G 99 27.67 -14.01 -19.10
C ARG G 99 28.75 -13.45 -18.17
N THR G 100 29.16 -14.25 -17.19
CA THR G 100 30.14 -13.78 -16.21
C THR G 100 31.45 -13.43 -16.90
N TYR G 101 31.89 -14.30 -17.80
CA TYR G 101 33.15 -14.08 -18.52
C TYR G 101 33.07 -12.85 -19.44
N LEU G 102 31.99 -12.73 -20.20
CA LEU G 102 31.85 -11.62 -21.15
C LEU G 102 31.75 -10.27 -20.44
N ALA G 103 31.05 -10.24 -19.31
CA ALA G 103 30.95 -9.03 -18.49
C ALA G 103 32.32 -8.60 -17.96
N ALA G 104 33.11 -9.56 -17.51
CA ALA G 104 34.45 -9.28 -16.99
C ALA G 104 35.38 -8.81 -18.11
N LEU G 105 35.27 -9.44 -19.28
CA LEU G 105 36.08 -9.04 -20.42
C LEU G 105 35.70 -7.64 -20.91
N GLU G 106 34.42 -7.30 -20.81
CA GLU G 106 33.92 -5.99 -21.23
C GLU G 106 34.55 -4.90 -20.36
N THR G 107 34.58 -5.13 -19.06
CA THR G 107 35.19 -4.18 -18.12
C THR G 107 36.70 -4.06 -18.32
N LEU G 108 37.35 -5.18 -18.60
CA LEU G 108 38.80 -5.21 -18.77
C LEU G 108 39.24 -4.32 -19.94
N ASP G 109 38.48 -4.37 -21.02
CA ASP G 109 38.86 -3.73 -22.27
C ASP G 109 38.28 -2.33 -22.41
N ASN G 110 37.12 -2.10 -21.77
CA ASN G 110 36.39 -0.85 -21.91
C ASN G 110 36.48 0.10 -20.71
N GLY G 111 36.49 -0.46 -19.50
CA GLY G 111 36.66 0.32 -18.29
C GLY G 111 35.43 0.48 -17.41
N LYS G 112 34.26 0.15 -17.93
CA LYS G 112 33.03 0.34 -17.17
C LYS G 112 32.94 -0.63 -15.98
N PRO G 113 32.29 -0.20 -14.89
CA PRO G 113 32.12 -1.05 -13.71
C PRO G 113 31.56 -2.44 -14.05
N TYR G 114 32.18 -3.48 -13.48
CA TYR G 114 31.82 -4.87 -13.77
C TYR G 114 30.36 -5.15 -13.45
N VAL G 115 29.85 -4.51 -12.39
CA VAL G 115 28.48 -4.71 -11.96
C VAL G 115 27.50 -4.18 -13.00
N ILE G 116 27.92 -3.15 -13.73
CA ILE G 116 27.09 -2.57 -14.77
C ILE G 116 27.18 -3.39 -16.05
N SER G 117 28.39 -3.85 -16.37
CA SER G 117 28.59 -4.75 -17.50
C SER G 117 27.69 -5.97 -17.36
N TYR G 118 27.62 -6.50 -16.14
CA TYR G 118 26.88 -7.74 -15.88
C TYR G 118 25.36 -7.52 -15.87
N LEU G 119 24.91 -6.53 -15.11
CA LEU G 119 23.49 -6.32 -14.87
C LEU G 119 22.79 -5.47 -15.91
N VAL G 120 23.54 -4.57 -16.56
CA VAL G 120 22.98 -3.72 -17.59
C VAL G 120 23.34 -4.18 -19.00
N ASP G 121 24.61 -4.04 -19.37
CA ASP G 121 25.06 -4.36 -20.73
C ASP G 121 24.63 -5.74 -21.21
N LEU G 122 25.00 -6.78 -20.47
CA LEU G 122 24.70 -8.15 -20.86
C LEU G 122 23.21 -8.46 -20.87
N ASP G 123 22.47 -7.90 -19.90
CA ASP G 123 21.03 -8.11 -19.87
C ASP G 123 20.41 -7.51 -21.11
N MET G 124 20.85 -6.30 -21.47
CA MET G 124 20.34 -5.62 -22.65
C MET G 124 20.70 -6.36 -23.93
N VAL G 125 21.84 -7.04 -23.94
CA VAL G 125 22.25 -7.83 -25.09
C VAL G 125 21.31 -9.01 -25.29
N LEU G 126 21.08 -9.75 -24.20
CA LEU G 126 20.14 -10.87 -24.22
C LEU G 126 18.75 -10.42 -24.65
N LYS G 127 18.28 -9.31 -24.09
CA LYS G 127 16.95 -8.81 -24.39
C LYS G 127 16.83 -8.33 -25.85
N CYS G 128 17.88 -7.70 -26.36
CA CYS G 128 17.89 -7.29 -27.76
C CYS G 128 17.80 -8.50 -28.68
N LEU G 129 18.69 -9.47 -28.48
CA LEU G 129 18.76 -10.66 -29.33
C LEU G 129 17.48 -11.50 -29.28
N ARG G 130 16.92 -11.69 -28.10
CA ARG G 130 15.68 -12.46 -27.96
C ARG G 130 14.48 -11.73 -28.57
N TYR G 131 14.48 -10.41 -28.46
CA TYR G 131 13.44 -9.59 -29.08
C TYR G 131 13.46 -9.78 -30.59
N TYR G 132 14.62 -9.60 -31.20
CA TYR G 132 14.76 -9.67 -32.65
C TYR G 132 14.59 -11.07 -33.22
N ALA G 133 14.96 -12.09 -32.44
CA ALA G 133 14.70 -13.47 -32.82
C ALA G 133 13.21 -13.61 -33.16
N GLY G 134 12.38 -12.89 -32.41
CA GLY G 134 10.94 -12.95 -32.59
C GLY G 134 10.44 -12.30 -33.85
N TRP G 135 11.18 -11.34 -34.39
CA TRP G 135 10.74 -10.61 -35.59
C TRP G 135 11.03 -11.39 -36.87
N ALA G 136 11.88 -12.41 -36.76
CA ALA G 136 12.44 -13.06 -37.94
C ALA G 136 11.38 -13.49 -38.95
N ASP G 137 10.28 -14.06 -38.46
CA ASP G 137 9.23 -14.56 -39.34
C ASP G 137 7.92 -13.77 -39.28
N LYS G 138 8.00 -12.49 -38.90
CA LYS G 138 6.79 -11.70 -38.70
C LYS G 138 6.77 -10.37 -39.44
N TYR G 139 7.82 -10.11 -40.22
CA TYR G 139 7.89 -8.90 -41.03
C TYR G 139 7.28 -9.16 -42.40
N HIS G 140 5.99 -8.85 -42.55
CA HIS G 140 5.25 -9.17 -43.76
C HIS G 140 5.42 -8.11 -44.87
N GLY G 141 5.31 -8.57 -46.11
CA GLY G 141 5.11 -7.67 -47.23
C GLY G 141 3.62 -7.44 -47.38
N LYS G 142 3.19 -6.92 -48.52
CA LYS G 142 1.80 -6.53 -48.69
C LYS G 142 1.18 -7.13 -49.96
N THR G 143 -0.13 -7.38 -49.92
CA THR G 143 -0.90 -7.51 -51.15
C THR G 143 -1.69 -6.20 -51.34
N ILE G 144 -1.65 -5.65 -52.55
CA ILE G 144 -2.05 -4.28 -52.79
C ILE G 144 -3.18 -4.15 -53.80
N PRO G 145 -4.25 -3.43 -53.42
CA PRO G 145 -5.44 -3.23 -54.26
C PRO G 145 -5.19 -2.32 -55.46
N ILE G 146 -4.20 -2.62 -56.29
CA ILE G 146 -3.89 -1.75 -57.43
C ILE G 146 -5.03 -1.73 -58.46
N ASP G 147 -5.13 -0.64 -59.20
CA ASP G 147 -6.12 -0.53 -60.28
C ASP G 147 -5.87 -1.54 -61.37
N GLY G 148 -6.92 -1.92 -62.08
CA GLY G 148 -6.81 -2.79 -63.24
C GLY G 148 -6.85 -4.28 -62.93
N ASP G 149 -6.78 -5.09 -63.98
CA ASP G 149 -6.79 -6.54 -63.81
C ASP G 149 -5.40 -7.08 -63.48
N PHE G 150 -4.95 -6.80 -62.26
CA PHE G 150 -3.63 -7.22 -61.80
C PHE G 150 -3.67 -7.73 -60.36
N PHE G 151 -2.74 -8.63 -60.05
CA PHE G 151 -2.45 -9.01 -58.68
C PHE G 151 -1.09 -8.42 -58.37
N SER G 152 -1.03 -7.56 -57.35
CA SER G 152 0.22 -6.86 -57.02
C SER G 152 0.58 -7.07 -55.56
N TYR G 153 1.86 -7.31 -55.31
CA TYR G 153 2.31 -7.61 -53.96
C TYR G 153 3.77 -7.24 -53.80
N THR G 154 4.24 -7.19 -52.57
CA THR G 154 5.64 -6.87 -52.28
C THR G 154 6.31 -7.97 -51.47
N ARG G 155 7.54 -8.30 -51.84
CA ARG G 155 8.40 -9.16 -51.04
C ARG G 155 9.32 -8.28 -50.20
N HIS G 156 9.50 -8.64 -48.94
CA HIS G 156 10.50 -7.96 -48.12
C HIS G 156 11.75 -8.82 -48.10
N GLU G 157 12.69 -8.51 -48.99
CA GLU G 157 13.94 -9.26 -49.11
C GLU G 157 15.05 -8.59 -48.31
N PRO G 158 16.14 -9.32 -48.04
CA PRO G 158 17.25 -8.70 -47.34
C PRO G 158 17.98 -7.69 -48.23
N VAL G 159 18.56 -6.65 -47.63
CA VAL G 159 19.37 -5.70 -48.38
C VAL G 159 20.53 -6.42 -49.06
N GLY G 160 21.17 -7.34 -48.33
CA GLY G 160 22.28 -8.10 -48.84
C GLY G 160 23.48 -8.04 -47.91
N VAL G 161 24.63 -7.71 -48.46
CA VAL G 161 25.85 -7.56 -47.67
C VAL G 161 25.86 -6.23 -46.91
N CYS G 162 25.87 -6.31 -45.58
CA CYS G 162 25.77 -5.15 -44.72
C CYS G 162 27.06 -4.91 -43.96
N GLY G 163 27.64 -3.74 -44.14
CA GLY G 163 28.82 -3.37 -43.39
C GLY G 163 28.39 -2.68 -42.11
N GLN G 164 28.91 -3.15 -40.98
CA GLN G 164 28.50 -2.58 -39.70
C GLN G 164 29.71 -2.14 -38.91
N ILE G 165 29.76 -0.85 -38.59
CA ILE G 165 30.89 -0.27 -37.87
C ILE G 165 30.42 0.19 -36.49
N ILE G 166 30.97 -0.41 -35.44
CA ILE G 166 30.44 -0.16 -34.11
C ILE G 166 31.46 0.44 -33.15
N PRO G 167 30.99 1.24 -32.18
CA PRO G 167 31.78 2.06 -31.27
C PRO G 167 32.30 1.28 -30.06
N TRP G 168 33.07 1.97 -29.23
CA TRP G 168 33.75 1.34 -28.11
C TRP G 168 33.04 1.54 -26.77
N ASN G 169 32.06 2.44 -26.75
CA ASN G 169 31.41 2.80 -25.48
C ASN G 169 30.46 1.72 -24.94
N PHE G 170 29.76 1.04 -25.84
CA PHE G 170 28.99 -0.15 -25.51
C PHE G 170 29.34 -1.25 -26.51
N PRO G 171 30.51 -1.90 -26.32
CA PRO G 171 31.00 -2.85 -27.33
C PRO G 171 30.02 -3.99 -27.60
N LEU G 172 29.68 -4.75 -26.56
CA LEU G 172 28.75 -5.86 -26.71
C LEU G 172 27.35 -5.43 -27.12
N LEU G 173 26.80 -4.43 -26.42
CA LEU G 173 25.45 -3.96 -26.70
C LEU G 173 25.28 -3.45 -28.13
N MET G 174 26.22 -2.62 -28.60
CA MET G 174 26.19 -2.11 -29.98
C MET G 174 26.27 -3.24 -31.03
N GLN G 175 27.02 -4.29 -30.73
CA GLN G 175 27.10 -5.45 -31.61
C GLN G 175 25.73 -6.10 -31.76
N ALA G 176 25.05 -6.28 -30.63
CA ALA G 176 23.70 -6.86 -30.61
C ALA G 176 22.65 -6.00 -31.33
N TRP G 177 22.69 -4.69 -31.09
CA TRP G 177 21.78 -3.76 -31.76
C TRP G 177 21.90 -3.85 -33.29
N LYS G 178 23.06 -4.27 -33.77
CA LYS G 178 23.33 -4.36 -35.21
C LYS G 178 23.04 -5.75 -35.77
N LEU G 179 23.45 -6.78 -35.04
CA LEU G 179 23.25 -8.15 -35.48
C LEU G 179 21.79 -8.57 -35.41
N GLY G 180 21.10 -8.15 -34.35
CA GLY G 180 19.70 -8.50 -34.16
C GLY G 180 18.83 -8.26 -35.39
N PRO G 181 18.70 -7.00 -35.82
CA PRO G 181 17.83 -6.69 -36.97
C PRO G 181 18.36 -7.27 -38.28
N ALA G 182 19.68 -7.23 -38.47
CA ALA G 182 20.28 -7.65 -39.73
C ALA G 182 20.12 -9.14 -39.98
N LEU G 183 20.35 -9.94 -38.96
CA LEU G 183 20.21 -11.39 -39.07
C LEU G 183 18.74 -11.84 -39.07
N ALA G 184 17.89 -11.15 -38.32
CA ALA G 184 16.48 -11.48 -38.30
C ALA G 184 15.87 -11.34 -39.69
N THR G 185 16.36 -10.36 -40.44
CA THR G 185 15.85 -10.10 -41.79
C THR G 185 16.65 -10.84 -42.88
N GLY G 186 17.67 -11.59 -42.49
CA GLY G 186 18.33 -12.50 -43.41
C GLY G 186 19.47 -11.94 -44.21
N ASN G 187 20.01 -10.81 -43.75
CA ASN G 187 21.20 -10.23 -44.38
C ASN G 187 22.44 -10.98 -43.95
N VAL G 188 23.57 -10.63 -44.56
CA VAL G 188 24.88 -11.12 -44.13
C VAL G 188 25.71 -9.90 -43.75
N VAL G 189 26.70 -10.11 -42.87
CA VAL G 189 27.37 -8.98 -42.22
C VAL G 189 28.89 -9.02 -42.29
N VAL G 190 29.47 -7.86 -42.57
CA VAL G 190 30.89 -7.63 -42.40
C VAL G 190 31.02 -6.51 -41.38
N MET G 191 31.53 -6.85 -40.20
CA MET G 191 31.54 -5.94 -39.07
C MET G 191 32.94 -5.51 -38.69
N LYS G 192 33.08 -4.23 -38.39
CA LYS G 192 34.34 -3.66 -37.94
C LYS G 192 34.14 -3.23 -36.49
N VAL G 193 34.93 -3.81 -35.59
CA VAL G 193 34.82 -3.47 -34.17
C VAL G 193 35.84 -2.41 -33.79
N ALA G 194 35.63 -1.73 -32.67
CA ALA G 194 36.48 -0.61 -32.28
C ALA G 194 37.85 -1.10 -31.82
N GLU G 195 38.89 -0.38 -32.21
CA GLU G 195 40.25 -0.77 -31.85
C GLU G 195 40.44 -0.73 -30.34
N GLN G 196 39.66 0.09 -29.66
CA GLN G 196 39.76 0.21 -28.22
C GLN G 196 39.14 -0.98 -27.49
N THR G 197 38.19 -1.64 -28.13
CA THR G 197 37.40 -2.68 -27.47
C THR G 197 37.03 -3.82 -28.42
N PRO G 198 38.04 -4.53 -28.93
CA PRO G 198 37.78 -5.57 -29.93
C PRO G 198 37.38 -6.93 -29.34
N LEU G 199 37.78 -7.19 -28.11
CA LEU G 199 37.80 -8.57 -27.60
C LEU G 199 36.43 -9.23 -27.41
N THR G 200 35.50 -8.55 -26.76
CA THR G 200 34.20 -9.15 -26.46
C THR G 200 33.45 -9.54 -27.73
N ALA G 201 33.55 -8.72 -28.77
CA ALA G 201 32.86 -9.01 -30.03
C ALA G 201 33.45 -10.26 -30.68
N LEU G 202 34.77 -10.40 -30.59
CA LEU G 202 35.45 -11.55 -31.17
C LEU G 202 35.03 -12.82 -30.45
N TYR G 203 34.93 -12.76 -29.13
CA TYR G 203 34.48 -13.95 -28.41
C TYR G 203 33.06 -14.31 -28.85
N VAL G 204 32.21 -13.31 -29.00
CA VAL G 204 30.83 -13.54 -29.43
C VAL G 204 30.81 -14.21 -30.81
N ALA G 205 31.77 -13.84 -31.65
CA ALA G 205 31.90 -14.49 -32.96
C ALA G 205 32.07 -16.01 -32.81
N ASN G 206 32.81 -16.44 -31.80
CA ASN G 206 32.97 -17.87 -31.52
C ASN G 206 31.63 -18.51 -31.16
N LEU G 207 30.78 -17.74 -30.48
CA LEU G 207 29.45 -18.19 -30.08
C LEU G 207 28.50 -18.25 -31.28
N ILE G 208 28.70 -17.35 -32.23
CA ILE G 208 27.93 -17.36 -33.47
C ILE G 208 28.19 -18.65 -34.24
N LYS G 209 29.44 -19.09 -34.28
CA LYS G 209 29.79 -20.36 -34.91
C LYS G 209 29.15 -21.53 -34.16
N GLU G 210 29.30 -21.51 -32.85
CA GLU G 210 28.74 -22.53 -31.97
C GLU G 210 27.22 -22.63 -32.08
N ALA G 211 26.58 -21.49 -32.26
CA ALA G 211 25.12 -21.42 -32.36
C ALA G 211 24.62 -22.08 -33.65
N GLY G 212 25.48 -22.12 -34.67
CA GLY G 212 25.14 -22.82 -35.89
C GLY G 212 24.86 -21.95 -37.11
N PHE G 213 25.18 -20.66 -37.04
CA PHE G 213 25.03 -19.78 -38.20
C PHE G 213 25.93 -20.26 -39.35
N PRO G 214 25.40 -20.30 -40.57
CA PRO G 214 26.21 -20.74 -41.70
C PRO G 214 27.43 -19.85 -41.84
N PRO G 215 28.56 -20.40 -42.32
CA PRO G 215 29.80 -19.64 -42.46
C PRO G 215 29.64 -18.48 -43.45
N GLY G 216 30.15 -17.29 -43.08
CA GLY G 216 30.09 -16.14 -43.95
C GLY G 216 28.89 -15.23 -43.69
N VAL G 217 27.96 -15.70 -42.86
CA VAL G 217 26.79 -14.90 -42.50
C VAL G 217 27.18 -13.73 -41.61
N VAL G 218 28.13 -13.97 -40.71
CA VAL G 218 28.71 -12.91 -39.89
C VAL G 218 30.23 -12.99 -39.96
N ASN G 219 30.85 -11.89 -40.39
CA ASN G 219 32.30 -11.81 -40.46
C ASN G 219 32.75 -10.57 -39.70
N ILE G 220 33.82 -10.72 -38.92
CA ILE G 220 34.31 -9.62 -38.11
C ILE G 220 35.78 -9.30 -38.39
N VAL G 221 36.04 -8.03 -38.64
CA VAL G 221 37.38 -7.56 -38.96
C VAL G 221 37.82 -6.50 -37.95
N PRO G 222 38.67 -6.88 -36.97
CA PRO G 222 39.23 -5.88 -36.08
C PRO G 222 40.28 -5.06 -36.84
N GLY G 223 40.51 -3.82 -36.41
CA GLY G 223 41.47 -2.96 -37.08
C GLY G 223 41.17 -1.51 -36.76
N PHE G 224 41.68 -0.60 -37.59
CA PHE G 224 41.46 0.83 -37.37
C PHE G 224 40.41 1.41 -38.32
N GLY G 225 40.10 2.69 -38.10
CA GLY G 225 39.01 3.33 -38.82
C GLY G 225 39.39 3.73 -40.23
N PRO G 226 40.46 4.52 -40.35
CA PRO G 226 40.83 5.02 -41.68
C PRO G 226 41.23 3.89 -42.62
N THR G 227 41.42 2.70 -42.05
CA THR G 227 41.83 1.54 -42.85
C THR G 227 40.68 0.56 -43.04
N ALA G 228 40.40 -0.26 -42.02
CA ALA G 228 39.33 -1.25 -42.09
C ALA G 228 37.95 -0.61 -42.34
N GLY G 229 37.64 0.43 -41.58
CA GLY G 229 36.34 1.08 -41.68
C GLY G 229 36.08 1.74 -43.03
N ALA G 230 37.07 2.47 -43.52
CA ALA G 230 36.94 3.13 -44.82
C ALA G 230 36.72 2.09 -45.91
N ALA G 231 37.43 0.97 -45.81
CA ALA G 231 37.38 -0.08 -46.82
C ALA G 231 35.99 -0.71 -46.94
N ILE G 232 35.29 -0.80 -45.82
CA ILE G 232 33.90 -1.26 -45.80
C ILE G 232 32.98 -0.22 -46.45
N ALA G 233 33.12 1.03 -46.04
CA ALA G 233 32.27 2.11 -46.55
C ALA G 233 32.48 2.36 -48.04
N SER G 234 33.70 2.12 -48.52
CA SER G 234 34.04 2.36 -49.91
C SER G 234 33.89 1.13 -50.82
N HIS G 235 33.52 -0.01 -50.24
CA HIS G 235 33.54 -1.28 -50.99
C HIS G 235 32.42 -1.39 -52.03
N GLU G 236 32.80 -1.79 -53.24
CA GLU G 236 31.88 -1.80 -54.38
C GLU G 236 30.82 -2.88 -54.28
N ASP G 237 31.04 -3.87 -53.42
CA ASP G 237 30.11 -4.99 -53.30
C ASP G 237 29.41 -5.03 -51.93
N VAL G 238 29.53 -3.94 -51.18
CA VAL G 238 28.77 -3.79 -49.95
C VAL G 238 27.50 -3.01 -50.27
N ASP G 239 26.36 -3.57 -49.88
CA ASP G 239 25.06 -3.01 -50.24
C ASP G 239 24.56 -1.94 -49.25
N LYS G 240 25.03 -1.98 -48.02
CA LYS G 240 24.54 -1.08 -46.99
C LYS G 240 25.55 -0.91 -45.88
N VAL G 241 25.65 0.30 -45.35
CA VAL G 241 26.56 0.58 -44.24
C VAL G 241 25.81 1.22 -43.06
N ALA G 242 26.10 0.75 -41.86
CA ALA G 242 25.54 1.34 -40.66
C ALA G 242 26.70 1.73 -39.75
N PHE G 243 26.74 3.00 -39.37
CA PHE G 243 27.83 3.51 -38.56
C PHE G 243 27.33 4.20 -37.30
N THR G 244 27.95 3.85 -36.17
CA THR G 244 27.69 4.55 -34.91
C THR G 244 29.02 5.08 -34.37
N GLY G 245 29.10 6.39 -34.19
CA GLY G 245 30.32 7.04 -33.75
C GLY G 245 30.14 8.54 -33.62
N SER G 246 31.20 9.30 -33.88
CA SER G 246 31.12 10.75 -33.79
C SER G 246 30.52 11.33 -35.07
N THR G 247 29.77 12.42 -34.94
CA THR G 247 29.21 13.09 -36.11
C THR G 247 30.31 13.37 -37.12
N GLU G 248 31.51 13.62 -36.60
CA GLU G 248 32.68 13.93 -37.41
C GLU G 248 32.92 12.85 -38.46
N ILE G 249 33.12 11.62 -38.00
CA ILE G 249 33.40 10.50 -38.90
C ILE G 249 32.18 10.05 -39.71
N GLY G 250 30.99 10.29 -39.17
CA GLY G 250 29.76 10.00 -39.89
C GLY G 250 29.69 10.70 -41.24
N ARG G 251 30.36 11.85 -41.32
CA ARG G 251 30.43 12.61 -42.57
C ARG G 251 31.36 11.90 -43.56
N VAL G 252 32.44 11.34 -43.02
CA VAL G 252 33.41 10.61 -43.83
C VAL G 252 32.83 9.30 -44.38
N ILE G 253 32.14 8.56 -43.53
CA ILE G 253 31.48 7.31 -43.95
C ILE G 253 30.39 7.61 -44.99
N GLN G 254 29.63 8.68 -44.74
CA GLN G 254 28.56 9.11 -45.64
C GLN G 254 29.13 9.48 -47.01
N VAL G 255 30.23 10.22 -47.01
CA VAL G 255 30.86 10.66 -48.24
C VAL G 255 31.52 9.50 -48.99
N ALA G 256 32.19 8.62 -48.25
CA ALA G 256 32.82 7.45 -48.83
C ALA G 256 31.79 6.52 -49.46
N ALA G 257 30.54 6.63 -49.01
CA ALA G 257 29.46 5.77 -49.47
C ALA G 257 28.86 6.26 -50.79
N GLY G 258 28.90 7.56 -51.01
CA GLY G 258 28.33 8.15 -52.21
C GLY G 258 29.29 8.19 -53.39
N SER G 259 30.58 8.11 -53.07
CA SER G 259 31.63 8.13 -54.09
C SER G 259 31.89 6.73 -54.66
N SER G 260 31.28 5.72 -54.03
CA SER G 260 31.46 4.34 -54.48
C SER G 260 30.28 3.81 -55.29
N ASN G 261 29.36 3.11 -54.63
CA ASN G 261 28.27 2.40 -55.31
C ASN G 261 26.87 2.80 -54.86
N LEU G 262 26.75 3.94 -54.19
CA LEU G 262 25.45 4.41 -53.73
C LEU G 262 24.81 3.43 -52.76
N LYS G 263 25.64 2.76 -51.98
CA LYS G 263 25.14 1.89 -50.92
C LYS G 263 24.24 2.67 -49.98
N ARG G 264 23.28 1.99 -49.36
CA ARG G 264 22.45 2.62 -48.34
C ARG G 264 23.29 2.92 -47.09
N VAL G 265 22.94 3.98 -46.38
CA VAL G 265 23.72 4.42 -45.23
C VAL G 265 22.85 4.89 -44.06
N THR G 266 23.10 4.33 -42.89
CA THR G 266 22.47 4.81 -41.67
C THR G 266 23.53 5.28 -40.68
N LEU G 267 23.24 6.35 -39.94
CA LEU G 267 24.20 6.91 -39.00
C LEU G 267 23.56 7.20 -37.64
N GLU G 268 24.28 6.83 -36.58
CA GLU G 268 23.93 7.24 -35.23
C GLU G 268 25.16 7.96 -34.70
N LEU G 269 25.02 9.25 -34.46
CA LEU G 269 26.16 10.12 -34.19
C LEU G 269 26.08 10.72 -32.79
N GLY G 270 26.60 11.94 -32.63
CA GLY G 270 26.68 12.55 -31.31
C GLY G 270 25.42 13.24 -30.83
N GLY G 271 25.48 13.82 -29.64
CA GLY G 271 24.35 14.54 -29.08
C GLY G 271 24.73 15.57 -28.04
N LYS G 272 23.83 16.52 -27.78
CA LYS G 272 23.96 17.45 -26.65
C LYS G 272 22.58 17.60 -26.01
N SER G 273 22.08 16.48 -25.49
CA SER G 273 20.68 16.36 -25.11
C SER G 273 20.31 17.17 -23.86
N PRO G 274 19.19 17.90 -23.93
CA PRO G 274 18.72 18.74 -22.83
C PRO G 274 17.88 17.94 -21.85
N ASN G 275 18.20 18.08 -20.57
CA ASN G 275 17.41 17.49 -19.51
C ASN G 275 16.76 18.66 -18.75
N ILE G 276 15.45 18.77 -18.86
CA ILE G 276 14.71 19.94 -18.40
C ILE G 276 13.96 19.65 -17.11
N ILE G 277 14.28 20.39 -16.06
CA ILE G 277 13.65 20.18 -14.77
C ILE G 277 12.71 21.33 -14.46
N MET G 278 11.41 21.05 -14.43
CA MET G 278 10.45 22.12 -14.12
C MET G 278 10.39 22.26 -12.60
N SER G 279 9.94 23.43 -12.13
CA SER G 279 9.90 23.70 -10.69
C SER G 279 8.96 22.76 -9.92
N ASP G 280 8.04 22.12 -10.61
CA ASP G 280 7.11 21.19 -9.98
C ASP G 280 7.58 19.74 -10.00
N ALA G 281 8.84 19.53 -10.39
CA ALA G 281 9.40 18.18 -10.44
C ALA G 281 9.69 17.62 -9.05
N ASP G 282 9.68 16.30 -8.91
CA ASP G 282 10.14 15.63 -7.69
C ASP G 282 11.64 15.85 -7.53
N MET G 283 12.03 16.64 -6.53
CA MET G 283 13.41 17.10 -6.39
C MET G 283 14.43 15.97 -6.17
N ASP G 284 14.15 15.07 -5.24
CA ASP G 284 15.03 13.93 -4.98
C ASP G 284 15.21 13.09 -6.25
N TRP G 285 14.09 12.72 -6.86
CA TRP G 285 14.08 11.88 -8.05
C TRP G 285 14.78 12.60 -9.21
N ALA G 286 14.49 13.89 -9.38
CA ALA G 286 15.07 14.66 -10.47
C ALA G 286 16.59 14.81 -10.35
N VAL G 287 17.07 14.97 -9.12
CA VAL G 287 18.51 15.12 -8.88
C VAL G 287 19.28 13.82 -9.10
N GLU G 288 18.74 12.70 -8.62
CA GLU G 288 19.39 11.42 -8.87
C GLU G 288 19.37 11.07 -10.36
N GLN G 289 18.24 11.36 -11.00
CA GLN G 289 18.08 11.08 -12.42
C GLN G 289 19.00 11.93 -13.30
N ALA G 290 19.16 13.20 -12.95
CA ALA G 290 20.02 14.10 -13.72
C ALA G 290 21.51 13.73 -13.61
N HIS G 291 21.88 13.17 -12.46
CA HIS G 291 23.24 12.70 -12.22
C HIS G 291 23.51 11.46 -13.08
N PHE G 292 22.57 10.53 -13.03
CA PHE G 292 22.59 9.33 -13.87
C PHE G 292 22.64 9.71 -15.35
N ALA G 293 21.77 10.65 -15.74
CA ALA G 293 21.64 11.05 -17.15
C ALA G 293 22.94 11.53 -17.75
N LEU G 294 23.79 12.11 -16.93
CA LEU G 294 25.07 12.66 -17.39
C LEU G 294 26.24 11.69 -17.17
N PHE G 295 26.32 11.11 -15.98
CA PHE G 295 27.51 10.35 -15.57
C PHE G 295 27.52 8.88 -15.99
N PHE G 296 26.38 8.35 -16.41
CA PHE G 296 26.34 6.92 -16.75
C PHE G 296 27.43 6.55 -17.76
N ASN G 297 28.06 5.40 -17.53
CA ASN G 297 29.11 4.93 -18.42
C ASN G 297 30.25 5.94 -18.59
N GLN G 298 30.67 6.56 -17.48
CA GLN G 298 31.75 7.54 -17.50
C GLN G 298 31.44 8.70 -18.44
N GLY G 299 30.15 8.99 -18.59
CA GLY G 299 29.69 10.07 -19.45
C GLY G 299 29.79 9.73 -20.93
N GLN G 300 30.13 8.48 -21.23
CA GLN G 300 30.37 8.06 -22.60
C GLN G 300 29.12 7.50 -23.26
N CYS G 301 28.12 8.37 -23.34
CA CYS G 301 26.85 8.06 -23.98
C CYS G 301 26.49 9.23 -24.89
N SER G 302 26.19 8.94 -26.15
CA SER G 302 25.85 10.00 -27.10
C SER G 302 24.54 10.70 -26.71
N CYS G 303 23.75 10.04 -25.86
CA CYS G 303 22.48 10.58 -25.41
C CYS G 303 22.54 11.17 -24.00
N ALA G 304 23.74 11.30 -23.44
CA ALA G 304 23.91 11.88 -22.10
C ALA G 304 23.14 13.20 -21.98
N GLY G 305 22.53 13.42 -20.82
CA GLY G 305 21.83 14.66 -20.55
C GLY G 305 22.85 15.73 -20.22
N SER G 306 23.51 16.23 -21.26
CA SER G 306 24.66 17.11 -21.10
C SER G 306 24.28 18.59 -21.04
N ARG G 307 22.98 18.86 -21.02
CA ARG G 307 22.48 20.20 -20.78
C ARG G 307 21.34 20.14 -19.77
N THR G 308 21.63 20.36 -18.51
CA THR G 308 20.61 20.27 -17.47
C THR G 308 19.98 21.64 -17.27
N PHE G 309 18.78 21.84 -17.83
CA PHE G 309 18.03 23.08 -17.66
C PHE G 309 17.17 23.01 -16.40
N VAL G 310 17.36 23.98 -15.51
CA VAL G 310 16.70 23.96 -14.20
C VAL G 310 15.97 25.27 -13.94
N GLN G 311 14.66 25.20 -13.74
CA GLN G 311 13.86 26.39 -13.58
C GLN G 311 14.34 27.25 -12.39
N GLU G 312 14.44 28.56 -12.60
CA GLU G 312 15.11 29.45 -11.64
C GLU G 312 14.69 29.29 -10.16
N ASP G 313 13.44 28.96 -9.89
CA ASP G 313 12.96 28.83 -8.52
C ASP G 313 13.63 27.68 -7.76
N ILE G 314 14.00 26.62 -8.46
CA ILE G 314 14.62 25.46 -7.81
C ILE G 314 16.11 25.31 -8.14
N TYR G 315 16.64 26.25 -8.92
CA TYR G 315 18.00 26.19 -9.41
C TYR G 315 19.06 26.04 -8.31
N ASP G 316 19.03 26.95 -7.33
CA ASP G 316 20.01 26.95 -6.24
C ASP G 316 20.06 25.64 -5.47
N GLU G 317 18.90 25.09 -5.13
CA GLU G 317 18.84 23.83 -4.39
C GLU G 317 19.23 22.64 -5.26
N PHE G 318 18.81 22.67 -6.53
CA PHE G 318 19.14 21.58 -7.44
C PHE G 318 20.65 21.48 -7.63
N VAL G 319 21.27 22.64 -7.87
CA VAL G 319 22.72 22.73 -8.02
C VAL G 319 23.44 22.23 -6.77
N GLU G 320 22.96 22.67 -5.62
CA GLU G 320 23.56 22.26 -4.34
C GLU G 320 23.52 20.74 -4.19
N ARG G 321 22.38 20.14 -4.50
CA ARG G 321 22.22 18.69 -4.41
C ARG G 321 23.06 17.96 -5.46
N SER G 322 23.06 18.50 -6.68
CA SER G 322 23.85 17.95 -7.77
C SER G 322 25.34 17.88 -7.43
N VAL G 323 25.90 19.00 -6.96
CA VAL G 323 27.30 19.02 -6.57
C VAL G 323 27.62 17.98 -5.48
N ALA G 324 26.73 17.86 -4.51
CA ALA G 324 26.92 16.93 -3.42
C ALA G 324 26.97 15.48 -3.93
N ARG G 325 26.08 15.17 -4.86
CA ARG G 325 26.01 13.83 -5.45
C ARG G 325 27.25 13.55 -6.30
N ALA G 326 27.69 14.54 -7.06
CA ALA G 326 28.90 14.41 -7.87
C ALA G 326 30.12 14.11 -7.01
N LYS G 327 30.25 14.85 -5.90
CA LYS G 327 31.41 14.68 -5.02
C LYS G 327 31.45 13.31 -4.34
N SER G 328 30.30 12.69 -4.15
CA SER G 328 30.27 11.39 -3.47
C SER G 328 30.39 10.22 -4.45
N ARG G 329 30.30 10.52 -5.73
CA ARG G 329 30.42 9.49 -6.76
C ARG G 329 31.78 8.81 -6.70
N VAL G 330 31.79 7.50 -6.45
CA VAL G 330 33.02 6.76 -6.25
C VAL G 330 33.73 6.39 -7.55
N VAL G 331 34.95 6.90 -7.70
CA VAL G 331 35.79 6.62 -8.85
C VAL G 331 36.84 5.59 -8.43
N GLY G 332 37.12 4.60 -9.27
CA GLY G 332 38.15 3.64 -8.99
C GLY G 332 38.16 2.36 -9.81
N ASN G 333 38.76 1.32 -9.24
CA ASN G 333 38.85 0.03 -9.90
C ASN G 333 37.46 -0.46 -10.29
N PRO G 334 37.22 -0.59 -11.60
CA PRO G 334 35.90 -1.00 -12.08
C PRO G 334 35.47 -2.41 -11.62
N PHE G 335 36.40 -3.21 -11.09
CA PHE G 335 36.05 -4.54 -10.60
C PHE G 335 35.63 -4.51 -9.13
N ASP G 336 35.86 -3.38 -8.47
CA ASP G 336 35.44 -3.19 -7.09
C ASP G 336 33.96 -2.84 -7.05
N SER G 337 33.18 -3.64 -6.34
CA SER G 337 31.72 -3.49 -6.29
C SER G 337 31.25 -2.11 -5.84
N LYS G 338 32.14 -1.38 -5.16
CA LYS G 338 31.82 -0.06 -4.64
C LYS G 338 32.07 1.06 -5.67
N THR G 339 32.67 0.71 -6.80
CA THR G 339 32.99 1.68 -7.83
C THR G 339 31.77 2.05 -8.67
N GLU G 340 31.53 3.35 -8.82
CA GLU G 340 30.46 3.86 -9.67
C GLU G 340 31.00 4.28 -11.03
N GLN G 341 32.24 4.77 -11.03
CA GLN G 341 32.86 5.32 -12.24
C GLN G 341 34.27 4.78 -12.46
N GLY G 342 34.47 4.14 -13.62
CA GLY G 342 35.80 3.67 -14.00
C GLY G 342 36.56 4.72 -14.78
N PRO G 343 37.54 4.29 -15.59
CA PRO G 343 38.32 5.25 -16.37
C PRO G 343 37.59 5.57 -17.67
N GLN G 344 38.01 6.62 -18.35
CA GLN G 344 37.58 6.85 -19.73
C GLN G 344 38.26 5.77 -20.57
N VAL G 345 37.83 5.60 -21.82
CA VAL G 345 38.23 4.43 -22.59
C VAL G 345 39.70 4.38 -22.98
N ASP G 346 40.30 5.54 -23.25
CA ASP G 346 41.69 5.55 -23.70
C ASP G 346 42.35 6.90 -23.46
N GLU G 347 43.60 7.02 -23.88
CA GLU G 347 44.36 8.26 -23.69
C GLU G 347 43.79 9.40 -24.52
N THR G 348 43.38 9.10 -25.73
CA THR G 348 42.85 10.12 -26.64
C THR G 348 41.66 10.84 -26.02
N GLN G 349 40.70 10.07 -25.53
CA GLN G 349 39.50 10.62 -24.90
C GLN G 349 39.81 11.37 -23.61
N PHE G 350 40.66 10.77 -22.77
CA PHE G 350 41.17 11.39 -21.55
C PHE G 350 41.64 12.83 -21.79
N LYS G 351 42.50 13.01 -22.78
CA LYS G 351 43.05 14.32 -23.10
C LYS G 351 41.98 15.26 -23.64
N LYS G 352 41.06 14.70 -24.42
CA LYS G 352 39.98 15.49 -25.00
C LYS G 352 39.11 16.07 -23.88
N ILE G 353 38.80 15.25 -22.88
CA ILE G 353 37.95 15.69 -21.78
C ILE G 353 38.65 16.73 -20.90
N LEU G 354 39.96 16.60 -20.73
CA LEU G 354 40.73 17.59 -19.99
C LEU G 354 40.70 18.91 -20.74
N GLY G 355 40.74 18.81 -22.08
CA GLY G 355 40.65 19.98 -22.94
C GLY G 355 39.34 20.71 -22.81
N TYR G 356 38.24 19.96 -22.76
CA TYR G 356 36.92 20.55 -22.62
C TYR G 356 36.72 21.16 -21.22
N ILE G 357 37.32 20.53 -20.21
CA ILE G 357 37.26 21.07 -18.86
C ILE G 357 37.95 22.42 -18.78
N ASN G 358 39.10 22.54 -19.44
CA ASN G 358 39.80 23.81 -19.46
C ASN G 358 39.03 24.85 -20.26
N THR G 359 38.41 24.40 -21.35
CA THR G 359 37.60 25.28 -22.18
C THR G 359 36.48 25.93 -21.38
N GLY G 360 35.77 25.12 -20.59
CA GLY G 360 34.66 25.63 -19.81
C GLY G 360 35.11 26.70 -18.84
N LYS G 361 36.23 26.44 -18.17
CA LYS G 361 36.80 27.39 -17.23
C LYS G 361 37.21 28.68 -17.93
N GLN G 362 37.70 28.55 -19.15
CA GLN G 362 38.22 29.71 -19.88
C GLN G 362 37.08 30.58 -20.41
N GLU G 363 35.93 29.98 -20.65
CA GLU G 363 34.74 30.71 -21.11
C GLU G 363 33.97 31.41 -20.00
N GLY G 364 34.24 31.04 -18.75
CA GLY G 364 33.57 31.69 -17.62
C GLY G 364 32.45 30.89 -17.00
N ALA G 365 32.40 29.59 -17.28
CA ALA G 365 31.46 28.71 -16.60
C ALA G 365 31.97 28.47 -15.18
N LYS G 366 31.07 28.39 -14.21
CA LYS G 366 31.48 28.26 -12.82
C LYS G 366 31.75 26.82 -12.40
N LEU G 367 33.03 26.48 -12.24
CA LEU G 367 33.41 25.15 -11.79
C LEU G 367 32.98 24.96 -10.34
N LEU G 368 32.09 24.01 -10.11
CA LEU G 368 31.54 23.79 -8.77
C LEU G 368 32.19 22.62 -8.04
N CYS G 369 32.81 21.72 -8.79
CA CYS G 369 33.49 20.59 -8.18
C CYS G 369 34.30 19.84 -9.23
N GLY G 370 35.18 18.95 -8.76
CA GLY G 370 36.04 18.18 -9.63
C GLY G 370 36.89 19.07 -10.52
N GLY G 371 37.11 18.63 -11.75
CA GLY G 371 37.80 19.45 -12.74
C GLY G 371 39.15 18.91 -13.15
N GLY G 372 39.63 17.87 -12.47
CA GLY G 372 40.96 17.36 -12.72
C GLY G 372 41.04 15.85 -12.89
N ILE G 373 42.26 15.34 -12.77
CA ILE G 373 42.58 13.93 -12.91
C ILE G 373 42.43 13.17 -11.59
N ALA G 374 41.67 12.09 -11.61
CA ALA G 374 41.28 11.41 -10.38
C ALA G 374 42.26 10.35 -9.89
N ALA G 375 43.19 9.94 -10.74
CA ALA G 375 44.16 8.91 -10.34
C ALA G 375 45.46 8.95 -11.14
N ASP G 376 46.43 8.16 -10.69
CA ASP G 376 47.75 8.08 -11.31
C ASP G 376 47.74 7.13 -12.51
N ARG G 377 47.46 5.85 -12.28
CA ARG G 377 47.39 4.89 -13.36
C ARG G 377 46.03 4.97 -14.06
N GLY G 378 45.97 4.53 -15.31
CA GLY G 378 44.72 4.54 -16.07
C GLY G 378 44.35 5.93 -16.54
N TYR G 379 43.08 6.11 -16.91
CA TYR G 379 42.60 7.41 -17.40
C TYR G 379 41.36 7.85 -16.62
N PHE G 380 41.55 8.11 -15.32
CA PHE G 380 40.44 8.50 -14.46
C PHE G 380 40.31 10.01 -14.35
N ILE G 381 39.09 10.50 -14.51
CA ILE G 381 38.80 11.93 -14.42
C ILE G 381 37.74 12.17 -13.36
N GLN G 382 37.96 13.18 -12.53
CA GLN G 382 37.04 13.50 -11.44
C GLN G 382 35.69 13.96 -11.98
N PRO G 383 34.59 13.44 -11.42
CA PRO G 383 33.26 13.95 -11.80
C PRO G 383 33.22 15.47 -11.66
N THR G 384 32.87 16.14 -12.76
CA THR G 384 32.98 17.58 -12.86
C THR G 384 31.62 18.24 -13.10
N VAL G 385 31.37 19.35 -12.42
CA VAL G 385 30.12 20.09 -12.58
C VAL G 385 30.35 21.59 -12.81
N PHE G 386 29.85 22.08 -13.93
CA PHE G 386 29.82 23.51 -14.24
C PHE G 386 28.43 24.10 -14.02
N GLY G 387 28.36 25.26 -13.39
CA GLY G 387 27.09 25.93 -13.16
C GLY G 387 27.04 27.24 -13.91
N ASP G 388 25.85 27.85 -13.97
CA ASP G 388 25.67 29.12 -14.67
C ASP G 388 26.25 29.04 -16.08
N VAL G 389 25.99 27.91 -16.75
CA VAL G 389 26.43 27.70 -18.12
C VAL G 389 25.48 28.47 -19.04
N GLN G 390 26.03 29.06 -20.10
CA GLN G 390 25.24 29.82 -21.05
C GLN G 390 25.22 29.10 -22.40
N ASP G 391 24.17 29.33 -23.17
CA ASP G 391 23.98 28.63 -24.43
C ASP G 391 25.15 28.80 -25.41
N GLY G 392 25.80 29.95 -25.35
CA GLY G 392 26.84 30.28 -26.31
C GLY G 392 28.20 29.67 -26.01
N MET G 393 28.34 29.10 -24.82
CA MET G 393 29.59 28.46 -24.43
C MET G 393 29.83 27.19 -25.22
N THR G 394 31.09 26.82 -25.37
CA THR G 394 31.46 25.64 -26.14
C THR G 394 31.08 24.36 -25.42
N ILE G 395 31.19 24.36 -24.09
CA ILE G 395 30.78 23.19 -23.30
C ILE G 395 29.26 22.99 -23.28
N ALA G 396 28.53 24.02 -23.70
CA ALA G 396 27.09 23.94 -23.80
C ALA G 396 26.67 23.56 -25.22
N LYS G 397 27.63 23.48 -26.13
CA LYS G 397 27.32 23.19 -27.53
C LYS G 397 27.89 21.86 -28.03
N GLU G 398 29.13 21.57 -27.67
CA GLU G 398 29.83 20.42 -28.22
C GLU G 398 29.79 19.21 -27.31
N GLU G 399 29.70 18.03 -27.90
CA GLU G 399 29.66 16.80 -27.14
C GLU G 399 31.02 16.56 -26.49
N ILE G 400 31.02 16.44 -25.16
CA ILE G 400 32.23 16.26 -24.40
C ILE G 400 32.54 14.77 -24.22
N PHE G 401 31.49 13.97 -24.02
CA PHE G 401 31.63 12.52 -23.92
C PHE G 401 32.45 12.09 -22.70
N GLY G 402 32.33 12.87 -21.62
CA GLY G 402 33.03 12.57 -20.38
C GLY G 402 32.17 12.95 -19.18
N PRO G 403 32.71 12.77 -17.95
CA PRO G 403 31.98 13.09 -16.72
C PRO G 403 31.97 14.59 -16.46
N VAL G 404 31.38 15.36 -17.37
CA VAL G 404 31.34 16.81 -17.24
C VAL G 404 29.90 17.29 -17.41
N MET G 405 29.32 17.77 -16.31
CA MET G 405 27.91 18.16 -16.25
C MET G 405 27.73 19.67 -16.41
N GLN G 406 26.74 20.06 -17.22
CA GLN G 406 26.44 21.47 -17.46
C GLN G 406 25.05 21.81 -16.92
N ILE G 407 24.98 22.70 -15.94
CA ILE G 407 23.69 23.13 -15.42
C ILE G 407 23.39 24.57 -15.87
N LEU G 408 22.24 24.75 -16.50
CA LEU G 408 21.82 26.04 -17.00
C LEU G 408 20.52 26.44 -16.32
N LYS G 409 20.27 27.74 -16.23
CA LYS G 409 19.07 28.24 -15.57
C LYS G 409 18.10 28.82 -16.58
N PHE G 410 16.80 28.59 -16.37
CA PHE G 410 15.76 29.17 -17.22
C PHE G 410 14.56 29.60 -16.39
N LYS G 411 13.65 30.37 -17.00
CA LYS G 411 12.50 30.91 -16.27
C LYS G 411 11.17 30.33 -16.73
N THR G 412 10.93 30.35 -18.04
CA THR G 412 9.64 29.91 -18.57
C THR G 412 9.72 28.72 -19.51
N ILE G 413 8.60 28.01 -19.61
CA ILE G 413 8.52 26.82 -20.44
C ILE G 413 8.71 27.18 -21.92
N GLU G 414 8.24 28.36 -22.31
CA GLU G 414 8.37 28.79 -23.70
C GLU G 414 9.83 29.10 -23.99
N GLU G 415 10.49 29.71 -23.03
CA GLU G 415 11.91 30.04 -23.16
C GLU G 415 12.73 28.77 -23.34
N VAL G 416 12.55 27.82 -22.44
CA VAL G 416 13.40 26.63 -22.43
C VAL G 416 13.21 25.76 -23.66
N VAL G 417 12.03 25.84 -24.27
CA VAL G 417 11.76 25.10 -25.50
C VAL G 417 12.69 25.55 -26.64
N GLY G 418 12.81 26.86 -26.83
CA GLY G 418 13.63 27.38 -27.91
C GLY G 418 15.11 27.16 -27.66
N ARG G 419 15.52 27.21 -26.40
CA ARG G 419 16.92 27.00 -26.04
C ARG G 419 17.33 25.53 -26.17
N ALA G 420 16.46 24.63 -25.75
CA ALA G 420 16.72 23.20 -25.89
C ALA G 420 16.81 22.80 -27.37
N ASN G 421 15.95 23.39 -28.18
CA ASN G 421 15.88 23.09 -29.61
C ASN G 421 16.95 23.81 -30.43
N ASN G 422 17.61 24.77 -29.81
CA ASN G 422 18.70 25.49 -30.45
C ASN G 422 19.99 24.67 -30.40
N SER G 423 20.02 23.62 -31.20
CA SER G 423 21.18 22.75 -31.25
C SER G 423 21.25 22.06 -32.61
N THR G 424 22.46 21.74 -33.04
CA THR G 424 22.67 20.97 -34.26
C THR G 424 22.44 19.49 -33.99
N TYR G 425 22.33 19.12 -32.71
CA TYR G 425 22.02 17.73 -32.35
C TYR G 425 20.53 17.55 -32.04
N GLY G 426 20.07 16.30 -32.09
CA GLY G 426 18.68 15.99 -31.79
C GLY G 426 18.47 14.54 -31.41
N LEU G 427 19.36 14.00 -30.59
CA LEU G 427 19.32 12.58 -30.27
C LEU G 427 18.25 12.28 -29.22
N ALA G 428 18.31 12.99 -28.10
CA ALA G 428 17.39 12.75 -27.00
C ALA G 428 17.10 14.02 -26.21
N ALA G 429 16.20 13.90 -25.24
CA ALA G 429 15.82 15.00 -24.34
C ALA G 429 14.97 14.41 -23.22
N ALA G 430 14.80 15.16 -22.14
CA ALA G 430 13.93 14.74 -21.07
C ALA G 430 13.22 15.93 -20.41
N VAL G 431 12.12 15.61 -19.72
CA VAL G 431 11.37 16.60 -18.97
C VAL G 431 10.97 16.00 -17.63
N PHE G 432 11.23 16.74 -16.56
CA PHE G 432 10.78 16.35 -15.24
C PHE G 432 9.73 17.34 -14.74
N THR G 433 8.54 16.82 -14.50
CA THR G 433 7.38 17.61 -14.13
C THR G 433 6.24 16.69 -13.69
N LYS G 434 5.37 17.19 -12.82
CA LYS G 434 4.22 16.41 -12.39
C LYS G 434 2.99 16.78 -13.22
N ASP G 435 3.11 17.86 -13.97
CA ASP G 435 1.97 18.43 -14.70
C ASP G 435 1.74 17.73 -16.03
N LEU G 436 0.52 17.24 -16.22
CA LEU G 436 0.12 16.58 -17.45
C LEU G 436 0.39 17.48 -18.67
N ASP G 437 -0.19 18.67 -18.67
CA ASP G 437 -0.07 19.59 -19.80
C ASP G 437 1.37 19.96 -20.16
N LYS G 438 2.19 20.25 -19.15
CA LYS G 438 3.59 20.60 -19.39
C LYS G 438 4.33 19.45 -20.07
N ALA G 439 4.10 18.23 -19.57
CA ALA G 439 4.70 17.04 -20.15
C ALA G 439 4.32 16.90 -21.62
N ASN G 440 3.04 17.07 -21.93
CA ASN G 440 2.56 16.90 -23.31
C ASN G 440 3.04 18.01 -24.23
N TYR G 441 3.07 19.23 -23.71
CA TYR G 441 3.57 20.38 -24.46
C TYR G 441 5.02 20.17 -24.88
N LEU G 442 5.84 19.73 -23.93
CA LEU G 442 7.27 19.59 -24.13
C LEU G 442 7.67 18.37 -24.97
N SER G 443 6.99 17.24 -24.74
CA SER G 443 7.29 16.04 -25.51
C SER G 443 7.03 16.27 -27.00
N GLN G 444 5.99 17.04 -27.31
CA GLN G 444 5.70 17.40 -28.70
C GLN G 444 6.67 18.42 -29.29
N ALA G 445 6.95 19.48 -28.52
CA ALA G 445 7.73 20.59 -29.03
C ALA G 445 9.25 20.31 -29.13
N LEU G 446 9.74 19.37 -28.33
CA LEU G 446 11.16 19.05 -28.30
C LEU G 446 11.64 18.30 -29.55
N GLN G 447 12.64 18.86 -30.22
CA GLN G 447 13.16 18.32 -31.47
C GLN G 447 14.21 17.26 -31.19
N ALA G 448 13.74 16.10 -30.72
CA ALA G 448 14.62 15.02 -30.32
C ALA G 448 14.00 13.67 -30.70
N GLY G 449 14.85 12.71 -31.06
CA GLY G 449 14.40 11.38 -31.44
C GLY G 449 13.71 10.63 -30.32
N THR G 450 14.19 10.83 -29.08
CA THR G 450 13.56 10.23 -27.92
C THR G 450 13.35 11.30 -26.85
N VAL G 451 12.15 11.35 -26.30
CA VAL G 451 11.89 12.20 -25.14
C VAL G 451 11.49 11.35 -23.95
N TRP G 452 12.27 11.43 -22.87
CA TRP G 452 11.93 10.73 -21.64
C TRP G 452 11.18 11.69 -20.72
N VAL G 453 10.10 11.20 -20.10
CA VAL G 453 9.33 12.01 -19.15
C VAL G 453 9.43 11.41 -17.76
N ASN G 454 9.97 12.20 -16.82
CA ASN G 454 10.28 11.74 -15.46
C ASN G 454 11.20 10.52 -15.38
N CYS G 455 12.03 10.33 -16.39
CA CYS G 455 13.05 9.30 -16.35
C CYS G 455 14.19 9.67 -17.31
N TYR G 456 15.17 8.80 -17.44
CA TYR G 456 16.25 9.02 -18.41
C TYR G 456 16.93 7.70 -18.75
N ASP G 457 17.50 7.63 -19.95
CA ASP G 457 18.18 6.44 -20.43
C ASP G 457 17.34 5.17 -20.26
N VAL G 458 16.04 5.30 -20.47
CA VAL G 458 15.17 4.14 -20.49
C VAL G 458 15.11 3.59 -21.92
N PHE G 459 15.69 2.41 -22.10
CA PHE G 459 15.71 1.72 -23.39
C PHE G 459 14.96 0.41 -23.29
N GLY G 460 14.16 0.14 -24.32
CA GLY G 460 13.52 -1.15 -24.46
C GLY G 460 13.83 -1.68 -25.84
N ALA G 461 13.99 -2.99 -25.94
CA ALA G 461 14.20 -3.62 -27.24
C ALA G 461 13.01 -3.32 -28.16
N GLN G 462 11.84 -3.06 -27.55
CA GLN G 462 10.60 -2.82 -28.29
C GLN G 462 10.51 -1.40 -28.86
N SER G 463 11.23 -0.45 -28.26
CA SER G 463 11.09 0.97 -28.60
C SER G 463 12.28 1.52 -29.39
N PRO G 464 12.01 2.18 -30.54
CA PRO G 464 13.07 2.65 -31.42
C PRO G 464 13.90 3.79 -30.83
N PHE G 465 15.13 3.93 -31.32
CA PHE G 465 16.06 4.94 -30.83
C PHE G 465 16.98 5.44 -31.95
N GLY G 466 17.18 6.75 -32.00
CA GLY G 466 17.96 7.37 -33.06
C GLY G 466 17.74 8.88 -33.07
N GLY G 467 18.51 9.58 -33.90
CA GLY G 467 18.54 11.03 -33.83
C GLY G 467 17.77 11.83 -34.86
N TYR G 468 17.63 13.12 -34.58
CA TYR G 468 17.21 14.12 -35.56
C TYR G 468 18.47 14.88 -35.92
N LYS G 469 18.39 15.70 -36.97
CA LYS G 469 19.47 16.62 -37.32
C LYS G 469 20.84 15.93 -37.45
N MET G 470 21.85 16.51 -36.81
CA MET G 470 23.23 16.02 -36.88
C MET G 470 23.51 14.82 -35.99
N SER G 471 22.47 14.30 -35.35
CA SER G 471 22.61 13.12 -34.48
C SER G 471 22.43 11.82 -35.27
N GLY G 472 22.14 11.96 -36.56
CA GLY G 472 22.03 10.81 -37.44
C GLY G 472 20.68 10.66 -38.12
N SER G 473 20.53 9.57 -38.86
CA SER G 473 19.29 9.25 -39.54
C SER G 473 19.02 7.77 -39.36
N GLY G 474 17.75 7.38 -39.39
CA GLY G 474 17.41 5.99 -39.21
C GLY G 474 17.43 5.58 -37.74
N ARG G 475 16.56 4.64 -37.39
CA ARG G 475 16.40 4.23 -36.00
C ARG G 475 16.88 2.81 -35.74
N GLU G 476 17.11 2.51 -34.47
CA GLU G 476 17.43 1.16 -34.05
C GLU G 476 16.43 0.68 -33.00
N LEU G 477 16.39 -0.63 -32.80
CA LEU G 477 15.44 -1.26 -31.89
C LEU G 477 14.02 -1.17 -32.45
N GLY G 478 13.08 -1.88 -31.81
CA GLY G 478 11.70 -1.92 -32.26
C GLY G 478 11.55 -2.45 -33.67
N GLU G 479 10.33 -2.40 -34.19
CA GLU G 479 10.06 -2.81 -35.56
C GLU G 479 10.78 -1.91 -36.57
N TYR G 480 10.95 -0.64 -36.22
CA TYR G 480 11.61 0.30 -37.11
C TYR G 480 13.04 -0.11 -37.41
N GLY G 481 13.63 -0.90 -36.52
CA GLY G 481 14.99 -1.37 -36.68
C GLY G 481 15.18 -2.24 -37.91
N LEU G 482 14.09 -2.84 -38.38
CA LEU G 482 14.15 -3.78 -39.51
C LEU G 482 14.12 -3.07 -40.85
N GLN G 483 13.54 -1.87 -40.89
CA GLN G 483 13.32 -1.15 -42.13
C GLN G 483 14.62 -0.92 -42.92
N ALA G 484 15.67 -0.56 -42.19
CA ALA G 484 16.95 -0.29 -42.82
C ALA G 484 17.55 -1.56 -43.41
N TYR G 485 17.06 -2.70 -42.94
CA TYR G 485 17.66 -3.99 -43.34
C TYR G 485 16.81 -4.75 -44.35
N THR G 486 15.79 -4.09 -44.88
CA THR G 486 14.87 -4.69 -45.82
C THR G 486 14.87 -3.97 -47.17
N LYS G 487 14.77 -4.75 -48.23
CA LYS G 487 14.62 -4.22 -49.57
C LYS G 487 13.25 -4.63 -50.09
N VAL G 488 12.48 -3.67 -50.61
CA VAL G 488 11.13 -3.96 -51.11
C VAL G 488 11.13 -4.27 -52.60
N LYS G 489 10.58 -5.42 -52.96
CA LYS G 489 10.35 -5.76 -54.36
C LYS G 489 8.85 -5.83 -54.63
N THR G 490 8.42 -5.11 -55.65
CA THR G 490 7.05 -5.16 -56.13
C THR G 490 6.90 -6.16 -57.28
N VAL G 491 5.95 -7.08 -57.15
CA VAL G 491 5.62 -7.98 -58.25
C VAL G 491 4.19 -7.69 -58.68
N THR G 492 4.02 -7.38 -59.96
CA THR G 492 2.71 -7.01 -60.48
C THR G 492 2.33 -7.92 -61.64
N VAL G 493 1.35 -8.79 -61.38
CA VAL G 493 0.97 -9.85 -62.30
C VAL G 493 -0.37 -9.59 -63.01
N LYS G 494 -0.40 -9.82 -64.31
CA LYS G 494 -1.64 -9.74 -65.08
C LYS G 494 -2.52 -10.95 -64.70
N VAL G 495 -3.77 -10.69 -64.36
CA VAL G 495 -4.72 -11.76 -64.03
C VAL G 495 -5.95 -11.64 -64.92
N PRO G 496 -6.66 -12.76 -65.13
CA PRO G 496 -7.84 -12.82 -66.01
C PRO G 496 -8.90 -11.76 -65.68
N GLN G 497 -9.30 -11.68 -64.42
CA GLN G 497 -10.32 -10.71 -64.01
C GLN G 497 -10.26 -10.41 -62.53
N LYS G 498 -9.82 -9.20 -62.20
CA LYS G 498 -9.71 -8.77 -60.80
C LYS G 498 -11.09 -8.59 -60.16
N ASN G 499 -11.25 -9.18 -58.98
CA ASN G 499 -12.44 -8.96 -58.14
C ASN G 499 -11.99 -8.63 -56.73
N SER G 500 -12.85 -7.98 -55.96
CA SER G 500 -12.55 -7.69 -54.56
C SER G 500 -12.53 -8.97 -53.72
N GLN H 6 -10.97 7.93 -72.09
CA GLN H 6 -11.23 7.54 -73.48
C GLN H 6 -11.33 8.73 -74.43
N ALA H 7 -12.30 9.61 -74.21
CA ALA H 7 -12.47 10.77 -75.08
C ALA H 7 -11.47 11.87 -74.76
N VAL H 8 -10.86 12.44 -75.80
CA VAL H 8 -9.91 13.54 -75.61
C VAL H 8 -10.37 14.83 -76.28
N PRO H 9 -10.51 15.91 -75.49
CA PRO H 9 -10.86 17.21 -76.08
C PRO H 9 -9.79 17.70 -77.05
N ALA H 10 -10.20 18.42 -78.09
CA ALA H 10 -9.24 19.00 -79.03
C ALA H 10 -8.32 19.98 -78.29
N PRO H 11 -7.01 19.89 -78.54
CA PRO H 11 -6.03 20.67 -77.79
C PRO H 11 -5.79 22.08 -78.34
N ASN H 12 -5.38 23.00 -77.48
CA ASN H 12 -4.82 24.27 -77.90
C ASN H 12 -3.36 24.04 -78.26
N GLN H 13 -3.07 23.99 -79.55
CA GLN H 13 -1.74 23.61 -80.04
C GLN H 13 -0.63 24.59 -79.67
N GLN H 14 -1.02 25.79 -79.26
CA GLN H 14 -0.04 26.79 -78.83
C GLN H 14 -0.51 27.47 -77.55
N PRO H 15 -0.62 26.68 -76.47
CA PRO H 15 -1.18 27.18 -75.22
C PRO H 15 -0.41 28.38 -74.68
N GLU H 16 -1.13 29.31 -74.06
CA GLU H 16 -0.52 30.49 -73.46
C GLU H 16 0.25 30.09 -72.20
N VAL H 17 1.39 30.72 -71.99
CA VAL H 17 2.13 30.55 -70.74
C VAL H 17 1.73 31.64 -69.74
N PHE H 18 1.46 31.24 -68.51
CA PHE H 18 1.04 32.18 -67.48
C PHE H 18 2.07 32.32 -66.37
N CYS H 19 2.83 31.27 -66.12
CA CYS H 19 3.80 31.27 -65.03
C CYS H 19 5.19 30.89 -65.54
N ASN H 20 6.16 31.78 -65.36
CA ASN H 20 7.53 31.51 -65.80
C ASN H 20 8.57 32.10 -64.86
N GLN H 21 8.23 32.16 -63.58
CA GLN H 21 9.11 32.73 -62.58
C GLN H 21 9.38 31.76 -61.42
N ILE H 22 9.98 32.28 -60.35
CA ILE H 22 10.29 31.49 -59.17
C ILE H 22 9.15 31.63 -58.15
N PHE H 23 8.70 30.50 -57.62
CA PHE H 23 7.53 30.47 -56.73
C PHE H 23 7.92 30.37 -55.25
N ILE H 24 7.62 31.41 -54.48
CA ILE H 24 8.00 31.46 -53.09
C ILE H 24 6.93 32.17 -52.26
N ASN H 25 6.50 31.53 -51.18
CA ASN H 25 5.46 32.08 -50.32
C ASN H 25 4.19 32.46 -51.07
N ASN H 26 3.84 31.64 -52.08
CA ASN H 26 2.64 31.86 -52.88
C ASN H 26 2.70 33.16 -53.70
N GLU H 27 3.92 33.56 -54.04
CA GLU H 27 4.15 34.77 -54.82
C GLU H 27 5.19 34.49 -55.90
N TRP H 28 5.14 35.25 -57.00
CA TRP H 28 6.05 35.00 -58.11
C TRP H 28 7.23 35.96 -58.10
N HIS H 29 8.44 35.39 -58.27
CA HIS H 29 9.67 36.15 -58.16
C HIS H 29 10.57 36.02 -59.39
N ASP H 30 11.24 37.13 -59.74
CA ASP H 30 12.34 37.06 -60.68
C ASP H 30 13.52 36.49 -59.93
N ALA H 31 14.50 35.95 -60.64
CA ALA H 31 15.75 35.55 -60.00
C ALA H 31 16.41 36.79 -59.40
N VAL H 32 17.12 36.63 -58.29
CA VAL H 32 17.83 37.75 -57.68
C VAL H 32 18.84 38.32 -58.68
N SER H 33 19.34 37.46 -59.56
CA SER H 33 20.26 37.87 -60.61
C SER H 33 19.50 38.59 -61.72
N ARG H 34 18.20 38.30 -61.82
CA ARG H 34 17.33 38.82 -62.86
C ARG H 34 17.48 38.04 -64.16
N LYS H 35 18.45 37.12 -64.20
CA LYS H 35 18.71 36.35 -65.41
C LYS H 35 17.62 35.32 -65.71
N THR H 36 17.48 34.96 -66.99
CA THR H 36 16.48 34.00 -67.41
C THR H 36 17.08 33.05 -68.43
N PHE H 37 16.51 31.85 -68.53
CA PHE H 37 16.94 30.87 -69.52
C PHE H 37 15.77 30.50 -70.40
N PRO H 38 16.03 30.17 -71.67
CA PRO H 38 14.93 29.79 -72.56
C PRO H 38 14.50 28.34 -72.33
N THR H 39 13.23 28.06 -72.51
CA THR H 39 12.75 26.69 -72.61
C THR H 39 12.18 26.48 -74.01
N VAL H 40 12.53 25.36 -74.61
CA VAL H 40 12.29 25.14 -76.02
C VAL H 40 11.21 24.09 -76.31
N ASN H 41 10.49 24.29 -77.41
CA ASN H 41 9.57 23.29 -77.92
C ASN H 41 10.35 22.25 -78.71
N PRO H 42 10.49 21.03 -78.19
CA PRO H 42 11.31 20.00 -78.84
C PRO H 42 10.81 19.59 -80.21
N SER H 43 9.59 19.97 -80.57
CA SER H 43 9.04 19.57 -81.87
C SER H 43 9.55 20.44 -83.02
N THR H 44 9.97 21.65 -82.70
CA THR H 44 10.39 22.63 -83.69
C THR H 44 11.80 23.13 -83.42
N GLY H 45 12.22 23.02 -82.16
CA GLY H 45 13.53 23.49 -81.74
C GLY H 45 13.54 24.96 -81.40
N GLU H 46 12.35 25.57 -81.33
CA GLU H 46 12.24 27.01 -81.11
C GLU H 46 11.88 27.35 -79.67
N VAL H 47 12.33 28.52 -79.20
CA VAL H 47 12.05 28.93 -77.84
C VAL H 47 10.57 29.20 -77.63
N ILE H 48 10.02 28.62 -76.56
CA ILE H 48 8.65 28.89 -76.16
C ILE H 48 8.57 30.19 -75.38
N CYS H 49 9.41 30.31 -74.34
CA CYS H 49 9.50 31.54 -73.55
C CYS H 49 10.69 31.52 -72.59
N GLN H 50 10.93 32.64 -71.92
CA GLN H 50 12.02 32.74 -70.96
C GLN H 50 11.54 32.34 -69.57
N VAL H 51 12.42 31.72 -68.79
CA VAL H 51 12.08 31.32 -67.44
C VAL H 51 13.08 31.88 -66.43
N ALA H 52 12.59 32.34 -65.28
CA ALA H 52 13.48 32.81 -64.21
C ALA H 52 14.58 31.79 -63.93
N GLU H 53 15.82 32.26 -63.86
CA GLU H 53 16.95 31.36 -63.63
C GLU H 53 17.44 31.40 -62.19
N GLY H 54 16.84 30.57 -61.35
CA GLY H 54 17.16 30.53 -59.93
C GLY H 54 18.55 30.01 -59.63
N ASP H 55 19.17 30.56 -58.59
CA ASP H 55 20.49 30.12 -58.16
C ASP H 55 20.48 29.97 -56.64
N LYS H 56 21.67 29.87 -56.06
CA LYS H 56 21.82 29.60 -54.64
C LYS H 56 21.12 30.65 -53.77
N GLU H 57 21.18 31.90 -54.20
CA GLU H 57 20.55 32.99 -53.47
C GLU H 57 19.04 32.81 -53.46
N ASP H 58 18.51 32.36 -54.58
CA ASP H 58 17.07 32.12 -54.73
C ASP H 58 16.63 30.89 -53.92
N VAL H 59 17.48 29.88 -53.87
CA VAL H 59 17.21 28.71 -53.03
C VAL H 59 17.21 29.10 -51.54
N ASP H 60 18.16 29.94 -51.15
CA ASP H 60 18.23 30.38 -49.77
C ASP H 60 16.92 31.02 -49.34
N LYS H 61 16.33 31.81 -50.25
CA LYS H 61 15.06 32.46 -50.00
C LYS H 61 13.92 31.45 -49.83
N ALA H 62 13.89 30.44 -50.70
CA ALA H 62 12.87 29.40 -50.65
C ALA H 62 12.95 28.57 -49.37
N VAL H 63 14.16 28.19 -48.98
CA VAL H 63 14.37 27.39 -47.79
C VAL H 63 13.98 28.14 -46.52
N LYS H 64 14.25 29.44 -46.49
CA LYS H 64 13.83 30.27 -45.37
C LYS H 64 12.31 30.31 -45.26
N ALA H 65 11.64 30.52 -46.39
CA ALA H 65 10.19 30.52 -46.44
C ALA H 65 9.62 29.18 -45.96
N ALA H 66 10.18 28.10 -46.49
CA ALA H 66 9.75 26.75 -46.12
C ALA H 66 9.95 26.53 -44.62
N ARG H 67 11.12 26.89 -44.12
CA ARG H 67 11.41 26.78 -42.70
C ARG H 67 10.41 27.58 -41.85
N ALA H 68 10.05 28.78 -42.32
CA ALA H 68 9.06 29.59 -41.61
C ALA H 68 7.67 28.93 -41.55
N ALA H 69 7.29 28.26 -42.63
CA ALA H 69 6.00 27.59 -42.66
C ALA H 69 5.98 26.34 -41.77
N PHE H 70 7.17 25.85 -41.44
CA PHE H 70 7.29 24.61 -40.67
C PHE H 70 7.39 24.89 -39.18
N GLN H 71 7.39 26.16 -38.79
CA GLN H 71 7.53 26.52 -37.37
C GLN H 71 6.38 25.99 -36.54
N LEU H 72 6.71 25.41 -35.39
CA LEU H 72 5.71 24.90 -34.47
C LEU H 72 4.65 25.98 -34.25
N GLY H 73 3.38 25.58 -34.32
CA GLY H 73 2.29 26.52 -34.12
C GLY H 73 1.84 27.27 -35.36
N SER H 74 2.52 27.03 -36.48
CA SER H 74 2.17 27.70 -37.73
C SER H 74 0.90 27.08 -38.32
N PRO H 75 0.30 27.76 -39.31
CA PRO H 75 -0.92 27.23 -39.91
C PRO H 75 -0.74 25.81 -40.46
N TRP H 76 0.37 25.55 -41.13
CA TRP H 76 0.64 24.23 -41.71
C TRP H 76 0.90 23.15 -40.66
N ARG H 77 1.47 23.53 -39.52
CA ARG H 77 1.78 22.58 -38.46
C ARG H 77 0.53 22.25 -37.63
N ARG H 78 -0.32 23.25 -37.40
CA ARG H 78 -1.52 23.08 -36.56
C ARG H 78 -2.70 22.44 -37.31
N MET H 79 -2.68 22.54 -38.64
CA MET H 79 -3.73 22.00 -39.49
C MET H 79 -4.00 20.51 -39.20
N ASP H 80 -5.28 20.14 -39.10
CA ASP H 80 -5.62 18.74 -38.86
C ASP H 80 -5.13 17.87 -40.01
N ALA H 81 -4.65 16.68 -39.69
CA ALA H 81 -4.15 15.78 -40.72
C ALA H 81 -5.19 15.61 -41.83
N SER H 82 -6.43 15.37 -41.44
CA SER H 82 -7.51 15.19 -42.42
C SER H 82 -7.67 16.41 -43.31
N HIS H 83 -7.26 17.58 -42.83
CA HIS H 83 -7.42 18.80 -43.63
C HIS H 83 -6.32 18.93 -44.68
N ARG H 84 -5.12 18.45 -44.36
CA ARG H 84 -4.10 18.31 -45.38
C ARG H 84 -4.63 17.43 -46.52
N GLY H 85 -5.38 16.39 -46.16
CA GLY H 85 -6.01 15.52 -47.12
C GLY H 85 -7.03 16.26 -47.96
N ARG H 86 -7.82 17.11 -47.31
CA ARG H 86 -8.82 17.92 -48.00
C ARG H 86 -8.16 18.84 -49.02
N LEU H 87 -7.04 19.45 -48.62
CA LEU H 87 -6.31 20.35 -49.50
C LEU H 87 -5.75 19.63 -50.72
N LEU H 88 -5.19 18.44 -50.53
CA LEU H 88 -4.68 17.65 -51.65
C LEU H 88 -5.79 17.27 -52.64
N ASN H 89 -6.96 16.90 -52.13
CA ASN H 89 -8.10 16.59 -52.99
C ASN H 89 -8.59 17.81 -53.75
N ARG H 90 -8.54 18.96 -53.10
CA ARG H 90 -8.88 20.24 -53.74
C ARG H 90 -7.89 20.51 -54.88
N LEU H 91 -6.61 20.34 -54.60
CA LEU H 91 -5.59 20.51 -55.62
C LEU H 91 -5.84 19.61 -56.83
N ALA H 92 -6.17 18.34 -56.58
CA ALA H 92 -6.45 17.39 -57.65
C ALA H 92 -7.63 17.88 -58.48
N ASP H 93 -8.66 18.38 -57.79
CA ASP H 93 -9.86 18.91 -58.44
C ASP H 93 -9.54 20.07 -59.37
N LEU H 94 -8.64 20.95 -58.96
CA LEU H 94 -8.23 22.10 -59.77
C LEU H 94 -7.45 21.68 -61.01
N ILE H 95 -6.53 20.72 -60.82
CA ILE H 95 -5.78 20.15 -61.92
C ILE H 95 -6.70 19.49 -62.94
N GLU H 96 -7.73 18.81 -62.45
CA GLU H 96 -8.72 18.22 -63.35
C GLU H 96 -9.50 19.29 -64.11
N ARG H 97 -9.84 20.37 -63.41
CA ARG H 97 -10.51 21.50 -64.05
C ARG H 97 -9.70 21.99 -65.25
N ASP H 98 -8.38 22.07 -65.08
CA ASP H 98 -7.48 22.58 -66.11
C ASP H 98 -6.74 21.47 -66.84
N ARG H 99 -7.34 20.28 -66.89
CA ARG H 99 -6.69 19.11 -67.46
C ARG H 99 -6.33 19.27 -68.93
N THR H 100 -7.26 19.77 -69.73
CA THR H 100 -7.04 19.95 -71.16
C THR H 100 -5.90 20.92 -71.42
N TYR H 101 -5.85 21.98 -70.63
CA TYR H 101 -4.79 22.98 -70.76
C TYR H 101 -3.43 22.42 -70.35
N LEU H 102 -3.36 21.83 -69.15
CA LEU H 102 -2.12 21.26 -68.64
C LEU H 102 -1.56 20.19 -69.56
N ALA H 103 -2.44 19.38 -70.14
CA ALA H 103 -2.03 18.32 -71.05
C ALA H 103 -1.30 18.90 -72.27
N ALA H 104 -1.86 19.97 -72.83
CA ALA H 104 -1.30 20.60 -74.01
C ALA H 104 0.03 21.27 -73.71
N LEU H 105 0.09 21.99 -72.59
CA LEU H 105 1.32 22.66 -72.17
C LEU H 105 2.40 21.64 -71.88
N GLU H 106 2.00 20.49 -71.33
CA GLU H 106 2.95 19.41 -71.08
C GLU H 106 3.57 18.94 -72.39
N THR H 107 2.72 18.68 -73.38
CA THR H 107 3.18 18.25 -74.70
C THR H 107 4.04 19.34 -75.37
N LEU H 108 3.62 20.58 -75.23
CA LEU H 108 4.34 21.68 -75.87
C LEU H 108 5.78 21.80 -75.37
N ASP H 109 5.96 21.59 -74.07
CA ASP H 109 7.26 21.78 -73.42
C ASP H 109 8.11 20.50 -73.39
N ASN H 110 7.46 19.34 -73.47
CA ASN H 110 8.15 18.05 -73.33
C ASN H 110 8.24 17.25 -74.62
N GLY H 111 7.18 17.31 -75.43
CA GLY H 111 7.20 16.64 -76.72
C GLY H 111 6.32 15.41 -76.82
N LYS H 112 5.95 14.82 -75.68
CA LYS H 112 5.12 13.62 -75.69
C LYS H 112 3.77 13.93 -76.35
N PRO H 113 3.17 12.92 -76.99
CA PRO H 113 1.87 13.09 -77.66
C PRO H 113 0.76 13.55 -76.72
N TYR H 114 -0.02 14.53 -77.17
CA TYR H 114 -1.10 15.11 -76.38
C TYR H 114 -2.11 14.08 -75.89
N VAL H 115 -2.33 13.03 -76.68
CA VAL H 115 -3.30 12.01 -76.30
C VAL H 115 -2.81 11.28 -75.06
N ILE H 116 -1.50 11.04 -75.00
CA ILE H 116 -0.90 10.39 -73.84
C ILE H 116 -0.78 11.36 -72.67
N SER H 117 -0.38 12.60 -72.94
CA SER H 117 -0.41 13.63 -71.92
C SER H 117 -1.78 13.69 -71.23
N TYR H 118 -2.84 13.66 -72.03
CA TYR H 118 -4.19 13.76 -71.49
C TYR H 118 -4.67 12.51 -70.75
N LEU H 119 -4.59 11.37 -71.42
CA LEU H 119 -5.18 10.12 -70.93
C LEU H 119 -4.31 9.35 -69.93
N VAL H 120 -3.00 9.53 -70.03
CA VAL H 120 -2.07 8.84 -69.14
C VAL H 120 -1.56 9.78 -68.06
N ASP H 121 -0.66 10.68 -68.44
CA ASP H 121 -0.02 11.57 -67.47
C ASP H 121 -0.97 12.28 -66.52
N LEU H 122 -1.97 12.98 -67.05
CA LEU H 122 -2.88 13.75 -66.20
C LEU H 122 -3.76 12.84 -65.33
N ASP H 123 -4.12 11.67 -65.86
CA ASP H 123 -4.90 10.70 -65.11
C ASP H 123 -4.10 10.19 -63.91
N MET H 124 -2.82 9.94 -64.14
CA MET H 124 -1.94 9.44 -63.09
C MET H 124 -1.61 10.52 -62.06
N VAL H 125 -1.59 11.77 -62.49
CA VAL H 125 -1.41 12.88 -61.57
C VAL H 125 -2.58 12.95 -60.59
N LEU H 126 -3.78 12.88 -61.14
CA LEU H 126 -4.98 12.95 -60.34
C LEU H 126 -5.04 11.78 -59.37
N LYS H 127 -4.80 10.58 -59.90
CA LYS H 127 -4.84 9.36 -59.09
C LYS H 127 -3.79 9.35 -57.96
N CYS H 128 -2.60 9.84 -58.27
CA CYS H 128 -1.55 9.95 -57.28
C CYS H 128 -1.98 10.87 -56.13
N LEU H 129 -2.42 12.08 -56.48
CA LEU H 129 -2.77 13.09 -55.49
C LEU H 129 -3.97 12.68 -54.65
N ARG H 130 -4.96 12.06 -55.29
CA ARG H 130 -6.14 11.58 -54.58
C ARG H 130 -5.83 10.40 -53.67
N TYR H 131 -4.91 9.55 -54.11
CA TYR H 131 -4.46 8.43 -53.30
C TYR H 131 -3.77 8.93 -52.03
N TYR H 132 -2.85 9.87 -52.17
CA TYR H 132 -2.14 10.38 -50.99
C TYR H 132 -3.00 11.31 -50.11
N ALA H 133 -4.03 11.91 -50.70
CA ALA H 133 -4.96 12.69 -49.90
C ALA H 133 -5.51 11.80 -48.80
N GLY H 134 -5.73 10.54 -49.14
CA GLY H 134 -6.29 9.56 -48.23
C GLY H 134 -5.36 9.07 -47.15
N TRP H 135 -4.05 9.25 -47.34
CA TRP H 135 -3.05 8.81 -46.37
C TRP H 135 -2.83 9.82 -45.26
N ALA H 136 -3.25 11.07 -45.50
CA ALA H 136 -2.94 12.19 -44.61
C ALA H 136 -3.18 11.87 -43.14
N ASP H 137 -4.33 11.28 -42.84
CA ASP H 137 -4.71 11.03 -41.45
C ASP H 137 -4.76 9.55 -41.09
N LYS H 138 -3.88 8.75 -41.68
CA LYS H 138 -3.89 7.31 -41.46
C LYS H 138 -2.50 6.70 -41.19
N TYR H 139 -1.46 7.53 -41.16
CA TYR H 139 -0.11 7.01 -40.93
C TYR H 139 0.23 7.01 -39.45
N HIS H 140 -0.23 5.98 -38.75
CA HIS H 140 -0.17 5.95 -37.28
C HIS H 140 1.22 5.71 -36.71
N GLY H 141 1.44 6.21 -35.50
CA GLY H 141 2.57 5.79 -34.69
C GLY H 141 2.14 4.59 -33.87
N LYS H 142 2.97 4.20 -32.90
CA LYS H 142 2.68 2.99 -32.13
C LYS H 142 2.66 3.23 -30.63
N THR H 143 1.84 2.45 -29.91
CA THR H 143 2.04 2.32 -28.47
C THR H 143 2.76 1.01 -28.25
N ILE H 144 3.75 1.01 -27.35
CA ILE H 144 4.76 -0.04 -27.30
C ILE H 144 4.85 -0.70 -25.93
N PRO H 145 4.68 -2.04 -25.87
CA PRO H 145 4.70 -2.79 -24.61
C PRO H 145 6.12 -2.96 -24.02
N ILE H 146 6.79 -1.83 -23.80
CA ILE H 146 8.17 -1.81 -23.32
C ILE H 146 8.31 -2.40 -21.91
N ASP H 147 9.48 -2.96 -21.60
CA ASP H 147 9.72 -3.51 -20.27
C ASP H 147 9.62 -2.42 -19.21
N GLY H 148 9.24 -2.81 -18.00
CA GLY H 148 9.24 -1.92 -16.86
C GLY H 148 7.97 -1.09 -16.72
N ASP H 149 7.99 -0.21 -15.72
CA ASP H 149 6.84 0.63 -15.43
C ASP H 149 6.89 1.91 -16.27
N PHE H 150 6.72 1.75 -17.58
CA PHE H 150 6.74 2.88 -18.50
C PHE H 150 5.61 2.79 -19.50
N PHE H 151 5.22 3.94 -20.03
CA PHE H 151 4.31 4.03 -21.17
C PHE H 151 5.15 4.60 -22.30
N SER H 152 5.31 3.82 -23.37
CA SER H 152 6.17 4.23 -24.47
C SER H 152 5.35 4.27 -25.75
N TYR H 153 5.58 5.31 -26.56
CA TYR H 153 4.89 5.44 -27.82
C TYR H 153 5.72 6.21 -28.84
N THR H 154 5.34 6.13 -30.11
CA THR H 154 6.02 6.88 -31.15
C THR H 154 5.07 7.85 -31.82
N ARG H 155 5.61 9.01 -32.17
CA ARG H 155 4.93 9.97 -33.03
C ARG H 155 5.60 9.89 -34.39
N HIS H 156 4.81 9.87 -35.46
CA HIS H 156 5.35 9.98 -36.80
C HIS H 156 5.23 11.43 -37.27
N GLU H 157 6.32 12.19 -37.10
CA GLU H 157 6.35 13.61 -37.41
C GLU H 157 6.89 13.84 -38.83
N PRO H 158 6.69 15.05 -39.37
CA PRO H 158 7.24 15.35 -40.70
C PRO H 158 8.74 15.51 -40.61
N VAL H 159 9.47 15.08 -41.63
CA VAL H 159 10.93 15.20 -41.62
C VAL H 159 11.35 16.67 -41.54
N GLY H 160 10.58 17.54 -42.19
CA GLY H 160 10.85 18.96 -42.16
C GLY H 160 10.90 19.58 -43.54
N VAL H 161 11.97 20.31 -43.82
CA VAL H 161 12.13 20.94 -45.12
C VAL H 161 12.74 19.96 -46.11
N CYS H 162 11.95 19.58 -47.11
CA CYS H 162 12.32 18.57 -48.08
C CYS H 162 12.65 19.19 -49.43
N GLY H 163 13.88 18.99 -49.88
CA GLY H 163 14.28 19.39 -51.22
C GLY H 163 13.94 18.28 -52.18
N GLN H 164 13.39 18.65 -53.33
CA GLN H 164 12.97 17.67 -54.32
C GLN H 164 13.37 18.09 -55.73
N ILE H 165 14.18 17.26 -56.38
CA ILE H 165 14.65 17.51 -57.73
C ILE H 165 14.02 16.49 -58.69
N ILE H 166 13.27 16.98 -59.67
CA ILE H 166 12.54 16.08 -60.57
C ILE H 166 13.00 16.20 -62.02
N PRO H 167 12.91 15.11 -62.79
CA PRO H 167 13.43 15.03 -64.15
C PRO H 167 12.49 15.66 -65.16
N TRP H 168 12.83 15.53 -66.46
CA TRP H 168 12.05 16.15 -67.51
C TRP H 168 11.20 15.16 -68.31
N ASN H 169 11.32 13.86 -67.99
CA ASN H 169 10.61 12.84 -68.79
C ASN H 169 9.13 12.74 -68.44
N PHE H 170 8.79 12.91 -67.18
CA PHE H 170 7.40 12.98 -66.75
C PHE H 170 7.24 14.20 -65.85
N PRO H 171 7.18 15.40 -66.46
CA PRO H 171 7.23 16.65 -65.69
C PRO H 171 6.17 16.74 -64.59
N LEU H 172 4.90 16.65 -64.99
CA LEU H 172 3.80 16.74 -64.05
C LEU H 172 3.68 15.55 -63.10
N LEU H 173 3.86 14.33 -63.61
CA LEU H 173 3.73 13.14 -62.80
C LEU H 173 4.80 13.05 -61.72
N MET H 174 6.03 13.42 -62.06
CA MET H 174 7.13 13.40 -61.09
C MET H 174 6.87 14.41 -59.98
N GLN H 175 6.30 15.55 -60.33
CA GLN H 175 5.95 16.56 -59.35
C GLN H 175 4.94 15.99 -58.36
N ALA H 176 3.92 15.33 -58.88
CA ALA H 176 2.88 14.73 -58.04
C ALA H 176 3.43 13.57 -57.19
N TRP H 177 4.30 12.75 -57.77
CA TRP H 177 4.94 11.64 -57.05
C TRP H 177 5.73 12.13 -55.84
N LYS H 178 6.17 13.39 -55.89
CA LYS H 178 6.97 13.99 -54.83
C LYS H 178 6.10 14.74 -53.82
N LEU H 179 5.14 15.50 -54.31
CA LEU H 179 4.33 16.35 -53.44
C LEU H 179 3.28 15.56 -52.64
N GLY H 180 2.72 14.53 -53.27
CA GLY H 180 1.69 13.71 -52.65
C GLY H 180 2.07 13.23 -51.27
N PRO H 181 3.15 12.43 -51.19
CA PRO H 181 3.67 11.89 -49.92
C PRO H 181 4.17 12.98 -48.98
N ALA H 182 4.98 13.91 -49.50
CA ALA H 182 5.52 14.98 -48.67
C ALA H 182 4.42 15.80 -48.00
N LEU H 183 3.44 16.24 -48.78
CA LEU H 183 2.37 17.08 -48.24
C LEU H 183 1.41 16.29 -47.34
N ALA H 184 1.12 15.05 -47.73
CA ALA H 184 0.23 14.20 -46.94
C ALA H 184 0.75 14.04 -45.51
N THR H 185 2.07 14.03 -45.36
CA THR H 185 2.71 13.82 -44.06
C THR H 185 3.13 15.10 -43.36
N GLY H 186 2.72 16.25 -43.90
CA GLY H 186 2.93 17.52 -43.21
C GLY H 186 4.27 18.19 -43.41
N ASN H 187 5.00 17.80 -44.45
CA ASN H 187 6.28 18.44 -44.76
C ASN H 187 6.11 19.73 -45.54
N VAL H 188 7.20 20.48 -45.68
CA VAL H 188 7.23 21.66 -46.52
C VAL H 188 8.27 21.41 -47.60
N VAL H 189 8.10 22.04 -48.76
CA VAL H 189 8.89 21.65 -49.94
C VAL H 189 9.63 22.80 -50.64
N VAL H 190 10.89 22.53 -50.98
CA VAL H 190 11.62 23.33 -51.95
C VAL H 190 11.91 22.44 -53.17
N MET H 191 11.23 22.73 -54.27
CA MET H 191 11.32 21.89 -55.46
C MET H 191 12.11 22.57 -56.57
N LYS H 192 12.94 21.79 -57.24
CA LYS H 192 13.74 22.25 -58.36
C LYS H 192 13.30 21.47 -59.60
N VAL H 193 12.75 22.18 -60.59
CA VAL H 193 12.23 21.55 -61.80
C VAL H 193 13.24 21.59 -62.95
N ALA H 194 13.08 20.68 -63.92
CA ALA H 194 14.01 20.58 -65.03
C ALA H 194 13.96 21.79 -65.96
N GLU H 195 15.13 22.22 -66.41
CA GLU H 195 15.27 23.34 -67.34
C GLU H 195 14.54 23.04 -68.65
N GLN H 196 14.53 21.76 -69.02
CA GLN H 196 13.86 21.32 -70.25
C GLN H 196 12.34 21.42 -70.17
N THR H 197 11.79 21.38 -68.97
CA THR H 197 10.33 21.30 -68.80
C THR H 197 9.86 21.96 -67.52
N PRO H 198 10.03 23.29 -67.39
CA PRO H 198 9.67 23.98 -66.15
C PRO H 198 8.20 24.41 -66.08
N LEU H 199 7.55 24.56 -67.23
CA LEU H 199 6.29 25.30 -67.30
C LEU H 199 5.09 24.69 -66.58
N THR H 200 4.82 23.40 -66.79
CA THR H 200 3.62 22.79 -66.21
C THR H 200 3.69 22.77 -64.68
N ALA H 201 4.89 22.61 -64.14
CA ALA H 201 5.09 22.61 -62.69
C ALA H 201 4.84 24.00 -62.10
N LEU H 202 5.23 25.04 -62.82
CA LEU H 202 5.01 26.39 -62.34
C LEU H 202 3.53 26.71 -62.37
N TYR H 203 2.81 26.20 -63.37
CA TYR H 203 1.38 26.44 -63.42
C TYR H 203 0.66 25.73 -62.27
N VAL H 204 1.13 24.54 -61.94
CA VAL H 204 0.60 23.80 -60.79
C VAL H 204 0.81 24.58 -59.50
N ALA H 205 1.96 25.25 -59.38
CA ALA H 205 2.24 26.10 -58.22
C ALA H 205 1.10 27.08 -58.01
N ASN H 206 0.61 27.63 -59.12
CA ASN H 206 -0.49 28.58 -59.09
C ASN H 206 -1.75 27.93 -58.49
N LEU H 207 -2.00 26.69 -58.89
CA LEU H 207 -3.15 25.94 -58.39
C LEU H 207 -2.99 25.58 -56.91
N ILE H 208 -1.74 25.32 -56.51
CA ILE H 208 -1.43 25.08 -55.10
C ILE H 208 -1.90 26.26 -54.26
N LYS H 209 -1.59 27.45 -54.74
CA LYS H 209 -2.07 28.69 -54.11
C LYS H 209 -3.60 28.73 -54.04
N GLU H 210 -4.24 28.50 -55.19
CA GLU H 210 -5.70 28.52 -55.28
C GLU H 210 -6.37 27.49 -54.36
N ALA H 211 -5.72 26.34 -54.16
CA ALA H 211 -6.27 25.25 -53.37
C ALA H 211 -6.24 25.55 -51.88
N GLY H 212 -5.41 26.52 -51.48
CA GLY H 212 -5.39 26.98 -50.10
C GLY H 212 -4.22 26.53 -49.24
N PHE H 213 -3.16 26.02 -49.87
CA PHE H 213 -1.97 25.65 -49.12
C PHE H 213 -1.29 26.91 -48.59
N PRO H 214 -0.97 26.93 -47.28
CA PRO H 214 -0.30 28.06 -46.65
C PRO H 214 0.95 28.49 -47.42
N PRO H 215 1.22 29.80 -47.48
CA PRO H 215 2.41 30.23 -48.20
C PRO H 215 3.65 29.59 -47.57
N GLY H 216 4.59 29.16 -48.40
CA GLY H 216 5.82 28.58 -47.90
C GLY H 216 5.81 27.06 -47.81
N VAL H 217 4.64 26.46 -47.93
CA VAL H 217 4.53 25.00 -47.86
C VAL H 217 5.18 24.38 -49.10
N VAL H 218 4.88 24.96 -50.27
CA VAL H 218 5.50 24.53 -51.52
C VAL H 218 6.15 25.72 -52.22
N ASN H 219 7.46 25.62 -52.43
CA ASN H 219 8.22 26.65 -53.13
C ASN H 219 8.91 25.99 -54.33
N ILE H 220 8.94 26.67 -55.46
CA ILE H 220 9.56 26.10 -56.66
C ILE H 220 10.60 27.01 -57.30
N VAL H 221 11.78 26.46 -57.52
CA VAL H 221 12.86 27.22 -58.13
C VAL H 221 13.31 26.59 -59.45
N PRO H 222 12.88 27.17 -60.59
CA PRO H 222 13.41 26.78 -61.89
C PRO H 222 14.86 27.23 -62.02
N GLY H 223 15.66 26.51 -62.80
CA GLY H 223 17.04 26.89 -62.99
C GLY H 223 17.88 25.73 -63.50
N PHE H 224 19.19 25.81 -63.26
CA PHE H 224 20.12 24.77 -63.72
C PHE H 224 20.49 23.78 -62.61
N GLY H 225 21.17 22.72 -62.99
CA GLY H 225 21.53 21.67 -62.05
C GLY H 225 22.77 21.96 -61.23
N PRO H 226 23.89 22.25 -61.92
CA PRO H 226 25.14 22.56 -61.20
C PRO H 226 25.02 23.78 -60.29
N THR H 227 23.84 24.40 -60.24
CA THR H 227 23.63 25.56 -59.38
C THR H 227 22.44 25.42 -58.42
N ALA H 228 21.22 25.56 -58.95
CA ALA H 228 20.02 25.48 -58.14
C ALA H 228 19.86 24.12 -57.43
N GLY H 229 20.04 23.04 -58.19
CA GLY H 229 19.92 21.71 -57.65
C GLY H 229 21.02 21.41 -56.65
N ALA H 230 22.24 21.80 -57.01
CA ALA H 230 23.39 21.65 -56.12
C ALA H 230 23.20 22.44 -54.81
N ALA H 231 22.59 23.62 -54.90
CA ALA H 231 22.38 24.47 -53.73
C ALA H 231 21.40 23.84 -52.74
N ILE H 232 20.48 23.03 -53.28
CA ILE H 232 19.51 22.33 -52.45
C ILE H 232 20.17 21.16 -51.73
N ALA H 233 20.95 20.38 -52.48
CA ALA H 233 21.61 19.19 -51.95
C ALA H 233 22.63 19.51 -50.85
N SER H 234 23.17 20.73 -50.90
CA SER H 234 24.23 21.15 -49.99
C SER H 234 23.75 22.20 -48.99
N HIS H 235 22.45 22.47 -48.99
CA HIS H 235 21.92 23.49 -48.08
C HIS H 235 21.92 22.98 -46.65
N GLU H 236 22.28 23.84 -45.70
CA GLU H 236 22.47 23.43 -44.31
C GLU H 236 21.17 23.31 -43.52
N ASP H 237 20.11 23.90 -44.05
CA ASP H 237 18.82 23.88 -43.36
C ASP H 237 17.78 23.07 -44.13
N VAL H 238 18.25 22.29 -45.11
CA VAL H 238 17.41 21.32 -45.79
C VAL H 238 17.60 19.96 -45.14
N ASP H 239 16.50 19.35 -44.73
CA ASP H 239 16.54 18.13 -43.91
C ASP H 239 16.63 16.85 -44.74
N LYS H 240 16.09 16.90 -45.95
CA LYS H 240 16.00 15.72 -46.80
C LYS H 240 15.94 16.13 -48.27
N VAL H 241 16.69 15.42 -49.11
CA VAL H 241 16.66 15.65 -50.55
C VAL H 241 16.22 14.40 -51.28
N ALA H 242 15.27 14.55 -52.19
CA ALA H 242 14.92 13.47 -53.09
C ALA H 242 15.35 13.85 -54.49
N PHE H 243 16.12 12.98 -55.14
CA PHE H 243 16.55 13.24 -56.52
C PHE H 243 16.21 12.08 -57.44
N THR H 244 15.50 12.39 -58.52
CA THR H 244 15.26 11.45 -59.58
C THR H 244 15.95 11.98 -60.83
N GLY H 245 16.70 11.13 -61.51
CA GLY H 245 17.48 11.54 -62.65
C GLY H 245 18.48 10.48 -63.05
N SER H 246 19.55 10.90 -63.72
CA SER H 246 20.57 9.97 -64.20
C SER H 246 21.36 9.39 -63.03
N THR H 247 22.09 8.32 -63.28
CA THR H 247 22.94 7.70 -62.28
C THR H 247 24.10 8.65 -61.90
N GLU H 248 24.58 9.41 -62.89
CA GLU H 248 25.71 10.32 -62.69
C GLU H 248 25.42 11.43 -61.67
N ILE H 249 24.33 12.16 -61.88
CA ILE H 249 23.95 13.26 -60.99
C ILE H 249 23.60 12.75 -59.60
N GLY H 250 22.96 11.60 -59.53
CA GLY H 250 22.60 10.99 -58.26
C GLY H 250 23.78 10.88 -57.32
N ARG H 251 24.96 10.57 -57.87
CA ARG H 251 26.18 10.47 -57.09
C ARG H 251 26.60 11.83 -56.55
N VAL H 252 26.50 12.85 -57.40
CA VAL H 252 26.80 14.23 -57.02
C VAL H 252 25.93 14.66 -55.85
N ILE H 253 24.67 14.26 -55.87
CA ILE H 253 23.72 14.60 -54.83
C ILE H 253 24.06 13.92 -53.49
N GLN H 254 24.46 12.66 -53.54
CA GLN H 254 24.76 11.91 -52.32
C GLN H 254 26.00 12.45 -51.61
N VAL H 255 26.94 12.98 -52.38
CA VAL H 255 28.17 13.54 -51.83
C VAL H 255 27.90 14.88 -51.16
N ALA H 256 27.14 15.72 -51.84
CA ALA H 256 26.78 17.04 -51.33
C ALA H 256 26.01 16.96 -50.02
N ALA H 257 25.27 15.88 -49.82
CA ALA H 257 24.54 15.68 -48.58
C ALA H 257 25.49 15.40 -47.42
N GLY H 258 26.41 14.48 -47.64
CA GLY H 258 27.37 14.09 -46.62
C GLY H 258 28.35 15.20 -46.26
N SER H 259 28.75 15.97 -47.26
CA SER H 259 29.67 17.08 -47.05
C SER H 259 29.00 18.23 -46.30
N SER H 260 27.67 18.24 -46.27
CA SER H 260 26.93 19.28 -45.57
C SER H 260 26.41 18.85 -44.20
N ASN H 261 25.10 18.68 -44.08
CA ASN H 261 24.46 18.45 -42.79
C ASN H 261 23.92 17.03 -42.58
N LEU H 262 24.35 16.10 -43.42
CA LEU H 262 23.94 14.71 -43.26
C LEU H 262 22.44 14.54 -43.40
N LYS H 263 21.84 15.39 -44.25
CA LYS H 263 20.43 15.27 -44.58
C LYS H 263 20.14 13.89 -45.16
N ARG H 264 18.89 13.45 -45.03
CA ARG H 264 18.48 12.16 -45.58
C ARG H 264 18.39 12.27 -47.10
N VAL H 265 18.77 11.20 -47.79
CA VAL H 265 18.79 11.21 -49.25
C VAL H 265 18.09 9.98 -49.82
N THR H 266 17.25 10.20 -50.82
CA THR H 266 16.71 9.10 -51.62
C THR H 266 16.98 9.42 -53.09
N LEU H 267 17.17 8.37 -53.89
CA LEU H 267 17.53 8.53 -55.28
C LEU H 267 16.76 7.56 -56.16
N GLU H 268 16.27 8.05 -57.29
CA GLU H 268 15.72 7.19 -58.34
C GLU H 268 16.55 7.43 -59.60
N LEU H 269 17.35 6.44 -59.98
CA LEU H 269 18.32 6.62 -61.07
C LEU H 269 17.98 5.82 -62.33
N GLY H 270 18.99 5.49 -63.12
CA GLY H 270 18.77 4.86 -64.41
C GLY H 270 18.50 3.37 -64.36
N GLY H 271 18.36 2.76 -65.54
CA GLY H 271 18.15 1.33 -65.64
C GLY H 271 18.57 0.73 -66.97
N LYS H 272 18.61 -0.60 -67.01
CA LYS H 272 18.76 -1.33 -68.26
C LYS H 272 17.91 -2.59 -68.08
N SER H 273 16.61 -2.37 -67.92
CA SER H 273 15.68 -3.41 -67.49
C SER H 273 15.50 -4.55 -68.48
N PRO H 274 15.54 -5.79 -67.97
CA PRO H 274 15.35 -7.01 -68.74
C PRO H 274 13.87 -7.33 -68.96
N ASN H 275 13.49 -7.52 -70.22
CA ASN H 275 12.15 -7.98 -70.57
C ASN H 275 12.30 -9.40 -71.12
N ILE H 276 11.86 -10.39 -70.34
CA ILE H 276 12.15 -11.80 -70.63
C ILE H 276 10.97 -12.54 -71.24
N ILE H 277 11.14 -12.98 -72.48
CA ILE H 277 10.07 -13.66 -73.21
C ILE H 277 10.37 -15.16 -73.33
N MET H 278 9.63 -15.96 -72.57
CA MET H 278 9.81 -17.41 -72.60
C MET H 278 9.09 -18.00 -73.80
N SER H 279 9.48 -19.21 -74.17
CA SER H 279 8.95 -19.86 -75.37
C SER H 279 7.45 -20.15 -75.29
N ASP H 280 6.89 -20.09 -74.08
CA ASP H 280 5.48 -20.44 -73.88
C ASP H 280 4.61 -19.21 -73.65
N ALA H 281 5.15 -18.04 -73.99
CA ALA H 281 4.45 -16.76 -73.87
C ALA H 281 3.40 -16.60 -74.97
N ASP H 282 2.40 -15.76 -74.72
CA ASP H 282 1.48 -15.34 -75.77
C ASP H 282 2.22 -14.40 -76.71
N MET H 283 2.50 -14.88 -77.92
CA MET H 283 3.29 -14.13 -78.88
C MET H 283 2.75 -12.72 -79.17
N ASP H 284 1.51 -12.64 -79.64
CA ASP H 284 0.92 -11.35 -79.98
C ASP H 284 1.00 -10.38 -78.82
N TRP H 285 0.66 -10.86 -77.62
CA TRP H 285 0.69 -10.04 -76.41
C TRP H 285 2.13 -9.60 -76.06
N ALA H 286 3.05 -10.55 -76.05
CA ALA H 286 4.46 -10.25 -75.72
C ALA H 286 5.08 -9.25 -76.69
N VAL H 287 4.77 -9.38 -77.98
CA VAL H 287 5.31 -8.46 -78.98
C VAL H 287 4.79 -7.04 -78.83
N GLU H 288 3.49 -6.89 -78.58
CA GLU H 288 2.94 -5.57 -78.34
C GLU H 288 3.46 -4.97 -77.03
N GLN H 289 3.54 -5.80 -75.99
CA GLN H 289 4.01 -5.34 -74.69
C GLN H 289 5.50 -5.04 -74.68
N ALA H 290 6.27 -5.74 -75.50
CA ALA H 290 7.69 -5.48 -75.61
C ALA H 290 7.94 -4.16 -76.34
N HIS H 291 7.10 -3.87 -77.34
CA HIS H 291 7.17 -2.60 -78.06
C HIS H 291 6.85 -1.45 -77.11
N PHE H 292 5.75 -1.60 -76.39
CA PHE H 292 5.33 -0.64 -75.38
C PHE H 292 6.43 -0.45 -74.34
N ALA H 293 6.92 -1.56 -73.79
CA ALA H 293 7.94 -1.54 -72.73
C ALA H 293 9.15 -0.68 -73.07
N LEU H 294 9.51 -0.65 -74.35
CA LEU H 294 10.71 0.04 -74.80
C LEU H 294 10.41 1.44 -75.33
N PHE H 295 9.40 1.54 -76.20
CA PHE H 295 9.17 2.77 -76.94
C PHE H 295 8.34 3.82 -76.23
N PHE H 296 7.63 3.44 -75.17
CA PHE H 296 6.77 4.40 -74.48
C PHE H 296 7.50 5.69 -74.12
N ASN H 297 6.82 6.82 -74.26
CA ASN H 297 7.40 8.12 -73.92
C ASN H 297 8.70 8.39 -74.67
N GLN H 298 8.74 8.05 -75.96
CA GLN H 298 9.94 8.22 -76.77
C GLN H 298 11.16 7.46 -76.20
N GLY H 299 10.87 6.37 -75.47
CA GLY H 299 11.90 5.57 -74.82
C GLY H 299 12.49 6.23 -73.59
N GLN H 300 11.90 7.34 -73.16
CA GLN H 300 12.47 8.12 -72.06
C GLN H 300 11.93 7.70 -70.69
N CYS H 301 12.14 6.43 -70.34
CA CYS H 301 11.76 5.88 -69.04
C CYS H 301 12.94 5.08 -68.53
N SER H 302 13.31 5.29 -67.28
CA SER H 302 14.47 4.59 -66.73
C SER H 302 14.17 3.10 -66.57
N CYS H 303 12.89 2.76 -66.56
CA CYS H 303 12.46 1.38 -66.42
C CYS H 303 12.07 0.75 -67.77
N ALA H 304 12.49 1.40 -68.85
CA ALA H 304 12.22 0.88 -70.19
C ALA H 304 12.74 -0.54 -70.35
N GLY H 305 12.03 -1.35 -71.12
CA GLY H 305 12.45 -2.71 -71.40
C GLY H 305 13.53 -2.69 -72.45
N SER H 306 14.74 -2.28 -72.04
CA SER H 306 15.84 -2.03 -72.98
C SER H 306 16.74 -3.23 -73.25
N ARG H 307 16.44 -4.35 -72.60
CA ARG H 307 17.09 -5.63 -72.92
C ARG H 307 16.01 -6.69 -73.08
N THR H 308 15.64 -6.96 -74.33
CA THR H 308 14.56 -7.90 -74.61
C THR H 308 15.14 -9.30 -74.85
N PHE H 309 15.05 -10.15 -73.84
CA PHE H 309 15.57 -11.52 -73.92
C PHE H 309 14.52 -12.46 -74.49
N VAL H 310 14.81 -13.09 -75.62
CA VAL H 310 13.86 -13.99 -76.26
C VAL H 310 14.40 -15.42 -76.40
N GLN H 311 13.63 -16.40 -75.95
CA GLN H 311 14.05 -17.79 -76.02
C GLN H 311 14.25 -18.18 -77.48
N GLU H 312 15.26 -19.01 -77.75
CA GLU H 312 15.66 -19.27 -79.13
C GLU H 312 14.56 -19.79 -80.06
N ASP H 313 13.62 -20.57 -79.52
CA ASP H 313 12.54 -21.16 -80.32
C ASP H 313 11.57 -20.14 -80.94
N ILE H 314 11.42 -18.98 -80.32
CA ILE H 314 10.48 -17.98 -80.82
C ILE H 314 11.18 -16.71 -81.27
N TYR H 315 12.50 -16.72 -81.23
CA TYR H 315 13.31 -15.55 -81.51
C TYR H 315 13.07 -14.95 -82.90
N ASP H 316 13.18 -15.78 -83.93
CA ASP H 316 13.00 -15.34 -85.32
C ASP H 316 11.65 -14.65 -85.52
N GLU H 317 10.59 -15.31 -85.08
CA GLU H 317 9.24 -14.78 -85.19
C GLU H 317 9.08 -13.49 -84.40
N PHE H 318 9.51 -13.52 -83.14
CA PHE H 318 9.41 -12.35 -82.27
C PHE H 318 10.10 -11.14 -82.89
N VAL H 319 11.29 -11.36 -83.46
CA VAL H 319 12.03 -10.27 -84.11
C VAL H 319 11.36 -9.75 -85.38
N GLU H 320 10.83 -10.66 -86.20
CA GLU H 320 10.12 -10.25 -87.39
C GLU H 320 8.94 -9.37 -87.03
N ARG H 321 8.16 -9.80 -86.04
CA ARG H 321 6.99 -9.06 -85.60
C ARG H 321 7.35 -7.73 -84.95
N SER H 322 8.52 -7.68 -84.32
CA SER H 322 8.96 -6.46 -83.64
C SER H 322 9.40 -5.38 -84.61
N VAL H 323 10.11 -5.79 -85.67
CA VAL H 323 10.54 -4.86 -86.70
C VAL H 323 9.35 -4.31 -87.49
N ALA H 324 8.36 -5.16 -87.74
CA ALA H 324 7.14 -4.73 -88.41
C ALA H 324 6.44 -3.65 -87.58
N ARG H 325 6.38 -3.89 -86.26
CA ARG H 325 5.74 -2.96 -85.34
C ARG H 325 6.53 -1.65 -85.21
N ALA H 326 7.86 -1.75 -85.15
CA ALA H 326 8.71 -0.57 -85.05
C ALA H 326 8.65 0.30 -86.31
N LYS H 327 8.48 -0.34 -87.46
CA LYS H 327 8.38 0.38 -88.71
C LYS H 327 7.03 1.08 -88.87
N SER H 328 5.98 0.47 -88.32
CA SER H 328 4.63 1.03 -88.42
C SER H 328 4.40 2.17 -87.42
N ARG H 329 5.32 2.34 -86.48
CA ARG H 329 5.17 3.35 -85.42
C ARG H 329 5.28 4.76 -85.99
N VAL H 330 4.22 5.54 -85.83
CA VAL H 330 4.15 6.85 -86.46
C VAL H 330 4.83 7.94 -85.63
N VAL H 331 5.80 8.60 -86.25
CA VAL H 331 6.54 9.68 -85.61
C VAL H 331 6.17 11.03 -86.24
N GLY H 332 5.83 12.00 -85.42
CA GLY H 332 5.46 13.32 -85.92
C GLY H 332 4.96 14.29 -84.87
N ASN H 333 4.24 15.32 -85.32
CA ASN H 333 3.69 16.34 -84.44
C ASN H 333 2.91 15.70 -83.30
N PRO H 334 3.35 15.93 -82.05
CA PRO H 334 2.69 15.30 -80.91
C PRO H 334 1.22 15.72 -80.76
N PHE H 335 0.84 16.84 -81.37
CA PHE H 335 -0.55 17.30 -81.34
C PHE H 335 -1.43 16.67 -82.42
N ASP H 336 -0.82 15.90 -83.32
CA ASP H 336 -1.58 15.16 -84.33
C ASP H 336 -2.01 13.81 -83.75
N SER H 337 -3.29 13.47 -83.87
CA SER H 337 -3.83 12.31 -83.17
C SER H 337 -3.25 10.97 -83.61
N LYS H 338 -2.73 10.90 -84.83
CA LYS H 338 -2.16 9.64 -85.30
C LYS H 338 -0.68 9.48 -84.92
N THR H 339 -0.12 10.49 -84.25
CA THR H 339 1.27 10.40 -83.80
C THR H 339 1.42 9.52 -82.57
N GLU H 340 2.29 8.51 -82.68
CA GLU H 340 2.60 7.64 -81.53
C GLU H 340 3.90 8.07 -80.84
N GLN H 341 4.76 8.75 -81.58
CA GLN H 341 6.07 9.13 -81.06
C GLN H 341 6.40 10.59 -81.35
N GLY H 342 6.55 11.38 -80.30
CA GLY H 342 6.97 12.76 -80.46
C GLY H 342 8.46 12.82 -80.63
N PRO H 343 9.06 13.99 -80.38
CA PRO H 343 10.51 14.14 -80.44
C PRO H 343 11.16 13.80 -79.10
N GLN H 344 12.48 13.65 -79.08
CA GLN H 344 13.20 13.57 -77.82
C GLN H 344 13.16 14.94 -77.14
N VAL H 345 13.54 14.99 -75.88
CA VAL H 345 13.31 16.21 -75.10
C VAL H 345 14.17 17.39 -75.52
N ASP H 346 15.41 17.15 -75.90
CA ASP H 346 16.26 18.25 -76.38
C ASP H 346 17.35 17.77 -77.32
N GLU H 347 18.19 18.71 -77.75
CA GLU H 347 19.24 18.42 -78.71
C GLU H 347 20.34 17.55 -78.10
N THR H 348 20.65 17.78 -76.83
CA THR H 348 21.64 16.98 -76.13
C THR H 348 21.26 15.50 -76.17
N GLN H 349 20.03 15.20 -75.76
CA GLN H 349 19.52 13.84 -75.81
C GLN H 349 19.49 13.32 -77.23
N PHE H 350 18.92 14.12 -78.12
CA PHE H 350 18.84 13.80 -79.55
C PHE H 350 20.14 13.19 -80.06
N LYS H 351 21.22 13.96 -79.96
CA LYS H 351 22.50 13.50 -80.49
C LYS H 351 23.06 12.31 -79.71
N LYS H 352 22.87 12.31 -78.39
CA LYS H 352 23.39 11.22 -77.57
C LYS H 352 22.81 9.88 -78.04
N ILE H 353 21.49 9.83 -78.18
CA ILE H 353 20.82 8.62 -78.70
C ILE H 353 21.38 8.21 -80.06
N LEU H 354 21.50 9.17 -80.97
CA LEU H 354 22.07 8.91 -82.29
C LEU H 354 23.50 8.36 -82.17
N GLY H 355 24.24 8.85 -81.18
CA GLY H 355 25.56 8.33 -80.89
C GLY H 355 25.53 6.87 -80.50
N TYR H 356 24.51 6.48 -79.74
CA TYR H 356 24.39 5.09 -79.29
C TYR H 356 24.06 4.16 -80.44
N ILE H 357 23.24 4.64 -81.38
CA ILE H 357 22.88 3.86 -82.55
C ILE H 357 24.13 3.57 -83.39
N ASN H 358 24.99 4.58 -83.54
CA ASN H 358 26.19 4.43 -84.33
C ASN H 358 27.09 3.35 -83.74
N THR H 359 27.18 3.35 -82.41
CA THR H 359 28.02 2.38 -81.69
C THR H 359 27.52 0.95 -81.87
N GLY H 360 26.21 0.80 -82.00
CA GLY H 360 25.60 -0.51 -82.15
C GLY H 360 25.92 -1.17 -83.48
N LYS H 361 25.80 -0.41 -84.57
CA LYS H 361 26.13 -0.93 -85.88
C LYS H 361 27.58 -1.38 -85.92
N GLN H 362 28.45 -0.57 -85.32
CA GLN H 362 29.89 -0.85 -85.34
C GLN H 362 30.26 -2.12 -84.60
N GLU H 363 29.67 -2.34 -83.43
CA GLU H 363 30.05 -3.48 -82.59
C GLU H 363 29.32 -4.78 -82.94
N GLY H 364 28.69 -4.83 -84.11
CA GLY H 364 28.14 -6.08 -84.61
C GLY H 364 26.63 -6.22 -84.53
N ALA H 365 26.00 -5.42 -83.67
CA ALA H 365 24.55 -5.46 -83.55
C ALA H 365 23.90 -5.25 -84.92
N LYS H 366 22.94 -6.12 -85.25
CA LYS H 366 22.30 -6.13 -86.55
C LYS H 366 21.17 -5.10 -86.64
N LEU H 367 21.46 -3.95 -87.24
CA LEU H 367 20.44 -2.91 -87.43
C LEU H 367 19.32 -3.45 -88.31
N LEU H 368 18.11 -3.55 -87.74
CA LEU H 368 17.00 -4.18 -88.45
C LEU H 368 16.00 -3.16 -89.01
N CYS H 369 15.96 -1.96 -88.44
CA CYS H 369 15.08 -0.92 -88.94
C CYS H 369 15.42 0.42 -88.33
N GLY H 370 14.92 1.51 -88.94
CA GLY H 370 15.23 2.85 -88.49
C GLY H 370 16.71 3.18 -88.50
N GLY H 371 17.20 3.77 -87.42
CA GLY H 371 18.63 4.02 -87.28
C GLY H 371 19.05 5.47 -87.38
N GLY H 372 18.14 6.35 -87.79
CA GLY H 372 18.50 7.73 -88.02
C GLY H 372 17.48 8.79 -87.65
N ILE H 373 17.58 9.93 -88.31
CA ILE H 373 16.71 11.07 -88.02
C ILE H 373 15.39 10.95 -88.77
N ALA H 374 14.31 11.36 -88.11
CA ALA H 374 12.95 11.15 -88.62
C ALA H 374 12.38 12.38 -89.33
N ALA H 375 12.87 13.56 -88.97
CA ALA H 375 12.39 14.81 -89.56
C ALA H 375 13.45 15.90 -89.59
N ASP H 376 13.32 16.82 -90.54
CA ASP H 376 14.30 17.90 -90.71
C ASP H 376 14.08 19.05 -89.75
N ARG H 377 12.93 19.04 -89.06
CA ARG H 377 12.63 20.04 -88.06
C ARG H 377 12.27 19.34 -86.76
N GLY H 378 13.04 19.60 -85.71
CA GLY H 378 12.75 19.02 -84.41
C GLY H 378 13.54 17.75 -84.13
N TYR H 379 13.56 17.33 -82.87
CA TYR H 379 14.41 16.22 -82.45
C TYR H 379 13.73 14.86 -82.59
N PHE H 380 13.22 14.59 -83.79
CA PHE H 380 12.57 13.31 -84.05
C PHE H 380 13.59 12.25 -84.47
N ILE H 381 13.50 11.08 -83.85
CA ILE H 381 14.37 9.95 -84.18
C ILE H 381 13.54 8.75 -84.62
N GLN H 382 14.00 8.05 -85.64
CA GLN H 382 13.32 6.88 -86.15
C GLN H 382 13.31 5.74 -85.14
N PRO H 383 12.16 5.06 -85.00
CA PRO H 383 12.08 3.85 -84.16
C PRO H 383 13.12 2.84 -84.61
N THR H 384 14.07 2.51 -83.75
CA THR H 384 15.21 1.67 -84.13
C THR H 384 15.20 0.31 -83.41
N VAL H 385 15.46 -0.75 -84.17
CA VAL H 385 15.57 -2.10 -83.60
C VAL H 385 16.89 -2.77 -83.93
N PHE H 386 17.55 -3.30 -82.90
CA PHE H 386 18.78 -4.06 -83.05
C PHE H 386 18.56 -5.54 -82.72
N GLY H 387 19.01 -6.41 -83.62
CA GLY H 387 18.92 -7.84 -83.41
C GLY H 387 20.29 -8.42 -83.13
N ASP H 388 20.32 -9.66 -82.64
CA ASP H 388 21.56 -10.35 -82.35
C ASP H 388 22.47 -9.54 -81.42
N VAL H 389 21.88 -8.93 -80.39
CA VAL H 389 22.65 -8.14 -79.44
C VAL H 389 23.32 -9.02 -78.37
N GLN H 390 24.58 -8.72 -78.05
CA GLN H 390 25.35 -9.48 -77.06
C GLN H 390 25.55 -8.69 -75.78
N ASP H 391 25.70 -9.40 -74.67
CA ASP H 391 25.83 -8.76 -73.36
C ASP H 391 26.98 -7.77 -73.28
N GLY H 392 28.07 -8.05 -73.98
CA GLY H 392 29.25 -7.20 -73.95
C GLY H 392 29.09 -5.89 -74.70
N MET H 393 28.09 -5.81 -75.58
CA MET H 393 27.88 -4.64 -76.42
C MET H 393 27.45 -3.43 -75.61
N THR H 394 28.01 -2.27 -75.94
CA THR H 394 27.70 -1.01 -75.26
C THR H 394 26.19 -0.72 -75.17
N ILE H 395 25.46 -1.03 -76.24
CA ILE H 395 24.01 -0.78 -76.26
C ILE H 395 23.26 -1.78 -75.39
N ALA H 396 23.91 -2.87 -75.02
CA ALA H 396 23.29 -3.83 -74.12
C ALA H 396 23.62 -3.51 -72.67
N LYS H 397 24.44 -2.49 -72.46
CA LYS H 397 24.93 -2.15 -71.13
C LYS H 397 24.47 -0.78 -70.64
N GLU H 398 24.62 0.24 -71.49
CA GLU H 398 24.35 1.62 -71.09
C GLU H 398 22.94 2.07 -71.44
N GLU H 399 22.37 2.89 -70.56
CA GLU H 399 21.02 3.41 -70.76
C GLU H 399 20.99 4.41 -71.92
N ILE H 400 20.17 4.11 -72.92
CA ILE H 400 20.07 4.94 -74.12
C ILE H 400 19.02 6.05 -73.97
N PHE H 401 17.91 5.73 -73.32
CA PHE H 401 16.86 6.70 -73.05
C PHE H 401 16.28 7.25 -74.36
N GLY H 402 16.17 6.36 -75.35
CA GLY H 402 15.59 6.70 -76.64
C GLY H 402 14.97 5.49 -77.31
N PRO H 403 14.41 5.70 -78.51
CA PRO H 403 13.66 4.67 -79.25
C PRO H 403 14.57 3.61 -79.86
N VAL H 404 15.42 3.01 -79.04
CA VAL H 404 16.36 2.01 -79.54
C VAL H 404 16.21 0.70 -78.76
N MET H 405 15.71 -0.32 -79.45
CA MET H 405 15.38 -1.60 -78.85
C MET H 405 16.44 -2.66 -79.08
N GLN H 406 16.85 -3.31 -78.00
CA GLN H 406 17.84 -4.40 -78.06
C GLN H 406 17.18 -5.74 -77.88
N ILE H 407 17.34 -6.61 -78.87
CA ILE H 407 16.77 -7.97 -78.82
C ILE H 407 17.87 -9.02 -78.75
N LEU H 408 17.90 -9.77 -77.65
CA LEU H 408 18.92 -10.78 -77.43
C LEU H 408 18.28 -12.17 -77.40
N LYS H 409 19.09 -13.20 -77.60
CA LYS H 409 18.58 -14.57 -77.66
C LYS H 409 19.14 -15.44 -76.52
N PHE H 410 18.29 -16.26 -75.92
CA PHE H 410 18.76 -17.17 -74.86
C PHE H 410 18.16 -18.56 -75.04
N LYS H 411 18.74 -19.54 -74.36
CA LYS H 411 18.27 -20.92 -74.46
C LYS H 411 17.50 -21.40 -73.21
N THR H 412 18.15 -21.31 -72.06
CA THR H 412 17.61 -21.85 -70.81
C THR H 412 17.17 -20.78 -69.81
N ILE H 413 16.39 -21.20 -68.83
CA ILE H 413 15.92 -20.28 -67.79
C ILE H 413 17.04 -19.85 -66.83
N GLU H 414 17.93 -20.78 -66.49
CA GLU H 414 19.06 -20.45 -65.63
C GLU H 414 19.99 -19.45 -66.31
N GLU H 415 20.17 -19.62 -67.61
CA GLU H 415 20.99 -18.71 -68.39
C GLU H 415 20.46 -17.29 -68.36
N VAL H 416 19.18 -17.13 -68.70
CA VAL H 416 18.59 -15.80 -68.80
C VAL H 416 18.52 -15.08 -67.45
N VAL H 417 18.29 -15.82 -66.37
CA VAL H 417 18.35 -15.28 -65.01
C VAL H 417 19.69 -14.63 -64.73
N GLY H 418 20.77 -15.35 -65.02
CA GLY H 418 22.10 -14.88 -64.77
C GLY H 418 22.49 -13.73 -65.67
N ARG H 419 22.01 -13.75 -66.91
CA ARG H 419 22.35 -12.67 -67.82
C ARG H 419 21.54 -11.42 -67.48
N ALA H 420 20.26 -11.61 -67.18
CA ALA H 420 19.42 -10.50 -66.74
C ALA H 420 19.98 -9.85 -65.50
N ASN H 421 20.38 -10.66 -64.52
CA ASN H 421 20.91 -10.16 -63.26
C ASN H 421 22.32 -9.59 -63.34
N ASN H 422 23.05 -9.97 -64.38
CA ASN H 422 24.39 -9.47 -64.59
C ASN H 422 24.35 -8.02 -65.09
N SER H 423 24.12 -7.10 -64.17
CA SER H 423 23.98 -5.68 -64.49
C SER H 423 24.17 -4.89 -63.22
N THR H 424 24.69 -3.67 -63.34
CA THR H 424 24.81 -2.80 -62.18
C THR H 424 23.51 -2.02 -61.93
N TYR H 425 22.54 -2.18 -62.82
CA TYR H 425 21.23 -1.58 -62.67
C TYR H 425 20.24 -2.61 -62.13
N GLY H 426 19.21 -2.16 -61.42
CA GLY H 426 18.22 -3.07 -60.87
C GLY H 426 16.85 -2.45 -60.67
N LEU H 427 16.44 -1.61 -61.61
CA LEU H 427 15.21 -0.84 -61.48
C LEU H 427 13.96 -1.68 -61.69
N ALA H 428 13.85 -2.32 -62.85
CA ALA H 428 12.69 -3.14 -63.19
C ALA H 428 13.06 -4.37 -64.01
N ALA H 429 12.09 -5.26 -64.17
CA ALA H 429 12.25 -6.44 -65.04
C ALA H 429 10.87 -6.98 -65.35
N ALA H 430 10.77 -7.81 -66.39
CA ALA H 430 9.48 -8.40 -66.74
C ALA H 430 9.63 -9.82 -67.26
N VAL H 431 8.61 -10.63 -67.00
CA VAL H 431 8.60 -12.02 -67.41
C VAL H 431 7.31 -12.33 -68.16
N PHE H 432 7.43 -12.87 -69.37
CA PHE H 432 6.26 -13.28 -70.13
C PHE H 432 6.25 -14.80 -70.31
N THR H 433 5.26 -15.43 -69.69
CA THR H 433 5.16 -16.89 -69.66
C THR H 433 3.76 -17.28 -69.18
N LYS H 434 3.31 -18.48 -69.55
CA LYS H 434 2.03 -18.98 -69.06
C LYS H 434 2.20 -19.94 -67.90
N ASP H 435 3.46 -20.30 -67.63
CA ASP H 435 3.79 -21.29 -66.61
C ASP H 435 3.89 -20.71 -65.19
N LEU H 436 3.12 -21.28 -64.28
CA LEU H 436 3.09 -20.85 -62.88
C LEU H 436 4.47 -20.88 -62.24
N ASP H 437 5.14 -22.02 -62.34
CA ASP H 437 6.44 -22.20 -61.71
C ASP H 437 7.54 -21.31 -62.31
N LYS H 438 7.54 -21.15 -63.63
CA LYS H 438 8.50 -20.29 -64.29
C LYS H 438 8.34 -18.85 -63.82
N ALA H 439 7.09 -18.39 -63.76
CA ALA H 439 6.78 -17.07 -63.28
C ALA H 439 7.31 -16.87 -61.86
N ASN H 440 6.96 -17.78 -60.97
CA ASN H 440 7.38 -17.70 -59.57
C ASN H 440 8.90 -17.80 -59.38
N TYR H 441 9.53 -18.68 -60.14
CA TYR H 441 10.98 -18.83 -60.10
C TYR H 441 11.66 -17.50 -60.47
N LEU H 442 11.22 -16.90 -61.58
CA LEU H 442 11.87 -15.71 -62.12
C LEU H 442 11.58 -14.45 -61.32
N SER H 443 10.35 -14.30 -60.84
CA SER H 443 9.97 -13.11 -60.07
C SER H 443 10.72 -13.07 -58.74
N GLN H 444 11.05 -14.24 -58.20
CA GLN H 444 11.85 -14.31 -56.98
C GLN H 444 13.33 -14.13 -57.27
N ALA H 445 13.80 -14.73 -58.36
CA ALA H 445 15.23 -14.74 -58.67
C ALA H 445 15.74 -13.43 -59.29
N LEU H 446 14.86 -12.68 -59.95
CA LEU H 446 15.26 -11.43 -60.59
C LEU H 446 15.62 -10.34 -59.58
N GLN H 447 16.82 -9.78 -59.72
CA GLN H 447 17.28 -8.72 -58.84
C GLN H 447 16.83 -7.33 -59.33
N ALA H 448 15.55 -7.05 -59.16
CA ALA H 448 14.96 -5.81 -59.64
C ALA H 448 13.95 -5.30 -58.60
N GLY H 449 13.76 -3.98 -58.56
CA GLY H 449 12.81 -3.38 -57.63
C GLY H 449 11.35 -3.68 -57.96
N THR H 450 11.06 -3.76 -59.26
CA THR H 450 9.74 -4.17 -59.73
C THR H 450 9.87 -5.26 -60.77
N VAL H 451 9.16 -6.37 -60.55
CA VAL H 451 9.05 -7.42 -61.55
C VAL H 451 7.60 -7.50 -62.05
N TRP H 452 7.41 -7.25 -63.35
CA TRP H 452 6.10 -7.39 -63.98
C TRP H 452 5.95 -8.77 -64.63
N VAL H 453 4.79 -9.38 -64.47
CA VAL H 453 4.53 -10.68 -65.08
C VAL H 453 3.43 -10.57 -66.13
N ASN H 454 3.76 -10.86 -67.39
CA ASN H 454 2.79 -10.78 -68.48
C ASN H 454 2.23 -9.36 -68.66
N CYS H 455 3.04 -8.37 -68.30
CA CYS H 455 2.70 -6.96 -68.51
C CYS H 455 3.96 -6.09 -68.37
N TYR H 456 3.81 -4.79 -68.57
CA TYR H 456 4.93 -3.87 -68.42
C TYR H 456 4.43 -2.47 -68.12
N ASP H 457 5.24 -1.71 -67.38
CA ASP H 457 4.90 -0.33 -67.04
C ASP H 457 3.53 -0.23 -66.38
N VAL H 458 3.18 -1.22 -65.57
CA VAL H 458 1.96 -1.14 -64.77
C VAL H 458 2.28 -0.43 -63.46
N PHE H 459 1.87 0.83 -63.38
CA PHE H 459 2.11 1.64 -62.19
C PHE H 459 0.79 1.93 -61.51
N GLY H 460 0.76 1.80 -60.20
CA GLY H 460 -0.38 2.22 -59.40
C GLY H 460 0.12 3.02 -58.22
N ALA H 461 -0.63 4.04 -57.83
CA ALA H 461 -0.28 4.82 -56.66
C ALA H 461 -0.17 3.92 -55.42
N GLN H 462 -0.85 2.78 -55.46
CA GLN H 462 -0.88 1.86 -54.32
C GLN H 462 0.39 1.03 -54.21
N SER H 463 1.03 0.78 -55.35
CA SER H 463 2.18 -0.10 -55.39
C SER H 463 3.50 0.68 -55.48
N PRO H 464 4.44 0.39 -54.57
CA PRO H 464 5.74 1.08 -54.48
C PRO H 464 6.64 0.81 -55.67
N PHE H 465 7.49 1.78 -55.99
CA PHE H 465 8.38 1.70 -57.15
C PHE H 465 9.75 2.27 -56.78
N GLY H 466 10.82 1.58 -57.18
CA GLY H 466 12.17 1.98 -56.84
C GLY H 466 13.23 0.99 -57.31
N GLY H 467 14.50 1.35 -57.14
CA GLY H 467 15.58 0.56 -57.68
C GLY H 467 16.38 -0.31 -56.71
N TYR H 468 17.01 -1.33 -57.26
CA TYR H 468 18.04 -2.10 -56.58
C TYR H 468 19.39 -1.60 -57.11
N LYS H 469 20.47 -2.02 -56.47
CA LYS H 469 21.80 -1.69 -56.95
C LYS H 469 21.95 -0.19 -57.25
N MET H 470 22.46 0.14 -58.43
CA MET H 470 22.67 1.53 -58.79
C MET H 470 21.53 2.19 -59.57
N SER H 471 20.32 1.68 -59.40
CA SER H 471 19.14 2.35 -59.93
C SER H 471 18.46 3.17 -58.85
N GLY H 472 19.14 3.30 -57.71
CA GLY H 472 18.63 4.13 -56.63
C GLY H 472 18.36 3.34 -55.38
N SER H 473 18.00 4.06 -54.32
CA SER H 473 17.69 3.42 -53.05
C SER H 473 16.42 4.03 -52.47
N GLY H 474 15.56 3.19 -51.91
CA GLY H 474 14.29 3.66 -51.38
C GLY H 474 13.18 3.53 -52.40
N ARG H 475 11.95 3.78 -51.96
CA ARG H 475 10.78 3.54 -52.79
C ARG H 475 9.84 4.74 -52.83
N GLU H 476 9.07 4.84 -53.91
CA GLU H 476 8.01 5.83 -54.02
C GLU H 476 6.67 5.11 -54.18
N LEU H 477 5.59 5.87 -54.13
CA LEU H 477 4.24 5.32 -54.19
C LEU H 477 3.94 4.34 -53.04
N GLY H 478 2.67 4.00 -52.87
CA GLY H 478 2.25 3.11 -51.81
C GLY H 478 2.44 3.68 -50.41
N GLU H 479 2.19 2.85 -49.39
CA GLU H 479 2.44 3.23 -48.01
C GLU H 479 3.92 3.51 -47.77
N TYR H 480 4.78 2.82 -48.52
CA TYR H 480 6.23 2.92 -48.37
C TYR H 480 6.78 4.32 -48.73
N GLY H 481 6.14 4.98 -49.68
CA GLY H 481 6.55 6.31 -50.08
C GLY H 481 6.40 7.31 -48.95
N LEU H 482 5.75 6.90 -47.87
CA LEU H 482 5.54 7.75 -46.69
C LEU H 482 6.74 7.69 -45.74
N GLN H 483 7.45 6.57 -45.74
CA GLN H 483 8.54 6.35 -44.80
C GLN H 483 9.70 7.32 -45.01
N ALA H 484 9.97 7.67 -46.26
CA ALA H 484 11.04 8.60 -46.56
C ALA H 484 10.70 10.01 -46.09
N TYR H 485 9.41 10.26 -45.83
CA TYR H 485 8.97 11.61 -45.46
C TYR H 485 8.55 11.72 -44.00
N THR H 486 8.85 10.68 -43.22
CA THR H 486 8.45 10.65 -41.83
C THR H 486 9.64 10.48 -40.88
N LYS H 487 9.59 11.23 -39.78
CA LYS H 487 10.57 11.13 -38.72
C LYS H 487 9.89 10.50 -37.50
N VAL H 488 10.55 9.54 -36.87
CA VAL H 488 9.97 8.85 -35.73
C VAL H 488 10.46 9.45 -34.41
N LYS H 489 9.52 9.82 -33.55
CA LYS H 489 9.87 10.25 -32.20
C LYS H 489 9.35 9.23 -31.19
N THR H 490 10.22 8.80 -30.27
CA THR H 490 9.81 7.93 -29.20
C THR H 490 9.63 8.74 -27.92
N VAL H 491 8.46 8.62 -27.30
CA VAL H 491 8.21 9.21 -26.00
C VAL H 491 8.03 8.10 -24.97
N THR H 492 8.83 8.14 -23.91
CA THR H 492 8.79 7.09 -22.89
C THR H 492 8.60 7.72 -21.52
N VAL H 493 7.46 7.40 -20.90
CA VAL H 493 6.98 8.09 -19.71
C VAL H 493 6.89 7.18 -18.50
N LYS H 494 7.48 7.62 -17.40
CA LYS H 494 7.42 6.86 -16.15
C LYS H 494 5.99 6.86 -15.64
N VAL H 495 5.48 5.66 -15.33
CA VAL H 495 4.12 5.52 -14.78
C VAL H 495 4.16 4.73 -13.47
N PRO H 496 3.13 4.90 -12.62
CA PRO H 496 3.16 4.27 -11.28
C PRO H 496 3.29 2.75 -11.31
N GLN H 497 2.48 2.09 -12.13
CA GLN H 497 2.55 0.63 -12.22
C GLN H 497 1.96 0.11 -13.52
N LYS H 498 2.82 -0.46 -14.36
CA LYS H 498 2.42 -0.97 -15.67
C LYS H 498 1.65 -2.28 -15.54
N ASN H 499 0.49 -2.35 -16.20
CA ASN H 499 -0.24 -3.61 -16.35
C ASN H 499 -0.53 -3.84 -17.83
N SER H 500 -0.74 -5.10 -18.21
CA SER H 500 -1.04 -5.44 -19.59
C SER H 500 -2.39 -4.86 -20.01
NA NA I . 15.37 25.78 72.21
C1 EDO J . 1.59 15.76 64.18
O1 EDO J . 0.32 16.26 63.76
C2 EDO J . 2.55 16.92 64.41
O2 EDO J . 1.84 18.02 64.96
C1 EDO K . -12.87 -2.32 57.66
O1 EDO K . -14.01 -3.17 57.82
C2 EDO K . -12.29 -1.94 59.03
O2 EDO K . -11.52 -3.02 59.55
C1 EDO L . -7.68 21.11 90.13
O1 EDO L . -9.02 21.58 90.15
C2 EDO L . -6.83 22.09 90.92
O2 EDO L . -5.48 21.65 90.96
C1 EDO M . 12.77 12.55 26.87
O1 EDO M . 11.45 13.08 26.89
C2 EDO M . 12.70 11.07 27.21
O2 EDO M . 11.83 10.92 28.34
C1 EDO N . 21.09 25.28 78.92
O1 EDO N . 21.44 23.94 78.58
C2 EDO N . 21.61 25.60 80.32
O2 EDO N . 20.72 25.07 81.30
C1 EDO O . 28.19 13.12 67.67
O1 EDO O . 29.19 12.18 67.29
C2 EDO O . 28.85 14.47 67.90
O2 EDO O . 29.79 14.66 66.86
C1 BXB P . 3.30 5.40 67.48
C2 BXB P . 2.42 4.33 67.98
C3 BXB P . 2.10 3.27 67.14
C4 BXB P . 2.59 3.21 65.84
C5 BXB P . 3.44 4.18 65.31
C6 BXB P . 3.81 5.27 66.09
C7 BXB P . 3.72 6.58 68.32
N8 BXB P . 3.12 7.76 68.17
O9 BXB P . 4.63 6.43 69.12
CL10 BXB P . 1.74 4.38 69.64
CL11 BXB P . 4.89 6.53 65.42
C12 BXB P . 3.61 8.93 68.84
C13 BXB P . 3.53 10.13 67.93
C14 BXB P . 2.56 11.13 68.18
C15 BXB P . 2.42 12.26 67.36
C16 BXB P . 3.26 12.35 66.27
C17 BXB P . 4.25 11.32 66.01
C18 BXB P . 4.38 10.21 66.83
O19 BXB P . 4.94 11.67 64.89
C20 BXB P . 4.54 13.02 64.51
O21 BXB P . 3.36 13.31 65.31
NA NA Q . -20.90 36.23 22.08
C1 EDO R . -5.56 25.62 25.41
O1 EDO R . -4.28 26.22 25.22
C2 EDO R . -6.66 26.52 24.85
O2 EDO R . -6.60 27.80 25.48
C1 EDO S . -2.77 40.35 3.17
O1 EDO S . -3.20 40.61 4.50
C2 EDO S . -1.31 40.77 3.03
O2 EDO S . -1.08 41.96 3.76
C1 EDO T . -14.51 1.96 54.66
O1 EDO T . -14.17 2.79 53.56
C2 EDO T . -15.02 2.81 55.82
O2 EDO T . -13.92 3.53 56.39
C1 EDO U . -27.12 37.95 15.85
O1 EDO U . -26.62 36.66 15.53
C2 EDO U . -27.58 38.66 14.59
O2 EDO U . -26.45 39.11 13.86
C1 BXB V . -6.08 18.02 16.90
C2 BXB V . -4.97 17.62 15.99
C3 BXB V . -4.41 16.36 16.13
C4 BXB V . -4.86 15.47 17.10
C5 BXB V . -5.90 15.79 17.97
C6 BXB V . -6.53 17.04 17.90
C7 BXB V . -6.77 19.36 16.84
N8 BXB V . -6.34 20.36 17.61
O9 BXB V . -7.72 19.50 16.07
CL10 BXB V . -4.36 18.76 14.73
CL11 BXB V . -7.85 17.47 19.01
C12 BXB V . -6.88 21.69 17.52
C13 BXB V . -6.89 22.29 18.90
C14 BXB V . -6.06 23.40 19.19
C15 BXB V . -6.02 24.00 20.45
C16 BXB V . -6.83 23.45 21.43
C17 BXB V . -7.68 22.30 21.13
C18 BXB V . -7.71 21.73 19.88
O19 BXB V . -8.37 21.99 22.28
C20 BXB V . -8.11 23.01 23.27
O21 BXB V . -7.02 23.80 22.74
NA NA W . 31.89 -25.08 37.77
C1 EDO X . 20.74 -14.43 30.09
O1 EDO X . 20.30 -15.74 29.78
C2 EDO X . 19.53 -13.58 30.46
O2 EDO X . 19.85 -12.20 30.26
C1 EDO Y . -7.90 -7.91 57.18
O1 EDO Y . -8.51 -8.27 55.95
C2 EDO Y . -7.14 -6.60 56.97
O2 EDO Y . -6.32 -6.74 55.83
C1 EDO Z . 40.02 -25.69 40.14
O1 EDO Z . 40.22 -24.32 40.48
C2 EDO Z . 41.37 -26.35 39.86
O2 EDO Z . 42.04 -25.63 38.84
C1 BXB AA . 24.89 -3.00 30.95
C2 BXB AA . 25.05 -1.87 29.99
C3 BXB AA . 24.33 -0.71 30.18
C4 BXB AA . 23.45 -0.56 31.27
C5 BXB AA . 23.27 -1.59 32.19
C6 BXB AA . 23.96 -2.80 32.08
C7 BXB AA . 25.67 -4.28 30.82
N8 BXB AA . 25.11 -5.33 30.22
O9 BXB AA . 26.80 -4.36 31.28
CL10 BXB AA . 26.16 -2.03 28.61
CL11 BXB AA . 23.71 -4.10 33.27
C12 BXB AA . 25.78 -6.60 30.21
C13 BXB AA . 24.74 -7.68 30.46
C14 BXB AA . 24.41 -8.53 29.39
C15 BXB AA . 23.46 -9.55 29.53
C16 BXB AA . 22.88 -9.68 30.77
C17 BXB AA . 23.22 -8.79 31.88
C18 BXB AA . 24.16 -7.79 31.72
O19 BXB AA . 22.48 -9.17 32.96
C20 BXB AA . 21.77 -10.38 32.63
O21 BXB AA . 21.93 -10.56 31.21
NA NA BA . -29.81 -26.35 27.02
C1 EDO CA . -18.93 -18.49 39.84
O1 EDO CA . -18.33 -18.73 41.09
C2 EDO CA . -19.85 -19.66 39.49
O2 EDO CA . -19.07 -20.80 39.12
C1 EDO DA . 7.04 3.18 20.01
O1 EDO DA . 7.64 2.23 20.88
C2 EDO DA . 5.97 3.95 20.76
O2 EDO DA . 5.18 3.03 21.52
C1 BXB EA . -25.37 -9.88 44.10
C2 BXB EA . -25.67 -9.42 45.48
C3 BXB EA . -25.06 -8.25 45.93
C4 BXB EA . -24.19 -7.52 45.11
C5 BXB EA . -23.89 -7.92 43.81
C6 BXB EA . -24.45 -9.08 43.28
C7 BXB EA . -25.98 -11.13 43.52
N8 BXB EA . -25.18 -12.18 43.35
O9 BXB EA . -27.16 -11.15 43.21
CL10 BXB EA . -26.77 -10.34 46.55
CL11 BXB EA . -24.07 -9.62 41.61
C12 BXB EA . -25.66 -13.40 42.74
C13 BXB EA . -24.50 -14.11 42.11
C14 BXB EA . -24.05 -15.29 42.71
C15 BXB EA . -22.97 -16.03 42.19
C16 BXB EA . -22.36 -15.52 41.06
C17 BXB EA . -22.82 -14.28 40.44
C18 BXB EA . -23.89 -13.58 40.97
O19 BXB EA . -22.03 -14.04 39.35
C20 BXB EA . -21.18 -15.19 39.15
O21 BXB EA . -21.31 -16.00 40.34
NA NA FA . -8.29 -42.13 -26.03
C1 EDO GA . -7.26 -29.22 -38.56
O1 EDO GA . -7.89 -27.95 -38.63
C2 EDO GA . -8.27 -30.31 -38.93
O2 EDO GA . -9.38 -30.25 -38.05
C1 EDO HA . -2.36 -52.75 -45.58
O1 EDO HA . -3.16 -52.81 -44.41
C2 EDO HA . -1.22 -53.76 -45.47
O2 EDO HA . -0.70 -53.75 -44.15
C1 EDO IA . -1.89 4.39 -20.02
O1 EDO IA . -3.13 4.62 -20.68
C2 EDO IA . -0.75 4.32 -21.03
O2 EDO IA . -0.94 3.24 -21.93
C1 EDO JA . 8.66 -38.10 -19.56
O1 EDO JA . 9.67 -39.09 -19.43
C2 EDO JA . 7.75 -38.16 -18.34
O2 EDO JA . 8.55 -38.00 -17.17
C1 BXB KA . 2.71 -30.18 -43.78
C2 BXB KA . 3.18 -30.30 -45.19
C3 BXB KA . 3.87 -29.25 -45.77
C4 BXB KA . 4.13 -28.08 -45.07
C5 BXB KA . 3.72 -27.91 -43.74
C6 BXB KA . 3.03 -28.92 -43.08
C7 BXB KA . 1.95 -31.27 -43.08
N8 BXB KA . 0.63 -31.20 -43.03
O9 BXB KA . 2.55 -32.20 -42.54
CL10 BXB KA . 2.85 -31.79 -46.13
CL11 BXB KA . 2.51 -28.69 -41.38
C12 BXB KA . -0.17 -32.21 -42.36
C13 BXB KA . -1.30 -31.58 -41.57
C14 BXB KA . -2.62 -31.83 -41.98
C15 BXB KA . -3.73 -31.30 -41.33
C16 BXB KA . -3.48 -30.51 -40.21
C17 BXB KA . -2.11 -30.25 -39.79
C18 BXB KA . -1.02 -30.78 -40.46
O19 BXB KA . -2.18 -29.44 -38.68
C20 BXB KA . -3.56 -29.30 -38.29
O21 BXB KA . -4.33 -29.85 -39.37
C1 EDO LA . 2.76 14.41 -26.98
O1 EDO LA . 3.81 13.46 -27.17
C2 EDO LA . 1.44 13.77 -27.40
O2 EDO LA . 1.56 13.23 -28.71
NA NA MA . -39.58 11.03 -35.77
C1 EDO NA . -23.93 7.63 -28.99
O1 EDO NA . -24.81 6.61 -28.54
C2 EDO NA . -22.50 7.10 -28.87
O2 EDO NA . -22.34 6.56 -27.56
C1 EDO OA . -44.98 18.90 -38.63
O1 EDO OA . -43.66 18.39 -38.45
C2 EDO OA . -45.33 19.82 -37.47
O2 EDO OA . -45.47 19.06 -36.29
C1 BXB PA . -17.07 16.95 -30.18
C2 BXB PA . -16.26 17.85 -29.30
C3 BXB PA . -14.89 17.93 -29.51
C4 BXB PA . -14.25 17.19 -30.52
C5 BXB PA . -14.96 16.34 -31.36
C6 BXB PA . -16.34 16.21 -31.24
C7 BXB PA . -18.56 16.81 -30.04
N8 BXB PA . -19.07 15.69 -29.54
O9 BXB PA . -19.28 17.74 -30.39
CL10 BXB PA . -17.02 18.82 -28.00
CL11 BXB PA . -17.23 15.11 -32.33
C12 BXB PA . -20.50 15.50 -29.33
C13 BXB PA . -20.87 14.04 -29.49
C14 BXB PA . -21.39 13.36 -28.37
C15 BXB PA . -21.76 12.02 -28.39
C16 BXB PA . -21.58 11.36 -29.59
C17 BXB PA . -21.03 12.04 -30.75
C18 BXB PA . -20.68 13.38 -30.70
O19 BXB PA . -20.97 11.14 -31.78
C20 BXB PA . -21.63 9.92 -31.35
O21 BXB PA . -21.83 10.05 -29.94
C1 EDO QA . 7.83 -15.00 -55.57
O1 EDO QA . 7.47 -13.81 -56.26
C2 EDO QA . 6.89 -15.24 -54.39
O2 EDO QA . 7.22 -14.42 -53.28
C1 EDO RA . -4.43 -13.12 -56.68
O1 EDO RA . -4.72 -12.36 -55.51
C2 EDO RA . -5.41 -14.27 -56.79
O2 EDO RA . -5.15 -15.20 -55.74
NA NA SA . 40.84 -1.62 -24.45
C1 EDO TA . 23.28 5.46 -27.14
O1 EDO TA . 23.21 6.84 -26.83
C2 EDO TA . 24.65 4.95 -26.70
O2 EDO TA . 25.60 5.99 -26.90
C1 EDO UA . 46.89 10.34 -15.21
O1 EDO UA . 46.68 9.43 -16.27
C2 EDO UA . 48.18 11.10 -15.51
O2 EDO UA . 48.23 11.30 -16.92
C1 EDO VA . 46.95 -5.55 -17.55
O1 EDO VA . 46.59 -4.58 -16.57
C2 EDO VA . 45.83 -5.68 -18.59
O2 EDO VA . 44.67 -6.21 -17.98
C1 EDO WA . 33.28 -18.73 -20.64
O1 EDO WA . 32.21 -18.96 -19.73
C2 EDO WA . 34.61 -18.95 -19.93
O2 EDO WA . 34.61 -20.22 -19.30
C1 BXB XA . 17.97 1.43 -17.83
C2 BXB XA . 17.06 2.00 -16.80
C3 BXB XA . 15.70 1.72 -16.88
C4 BXB XA . 15.18 0.93 -17.89
C5 BXB XA . 15.99 0.37 -18.88
C6 BXB XA . 17.37 0.57 -18.88
C7 BXB XA . 19.45 1.69 -17.78
N8 BXB XA . 19.97 2.59 -18.60
O9 BXB XA . 20.13 1.08 -16.98
CL10 BXB XA . 17.74 3.03 -15.51
CL11 BXB XA . 18.40 -0.15 -20.16
C12 BXB XA . 21.40 2.83 -18.69
C13 BXB XA . 21.78 3.02 -20.14
C14 BXB XA . 22.20 4.29 -20.56
C15 BXB XA . 22.59 4.56 -21.88
C16 BXB XA . 22.49 3.51 -22.78
C17 BXB XA . 22.04 2.20 -22.35
C18 BXB XA . 21.68 1.95 -21.03
O19 BXB XA . 22.06 1.38 -23.45
C20 BXB XA . 22.67 2.09 -24.55
O21 BXB XA . 22.79 3.46 -24.12
NA NA YA . 10.90 22.47 -73.20
C1 EDO ZA . 10.08 6.75 -65.51
O1 EDO ZA . 11.45 7.17 -65.53
C2 EDO ZA . 9.95 5.53 -64.62
O2 EDO ZA . 10.99 4.62 -64.93
C1 EDO AB . 7.47 27.49 -79.79
O1 EDO AB . 6.21 26.86 -79.62
C2 EDO AB . 7.77 27.62 -81.28
O2 EDO AB . 7.41 26.41 -81.95
C1 EDO BB . -6.38 27.36 -69.19
O1 EDO BB . -7.75 27.53 -69.54
C2 EDO BB . -6.09 28.00 -67.85
O2 EDO BB . -6.21 29.40 -67.94
C1 BXB CB . -0.09 1.82 -67.62
C2 BXB CB . -0.50 0.51 -68.17
C3 BXB CB . -1.18 -0.40 -67.37
C4 BXB CB . -1.49 -0.10 -66.04
C5 BXB CB . -1.13 1.12 -65.46
C6 BXB CB . -0.46 2.09 -66.20
C7 BXB CB . 0.62 2.88 -68.42
N8 BXB CB . 1.91 3.13 -68.15
O9 BXB CB . 0.01 3.48 -69.29
CL10 BXB CB . -0.12 0.09 -69.88
CL11 BXB CB . 0.01 3.65 -65.47
C12 BXB CB . 2.69 4.12 -68.90
C13 BXB CB . 3.86 4.55 -68.05
C14 BXB CB . 5.16 4.16 -68.41
C15 BXB CB . 6.29 4.53 -67.66
C16 BXB CB . 6.06 5.30 -66.54
C17 BXB CB . 4.72 5.69 -66.16
C18 BXB CB . 3.62 5.32 -66.91
O19 BXB CB . 4.81 6.44 -65.02
C20 BXB CB . 6.20 6.67 -64.72
O21 BXB CB . 6.93 5.81 -65.61
#